data_2FZ0
#
_entry.id   2FZ0
#
_entity_poly.entity_id   1
_entity_poly.type   'polypeptide(L)'
_entity_poly.pdbx_seq_one_letter_code
;MKRFNVSYVEVIKNGETISSCFQPFQKNENYGTITSANEQITPVIFHNLIMDMVLPKVVPIKGNKVTKMSMNLIDGFDCF
YSTDDHDPKTVYVCFTLVDIPKILPIRILSGLQEYESNATNELLSSHVGQILDSFHEELVEYRNQTLNS
;
_entity_poly.pdbx_strand_id   A
#
# COMPACT_ATOMS: atom_id res chain seq x y z
N MET A 1 -19.46 -0.71 -8.37
CA MET A 1 -19.44 -0.86 -6.89
C MET A 1 -18.33 -0.03 -6.27
N LYS A 2 -18.24 -0.08 -4.94
CA LYS A 2 -17.22 0.68 -4.22
C LYS A 2 -16.23 -0.27 -3.53
N ARG A 3 -15.22 -0.71 -4.28
CA ARG A 3 -14.21 -1.60 -3.74
C ARG A 3 -12.86 -0.90 -3.62
N PHE A 4 -11.83 -1.66 -3.28
CA PHE A 4 -10.49 -1.11 -3.11
C PHE A 4 -9.49 -1.82 -4.02
N ASN A 5 -8.29 -1.27 -4.12
CA ASN A 5 -7.24 -1.86 -4.96
C ASN A 5 -5.94 -1.07 -4.85
N VAL A 6 -4.92 -1.70 -4.27
CA VAL A 6 -3.62 -1.05 -4.14
C VAL A 6 -2.88 -1.08 -5.46
N SER A 7 -2.93 0.04 -6.17
CA SER A 7 -2.29 0.17 -7.48
C SER A 7 -0.91 -0.51 -7.54
N TYR A 8 -0.05 -0.19 -6.59
CA TYR A 8 1.29 -0.77 -6.57
C TYR A 8 1.81 -0.93 -5.16
N VAL A 9 2.11 -2.16 -4.76
CA VAL A 9 2.62 -2.42 -3.42
C VAL A 9 4.09 -2.84 -3.47
N GLU A 10 4.98 -1.87 -3.28
CA GLU A 10 6.42 -2.13 -3.32
C GLU A 10 7.01 -2.23 -1.92
N VAL A 11 7.44 -3.43 -1.54
CA VAL A 11 8.04 -3.66 -0.24
C VAL A 11 9.51 -3.25 -0.30
N ILE A 12 10.13 -3.00 0.85
CA ILE A 12 11.52 -2.58 0.88
C ILE A 12 12.29 -3.21 2.03
N LYS A 13 13.41 -3.84 1.70
CA LYS A 13 14.26 -4.47 2.73
C LYS A 13 15.66 -3.85 2.74
N ASN A 14 15.96 -3.12 3.82
CA ASN A 14 17.28 -2.49 3.98
C ASN A 14 17.51 -1.41 2.90
N GLY A 15 16.46 -0.71 2.51
CA GLY A 15 16.60 0.32 1.51
C GLY A 15 16.69 -0.27 0.12
N GLU A 16 16.11 -1.46 -0.03
CA GLU A 16 16.13 -2.16 -1.30
C GLU A 16 14.86 -2.98 -1.44
N THR A 17 14.08 -2.69 -2.47
CA THR A 17 12.83 -3.39 -2.70
C THR A 17 12.99 -4.91 -2.62
N ILE A 18 12.17 -5.53 -1.77
CA ILE A 18 12.19 -6.98 -1.62
C ILE A 18 11.05 -7.59 -2.41
N SER A 19 9.89 -6.96 -2.27
CA SER A 19 8.67 -7.41 -2.95
C SER A 19 8.07 -6.29 -3.77
N SER A 20 7.01 -6.61 -4.51
CA SER A 20 6.34 -5.61 -5.35
C SER A 20 5.04 -6.15 -5.91
N CYS A 21 3.99 -5.34 -5.85
CA CYS A 21 2.69 -5.71 -6.37
C CYS A 21 2.24 -4.68 -7.39
N PHE A 22 2.93 -4.65 -8.53
CA PHE A 22 2.62 -3.69 -9.57
C PHE A 22 1.94 -4.36 -10.75
N GLN A 23 0.62 -4.22 -10.81
CA GLN A 23 -0.15 -4.82 -11.89
C GLN A 23 -1.28 -3.91 -12.35
N PRO A 24 -1.32 -3.58 -13.66
CA PRO A 24 -2.38 -2.71 -14.21
C PRO A 24 -3.77 -3.29 -13.97
N PHE A 25 -4.79 -2.59 -14.42
CA PHE A 25 -6.16 -3.06 -14.24
C PHE A 25 -7.17 -2.19 -15.01
N GLN A 26 -6.89 -0.90 -15.11
CA GLN A 26 -7.77 0.01 -15.81
C GLN A 26 -9.13 0.08 -15.11
N LYS A 27 -9.08 0.44 -13.82
CA LYS A 27 -10.27 0.56 -12.98
C LYS A 27 -11.35 -0.44 -13.39
N ASN A 28 -11.18 -1.70 -12.97
CA ASN A 28 -12.15 -2.74 -13.29
C ASN A 28 -13.42 -2.59 -12.47
N GLU A 29 -13.32 -2.85 -11.17
CA GLU A 29 -14.45 -2.74 -10.27
C GLU A 29 -14.00 -2.43 -8.85
N ASN A 30 -12.90 -1.69 -8.74
CA ASN A 30 -12.36 -1.33 -7.44
C ASN A 30 -12.39 0.18 -7.23
N TYR A 31 -11.55 0.90 -7.97
CA TYR A 31 -11.50 2.36 -7.86
C TYR A 31 -11.09 2.98 -9.19
N GLY A 32 -11.85 3.99 -9.61
CA GLY A 32 -11.56 4.67 -10.87
C GLY A 32 -10.33 5.55 -10.80
N THR A 33 -9.30 5.18 -11.55
CA THR A 33 -8.05 5.95 -11.58
C THR A 33 -7.18 5.54 -12.76
N ILE A 34 -6.53 4.39 -12.64
CA ILE A 34 -5.66 3.89 -13.70
C ILE A 34 -6.47 3.33 -14.85
N THR A 35 -5.92 3.46 -16.06
CA THR A 35 -6.60 2.97 -17.27
C THR A 35 -5.87 3.43 -18.53
N SER A 36 -5.25 4.61 -18.47
CA SER A 36 -4.53 5.14 -19.63
C SER A 36 -3.43 6.11 -19.22
N ALA A 37 -3.78 7.09 -18.40
CA ALA A 37 -2.81 8.09 -17.96
C ALA A 37 -2.15 7.70 -16.65
N ASN A 38 -2.10 6.41 -16.35
CA ASN A 38 -1.48 5.92 -15.13
C ASN A 38 -1.03 4.47 -15.27
N GLU A 39 -0.66 4.08 -16.48
CA GLU A 39 -0.20 2.72 -16.73
C GLU A 39 1.06 2.72 -17.58
N GLN A 40 1.81 3.82 -17.50
CA GLN A 40 3.07 3.96 -18.24
C GLN A 40 4.24 3.92 -17.26
N ILE A 41 4.01 4.48 -16.08
CA ILE A 41 5.01 4.52 -15.03
C ILE A 41 5.51 3.12 -14.71
N THR A 42 6.83 2.97 -14.60
CA THR A 42 7.44 1.67 -14.28
C THR A 42 7.64 1.54 -12.78
N PRO A 43 7.60 0.31 -12.25
CA PRO A 43 7.82 0.07 -10.82
C PRO A 43 9.05 0.81 -10.32
N VAL A 44 9.96 1.10 -11.25
CA VAL A 44 11.19 1.83 -10.96
C VAL A 44 10.88 3.27 -10.58
N ILE A 45 9.87 3.84 -11.20
CA ILE A 45 9.47 5.21 -10.92
C ILE A 45 9.01 5.29 -9.48
N PHE A 46 8.25 4.29 -9.08
CA PHE A 46 7.76 4.19 -7.73
C PHE A 46 8.88 3.71 -6.83
N HIS A 47 9.69 2.78 -7.32
CA HIS A 47 10.80 2.24 -6.56
C HIS A 47 11.84 3.34 -6.31
N ASN A 48 11.94 4.26 -7.25
CA ASN A 48 12.88 5.36 -7.13
C ASN A 48 12.22 6.50 -6.38
N LEU A 49 10.90 6.58 -6.49
CA LEU A 49 10.14 7.59 -5.78
C LEU A 49 10.35 7.35 -4.29
N ILE A 50 9.95 6.16 -3.89
CA ILE A 50 10.11 5.69 -2.52
C ILE A 50 11.55 5.90 -2.06
N MET A 51 12.43 5.20 -2.75
CA MET A 51 13.86 5.23 -2.48
C MET A 51 14.44 6.65 -2.47
N ASP A 52 13.95 7.52 -3.35
CA ASP A 52 14.46 8.88 -3.45
C ASP A 52 13.70 9.87 -2.56
N MET A 53 12.45 9.55 -2.23
CA MET A 53 11.63 10.45 -1.41
C MET A 53 11.25 9.83 -0.07
N VAL A 54 10.61 8.68 -0.12
CA VAL A 54 10.17 7.99 1.09
C VAL A 54 11.37 7.56 1.95
N LEU A 55 12.19 6.67 1.41
CA LEU A 55 13.35 6.15 2.14
C LEU A 55 14.12 7.24 2.87
N PRO A 56 14.54 8.30 2.15
CA PRO A 56 15.28 9.40 2.77
C PRO A 56 14.43 10.22 3.74
N LYS A 57 13.18 9.78 3.97
CA LYS A 57 12.28 10.49 4.87
C LYS A 57 11.31 9.51 5.53
N VAL A 58 11.72 8.24 5.60
CA VAL A 58 10.89 7.21 6.19
C VAL A 58 11.09 7.14 7.70
N VAL A 59 10.19 6.45 8.38
CA VAL A 59 10.27 6.29 9.81
C VAL A 59 9.76 4.91 10.22
N PRO A 60 10.30 4.36 11.31
CA PRO A 60 9.90 3.05 11.79
C PRO A 60 8.60 3.08 12.60
N ILE A 61 7.78 4.08 12.32
CA ILE A 61 6.49 4.27 12.97
C ILE A 61 6.59 4.25 14.49
N LYS A 62 5.97 5.23 15.13
CA LYS A 62 5.97 5.34 16.59
C LYS A 62 4.56 5.16 17.13
N GLY A 63 3.56 5.43 16.29
CA GLY A 63 2.18 5.30 16.69
C GLY A 63 1.22 5.68 15.59
N ASN A 64 1.57 5.32 14.36
CA ASN A 64 0.74 5.65 13.20
C ASN A 64 0.49 4.41 12.33
N LYS A 65 1.57 3.85 11.80
CA LYS A 65 1.49 2.66 10.95
C LYS A 65 0.92 3.02 9.58
N VAL A 66 1.68 2.75 8.52
CA VAL A 66 1.24 3.05 7.16
C VAL A 66 0.95 4.55 7.02
N THR A 67 1.99 5.36 7.01
CA THR A 67 1.81 6.81 6.88
C THR A 67 2.14 7.28 5.47
N LYS A 68 1.33 8.20 4.95
CA LYS A 68 1.54 8.74 3.62
C LYS A 68 2.64 9.79 3.64
N MET A 69 3.54 9.72 2.67
CA MET A 69 4.65 10.66 2.57
C MET A 69 4.16 12.11 2.64
N SER A 70 2.93 12.33 2.18
CA SER A 70 2.36 13.68 2.17
C SER A 70 3.30 14.65 1.47
N MET A 71 4.12 14.12 0.59
CA MET A 71 5.07 14.93 -0.17
C MET A 71 4.66 15.00 -1.64
N ASN A 72 3.61 14.26 -2.01
CA ASN A 72 3.13 14.25 -3.38
C ASN A 72 4.23 13.77 -4.32
N LEU A 73 4.73 12.58 -4.05
CA LEU A 73 5.79 11.99 -4.86
C LEU A 73 5.39 11.96 -6.33
N ILE A 74 4.18 11.50 -6.59
CA ILE A 74 3.65 11.43 -7.94
C ILE A 74 2.16 11.76 -7.94
N ASP A 75 1.64 12.09 -9.12
CA ASP A 75 0.23 12.41 -9.26
C ASP A 75 -0.50 11.25 -9.91
N GLY A 76 -1.69 10.95 -9.38
CA GLY A 76 -2.47 9.86 -9.91
C GLY A 76 -2.66 8.75 -8.89
N PHE A 77 -1.66 8.54 -8.04
CA PHE A 77 -1.73 7.50 -7.02
C PHE A 77 -1.30 8.02 -5.66
N ASP A 78 -1.67 7.29 -4.61
CA ASP A 78 -1.31 7.66 -3.25
C ASP A 78 -0.16 6.78 -2.74
N CYS A 79 0.85 7.40 -2.13
CA CYS A 79 2.01 6.66 -1.66
C CYS A 79 2.22 6.76 -0.14
N PHE A 80 2.22 5.61 0.52
CA PHE A 80 2.44 5.52 1.96
C PHE A 80 3.57 4.54 2.26
N TYR A 81 4.10 4.59 3.48
CA TYR A 81 5.18 3.69 3.86
C TYR A 81 4.98 3.15 5.27
N SER A 82 5.07 1.82 5.41
CA SER A 82 4.90 1.16 6.69
C SER A 82 6.05 0.19 6.95
N THR A 83 6.89 0.51 7.94
CA THR A 83 8.03 -0.35 8.27
C THR A 83 7.57 -1.61 9.00
N ASP A 84 8.39 -2.66 8.93
CA ASP A 84 8.07 -3.92 9.59
C ASP A 84 7.75 -3.71 11.06
N ASP A 85 6.95 -4.60 11.62
CA ASP A 85 6.55 -4.51 13.02
C ASP A 85 7.72 -4.83 13.96
N HIS A 86 8.82 -5.32 13.41
CA HIS A 86 9.98 -5.66 14.22
C HIS A 86 11.26 -5.72 13.38
N ASP A 87 11.26 -5.01 12.25
CA ASP A 87 12.43 -4.99 11.38
C ASP A 87 12.48 -3.70 10.57
N PRO A 88 13.09 -2.65 11.13
CA PRO A 88 13.21 -1.34 10.46
C PRO A 88 13.84 -1.45 9.08
N LYS A 89 14.56 -2.55 8.84
CA LYS A 89 15.21 -2.77 7.56
C LYS A 89 14.31 -3.60 6.65
N THR A 90 13.01 -3.45 6.84
CA THR A 90 12.02 -4.17 6.04
C THR A 90 10.76 -3.33 5.93
N VAL A 91 10.84 -2.29 5.13
CA VAL A 91 9.73 -1.38 4.94
C VAL A 91 8.66 -1.98 4.05
N TYR A 92 7.53 -1.29 3.97
CA TYR A 92 6.39 -1.71 3.17
C TYR A 92 5.70 -0.48 2.57
N VAL A 93 6.09 -0.12 1.35
CA VAL A 93 5.51 1.05 0.70
C VAL A 93 4.42 0.65 -0.27
N CYS A 94 3.26 1.28 -0.12
CA CYS A 94 2.13 1.02 -0.98
C CYS A 94 1.85 2.21 -1.88
N PHE A 95 1.26 1.93 -3.04
CA PHE A 95 0.93 2.97 -4.00
C PHE A 95 -0.51 2.81 -4.45
N THR A 96 -1.44 3.19 -3.58
CA THR A 96 -2.86 3.08 -3.89
C THR A 96 -3.27 4.17 -4.86
N LEU A 97 -4.57 4.31 -5.07
CA LEU A 97 -5.09 5.33 -5.98
C LEU A 97 -5.63 6.52 -5.20
N VAL A 98 -5.31 7.73 -5.67
CA VAL A 98 -5.76 8.96 -5.00
C VAL A 98 -7.22 8.87 -4.57
N ASP A 99 -8.02 8.12 -5.31
CA ASP A 99 -9.44 7.96 -4.99
C ASP A 99 -9.60 7.14 -3.72
N ILE A 100 -8.69 6.19 -3.53
CA ILE A 100 -8.73 5.32 -2.35
C ILE A 100 -8.42 6.12 -1.08
N PRO A 101 -9.29 6.02 -0.06
CA PRO A 101 -9.09 6.74 1.21
C PRO A 101 -7.79 6.34 1.88
N LYS A 102 -7.63 6.75 3.14
CA LYS A 102 -6.42 6.42 3.91
C LYS A 102 -6.72 5.36 4.96
N ILE A 103 -7.04 4.16 4.50
CA ILE A 103 -7.35 3.06 5.40
C ILE A 103 -7.00 1.70 4.80
N LEU A 104 -7.19 1.54 3.49
CA LEU A 104 -6.84 0.27 2.85
C LEU A 104 -5.34 0.06 2.96
N PRO A 105 -4.53 0.93 2.33
CA PRO A 105 -3.07 0.84 2.38
C PRO A 105 -2.58 0.55 3.79
N ILE A 106 -3.35 1.01 4.77
CA ILE A 106 -3.02 0.80 6.17
C ILE A 106 -3.21 -0.68 6.51
N ARG A 107 -4.32 -1.23 6.06
CA ARG A 107 -4.62 -2.64 6.30
C ARG A 107 -3.79 -3.53 5.37
N ILE A 108 -3.33 -2.96 4.25
CA ILE A 108 -2.52 -3.71 3.30
C ILE A 108 -1.18 -4.07 3.91
N LEU A 109 -0.42 -3.05 4.30
CA LEU A 109 0.87 -3.27 4.92
C LEU A 109 0.70 -4.02 6.23
N SER A 110 -0.10 -3.45 7.13
CA SER A 110 -0.38 -4.09 8.40
C SER A 110 -0.96 -5.48 8.15
N GLY A 111 -1.59 -5.64 6.98
CA GLY A 111 -2.16 -6.91 6.60
C GLY A 111 -1.09 -7.90 6.19
N LEU A 112 -0.14 -7.45 5.36
CA LEU A 112 0.95 -8.32 4.94
C LEU A 112 1.67 -8.85 6.17
N GLN A 113 1.62 -8.06 7.25
CA GLN A 113 2.24 -8.44 8.51
C GLN A 113 1.42 -9.55 9.17
N GLU A 114 0.17 -9.74 8.71
CA GLU A 114 -0.67 -10.78 9.26
C GLU A 114 -0.14 -12.15 8.84
N TYR A 115 0.55 -12.17 7.70
CA TYR A 115 1.11 -13.41 7.19
C TYR A 115 2.60 -13.49 7.55
N GLU A 116 3.29 -14.44 6.94
CA GLU A 116 4.72 -14.63 7.16
C GLU A 116 5.50 -14.49 5.85
N SER A 117 4.79 -14.27 4.76
CA SER A 117 5.40 -14.13 3.44
C SER A 117 5.01 -12.81 2.79
N ASN A 118 5.99 -12.18 2.19
CA ASN A 118 5.81 -10.91 1.50
C ASN A 118 7.15 -10.39 1.05
N ALA A 119 8.03 -11.31 0.65
CA ALA A 119 9.37 -10.95 0.21
C ALA A 119 9.63 -11.23 -1.28
N THR A 120 8.61 -11.08 -2.12
CA THR A 120 8.79 -11.31 -3.55
C THR A 120 7.92 -10.37 -4.37
N ASN A 121 8.33 -10.11 -5.61
CA ASN A 121 7.58 -9.24 -6.49
C ASN A 121 6.34 -9.93 -7.04
N GLU A 122 5.86 -10.92 -6.30
CA GLU A 122 4.67 -11.64 -6.70
C GLU A 122 4.16 -12.45 -5.52
N LEU A 123 4.48 -11.99 -4.31
CA LEU A 123 4.06 -12.67 -3.12
C LEU A 123 3.27 -11.74 -2.24
N LEU A 124 3.88 -10.62 -1.87
CA LEU A 124 3.22 -9.62 -1.07
C LEU A 124 1.89 -9.27 -1.74
N SER A 125 1.95 -9.15 -3.06
CA SER A 125 0.76 -8.85 -3.85
C SER A 125 -0.37 -9.81 -3.48
N SER A 126 0.00 -11.01 -3.04
CA SER A 126 -0.97 -12.02 -2.65
C SER A 126 -1.80 -11.55 -1.47
N HIS A 127 -1.13 -11.37 -0.35
CA HIS A 127 -1.79 -10.93 0.86
C HIS A 127 -2.46 -9.58 0.62
N VAL A 128 -1.87 -8.77 -0.25
CA VAL A 128 -2.46 -7.47 -0.56
C VAL A 128 -3.89 -7.67 -1.06
N GLY A 129 -4.07 -8.67 -1.93
CA GLY A 129 -5.40 -8.94 -2.43
C GLY A 129 -6.24 -9.71 -1.42
N GLN A 130 -5.61 -10.65 -0.72
CA GLN A 130 -6.30 -11.45 0.29
C GLN A 130 -6.66 -10.58 1.49
N ILE A 131 -5.94 -9.47 1.65
CA ILE A 131 -6.18 -8.54 2.74
C ILE A 131 -7.18 -7.49 2.26
N LEU A 132 -7.19 -7.27 0.95
CA LEU A 132 -8.09 -6.33 0.29
C LEU A 132 -9.54 -6.75 0.50
N ASP A 133 -9.81 -8.04 0.23
CA ASP A 133 -11.16 -8.57 0.37
C ASP A 133 -11.59 -8.57 1.84
N SER A 134 -10.68 -9.01 2.70
CA SER A 134 -10.96 -9.05 4.13
C SER A 134 -11.00 -7.65 4.73
N PHE A 135 -10.42 -6.69 4.00
CA PHE A 135 -10.39 -5.31 4.44
C PHE A 135 -11.80 -4.78 4.72
N HIS A 136 -12.65 -4.81 3.69
CA HIS A 136 -14.02 -4.33 3.83
C HIS A 136 -14.72 -5.00 5.00
N GLU A 137 -14.58 -6.32 5.11
CA GLU A 137 -15.20 -7.06 6.19
C GLU A 137 -14.88 -6.41 7.53
N GLU A 138 -13.70 -5.79 7.60
CA GLU A 138 -13.28 -5.11 8.82
C GLU A 138 -13.97 -3.75 8.92
N LEU A 139 -14.17 -3.11 7.77
CA LEU A 139 -14.85 -1.82 7.74
C LEU A 139 -16.29 -1.98 8.19
N VAL A 140 -16.85 -3.15 7.89
CA VAL A 140 -18.21 -3.46 8.29
C VAL A 140 -18.23 -3.80 9.77
N GLU A 141 -17.29 -4.65 10.15
CA GLU A 141 -17.14 -5.06 11.53
C GLU A 141 -16.85 -3.86 12.40
N TYR A 142 -16.14 -2.88 11.82
CA TYR A 142 -15.78 -1.66 12.53
C TYR A 142 -17.03 -0.83 12.83
N ARG A 143 -18.09 -1.05 12.06
CA ARG A 143 -19.34 -0.32 12.26
C ARG A 143 -20.26 -1.07 13.22
N ASN A 144 -19.71 -1.50 14.35
CA ASN A 144 -20.48 -2.23 15.35
C ASN A 144 -19.64 -2.52 16.58
N GLN A 145 -18.77 -1.58 16.94
CA GLN A 145 -17.91 -1.73 18.11
C GLN A 145 -18.45 -0.94 19.30
N THR A 146 -19.06 0.20 19.01
CA THR A 146 -19.62 1.05 20.06
C THR A 146 -20.67 2.00 19.49
N LEU A 147 -21.46 1.51 18.54
CA LEU A 147 -22.50 2.32 17.92
C LEU A 147 -23.88 1.88 18.37
N ASN A 148 -24.88 2.73 18.14
CA ASN A 148 -26.25 2.42 18.53
C ASN A 148 -26.87 1.41 17.58
N SER A 149 -27.06 1.82 16.34
CA SER A 149 -27.64 0.96 15.32
C SER A 149 -27.49 1.56 13.93
N MET A 1 -21.27 -4.63 -2.96
CA MET A 1 -20.07 -4.43 -2.12
C MET A 1 -18.94 -3.77 -2.91
N LYS A 2 -18.47 -2.63 -2.41
CA LYS A 2 -17.38 -1.91 -3.08
C LYS A 2 -16.07 -2.66 -2.95
N ARG A 3 -15.21 -2.52 -3.97
CA ARG A 3 -13.92 -3.19 -3.96
C ARG A 3 -12.80 -2.20 -4.27
N PHE A 4 -11.56 -2.64 -4.11
CA PHE A 4 -10.41 -1.79 -4.36
C PHE A 4 -9.28 -2.58 -5.03
N ASN A 5 -8.13 -1.94 -5.18
CA ASN A 5 -6.96 -2.58 -5.81
C ASN A 5 -5.74 -1.68 -5.74
N VAL A 6 -4.79 -2.05 -4.89
CA VAL A 6 -3.57 -1.25 -4.74
C VAL A 6 -2.81 -1.18 -6.06
N SER A 7 -2.47 0.03 -6.48
CA SER A 7 -1.76 0.25 -7.73
C SER A 7 -0.39 -0.41 -7.74
N TYR A 8 0.47 -0.02 -6.81
CA TYR A 8 1.81 -0.58 -6.76
C TYR A 8 2.32 -0.75 -5.33
N VAL A 9 2.42 -1.99 -4.88
CA VAL A 9 2.89 -2.26 -3.52
C VAL A 9 4.30 -2.85 -3.53
N GLU A 10 5.29 -2.01 -3.26
CA GLU A 10 6.68 -2.46 -3.25
C GLU A 10 7.26 -2.45 -1.84
N VAL A 11 7.70 -3.62 -1.37
CA VAL A 11 8.30 -3.73 -0.05
C VAL A 11 9.74 -3.27 -0.12
N ILE A 12 10.31 -2.86 1.00
CA ILE A 12 11.69 -2.37 1.02
C ILE A 12 12.49 -2.97 2.17
N LYS A 13 13.44 -3.82 1.84
CA LYS A 13 14.29 -4.44 2.86
C LYS A 13 15.55 -3.61 3.12
N ASN A 14 15.53 -2.84 4.19
CA ASN A 14 16.67 -2.00 4.56
C ASN A 14 17.04 -1.03 3.44
N GLY A 15 16.02 -0.44 2.81
CA GLY A 15 16.28 0.47 1.72
C GLY A 15 16.54 -0.25 0.43
N GLU A 16 16.06 -1.49 0.33
CA GLU A 16 16.23 -2.30 -0.86
C GLU A 16 14.96 -3.08 -1.16
N THR A 17 14.28 -2.70 -2.22
CA THR A 17 13.03 -3.33 -2.62
C THR A 17 13.13 -4.86 -2.57
N ILE A 18 12.16 -5.48 -1.91
CA ILE A 18 12.12 -6.94 -1.80
C ILE A 18 10.95 -7.48 -2.60
N SER A 19 9.80 -6.85 -2.44
CA SER A 19 8.59 -7.28 -3.12
C SER A 19 8.00 -6.15 -3.97
N SER A 20 6.97 -6.47 -4.75
CA SER A 20 6.33 -5.47 -5.62
C SER A 20 5.01 -5.98 -6.19
N CYS A 21 3.96 -5.19 -6.00
CA CYS A 21 2.64 -5.52 -6.52
C CYS A 21 2.23 -4.44 -7.53
N PHE A 22 2.91 -4.43 -8.67
CA PHE A 22 2.67 -3.44 -9.70
C PHE A 22 1.92 -4.05 -10.87
N GLN A 23 0.59 -3.95 -10.84
CA GLN A 23 -0.23 -4.51 -11.90
C GLN A 23 -1.44 -3.63 -12.19
N PRO A 24 -1.79 -3.45 -13.49
CA PRO A 24 -2.93 -2.62 -13.89
C PRO A 24 -4.25 -3.32 -13.58
N PHE A 25 -5.35 -2.59 -13.71
CA PHE A 25 -6.66 -3.15 -13.43
C PHE A 25 -7.80 -2.19 -13.76
N GLN A 26 -7.49 -1.06 -14.41
CA GLN A 26 -8.49 -0.05 -14.78
C GLN A 26 -9.59 0.08 -13.72
N LYS A 27 -9.46 1.07 -12.86
CA LYS A 27 -10.43 1.31 -11.79
C LYS A 27 -11.86 1.23 -12.32
N ASN A 28 -12.09 1.79 -13.51
CA ASN A 28 -13.41 1.78 -14.12
C ASN A 28 -14.44 2.43 -13.21
N GLU A 29 -14.98 1.66 -12.27
CA GLU A 29 -15.97 2.17 -11.33
C GLU A 29 -15.49 1.99 -9.89
N ASN A 30 -16.42 2.12 -8.95
CA ASN A 30 -16.10 1.98 -7.53
C ASN A 30 -15.10 3.04 -7.08
N TYR A 31 -13.82 2.81 -7.35
CA TYR A 31 -12.78 3.76 -6.97
C TYR A 31 -11.45 3.39 -7.60
N GLY A 32 -10.58 4.38 -7.79
CA GLY A 32 -9.28 4.15 -8.39
C GLY A 32 -8.89 5.21 -9.40
N THR A 33 -7.91 4.89 -10.24
CA THR A 33 -7.44 5.84 -11.25
C THR A 33 -6.86 5.11 -12.45
N ILE A 34 -6.04 4.09 -12.18
CA ILE A 34 -5.41 3.31 -13.24
C ILE A 34 -6.42 2.90 -14.30
N THR A 35 -5.93 2.68 -15.53
CA THR A 35 -6.78 2.28 -16.65
C THR A 35 -5.99 2.27 -17.96
N SER A 36 -5.05 3.20 -18.09
CA SER A 36 -4.23 3.30 -19.29
C SER A 36 -3.25 4.46 -19.20
N ALA A 37 -3.70 5.58 -18.67
CA ALA A 37 -2.86 6.77 -18.53
C ALA A 37 -1.89 6.63 -17.38
N ASN A 38 -2.24 5.80 -16.39
CA ASN A 38 -1.39 5.60 -15.23
C ASN A 38 -0.85 4.17 -15.18
N GLU A 39 -0.51 3.63 -16.35
CA GLU A 39 0.03 2.28 -16.43
C GLU A 39 1.29 2.25 -17.29
N GLN A 40 1.97 3.38 -17.33
CA GLN A 40 3.23 3.50 -18.09
C GLN A 40 4.40 3.55 -17.12
N ILE A 41 4.18 4.23 -16.00
CA ILE A 41 5.18 4.36 -14.96
C ILE A 41 5.72 2.99 -14.55
N THR A 42 7.04 2.81 -14.65
CA THR A 42 7.64 1.53 -14.30
C THR A 42 7.90 1.46 -12.80
N PRO A 43 7.88 0.24 -12.24
CA PRO A 43 8.12 0.04 -10.80
C PRO A 43 9.33 0.84 -10.32
N VAL A 44 10.21 1.18 -11.26
CA VAL A 44 11.40 1.95 -10.96
C VAL A 44 11.07 3.38 -10.57
N ILE A 45 10.09 3.98 -11.27
CA ILE A 45 9.70 5.35 -10.94
C ILE A 45 9.20 5.38 -9.51
N PHE A 46 8.55 4.31 -9.10
CA PHE A 46 8.06 4.18 -7.75
C PHE A 46 9.19 3.75 -6.85
N HIS A 47 10.00 2.80 -7.34
CA HIS A 47 11.13 2.29 -6.58
C HIS A 47 12.13 3.40 -6.30
N ASN A 48 12.21 4.36 -7.21
CA ASN A 48 13.13 5.48 -7.04
C ASN A 48 12.42 6.60 -6.29
N LEU A 49 11.11 6.64 -6.42
CA LEU A 49 10.31 7.63 -5.71
C LEU A 49 10.48 7.35 -4.23
N ILE A 50 10.09 6.15 -3.88
CA ILE A 50 10.21 5.64 -2.53
C ILE A 50 11.64 5.81 -2.03
N MET A 51 12.54 5.11 -2.72
CA MET A 51 13.96 5.11 -2.41
C MET A 51 14.56 6.51 -2.33
N ASP A 52 14.18 7.39 -3.23
CA ASP A 52 14.72 8.75 -3.28
C ASP A 52 13.93 9.76 -2.44
N MET A 53 12.67 9.45 -2.14
CA MET A 53 11.83 10.38 -1.38
C MET A 53 11.35 9.78 -0.07
N VAL A 54 10.60 8.68 -0.16
CA VAL A 54 10.07 8.03 1.04
C VAL A 54 11.17 7.53 1.98
N LEU A 55 12.06 6.70 1.45
CA LEU A 55 13.14 6.13 2.25
C LEU A 55 13.90 7.20 3.04
N PRO A 56 14.42 8.24 2.37
CA PRO A 56 15.15 9.32 3.03
C PRO A 56 14.30 10.09 4.03
N LYS A 57 13.03 9.72 4.16
CA LYS A 57 12.13 10.40 5.08
C LYS A 57 11.08 9.44 5.62
N VAL A 58 11.44 8.15 5.66
CA VAL A 58 10.53 7.13 6.14
C VAL A 58 10.62 6.99 7.66
N VAL A 59 9.56 6.46 8.25
CA VAL A 59 9.51 6.25 9.67
C VAL A 59 8.75 4.97 10.00
N PRO A 60 9.10 4.31 11.10
CA PRO A 60 8.45 3.06 11.50
C PRO A 60 7.15 3.27 12.25
N ILE A 61 6.53 4.41 12.03
CA ILE A 61 5.26 4.75 12.67
C ILE A 61 5.32 4.57 14.19
N LYS A 62 4.36 5.16 14.89
CA LYS A 62 4.32 5.04 16.34
C LYS A 62 4.21 3.57 16.74
N GLY A 63 3.72 2.76 15.82
CA GLY A 63 3.57 1.34 16.05
C GLY A 63 3.21 0.58 14.79
N ASN A 64 4.02 0.79 13.74
CA ASN A 64 3.79 0.15 12.45
C ASN A 64 2.32 0.20 12.05
N LYS A 65 1.88 1.37 11.60
CA LYS A 65 0.48 1.55 11.21
C LYS A 65 0.37 2.22 9.84
N VAL A 66 1.35 2.00 8.98
CA VAL A 66 1.32 2.58 7.64
C VAL A 66 1.24 4.11 7.71
N THR A 67 2.36 4.76 7.41
CA THR A 67 2.41 6.23 7.45
C THR A 67 2.59 6.81 6.05
N LYS A 68 1.71 7.73 5.68
CA LYS A 68 1.78 8.38 4.38
C LYS A 68 2.82 9.49 4.39
N MET A 69 3.50 9.66 3.27
CA MET A 69 4.52 10.70 3.17
C MET A 69 3.89 12.09 3.12
N SER A 70 2.74 12.18 2.48
CA SER A 70 2.03 13.46 2.36
C SER A 70 2.87 14.49 1.61
N MET A 71 3.72 14.00 0.71
CA MET A 71 4.58 14.88 -0.07
C MET A 71 4.15 14.90 -1.54
N ASN A 72 3.28 13.96 -1.92
CA ASN A 72 2.80 13.88 -3.30
C ASN A 72 3.96 13.58 -4.24
N LEU A 73 4.56 12.41 -4.06
CA LEU A 73 5.69 12.00 -4.90
C LEU A 73 5.25 11.88 -6.36
N ILE A 74 4.13 11.20 -6.56
CA ILE A 74 3.59 11.02 -7.91
C ILE A 74 2.10 11.36 -7.92
N ASP A 75 1.62 11.80 -9.07
CA ASP A 75 0.21 12.15 -9.22
C ASP A 75 -0.58 10.96 -9.74
N GLY A 76 -1.78 10.78 -9.23
CA GLY A 76 -2.62 9.68 -9.65
C GLY A 76 -2.76 8.62 -8.58
N PHE A 77 -1.71 8.42 -7.79
CA PHE A 77 -1.74 7.42 -6.72
C PHE A 77 -1.47 8.06 -5.36
N ASP A 78 -1.21 7.22 -4.36
CA ASP A 78 -0.94 7.68 -3.01
C ASP A 78 0.22 6.88 -2.40
N CYS A 79 1.22 7.58 -1.88
CA CYS A 79 2.39 6.92 -1.30
C CYS A 79 2.28 6.73 0.22
N PHE A 80 2.03 5.48 0.62
CA PHE A 80 1.93 5.13 2.04
C PHE A 80 3.06 4.17 2.42
N TYR A 81 3.85 4.53 3.43
CA TYR A 81 4.96 3.67 3.85
C TYR A 81 4.77 3.14 5.26
N SER A 82 4.98 1.84 5.42
CA SER A 82 4.85 1.16 6.71
C SER A 82 6.04 0.24 6.94
N THR A 83 6.69 0.36 8.10
CA THR A 83 7.83 -0.51 8.40
C THR A 83 7.40 -1.74 9.17
N ASP A 84 8.17 -2.82 9.02
CA ASP A 84 7.87 -4.07 9.70
C ASP A 84 7.49 -3.86 11.17
N ASP A 85 6.63 -4.72 11.66
CA ASP A 85 6.16 -4.63 13.05
C ASP A 85 7.33 -4.67 14.04
N HIS A 86 8.47 -5.19 13.61
CA HIS A 86 9.64 -5.28 14.48
C HIS A 86 10.94 -5.36 13.67
N ASP A 87 10.90 -4.87 12.44
CA ASP A 87 12.07 -4.90 11.57
C ASP A 87 12.18 -3.62 10.75
N PRO A 88 12.89 -2.61 11.27
CA PRO A 88 13.07 -1.33 10.58
C PRO A 88 13.80 -1.49 9.25
N LYS A 89 14.43 -2.65 9.07
CA LYS A 89 15.15 -2.93 7.82
C LYS A 89 14.26 -3.74 6.89
N THR A 90 12.95 -3.53 7.00
CA THR A 90 11.97 -4.22 6.18
C THR A 90 10.72 -3.36 6.04
N VAL A 91 10.87 -2.24 5.33
CA VAL A 91 9.78 -1.31 5.12
C VAL A 91 8.70 -1.93 4.23
N TYR A 92 7.67 -1.14 3.97
CA TYR A 92 6.55 -1.57 3.13
C TYR A 92 5.84 -0.37 2.54
N VAL A 93 6.14 -0.05 1.28
CA VAL A 93 5.53 1.09 0.62
C VAL A 93 4.47 0.65 -0.38
N CYS A 94 3.24 1.09 -0.15
CA CYS A 94 2.13 0.76 -1.01
C CYS A 94 1.62 2.00 -1.74
N PHE A 95 1.46 1.87 -3.06
CA PHE A 95 0.98 2.97 -3.89
C PHE A 95 -0.49 2.75 -4.23
N THR A 96 -1.38 3.30 -3.41
CA THR A 96 -2.79 3.15 -3.65
C THR A 96 -3.30 4.26 -4.56
N LEU A 97 -4.57 4.20 -4.90
CA LEU A 97 -5.16 5.21 -5.78
C LEU A 97 -5.74 6.36 -4.97
N VAL A 98 -5.36 7.58 -5.31
CA VAL A 98 -5.84 8.77 -4.60
C VAL A 98 -7.34 8.72 -4.35
N ASP A 99 -8.07 8.11 -5.27
CA ASP A 99 -9.52 7.98 -5.13
C ASP A 99 -9.87 7.12 -3.92
N ILE A 100 -9.00 6.14 -3.63
CA ILE A 100 -9.19 5.24 -2.50
C ILE A 100 -8.86 5.95 -1.18
N PRO A 101 -9.67 5.74 -0.14
CA PRO A 101 -9.43 6.36 1.17
C PRO A 101 -8.08 5.97 1.76
N LYS A 102 -7.67 6.66 2.81
CA LYS A 102 -6.40 6.39 3.47
C LYS A 102 -6.55 5.31 4.53
N ILE A 103 -7.03 4.14 4.13
CA ILE A 103 -7.23 3.03 5.05
C ILE A 103 -6.85 1.70 4.43
N LEU A 104 -7.15 1.52 3.15
CA LEU A 104 -6.80 0.28 2.46
C LEU A 104 -5.28 0.10 2.48
N PRO A 105 -4.53 1.05 1.89
CA PRO A 105 -3.07 1.00 1.86
C PRO A 105 -2.51 0.69 3.24
N ILE A 106 -3.21 1.18 4.26
CA ILE A 106 -2.81 0.96 5.65
C ILE A 106 -2.99 -0.50 5.99
N ARG A 107 -4.08 -1.09 5.49
CA ARG A 107 -4.37 -2.50 5.72
C ARG A 107 -3.47 -3.38 4.85
N ILE A 108 -3.09 -2.87 3.69
CA ILE A 108 -2.22 -3.62 2.78
C ILE A 108 -0.89 -3.91 3.44
N LEU A 109 -0.26 -2.87 3.98
CA LEU A 109 1.02 -3.03 4.65
C LEU A 109 0.85 -3.80 5.94
N SER A 110 0.08 -3.25 6.88
CA SER A 110 -0.16 -3.92 8.14
C SER A 110 -0.73 -5.31 7.89
N GLY A 111 -1.35 -5.48 6.72
CA GLY A 111 -1.91 -6.76 6.35
C GLY A 111 -0.85 -7.69 5.82
N LEU A 112 0.04 -7.15 4.99
CA LEU A 112 1.12 -7.94 4.43
C LEU A 112 1.98 -8.49 5.55
N GLN A 113 2.13 -7.71 6.62
CA GLN A 113 2.90 -8.15 7.76
C GLN A 113 2.07 -9.12 8.60
N GLU A 114 0.77 -9.23 8.27
CA GLU A 114 -0.11 -10.12 9.00
C GLU A 114 0.10 -11.56 8.53
N TYR A 115 0.61 -11.72 7.31
CA TYR A 115 0.84 -13.05 6.77
C TYR A 115 2.22 -13.58 7.18
N GLU A 116 3.22 -13.42 6.30
CA GLU A 116 4.58 -13.89 6.56
C GLU A 116 5.38 -14.01 5.27
N SER A 117 4.66 -14.21 4.16
CA SER A 117 5.30 -14.35 2.85
C SER A 117 4.87 -13.24 1.90
N ASN A 118 5.69 -12.21 1.83
CA ASN A 118 5.43 -11.06 0.98
C ASN A 118 6.76 -10.46 0.56
N ALA A 119 7.69 -11.32 0.15
CA ALA A 119 9.02 -10.87 -0.22
C ALA A 119 9.36 -11.04 -1.71
N THR A 120 8.38 -10.88 -2.59
CA THR A 120 8.67 -10.99 -4.02
C THR A 120 7.81 -10.02 -4.84
N ASN A 121 8.22 -9.77 -6.07
CA ASN A 121 7.49 -8.84 -6.95
C ASN A 121 6.26 -9.51 -7.56
N GLU A 122 5.76 -10.54 -6.89
CA GLU A 122 4.58 -11.24 -7.35
C GLU A 122 4.12 -12.19 -6.25
N LEU A 123 4.38 -11.82 -5.01
CA LEU A 123 4.00 -12.63 -3.88
C LEU A 123 3.33 -11.75 -2.84
N LEU A 124 3.94 -10.61 -2.57
CA LEU A 124 3.38 -9.66 -1.64
C LEU A 124 2.00 -9.24 -2.15
N SER A 125 1.93 -9.02 -3.46
CA SER A 125 0.68 -8.65 -4.10
C SER A 125 -0.44 -9.59 -3.66
N SER A 126 -0.06 -10.82 -3.31
CA SER A 126 -1.03 -11.81 -2.87
C SER A 126 -1.81 -11.32 -1.68
N HIS A 127 -1.09 -11.00 -0.61
CA HIS A 127 -1.73 -10.51 0.59
C HIS A 127 -2.49 -9.24 0.30
N VAL A 128 -1.97 -8.44 -0.63
CA VAL A 128 -2.65 -7.21 -0.99
C VAL A 128 -4.09 -7.50 -1.37
N GLY A 129 -4.30 -8.56 -2.15
CA GLY A 129 -5.64 -8.93 -2.55
C GLY A 129 -6.43 -9.58 -1.43
N GLN A 130 -5.79 -10.52 -0.73
CA GLN A 130 -6.44 -11.23 0.37
C GLN A 130 -6.69 -10.29 1.57
N ILE A 131 -5.93 -9.20 1.61
CA ILE A 131 -6.07 -8.21 2.67
C ILE A 131 -7.09 -7.16 2.25
N LEU A 132 -7.20 -6.98 0.93
CA LEU A 132 -8.13 -6.04 0.34
C LEU A 132 -9.56 -6.45 0.65
N ASP A 133 -9.85 -7.74 0.41
CA ASP A 133 -11.19 -8.28 0.66
C ASP A 133 -11.53 -8.23 2.15
N SER A 134 -10.54 -8.55 2.98
CA SER A 134 -10.73 -8.54 4.43
C SER A 134 -10.49 -7.15 5.01
N PHE A 135 -10.24 -6.18 4.14
CA PHE A 135 -9.98 -4.81 4.59
C PHE A 135 -11.30 -4.11 4.94
N HIS A 136 -12.31 -4.28 4.09
CA HIS A 136 -13.61 -3.67 4.33
C HIS A 136 -14.34 -4.38 5.45
N GLU A 137 -14.20 -5.70 5.51
CA GLU A 137 -14.86 -6.49 6.55
C GLU A 137 -14.52 -5.91 7.93
N GLU A 138 -13.34 -5.33 8.03
CA GLU A 138 -12.90 -4.72 9.28
C GLU A 138 -13.60 -3.38 9.48
N LEU A 139 -13.82 -2.67 8.37
CA LEU A 139 -14.51 -1.39 8.42
C LEU A 139 -15.94 -1.58 8.88
N VAL A 140 -16.52 -2.71 8.50
CA VAL A 140 -17.88 -3.07 8.87
C VAL A 140 -17.89 -3.50 10.32
N GLU A 141 -16.96 -4.39 10.64
CA GLU A 141 -16.81 -4.91 11.98
C GLU A 141 -16.49 -3.77 12.95
N TYR A 142 -15.76 -2.79 12.43
CA TYR A 142 -15.38 -1.62 13.21
C TYR A 142 -16.60 -0.81 13.63
N ARG A 143 -17.66 -0.91 12.82
CA ARG A 143 -18.90 -0.19 13.09
C ARG A 143 -19.78 -0.97 14.07
N ASN A 144 -19.23 -1.30 15.22
CA ASN A 144 -19.96 -2.05 16.24
C ASN A 144 -19.11 -2.26 17.49
N GLN A 145 -18.31 -1.25 17.83
CA GLN A 145 -17.45 -1.32 19.00
C GLN A 145 -17.90 -0.35 20.07
N THR A 146 -18.43 0.80 19.65
CA THR A 146 -18.90 1.83 20.57
C THR A 146 -19.60 2.96 19.82
N LEU A 147 -20.87 2.73 19.49
CA LEU A 147 -21.67 3.73 18.78
C LEU A 147 -23.09 3.77 19.31
N ASN A 148 -23.82 2.67 19.13
CA ASN A 148 -25.20 2.58 19.59
C ASN A 148 -25.27 2.70 21.10
N SER A 149 -24.24 2.21 21.78
CA SER A 149 -24.19 2.27 23.25
C SER A 149 -23.76 3.66 23.73
N MET A 1 -21.99 2.71 -3.92
CA MET A 1 -20.92 1.69 -3.75
C MET A 1 -19.53 2.30 -3.95
N LYS A 2 -18.52 1.62 -3.45
CA LYS A 2 -17.15 2.09 -3.57
C LYS A 2 -16.15 0.95 -3.38
N ARG A 3 -15.34 0.70 -4.39
CA ARG A 3 -14.35 -0.38 -4.34
C ARG A 3 -12.94 0.20 -4.27
N PHE A 4 -12.12 -0.34 -3.36
CA PHE A 4 -10.75 0.12 -3.20
C PHE A 4 -9.77 -0.98 -3.60
N ASN A 5 -8.84 -0.64 -4.49
CA ASN A 5 -7.85 -1.61 -4.94
C ASN A 5 -6.46 -0.97 -5.06
N VAL A 6 -5.48 -1.56 -4.37
CA VAL A 6 -4.12 -1.05 -4.41
C VAL A 6 -3.55 -1.17 -5.82
N SER A 7 -2.58 -0.33 -6.15
CA SER A 7 -1.99 -0.34 -7.47
C SER A 7 -0.51 -0.75 -7.45
N TYR A 8 0.24 -0.21 -6.50
CA TYR A 8 1.67 -0.53 -6.41
C TYR A 8 2.13 -0.69 -4.97
N VAL A 9 2.40 -1.93 -4.57
CA VAL A 9 2.87 -2.21 -3.21
C VAL A 9 4.27 -2.80 -3.22
N GLU A 10 5.27 -1.96 -2.98
CA GLU A 10 6.65 -2.40 -2.97
C GLU A 10 7.23 -2.45 -1.57
N VAL A 11 7.71 -3.62 -1.18
CA VAL A 11 8.32 -3.79 0.13
C VAL A 11 9.79 -3.40 0.05
N ILE A 12 10.28 -2.69 1.06
CA ILE A 12 11.66 -2.23 1.06
C ILE A 12 12.50 -2.88 2.14
N LYS A 13 13.50 -3.66 1.74
CA LYS A 13 14.38 -4.30 2.70
C LYS A 13 15.66 -3.49 2.87
N ASN A 14 15.77 -2.79 4.00
CA ASN A 14 16.95 -1.98 4.28
C ASN A 14 17.17 -0.93 3.20
N GLY A 15 16.09 -0.52 2.55
CA GLY A 15 16.20 0.48 1.51
C GLY A 15 16.72 -0.10 0.22
N GLU A 16 16.35 -1.36 -0.05
CA GLU A 16 16.81 -2.02 -1.26
C GLU A 16 15.72 -2.87 -1.91
N THR A 17 14.49 -2.60 -1.52
CA THR A 17 13.34 -3.32 -2.06
C THR A 17 13.42 -4.83 -1.82
N ILE A 18 12.26 -5.47 -1.81
CA ILE A 18 12.15 -6.92 -1.62
C ILE A 18 11.00 -7.46 -2.45
N SER A 19 9.86 -6.82 -2.29
CA SER A 19 8.65 -7.22 -3.00
C SER A 19 8.08 -6.06 -3.81
N SER A 20 7.01 -6.33 -4.56
CA SER A 20 6.38 -5.30 -5.38
C SER A 20 5.05 -5.78 -5.95
N CYS A 21 4.01 -4.98 -5.76
CA CYS A 21 2.69 -5.32 -6.26
C CYS A 21 2.26 -4.29 -7.30
N PHE A 22 2.91 -4.31 -8.45
CA PHE A 22 2.61 -3.39 -9.53
C PHE A 22 1.88 -4.12 -10.64
N GLN A 23 0.56 -4.18 -10.50
CA GLN A 23 -0.26 -4.88 -11.49
C GLN A 23 -1.39 -4.00 -12.01
N PRO A 24 -1.77 -4.19 -13.29
CA PRO A 24 -2.84 -3.42 -13.91
C PRO A 24 -4.22 -3.89 -13.45
N PHE A 25 -5.27 -3.27 -13.96
CA PHE A 25 -6.63 -3.64 -13.59
C PHE A 25 -7.65 -2.67 -14.17
N GLN A 26 -7.22 -1.44 -14.46
CA GLN A 26 -8.11 -0.44 -15.02
C GLN A 26 -9.17 -0.06 -13.99
N LYS A 27 -9.47 1.22 -13.94
CA LYS A 27 -10.46 1.74 -12.99
C LYS A 27 -11.79 1.00 -13.13
N ASN A 28 -12.20 0.74 -14.36
CA ASN A 28 -13.45 0.04 -14.63
C ASN A 28 -14.64 0.98 -14.39
N GLU A 29 -14.79 1.44 -13.15
CA GLU A 29 -15.89 2.33 -12.79
C GLU A 29 -15.79 2.77 -11.33
N ASN A 30 -15.37 1.85 -10.47
CA ASN A 30 -15.26 2.14 -9.05
C ASN A 30 -14.12 3.13 -8.77
N TYR A 31 -12.89 2.64 -8.71
CA TYR A 31 -11.73 3.49 -8.46
C TYR A 31 -11.16 4.05 -9.76
N GLY A 32 -11.32 5.36 -9.96
CA GLY A 32 -10.81 5.99 -11.16
C GLY A 32 -9.36 6.41 -11.04
N THR A 33 -8.52 5.94 -11.96
CA THR A 33 -7.10 6.27 -11.95
C THR A 33 -6.35 5.49 -13.04
N ILE A 34 -5.98 4.25 -12.72
CA ILE A 34 -5.26 3.41 -13.66
C ILE A 34 -6.19 2.80 -14.72
N THR A 35 -5.65 2.64 -15.93
CA THR A 35 -6.41 2.07 -17.05
C THR A 35 -5.64 2.24 -18.35
N SER A 36 -4.89 3.34 -18.44
CA SER A 36 -4.11 3.63 -19.65
C SER A 36 -3.20 4.84 -19.43
N ALA A 37 -3.74 5.86 -18.76
CA ALA A 37 -2.98 7.07 -18.49
C ALA A 37 -2.01 6.87 -17.34
N ASN A 38 -2.42 6.08 -16.36
CA ASN A 38 -1.57 5.80 -15.20
C ASN A 38 -1.06 4.37 -15.22
N GLU A 39 -0.87 3.83 -16.42
CA GLU A 39 -0.39 2.46 -16.57
C GLU A 39 0.89 2.43 -17.41
N GLN A 40 1.64 3.52 -17.36
CA GLN A 40 2.90 3.63 -18.09
C GLN A 40 4.07 3.63 -17.11
N ILE A 41 3.87 4.30 -15.98
CA ILE A 41 4.87 4.38 -14.92
C ILE A 41 5.38 2.99 -14.55
N THR A 42 6.70 2.85 -14.42
CA THR A 42 7.31 1.57 -14.08
C THR A 42 7.54 1.48 -12.58
N PRO A 43 7.52 0.26 -12.01
CA PRO A 43 7.77 0.06 -10.59
C PRO A 43 8.99 0.83 -10.13
N VAL A 44 9.90 1.06 -11.08
CA VAL A 44 11.13 1.81 -10.86
C VAL A 44 10.80 3.24 -10.45
N ILE A 45 9.80 3.81 -11.11
CA ILE A 45 9.38 5.18 -10.81
C ILE A 45 9.00 5.29 -9.34
N PHE A 46 8.23 4.31 -8.90
CA PHE A 46 7.81 4.25 -7.52
C PHE A 46 8.98 3.81 -6.65
N HIS A 47 9.74 2.85 -7.15
CA HIS A 47 10.89 2.33 -6.43
C HIS A 47 11.93 3.43 -6.25
N ASN A 48 11.96 4.37 -7.18
CA ASN A 48 12.89 5.48 -7.12
C ASN A 48 12.26 6.62 -6.34
N LEU A 49 10.94 6.70 -6.42
CA LEU A 49 10.19 7.70 -5.68
C LEU A 49 10.46 7.47 -4.21
N ILE A 50 10.10 6.28 -3.79
CA ILE A 50 10.31 5.82 -2.43
C ILE A 50 11.77 5.99 -2.04
N MET A 51 12.61 5.24 -2.74
CA MET A 51 14.05 5.24 -2.51
C MET A 51 14.64 6.65 -2.47
N ASP A 52 14.20 7.50 -3.39
CA ASP A 52 14.71 8.87 -3.46
C ASP A 52 13.88 9.86 -2.64
N MET A 53 12.71 9.44 -2.16
CA MET A 53 11.85 10.33 -1.38
C MET A 53 11.44 9.72 -0.04
N VAL A 54 10.61 8.68 -0.09
CA VAL A 54 10.13 8.04 1.12
C VAL A 54 11.29 7.53 1.99
N LEU A 55 12.13 6.68 1.41
CA LEU A 55 13.26 6.12 2.12
C LEU A 55 14.02 7.17 2.93
N PRO A 56 14.50 8.24 2.28
CA PRO A 56 15.22 9.31 2.97
C PRO A 56 14.30 10.10 3.91
N LYS A 57 13.05 9.65 4.05
CA LYS A 57 12.10 10.32 4.92
C LYS A 57 11.16 9.29 5.55
N VAL A 58 11.63 8.04 5.61
CA VAL A 58 10.85 6.96 6.19
C VAL A 58 11.04 6.91 7.69
N VAL A 59 10.17 6.15 8.34
CA VAL A 59 10.25 5.99 9.77
C VAL A 59 9.99 4.55 10.17
N PRO A 60 10.64 4.07 11.23
CA PRO A 60 10.47 2.69 11.69
C PRO A 60 9.17 2.49 12.46
N ILE A 61 8.17 3.28 12.08
CA ILE A 61 6.84 3.21 12.69
C ILE A 61 6.90 3.01 14.21
N LYS A 62 6.81 4.10 14.95
CA LYS A 62 6.86 4.04 16.41
C LYS A 62 5.44 3.97 16.98
N GLY A 63 4.48 4.48 16.21
CA GLY A 63 3.09 4.47 16.64
C GLY A 63 2.16 5.02 15.57
N ASN A 64 2.42 4.66 14.32
CA ASN A 64 1.62 5.11 13.19
C ASN A 64 1.15 3.95 12.34
N LYS A 65 2.10 3.28 11.68
CA LYS A 65 1.79 2.14 10.82
C LYS A 65 1.18 2.62 9.50
N VAL A 66 1.96 2.55 8.42
CA VAL A 66 1.48 2.97 7.11
C VAL A 66 1.27 4.47 7.08
N THR A 67 2.36 5.23 7.11
CA THR A 67 2.29 6.68 7.08
C THR A 67 2.54 7.23 5.69
N LYS A 68 1.60 8.05 5.21
CA LYS A 68 1.72 8.65 3.89
C LYS A 68 2.77 9.76 3.90
N MET A 69 3.66 9.73 2.92
CA MET A 69 4.71 10.74 2.82
C MET A 69 4.12 12.14 2.81
N SER A 70 2.93 12.26 2.22
CA SER A 70 2.24 13.55 2.13
C SER A 70 3.09 14.57 1.37
N MET A 71 3.98 14.07 0.52
CA MET A 71 4.84 14.94 -0.27
C MET A 71 4.36 15.01 -1.72
N ASN A 72 3.33 14.24 -2.05
CA ASN A 72 2.79 14.21 -3.41
C ASN A 72 3.89 13.79 -4.39
N LEU A 73 4.48 12.64 -4.13
CA LEU A 73 5.55 12.12 -4.98
C LEU A 73 5.08 11.98 -6.43
N ILE A 74 3.95 11.30 -6.60
CA ILE A 74 3.39 11.09 -7.92
C ILE A 74 1.91 11.41 -7.95
N ASP A 75 1.40 11.75 -9.13
CA ASP A 75 -0.01 12.08 -9.28
C ASP A 75 -0.79 10.87 -9.77
N GLY A 76 -1.98 10.68 -9.24
CA GLY A 76 -2.80 9.56 -9.62
C GLY A 76 -2.92 8.53 -8.52
N PHE A 77 -1.86 8.39 -7.73
CA PHE A 77 -1.86 7.42 -6.63
C PHE A 77 -1.38 8.07 -5.33
N ASP A 78 -1.57 7.38 -4.22
CA ASP A 78 -1.15 7.88 -2.91
C ASP A 78 0.06 7.10 -2.40
N CYS A 79 1.09 7.82 -1.97
CA CYS A 79 2.33 7.19 -1.48
C CYS A 79 2.29 6.93 0.03
N PHE A 80 2.25 5.65 0.39
CA PHE A 80 2.23 5.24 1.80
C PHE A 80 3.44 4.34 2.11
N TYR A 81 3.91 4.40 3.36
CA TYR A 81 5.05 3.57 3.77
C TYR A 81 4.90 3.11 5.21
N SER A 82 5.05 1.81 5.43
CA SER A 82 4.93 1.21 6.76
C SER A 82 6.09 0.26 7.02
N THR A 83 6.92 0.58 8.00
CA THR A 83 8.05 -0.28 8.32
C THR A 83 7.61 -1.50 9.12
N ASP A 84 8.32 -2.61 8.93
CA ASP A 84 8.01 -3.86 9.61
C ASP A 84 7.70 -3.62 11.09
N ASP A 85 7.07 -4.61 11.73
CA ASP A 85 6.72 -4.50 13.14
C ASP A 85 7.86 -4.98 14.05
N HIS A 86 8.82 -5.69 13.47
CA HIS A 86 9.95 -6.19 14.25
C HIS A 86 11.25 -6.13 13.45
N ASP A 87 11.27 -5.36 12.38
CA ASP A 87 12.45 -5.23 11.54
C ASP A 87 12.45 -3.92 10.76
N PRO A 88 13.19 -2.91 11.24
CA PRO A 88 13.28 -1.61 10.55
C PRO A 88 13.94 -1.71 9.18
N LYS A 89 14.57 -2.85 8.92
CA LYS A 89 15.24 -3.08 7.65
C LYS A 89 14.31 -3.85 6.69
N THR A 90 13.02 -3.64 6.86
CA THR A 90 12.01 -4.30 6.04
C THR A 90 10.76 -3.45 5.98
N VAL A 91 10.87 -2.33 5.29
CA VAL A 91 9.76 -1.41 5.14
C VAL A 91 8.68 -1.98 4.23
N TYR A 92 7.59 -1.25 4.09
CA TYR A 92 6.47 -1.68 3.24
C TYR A 92 5.83 -0.47 2.58
N VAL A 93 6.17 -0.23 1.31
CA VAL A 93 5.62 0.89 0.58
C VAL A 93 4.38 0.49 -0.21
N CYS A 94 3.31 1.27 -0.06
CA CYS A 94 2.06 1.00 -0.75
C CYS A 94 1.58 2.24 -1.50
N PHE A 95 1.18 2.03 -2.75
CA PHE A 95 0.68 3.12 -3.58
C PHE A 95 -0.78 2.88 -3.91
N THR A 96 -1.67 3.53 -3.16
CA THR A 96 -3.09 3.36 -3.38
C THR A 96 -3.67 4.55 -4.13
N LEU A 97 -4.38 4.26 -5.21
CA LEU A 97 -5.01 5.30 -6.04
C LEU A 97 -5.55 6.43 -5.18
N VAL A 98 -5.26 7.67 -5.57
CA VAL A 98 -5.71 8.84 -4.81
C VAL A 98 -7.17 8.71 -4.38
N ASP A 99 -7.97 8.04 -5.20
CA ASP A 99 -9.38 7.85 -4.89
C ASP A 99 -9.53 7.02 -3.61
N ILE A 100 -8.56 6.15 -3.37
CA ILE A 100 -8.56 5.30 -2.19
C ILE A 100 -8.36 6.12 -0.92
N PRO A 101 -9.12 5.83 0.14
CA PRO A 101 -9.01 6.54 1.40
C PRO A 101 -7.72 6.17 2.15
N LYS A 102 -7.52 6.77 3.31
CA LYS A 102 -6.33 6.49 4.11
C LYS A 102 -6.61 5.35 5.09
N ILE A 103 -6.97 4.19 4.57
CA ILE A 103 -7.26 3.04 5.42
C ILE A 103 -6.89 1.72 4.72
N LEU A 104 -7.14 1.62 3.43
CA LEU A 104 -6.80 0.39 2.70
C LEU A 104 -5.30 0.16 2.76
N PRO A 105 -4.49 1.10 2.23
CA PRO A 105 -3.03 0.99 2.25
C PRO A 105 -2.53 0.62 3.63
N ILE A 106 -3.24 1.09 4.65
CA ILE A 106 -2.89 0.80 6.02
C ILE A 106 -3.11 -0.67 6.32
N ARG A 107 -4.16 -1.25 5.73
CA ARG A 107 -4.48 -2.64 5.92
C ARG A 107 -3.66 -3.53 4.97
N ILE A 108 -3.14 -2.94 3.90
CA ILE A 108 -2.33 -3.69 2.94
C ILE A 108 -0.97 -4.02 3.55
N LEU A 109 -0.31 -3.01 4.10
CA LEU A 109 0.98 -3.21 4.74
C LEU A 109 0.79 -3.94 6.05
N SER A 110 -0.13 -3.45 6.87
CA SER A 110 -0.42 -4.10 8.15
C SER A 110 -0.98 -5.49 7.88
N GLY A 111 -1.67 -5.63 6.75
CA GLY A 111 -2.22 -6.91 6.37
C GLY A 111 -1.14 -7.85 5.88
N LEU A 112 -0.23 -7.33 5.06
CA LEU A 112 0.88 -8.13 4.55
C LEU A 112 1.66 -8.71 5.72
N GLN A 113 1.73 -7.93 6.79
CA GLN A 113 2.42 -8.38 8.00
C GLN A 113 1.61 -9.47 8.68
N GLU A 114 0.35 -9.64 8.27
CA GLU A 114 -0.52 -10.66 8.84
C GLU A 114 -0.14 -12.04 8.32
N TYR A 115 0.52 -12.07 7.15
CA TYR A 115 0.92 -13.33 6.56
C TYR A 115 2.28 -13.78 7.11
N GLU A 116 3.36 -13.46 6.39
CA GLU A 116 4.72 -13.83 6.82
C GLU A 116 5.70 -13.73 5.65
N SER A 117 5.19 -13.86 4.43
CA SER A 117 6.03 -13.80 3.24
C SER A 117 6.10 -12.38 2.69
N ASN A 118 5.19 -12.05 1.77
CA ASN A 118 5.16 -10.72 1.16
C ASN A 118 6.58 -10.22 0.87
N ALA A 119 7.48 -11.14 0.58
CA ALA A 119 8.88 -10.80 0.32
C ALA A 119 9.31 -11.06 -1.13
N THR A 120 8.41 -10.90 -2.09
CA THR A 120 8.76 -11.11 -3.48
C THR A 120 7.95 -10.19 -4.38
N ASN A 121 8.51 -9.83 -5.53
CA ASN A 121 7.84 -8.94 -6.48
C ASN A 121 6.68 -9.64 -7.17
N GLU A 122 6.09 -10.61 -6.48
CA GLU A 122 4.96 -11.35 -7.02
C GLU A 122 4.35 -12.22 -5.93
N LEU A 123 4.51 -11.78 -4.68
CA LEU A 123 3.98 -12.53 -3.56
C LEU A 123 3.24 -11.59 -2.62
N LEU A 124 3.89 -10.50 -2.27
CA LEU A 124 3.27 -9.50 -1.41
C LEU A 124 1.95 -9.07 -2.04
N SER A 125 2.00 -8.81 -3.34
CA SER A 125 0.80 -8.40 -4.08
C SER A 125 -0.36 -9.34 -3.76
N SER A 126 -0.02 -10.59 -3.44
CA SER A 126 -1.02 -11.59 -3.11
C SER A 126 -1.82 -11.16 -1.89
N HIS A 127 -1.11 -10.91 -0.81
CA HIS A 127 -1.77 -10.49 0.41
C HIS A 127 -2.51 -9.20 0.18
N VAL A 128 -2.00 -8.35 -0.71
CA VAL A 128 -2.66 -7.09 -1.00
C VAL A 128 -4.10 -7.36 -1.44
N GLY A 129 -4.28 -8.34 -2.34
CA GLY A 129 -5.62 -8.66 -2.79
C GLY A 129 -6.38 -9.51 -1.79
N GLN A 130 -5.69 -10.47 -1.18
CA GLN A 130 -6.30 -11.35 -0.19
C GLN A 130 -6.66 -10.56 1.08
N ILE A 131 -5.95 -9.45 1.29
CA ILE A 131 -6.20 -8.57 2.43
C ILE A 131 -7.26 -7.56 2.05
N LEU A 132 -7.32 -7.26 0.75
CA LEU A 132 -8.29 -6.33 0.19
C LEU A 132 -9.72 -6.83 0.44
N ASP A 133 -9.95 -8.09 0.08
CA ASP A 133 -11.26 -8.71 0.25
C ASP A 133 -11.72 -8.63 1.70
N SER A 134 -10.82 -8.99 2.60
CA SER A 134 -11.11 -8.96 4.04
C SER A 134 -11.18 -7.53 4.56
N PHE A 135 -10.67 -6.59 3.76
CA PHE A 135 -10.68 -5.18 4.14
C PHE A 135 -12.09 -4.70 4.47
N HIS A 136 -13.00 -4.86 3.51
CA HIS A 136 -14.39 -4.44 3.71
C HIS A 136 -14.96 -5.01 5.00
N GLU A 137 -14.69 -6.28 5.26
CA GLU A 137 -15.17 -6.93 6.46
C GLU A 137 -14.76 -6.12 7.69
N GLU A 138 -13.62 -5.44 7.58
CA GLU A 138 -13.13 -4.61 8.67
C GLU A 138 -13.85 -3.27 8.68
N LEU A 139 -14.20 -2.78 7.49
CA LEU A 139 -14.92 -1.51 7.37
C LEU A 139 -16.34 -1.66 7.87
N VAL A 140 -16.88 -2.87 7.74
CA VAL A 140 -18.22 -3.16 8.20
C VAL A 140 -18.20 -3.34 9.70
N GLU A 141 -17.26 -4.15 10.16
CA GLU A 141 -17.10 -4.40 11.58
C GLU A 141 -16.74 -3.12 12.31
N TYR A 142 -15.99 -2.26 11.62
CA TYR A 142 -15.57 -0.99 12.18
C TYR A 142 -16.80 -0.11 12.45
N ARG A 143 -17.82 -0.28 11.63
CA ARG A 143 -19.06 0.49 11.78
C ARG A 143 -19.77 0.13 13.08
N ASN A 144 -19.59 -1.10 13.53
CA ASN A 144 -20.21 -1.58 14.76
C ASN A 144 -19.19 -1.63 15.90
N GLN A 145 -18.38 -0.59 16.01
CA GLN A 145 -17.36 -0.52 17.05
C GLN A 145 -17.12 0.92 17.49
N THR A 146 -16.98 1.81 16.51
CA THR A 146 -16.76 3.23 16.80
C THR A 146 -17.41 4.10 15.72
N LEU A 147 -18.73 4.17 15.74
CA LEU A 147 -19.47 4.97 14.77
C LEU A 147 -19.58 6.42 15.25
N ASN A 148 -20.30 7.23 14.47
CA ASN A 148 -20.49 8.64 14.81
C ASN A 148 -19.14 9.37 14.87
N SER A 149 -18.23 8.98 13.98
CA SER A 149 -16.91 9.59 13.93
C SER A 149 -16.17 9.40 15.25
N MET A 1 -17.50 -7.88 -3.90
CA MET A 1 -17.41 -7.02 -5.10
C MET A 1 -17.23 -5.55 -4.71
N LYS A 2 -16.41 -4.83 -5.47
CA LYS A 2 -16.16 -3.43 -5.20
C LYS A 2 -15.54 -3.24 -3.83
N ARG A 3 -14.28 -3.64 -3.70
CA ARG A 3 -13.56 -3.51 -2.44
C ARG A 3 -12.21 -2.82 -2.64
N PHE A 4 -12.23 -1.71 -3.37
CA PHE A 4 -11.02 -0.94 -3.64
C PHE A 4 -10.01 -1.78 -4.42
N ASN A 5 -8.85 -1.19 -4.70
CA ASN A 5 -7.80 -1.88 -5.44
C ASN A 5 -6.48 -1.12 -5.37
N VAL A 6 -5.54 -1.66 -4.60
CA VAL A 6 -4.23 -1.03 -4.46
C VAL A 6 -3.52 -0.92 -5.81
N SER A 7 -2.76 0.16 -5.99
CA SER A 7 -2.05 0.39 -7.24
C SER A 7 -0.72 -0.35 -7.28
N TYR A 8 0.24 0.10 -6.46
CA TYR A 8 1.55 -0.51 -6.43
C TYR A 8 2.05 -0.71 -5.01
N VAL A 9 2.23 -1.96 -4.61
CA VAL A 9 2.73 -2.26 -3.27
C VAL A 9 4.18 -2.73 -3.31
N GLU A 10 5.10 -1.79 -3.17
CA GLU A 10 6.52 -2.09 -3.20
C GLU A 10 7.09 -2.27 -1.80
N VAL A 11 7.42 -3.50 -1.45
CA VAL A 11 8.00 -3.80 -0.15
C VAL A 11 9.50 -3.48 -0.19
N ILE A 12 10.04 -3.01 0.92
CA ILE A 12 11.45 -2.64 0.96
C ILE A 12 12.18 -3.26 2.14
N LYS A 13 13.26 -3.98 1.85
CA LYS A 13 14.06 -4.61 2.90
C LYS A 13 15.41 -3.91 3.06
N ASN A 14 15.52 -3.10 4.10
CA ASN A 14 16.77 -2.39 4.38
C ASN A 14 17.12 -1.38 3.28
N GLY A 15 16.11 -0.70 2.76
CA GLY A 15 16.35 0.27 1.70
C GLY A 15 16.51 -0.40 0.35
N GLU A 16 16.00 -1.61 0.24
CA GLU A 16 16.07 -2.36 -1.00
C GLU A 16 14.78 -3.14 -1.22
N THR A 17 14.10 -2.83 -2.31
CA THR A 17 12.84 -3.48 -2.65
C THR A 17 12.92 -5.01 -2.53
N ILE A 18 11.98 -5.58 -1.79
CA ILE A 18 11.91 -7.04 -1.62
C ILE A 18 10.77 -7.58 -2.44
N SER A 19 9.65 -6.86 -2.40
CA SER A 19 8.45 -7.26 -3.12
C SER A 19 7.89 -6.09 -3.93
N SER A 20 6.82 -6.35 -4.68
CA SER A 20 6.20 -5.33 -5.50
C SER A 20 4.88 -5.80 -6.10
N CYS A 21 3.80 -5.09 -5.78
CA CYS A 21 2.49 -5.41 -6.30
C CYS A 21 2.07 -4.39 -7.34
N PHE A 22 2.74 -4.43 -8.49
CA PHE A 22 2.48 -3.50 -9.57
C PHE A 22 1.72 -4.18 -10.70
N GLN A 23 0.40 -4.25 -10.55
CA GLN A 23 -0.45 -4.88 -11.55
C GLN A 23 -1.21 -3.85 -12.38
N PRO A 24 -1.32 -4.07 -13.70
CA PRO A 24 -2.04 -3.16 -14.60
C PRO A 24 -3.55 -3.36 -14.53
N PHE A 25 -4.29 -2.28 -14.72
CA PHE A 25 -5.75 -2.35 -14.68
C PHE A 25 -6.36 -0.97 -14.90
N GLN A 26 -7.16 -0.83 -15.95
CA GLN A 26 -7.80 0.44 -16.25
C GLN A 26 -9.13 0.58 -15.50
N LYS A 27 -9.12 0.28 -14.20
CA LYS A 27 -10.32 0.37 -13.39
C LYS A 27 -11.41 -0.54 -13.92
N ASN A 28 -11.69 -1.61 -13.20
CA ASN A 28 -12.73 -2.57 -13.62
C ASN A 28 -13.02 -3.57 -12.51
N GLU A 29 -14.31 -3.83 -12.30
CA GLU A 29 -14.73 -4.79 -11.27
C GLU A 29 -14.21 -4.38 -9.89
N ASN A 30 -13.88 -3.10 -9.72
CA ASN A 30 -13.38 -2.59 -8.45
C ASN A 30 -12.96 -1.13 -8.57
N TYR A 31 -12.84 -0.46 -7.43
CA TYR A 31 -12.45 0.95 -7.42
C TYR A 31 -11.07 1.12 -8.06
N GLY A 32 -11.04 1.69 -9.26
CA GLY A 32 -9.79 1.89 -9.95
C GLY A 32 -9.61 3.32 -10.43
N THR A 33 -8.51 3.58 -11.13
CA THR A 33 -8.22 4.91 -11.65
C THR A 33 -7.29 4.83 -12.86
N ILE A 34 -6.26 4.00 -12.75
CA ILE A 34 -5.29 3.84 -13.83
C ILE A 34 -5.96 3.31 -15.08
N THR A 35 -5.29 3.45 -16.22
CA THR A 35 -5.80 2.97 -17.50
C THR A 35 -4.69 2.93 -18.54
N SER A 36 -4.24 4.09 -18.96
CA SER A 36 -3.17 4.20 -19.96
C SER A 36 -2.21 5.32 -19.61
N ALA A 37 -2.75 6.46 -19.24
CA ALA A 37 -1.93 7.63 -18.90
C ALA A 37 -1.13 7.38 -17.62
N ASN A 38 -1.67 6.55 -16.73
CA ASN A 38 -1.00 6.24 -15.47
C ASN A 38 -0.63 4.76 -15.39
N GLU A 39 -0.31 4.17 -16.55
CA GLU A 39 0.08 2.77 -16.61
C GLU A 39 1.38 2.59 -17.37
N GLN A 40 2.21 3.62 -17.35
CA GLN A 40 3.51 3.59 -18.02
C GLN A 40 4.64 3.58 -17.00
N ILE A 41 4.42 4.31 -15.91
CA ILE A 41 5.38 4.40 -14.81
C ILE A 41 5.83 3.01 -14.36
N THR A 42 7.12 2.72 -14.54
CA THR A 42 7.68 1.43 -14.15
C THR A 42 7.87 1.35 -12.65
N PRO A 43 7.83 0.15 -12.06
CA PRO A 43 8.05 -0.02 -10.62
C PRO A 43 9.28 0.74 -10.17
N VAL A 44 10.17 1.03 -11.13
CA VAL A 44 11.40 1.77 -10.88
C VAL A 44 11.10 3.20 -10.46
N ILE A 45 10.24 3.90 -11.21
CA ILE A 45 9.89 5.26 -10.87
C ILE A 45 9.32 5.31 -9.46
N PHE A 46 8.66 4.22 -9.08
CA PHE A 46 8.10 4.08 -7.76
C PHE A 46 9.19 3.67 -6.78
N HIS A 47 10.01 2.70 -7.20
CA HIS A 47 11.10 2.22 -6.37
C HIS A 47 12.12 3.33 -6.13
N ASN A 48 12.19 4.27 -7.07
CA ASN A 48 13.10 5.38 -6.95
C ASN A 48 12.42 6.51 -6.23
N LEU A 49 11.10 6.57 -6.37
CA LEU A 49 10.31 7.57 -5.68
C LEU A 49 10.50 7.35 -4.21
N ILE A 50 10.13 6.15 -3.80
CA ILE A 50 10.27 5.68 -2.43
C ILE A 50 11.71 5.87 -1.97
N MET A 51 12.59 5.12 -2.63
CA MET A 51 14.02 5.13 -2.34
C MET A 51 14.60 6.54 -2.29
N ASP A 52 14.18 7.40 -3.18
CA ASP A 52 14.70 8.78 -3.25
C ASP A 52 13.88 9.77 -2.42
N MET A 53 12.64 9.42 -2.09
CA MET A 53 11.79 10.33 -1.33
C MET A 53 11.34 9.72 0.00
N VAL A 54 10.64 8.60 -0.07
CA VAL A 54 10.13 7.93 1.12
C VAL A 54 11.25 7.42 2.03
N LEU A 55 12.19 6.67 1.46
CA LEU A 55 13.29 6.11 2.23
C LEU A 55 14.07 7.19 2.99
N PRO A 56 14.52 8.25 2.31
CA PRO A 56 15.26 9.33 2.94
C PRO A 56 14.37 10.17 3.88
N LYS A 57 13.11 9.76 4.03
CA LYS A 57 12.18 10.47 4.90
C LYS A 57 11.22 9.49 5.56
N VAL A 58 11.66 8.24 5.65
CA VAL A 58 10.84 7.19 6.26
C VAL A 58 11.04 7.17 7.77
N VAL A 59 10.14 6.48 8.45
CA VAL A 59 10.21 6.35 9.89
C VAL A 59 9.80 4.96 10.31
N PRO A 60 10.40 4.43 11.38
CA PRO A 60 10.07 3.08 11.87
C PRO A 60 8.74 3.05 12.60
N ILE A 61 7.89 4.01 12.27
CA ILE A 61 6.55 4.12 12.85
C ILE A 61 6.57 4.07 14.38
N LYS A 62 5.51 4.59 14.99
CA LYS A 62 5.39 4.60 16.45
C LYS A 62 4.00 4.14 16.85
N GLY A 63 2.99 4.63 16.15
CA GLY A 63 1.62 4.27 16.42
C GLY A 63 0.70 4.63 15.28
N ASN A 64 1.24 4.58 14.07
CA ASN A 64 0.46 4.91 12.87
C ASN A 64 0.43 3.74 11.90
N LYS A 65 1.59 3.40 11.35
CA LYS A 65 1.71 2.30 10.39
C LYS A 65 1.07 2.68 9.06
N VAL A 66 1.89 2.74 8.01
CA VAL A 66 1.39 3.10 6.68
C VAL A 66 1.11 4.59 6.58
N THR A 67 2.07 5.40 7.00
CA THR A 67 1.92 6.85 6.99
C THR A 67 2.20 7.41 5.59
N LYS A 68 1.23 8.17 5.07
CA LYS A 68 1.37 8.77 3.75
C LYS A 68 2.38 9.91 3.80
N MET A 69 3.33 9.90 2.87
CA MET A 69 4.35 10.93 2.81
C MET A 69 3.73 12.33 2.69
N SER A 70 2.52 12.37 2.14
CA SER A 70 1.81 13.64 1.96
C SER A 70 2.67 14.65 1.22
N MET A 71 3.58 14.14 0.41
CA MET A 71 4.48 15.00 -0.37
C MET A 71 4.08 15.01 -1.85
N ASN A 72 3.18 14.11 -2.23
CA ASN A 72 2.72 14.02 -3.62
C ASN A 72 3.88 13.63 -4.54
N LEU A 73 4.49 12.48 -4.26
CA LEU A 73 5.60 12.00 -5.06
C LEU A 73 5.18 11.80 -6.51
N ILE A 74 4.03 11.17 -6.69
CA ILE A 74 3.49 10.91 -8.02
C ILE A 74 2.02 11.28 -8.08
N ASP A 75 1.54 11.55 -9.29
CA ASP A 75 0.14 11.90 -9.50
C ASP A 75 -0.65 10.70 -9.99
N GLY A 76 -1.87 10.57 -9.49
CA GLY A 76 -2.70 9.44 -9.88
C GLY A 76 -2.88 8.45 -8.75
N PHE A 77 -1.85 8.28 -7.93
CA PHE A 77 -1.92 7.35 -6.81
C PHE A 77 -1.40 8.00 -5.53
N ASP A 78 -1.64 7.34 -4.40
CA ASP A 78 -1.21 7.84 -3.10
C ASP A 78 -0.01 7.02 -2.59
N CYS A 79 0.94 7.69 -1.92
CA CYS A 79 2.13 7.03 -1.42
C CYS A 79 2.12 6.86 0.10
N PHE A 80 2.06 5.60 0.55
CA PHE A 80 2.07 5.28 1.98
C PHE A 80 3.25 4.37 2.31
N TYR A 81 3.92 4.64 3.42
CA TYR A 81 5.06 3.82 3.84
C TYR A 81 4.91 3.32 5.27
N SER A 82 5.07 2.01 5.44
CA SER A 82 4.95 1.38 6.75
C SER A 82 6.10 0.43 7.02
N THR A 83 6.89 0.70 8.06
CA THR A 83 8.01 -0.17 8.39
C THR A 83 7.54 -1.39 9.16
N ASP A 84 8.25 -2.51 9.01
CA ASP A 84 7.90 -3.75 9.69
C ASP A 84 7.56 -3.50 11.16
N ASP A 85 6.63 -4.28 11.69
CA ASP A 85 6.22 -4.15 13.08
C ASP A 85 7.37 -4.45 14.05
N HIS A 86 8.43 -5.07 13.56
CA HIS A 86 9.57 -5.39 14.41
C HIS A 86 10.87 -5.48 13.60
N ASP A 87 10.90 -4.85 12.44
CA ASP A 87 12.08 -4.87 11.59
C ASP A 87 12.20 -3.59 10.76
N PRO A 88 12.96 -2.60 11.26
CA PRO A 88 13.15 -1.33 10.55
C PRO A 88 13.83 -1.52 9.19
N LYS A 89 14.42 -2.70 9.00
CA LYS A 89 15.09 -3.02 7.74
C LYS A 89 14.15 -3.82 6.84
N THR A 90 12.87 -3.54 6.97
CA THR A 90 11.84 -4.21 6.18
C THR A 90 10.61 -3.31 6.08
N VAL A 91 10.75 -2.27 5.27
CA VAL A 91 9.68 -1.31 5.07
C VAL A 91 8.57 -1.91 4.22
N TYR A 92 7.50 -1.14 4.05
CA TYR A 92 6.35 -1.56 3.26
C TYR A 92 5.67 -0.35 2.64
N VAL A 93 6.03 -0.06 1.40
CA VAL A 93 5.48 1.09 0.70
C VAL A 93 4.35 0.67 -0.23
N CYS A 94 3.18 1.24 0.02
CA CYS A 94 2.00 0.93 -0.78
C CYS A 94 1.52 2.14 -1.57
N PHE A 95 1.11 1.89 -2.81
CA PHE A 95 0.61 2.94 -3.68
C PHE A 95 -0.85 2.70 -3.99
N THR A 96 -1.73 3.44 -3.33
CA THR A 96 -3.16 3.28 -3.54
C THR A 96 -3.75 4.47 -4.28
N LEU A 97 -4.46 4.18 -5.36
CA LEU A 97 -5.09 5.20 -6.19
C LEU A 97 -5.66 6.34 -5.32
N VAL A 98 -5.38 7.57 -5.70
CA VAL A 98 -5.85 8.74 -4.95
C VAL A 98 -7.32 8.60 -4.54
N ASP A 99 -8.09 7.88 -5.36
CA ASP A 99 -9.51 7.67 -5.08
C ASP A 99 -9.69 6.79 -3.84
N ILE A 100 -8.70 5.94 -3.59
CA ILE A 100 -8.73 5.04 -2.44
C ILE A 100 -8.61 5.81 -1.13
N PRO A 101 -9.49 5.54 -0.15
CA PRO A 101 -9.45 6.21 1.15
C PRO A 101 -8.12 5.98 1.87
N LYS A 102 -7.97 6.56 3.05
CA LYS A 102 -6.75 6.41 3.83
C LYS A 102 -6.93 5.33 4.89
N ILE A 103 -7.16 4.10 4.46
CA ILE A 103 -7.35 3.00 5.38
C ILE A 103 -7.00 1.65 4.73
N LEU A 104 -7.34 1.48 3.45
CA LEU A 104 -7.01 0.23 2.78
C LEU A 104 -5.51 0.02 2.78
N PRO A 105 -4.74 0.93 2.15
CA PRO A 105 -3.28 0.85 2.11
C PRO A 105 -2.71 0.51 3.48
N ILE A 106 -3.33 1.08 4.50
CA ILE A 106 -2.92 0.83 5.88
C ILE A 106 -3.11 -0.63 6.24
N ARG A 107 -4.18 -1.21 5.72
CA ARG A 107 -4.49 -2.62 5.96
C ARG A 107 -3.72 -3.51 4.99
N ILE A 108 -3.24 -2.94 3.89
CA ILE A 108 -2.48 -3.70 2.90
C ILE A 108 -1.12 -4.07 3.48
N LEU A 109 -0.43 -3.09 4.06
CA LEU A 109 0.86 -3.33 4.66
C LEU A 109 0.69 -4.07 5.98
N SER A 110 -0.24 -3.59 6.80
CA SER A 110 -0.53 -4.24 8.07
C SER A 110 -1.09 -5.62 7.80
N GLY A 111 -1.76 -5.76 6.65
CA GLY A 111 -2.33 -7.02 6.26
C GLY A 111 -1.26 -7.97 5.75
N LEU A 112 -0.37 -7.44 4.90
CA LEU A 112 0.73 -8.25 4.37
C LEU A 112 1.54 -8.79 5.54
N GLN A 113 1.62 -8.00 6.61
CA GLN A 113 2.33 -8.40 7.81
C GLN A 113 1.56 -9.50 8.54
N GLU A 114 0.29 -9.66 8.18
CA GLU A 114 -0.54 -10.69 8.79
C GLU A 114 -0.16 -12.06 8.27
N TYR A 115 0.48 -12.10 7.10
CA TYR A 115 0.89 -13.36 6.51
C TYR A 115 2.25 -13.80 7.06
N GLU A 116 3.34 -13.45 6.34
CA GLU A 116 4.69 -13.81 6.75
C GLU A 116 5.66 -13.70 5.57
N SER A 117 5.13 -13.88 4.37
CA SER A 117 5.95 -13.81 3.15
C SER A 117 5.99 -12.40 2.59
N ASN A 118 5.06 -12.09 1.69
CA ASN A 118 5.00 -10.76 1.06
C ASN A 118 6.41 -10.24 0.76
N ALA A 119 7.32 -11.15 0.44
CA ALA A 119 8.70 -10.78 0.16
C ALA A 119 9.11 -11.04 -1.29
N THR A 120 8.20 -10.87 -2.24
CA THR A 120 8.53 -11.08 -3.65
C THR A 120 7.68 -10.19 -4.54
N ASN A 121 8.23 -9.82 -5.70
CA ASN A 121 7.52 -8.96 -6.64
C ASN A 121 6.35 -9.69 -7.30
N GLU A 122 5.78 -10.65 -6.59
CA GLU A 122 4.65 -11.39 -7.10
C GLU A 122 4.09 -12.28 -6.01
N LEU A 123 4.27 -11.86 -4.76
CA LEU A 123 3.79 -12.62 -3.63
C LEU A 123 3.04 -11.71 -2.69
N LEU A 124 3.65 -10.59 -2.34
CA LEU A 124 3.02 -9.63 -1.47
C LEU A 124 1.69 -9.21 -2.10
N SER A 125 1.72 -8.96 -3.40
CA SER A 125 0.52 -8.58 -4.13
C SER A 125 -0.62 -9.54 -3.79
N SER A 126 -0.25 -10.78 -3.48
CA SER A 126 -1.23 -11.80 -3.13
C SER A 126 -2.00 -11.42 -1.88
N HIS A 127 -1.26 -11.21 -0.80
CA HIS A 127 -1.89 -10.83 0.45
C HIS A 127 -2.69 -9.56 0.27
N VAL A 128 -2.15 -8.63 -0.51
CA VAL A 128 -2.84 -7.37 -0.78
C VAL A 128 -4.27 -7.64 -1.22
N GLY A 129 -4.44 -8.59 -2.15
CA GLY A 129 -5.77 -8.90 -2.62
C GLY A 129 -6.61 -9.60 -1.56
N GLN A 130 -6.02 -10.62 -0.92
CA GLN A 130 -6.73 -11.37 0.12
C GLN A 130 -7.02 -10.47 1.32
N ILE A 131 -6.23 -9.41 1.47
CA ILE A 131 -6.41 -8.46 2.56
C ILE A 131 -7.45 -7.43 2.15
N LEU A 132 -7.55 -7.21 0.83
CA LEU A 132 -8.50 -6.26 0.27
C LEU A 132 -9.93 -6.73 0.50
N ASP A 133 -10.18 -8.01 0.23
CA ASP A 133 -11.51 -8.58 0.41
C ASP A 133 -11.87 -8.64 1.89
N SER A 134 -10.91 -9.07 2.71
CA SER A 134 -11.12 -9.16 4.15
C SER A 134 -10.96 -7.79 4.80
N PHE A 135 -10.58 -6.79 4.00
CA PHE A 135 -10.39 -5.44 4.49
C PHE A 135 -11.65 -4.91 5.19
N HIS A 136 -12.74 -4.82 4.44
CA HIS A 136 -14.01 -4.32 4.98
C HIS A 136 -14.38 -5.05 6.27
N GLU A 137 -14.17 -6.36 6.29
CA GLU A 137 -14.48 -7.17 7.47
C GLU A 137 -13.85 -6.55 8.71
N GLU A 138 -12.69 -5.92 8.53
CA GLU A 138 -11.99 -5.27 9.63
C GLU A 138 -12.62 -3.92 9.91
N LEU A 139 -13.10 -3.26 8.85
CA LEU A 139 -13.74 -1.96 8.98
C LEU A 139 -15.08 -2.11 9.68
N VAL A 140 -15.71 -3.26 9.48
CA VAL A 140 -16.99 -3.55 10.10
C VAL A 140 -16.79 -3.90 11.56
N GLU A 141 -15.83 -4.78 11.78
CA GLU A 141 -15.48 -5.22 13.11
C GLU A 141 -14.91 -4.05 13.92
N TYR A 142 -14.24 -3.14 13.23
CA TYR A 142 -13.66 -1.96 13.85
C TYR A 142 -14.76 -1.05 14.39
N ARG A 143 -15.89 -1.02 13.71
CA ARG A 143 -17.02 -0.19 14.10
C ARG A 143 -17.62 -0.67 15.42
N ASN A 144 -17.37 -1.94 15.76
CA ASN A 144 -17.89 -2.52 16.98
C ASN A 144 -16.79 -2.64 18.04
N GLN A 145 -15.89 -1.67 18.05
CA GLN A 145 -14.79 -1.67 19.02
C GLN A 145 -14.72 -0.35 19.77
N THR A 146 -14.90 0.75 19.04
CA THR A 146 -14.87 2.08 19.65
C THR A 146 -15.98 2.96 19.09
N LEU A 147 -17.19 2.78 19.63
CA LEU A 147 -18.35 3.56 19.20
C LEU A 147 -19.47 3.48 20.21
N ASN A 148 -19.10 3.34 21.48
CA ASN A 148 -20.08 3.26 22.56
C ASN A 148 -20.18 4.59 23.31
N SER A 149 -19.95 5.69 22.59
CA SER A 149 -20.03 7.01 23.18
C SER A 149 -20.87 7.95 22.33
N MET A 1 -19.80 -2.65 -1.52
CA MET A 1 -20.07 -1.39 -2.26
C MET A 1 -18.77 -0.65 -2.56
N LYS A 2 -18.66 -0.14 -3.79
CA LYS A 2 -17.46 0.59 -4.20
C LYS A 2 -16.22 -0.29 -4.12
N ARG A 3 -15.88 -0.94 -5.22
CA ARG A 3 -14.72 -1.82 -5.28
C ARG A 3 -13.43 -1.01 -5.11
N PHE A 4 -12.35 -1.71 -4.75
CA PHE A 4 -11.06 -1.06 -4.56
C PHE A 4 -9.92 -1.97 -4.98
N ASN A 5 -8.75 -1.38 -5.21
CA ASN A 5 -7.58 -2.14 -5.62
C ASN A 5 -6.32 -1.29 -5.55
N VAL A 6 -5.43 -1.61 -4.61
CA VAL A 6 -4.19 -0.88 -4.45
C VAL A 6 -3.42 -0.83 -5.77
N SER A 7 -3.12 0.39 -6.23
CA SER A 7 -2.41 0.57 -7.49
C SER A 7 -1.10 -0.21 -7.51
N TYR A 8 -0.25 0.03 -6.52
CA TYR A 8 1.03 -0.65 -6.44
C TYR A 8 1.44 -0.93 -5.00
N VAL A 9 2.01 -2.09 -4.77
CA VAL A 9 2.46 -2.47 -3.42
C VAL A 9 3.89 -3.01 -3.44
N GLU A 10 4.86 -2.14 -3.12
CA GLU A 10 6.25 -2.56 -3.11
C GLU A 10 6.83 -2.53 -1.70
N VAL A 11 7.37 -3.66 -1.26
CA VAL A 11 7.98 -3.76 0.06
C VAL A 11 9.45 -3.40 -0.04
N ILE A 12 10.06 -3.04 1.09
CA ILE A 12 11.46 -2.63 1.08
C ILE A 12 12.24 -3.22 2.26
N LYS A 13 13.23 -4.04 1.96
CA LYS A 13 14.06 -4.64 3.01
C LYS A 13 15.45 -4.00 3.02
N ASN A 14 15.77 -3.32 4.12
CA ASN A 14 17.08 -2.68 4.27
C ASN A 14 17.31 -1.62 3.20
N GLY A 15 16.24 -0.96 2.78
CA GLY A 15 16.37 0.05 1.75
C GLY A 15 16.50 -0.57 0.39
N GLU A 16 15.92 -1.75 0.24
CA GLU A 16 15.96 -2.48 -1.02
C GLU A 16 14.67 -3.24 -1.22
N THR A 17 13.99 -2.94 -2.32
CA THR A 17 12.71 -3.59 -2.64
C THR A 17 12.81 -5.12 -2.57
N ILE A 18 11.97 -5.72 -1.72
CA ILE A 18 11.94 -7.17 -1.59
C ILE A 18 10.80 -7.73 -2.42
N SER A 19 9.63 -7.11 -2.26
CA SER A 19 8.44 -7.52 -2.99
C SER A 19 7.89 -6.37 -3.82
N SER A 20 6.91 -6.65 -4.67
CA SER A 20 6.32 -5.63 -5.52
C SER A 20 5.01 -6.09 -6.16
N CYS A 21 3.97 -5.28 -6.00
CA CYS A 21 2.67 -5.58 -6.58
C CYS A 21 2.29 -4.45 -7.54
N PHE A 22 3.00 -4.36 -8.65
CA PHE A 22 2.75 -3.32 -9.64
C PHE A 22 2.18 -3.91 -10.91
N GLN A 23 0.86 -3.92 -11.01
CA GLN A 23 0.19 -4.46 -12.18
C GLN A 23 -1.00 -3.61 -12.61
N PRO A 24 -1.29 -3.58 -13.93
CA PRO A 24 -2.42 -2.80 -14.47
C PRO A 24 -3.76 -3.35 -14.01
N PHE A 25 -4.84 -2.70 -14.40
CA PHE A 25 -6.17 -3.14 -14.02
C PHE A 25 -7.27 -2.21 -14.52
N GLN A 26 -6.92 -0.93 -14.73
CA GLN A 26 -7.89 0.05 -15.20
C GLN A 26 -8.97 0.26 -14.16
N LYS A 27 -9.38 1.51 -13.97
CA LYS A 27 -10.41 1.86 -13.01
C LYS A 27 -11.65 0.99 -13.19
N ASN A 28 -12.43 0.86 -12.13
CA ASN A 28 -13.66 0.06 -12.16
C ASN A 28 -14.87 0.91 -11.79
N GLU A 29 -14.96 2.09 -12.36
CA GLU A 29 -16.06 3.01 -12.09
C GLU A 29 -15.93 3.62 -10.69
N ASN A 30 -15.98 2.77 -9.67
CA ASN A 30 -15.87 3.22 -8.29
C ASN A 30 -14.61 4.06 -8.08
N TYR A 31 -13.45 3.42 -8.19
CA TYR A 31 -12.18 4.12 -8.03
C TYR A 31 -11.54 4.43 -9.38
N GLY A 32 -11.56 5.72 -9.74
CA GLY A 32 -10.97 6.13 -11.01
C GLY A 32 -9.56 6.65 -10.87
N THR A 33 -8.67 6.19 -11.74
CA THR A 33 -7.27 6.61 -11.71
C THR A 33 -6.47 5.97 -12.84
N ILE A 34 -6.10 4.71 -12.65
CA ILE A 34 -5.32 3.98 -13.63
C ILE A 34 -6.20 3.37 -14.72
N THR A 35 -5.62 3.24 -15.92
CA THR A 35 -6.32 2.66 -17.08
C THR A 35 -5.51 2.89 -18.35
N SER A 36 -4.79 4.01 -18.39
CA SER A 36 -3.98 4.35 -19.56
C SER A 36 -2.85 5.31 -19.20
N ALA A 37 -3.20 6.59 -19.06
CA ALA A 37 -2.23 7.62 -18.73
C ALA A 37 -1.38 7.23 -17.52
N ASN A 38 -2.01 6.59 -16.55
CA ASN A 38 -1.30 6.17 -15.34
C ASN A 38 -0.89 4.70 -15.43
N GLU A 39 -0.57 4.24 -16.63
CA GLU A 39 -0.16 2.86 -16.84
C GLU A 39 1.16 2.80 -17.60
N GLN A 40 1.99 3.81 -17.40
CA GLN A 40 3.30 3.88 -18.05
C GLN A 40 4.41 3.81 -17.00
N ILE A 41 4.18 4.48 -15.87
CA ILE A 41 5.14 4.50 -14.78
C ILE A 41 5.55 3.07 -14.37
N THR A 42 6.83 2.76 -14.51
CA THR A 42 7.34 1.45 -14.15
C THR A 42 7.58 1.36 -12.66
N PRO A 43 7.48 0.15 -12.07
CA PRO A 43 7.72 -0.03 -10.64
C PRO A 43 8.98 0.69 -10.18
N VAL A 44 9.88 0.93 -11.14
CA VAL A 44 11.14 1.63 -10.89
C VAL A 44 10.90 3.06 -10.47
N ILE A 45 10.05 3.78 -11.19
CA ILE A 45 9.76 5.17 -10.85
C ILE A 45 9.22 5.24 -9.43
N PHE A 46 8.48 4.21 -9.05
CA PHE A 46 7.93 4.12 -7.72
C PHE A 46 8.99 3.62 -6.76
N HIS A 47 9.76 2.63 -7.20
CA HIS A 47 10.81 2.06 -6.38
C HIS A 47 11.89 3.09 -6.12
N ASN A 48 12.04 4.02 -7.05
CA ASN A 48 13.02 5.08 -6.92
C ASN A 48 12.38 6.26 -6.20
N LEU A 49 11.07 6.37 -6.33
CA LEU A 49 10.32 7.41 -5.64
C LEU A 49 10.47 7.15 -4.15
N ILE A 50 9.98 5.98 -3.78
CA ILE A 50 10.06 5.49 -2.42
C ILE A 50 11.49 5.61 -1.91
N MET A 51 12.36 4.89 -2.58
CA MET A 51 13.79 4.84 -2.28
C MET A 51 14.46 6.22 -2.22
N ASP A 52 14.10 7.10 -3.15
CA ASP A 52 14.71 8.43 -3.21
C ASP A 52 13.96 9.50 -2.41
N MET A 53 12.69 9.25 -2.10
CA MET A 53 11.90 10.24 -1.37
C MET A 53 11.39 9.70 -0.04
N VAL A 54 10.73 8.54 -0.09
CA VAL A 54 10.19 7.93 1.11
C VAL A 54 11.27 7.41 2.05
N LEU A 55 12.08 6.48 1.56
CA LEU A 55 13.15 5.89 2.37
C LEU A 55 13.96 6.95 3.11
N PRO A 56 14.44 7.98 2.40
CA PRO A 56 15.21 9.07 3.02
C PRO A 56 14.35 9.95 3.92
N LYS A 57 13.07 9.60 4.06
CA LYS A 57 12.16 10.36 4.89
C LYS A 57 11.16 9.43 5.56
N VAL A 58 11.54 8.17 5.70
CA VAL A 58 10.69 7.17 6.32
C VAL A 58 10.89 7.14 7.82
N VAL A 59 9.97 6.47 8.50
CA VAL A 59 10.05 6.35 9.95
C VAL A 59 9.62 4.95 10.36
N PRO A 60 10.22 4.41 11.43
CA PRO A 60 9.88 3.07 11.92
C PRO A 60 8.53 3.03 12.61
N ILE A 61 7.68 3.99 12.28
CA ILE A 61 6.35 4.10 12.84
C ILE A 61 6.34 4.03 14.37
N LYS A 62 5.28 4.54 14.97
CA LYS A 62 5.15 4.54 16.42
C LYS A 62 3.73 4.13 16.81
N GLY A 63 2.75 4.70 16.12
CA GLY A 63 1.36 4.38 16.38
C GLY A 63 0.49 4.73 15.19
N ASN A 64 1.06 4.66 14.00
CA ASN A 64 0.34 4.98 12.77
C ASN A 64 0.40 3.81 11.79
N LYS A 65 1.58 3.58 11.23
CA LYS A 65 1.78 2.51 10.26
C LYS A 65 1.10 2.84 8.93
N VAL A 66 1.89 2.90 7.86
CA VAL A 66 1.37 3.21 6.54
C VAL A 66 1.08 4.70 6.41
N THR A 67 2.02 5.52 6.89
CA THR A 67 1.86 6.97 6.84
C THR A 67 2.15 7.52 5.45
N LYS A 68 1.35 8.49 5.02
CA LYS A 68 1.52 9.11 3.72
C LYS A 68 2.58 10.21 3.79
N MET A 69 3.56 10.14 2.90
CA MET A 69 4.63 11.12 2.87
C MET A 69 4.06 12.54 2.76
N SER A 70 2.97 12.67 2.02
CA SER A 70 2.32 13.97 1.84
C SER A 70 3.20 14.96 1.11
N MET A 71 4.15 14.46 0.33
CA MET A 71 5.04 15.32 -0.43
C MET A 71 4.66 15.36 -1.92
N ASN A 72 3.62 14.61 -2.27
CA ASN A 72 3.16 14.55 -3.66
C ASN A 72 4.29 14.10 -4.57
N LEU A 73 4.85 12.93 -4.26
CA LEU A 73 5.93 12.37 -5.05
C LEU A 73 5.50 12.14 -6.49
N ILE A 74 4.27 11.68 -6.65
CA ILE A 74 3.70 11.44 -7.98
C ILE A 74 2.21 11.71 -7.97
N ASP A 75 1.69 12.09 -9.13
CA ASP A 75 0.27 12.37 -9.27
C ASP A 75 -0.46 11.16 -9.82
N GLY A 76 -1.63 10.89 -9.27
CA GLY A 76 -2.41 9.74 -9.71
C GLY A 76 -2.50 8.67 -8.65
N PHE A 77 -1.46 8.53 -7.84
CA PHE A 77 -1.44 7.51 -6.79
C PHE A 77 -1.06 8.13 -5.44
N ASP A 78 -1.34 7.39 -4.36
CA ASP A 78 -1.03 7.84 -3.02
C ASP A 78 0.22 7.13 -2.49
N CYS A 79 1.16 7.90 -1.92
CA CYS A 79 2.40 7.34 -1.40
C CYS A 79 2.33 7.05 0.10
N PHE A 80 2.02 5.80 0.45
CA PHE A 80 1.94 5.39 1.85
C PHE A 80 3.08 4.45 2.20
N TYR A 81 3.74 4.70 3.34
CA TYR A 81 4.85 3.85 3.76
C TYR A 81 4.66 3.34 5.19
N SER A 82 5.00 2.08 5.42
CA SER A 82 4.88 1.46 6.73
C SER A 82 6.03 0.51 6.99
N THR A 83 6.74 0.70 8.10
CA THR A 83 7.86 -0.16 8.44
C THR A 83 7.38 -1.39 9.22
N ASP A 84 8.18 -2.45 9.20
CA ASP A 84 7.85 -3.68 9.90
C ASP A 84 7.50 -3.41 11.35
N ASP A 85 6.68 -4.28 11.94
CA ASP A 85 6.26 -4.12 13.32
C ASP A 85 7.41 -4.40 14.30
N HIS A 86 8.52 -4.92 13.79
CA HIS A 86 9.67 -5.22 14.64
C HIS A 86 10.96 -5.28 13.84
N ASP A 87 10.99 -4.64 12.68
CA ASP A 87 12.17 -4.63 11.83
C ASP A 87 12.25 -3.37 10.99
N PRO A 88 13.04 -2.37 11.41
CA PRO A 88 13.20 -1.11 10.67
C PRO A 88 13.89 -1.32 9.33
N LYS A 89 14.49 -2.50 9.14
CA LYS A 89 15.17 -2.83 7.90
C LYS A 89 14.25 -3.64 7.00
N THR A 90 12.95 -3.43 7.16
CA THR A 90 11.94 -4.12 6.37
C THR A 90 10.71 -3.25 6.26
N VAL A 91 10.82 -2.21 5.44
CA VAL A 91 9.73 -1.28 5.23
C VAL A 91 8.63 -1.88 4.38
N TYR A 92 7.58 -1.10 4.13
CA TYR A 92 6.45 -1.53 3.33
C TYR A 92 5.74 -0.32 2.73
N VAL A 93 6.04 -0.03 1.48
CA VAL A 93 5.45 1.11 0.79
C VAL A 93 4.40 0.66 -0.22
N CYS A 94 3.25 1.32 -0.19
CA CYS A 94 2.17 0.99 -1.11
C CYS A 94 1.64 2.25 -1.81
N PHE A 95 1.69 2.22 -3.14
CA PHE A 95 1.22 3.33 -3.95
C PHE A 95 -0.24 3.12 -4.31
N THR A 96 -1.15 3.57 -3.44
CA THR A 96 -2.57 3.40 -3.68
C THR A 96 -3.06 4.40 -4.73
N LEU A 97 -4.38 4.47 -4.90
CA LEU A 97 -4.97 5.38 -5.87
C LEU A 97 -5.61 6.57 -5.17
N VAL A 98 -5.22 7.78 -5.56
CA VAL A 98 -5.76 9.00 -4.96
C VAL A 98 -7.26 8.90 -4.73
N ASP A 99 -7.93 8.15 -5.58
CA ASP A 99 -9.38 7.95 -5.46
C ASP A 99 -9.70 6.78 -4.55
N ILE A 100 -8.91 6.61 -3.51
CA ILE A 100 -9.10 5.52 -2.55
C ILE A 100 -8.87 6.02 -1.12
N PRO A 101 -9.82 5.75 -0.20
CA PRO A 101 -9.70 6.17 1.19
C PRO A 101 -8.34 5.83 1.78
N LYS A 102 -7.91 6.63 2.76
CA LYS A 102 -6.63 6.41 3.42
C LYS A 102 -6.77 5.36 4.51
N ILE A 103 -7.21 4.17 4.13
CA ILE A 103 -7.38 3.08 5.07
C ILE A 103 -7.04 1.72 4.46
N LEU A 104 -7.33 1.54 3.17
CA LEU A 104 -7.01 0.27 2.52
C LEU A 104 -5.50 0.04 2.56
N PRO A 105 -4.70 0.92 1.92
CA PRO A 105 -3.25 0.81 1.90
C PRO A 105 -2.70 0.53 3.30
N ILE A 106 -3.35 1.11 4.29
CA ILE A 106 -2.96 0.92 5.68
C ILE A 106 -3.12 -0.54 6.07
N ARG A 107 -4.21 -1.14 5.61
CA ARG A 107 -4.48 -2.54 5.90
C ARG A 107 -3.68 -3.45 4.99
N ILE A 108 -3.20 -2.90 3.86
CA ILE A 108 -2.40 -3.68 2.91
C ILE A 108 -1.05 -4.04 3.52
N LEU A 109 -0.36 -3.03 4.07
CA LEU A 109 0.93 -3.25 4.69
C LEU A 109 0.73 -3.98 6.01
N SER A 110 -0.17 -3.46 6.84
CA SER A 110 -0.47 -4.10 8.11
C SER A 110 -1.02 -5.50 7.85
N GLY A 111 -1.64 -5.66 6.68
CA GLY A 111 -2.18 -6.94 6.29
C GLY A 111 -1.09 -7.86 5.79
N LEU A 112 -0.17 -7.31 4.99
CA LEU A 112 0.94 -8.10 4.48
C LEU A 112 1.74 -8.64 5.66
N GLN A 113 1.69 -7.91 6.77
CA GLN A 113 2.37 -8.31 7.99
C GLN A 113 1.59 -9.43 8.68
N GLU A 114 0.32 -9.56 8.33
CA GLU A 114 -0.52 -10.60 8.93
C GLU A 114 -0.13 -11.97 8.37
N TYR A 115 0.49 -11.97 7.18
CA TYR A 115 0.90 -13.21 6.56
C TYR A 115 2.26 -13.67 7.11
N GLU A 116 3.34 -13.28 6.42
CA GLU A 116 4.71 -13.64 6.85
C GLU A 116 5.68 -13.60 5.66
N SER A 117 5.15 -13.73 4.45
CA SER A 117 5.97 -13.73 3.25
C SER A 117 6.08 -12.33 2.64
N ASN A 118 5.18 -12.02 1.72
CA ASN A 118 5.18 -10.72 1.03
C ASN A 118 6.61 -10.29 0.68
N ALA A 119 7.46 -11.28 0.41
CA ALA A 119 8.86 -11.02 0.09
C ALA A 119 9.22 -11.32 -1.36
N THR A 120 8.28 -11.11 -2.28
CA THR A 120 8.55 -11.36 -3.69
C THR A 120 7.74 -10.42 -4.57
N ASN A 121 8.23 -10.17 -5.77
CA ASN A 121 7.54 -9.29 -6.71
C ASN A 121 6.31 -9.97 -7.30
N GLU A 122 5.79 -10.96 -6.61
CA GLU A 122 4.62 -11.67 -7.06
C GLU A 122 4.05 -12.50 -5.92
N LEU A 123 4.32 -12.06 -4.69
CA LEU A 123 3.84 -12.75 -3.52
C LEU A 123 3.10 -11.79 -2.62
N LEU A 124 3.73 -10.66 -2.32
CA LEU A 124 3.10 -9.64 -1.50
C LEU A 124 1.78 -9.25 -2.14
N SER A 125 1.80 -9.07 -3.46
CA SER A 125 0.60 -8.72 -4.21
C SER A 125 -0.55 -9.65 -3.80
N SER A 126 -0.20 -10.87 -3.42
CA SER A 126 -1.18 -11.86 -3.02
C SER A 126 -1.95 -11.41 -1.80
N HIS A 127 -1.22 -11.10 -0.74
CA HIS A 127 -1.85 -10.65 0.48
C HIS A 127 -2.64 -9.38 0.22
N VAL A 128 -2.12 -8.54 -0.66
CA VAL A 128 -2.82 -7.30 -0.98
C VAL A 128 -4.25 -7.60 -1.42
N GLY A 129 -4.41 -8.59 -2.29
CA GLY A 129 -5.74 -8.95 -2.74
C GLY A 129 -6.53 -9.70 -1.69
N GLN A 130 -5.88 -10.65 -1.02
CA GLN A 130 -6.53 -11.44 0.02
C GLN A 130 -6.83 -10.58 1.25
N ILE A 131 -6.10 -9.47 1.38
CA ILE A 131 -6.30 -8.55 2.48
C ILE A 131 -7.34 -7.50 2.09
N LEU A 132 -7.42 -7.26 0.78
CA LEU A 132 -8.37 -6.32 0.22
C LEU A 132 -9.80 -6.79 0.46
N ASP A 133 -10.05 -8.07 0.16
CA ASP A 133 -11.37 -8.65 0.35
C ASP A 133 -11.75 -8.65 1.82
N SER A 134 -10.81 -9.05 2.67
CA SER A 134 -11.03 -9.08 4.10
C SER A 134 -10.98 -7.67 4.69
N PHE A 135 -10.56 -6.71 3.88
CA PHE A 135 -10.46 -5.33 4.32
C PHE A 135 -11.76 -4.85 4.97
N HIS A 136 -12.86 -4.94 4.22
CA HIS A 136 -14.16 -4.53 4.73
C HIS A 136 -14.53 -5.30 5.98
N GLU A 137 -14.24 -6.61 5.96
CA GLU A 137 -14.53 -7.46 7.11
C GLU A 137 -13.94 -6.86 8.38
N GLU A 138 -12.83 -6.15 8.22
CA GLU A 138 -12.16 -5.51 9.34
C GLU A 138 -12.90 -4.22 9.71
N LEU A 139 -13.42 -3.54 8.69
CA LEU A 139 -14.17 -2.31 8.91
C LEU A 139 -15.47 -2.60 9.64
N VAL A 140 -16.00 -3.80 9.42
CA VAL A 140 -17.23 -4.23 10.05
C VAL A 140 -16.94 -4.65 11.48
N GLU A 141 -15.92 -5.49 11.62
CA GLU A 141 -15.50 -5.97 12.91
C GLU A 141 -15.00 -4.81 13.77
N TYR A 142 -14.44 -3.80 13.11
CA TYR A 142 -13.93 -2.62 13.79
C TYR A 142 -15.06 -1.87 14.47
N ARG A 143 -16.24 -1.91 13.86
CA ARG A 143 -17.41 -1.23 14.40
C ARG A 143 -17.76 -1.79 15.79
N ASN A 144 -17.42 -3.05 16.02
CA ASN A 144 -17.69 -3.68 17.30
C ASN A 144 -16.40 -4.18 17.96
N GLN A 145 -15.73 -3.28 18.67
CA GLN A 145 -14.48 -3.62 19.35
C GLN A 145 -14.11 -2.57 20.39
N THR A 146 -13.57 -1.45 19.93
CA THR A 146 -13.18 -0.37 20.81
C THR A 146 -14.12 0.82 20.67
N LEU A 147 -15.41 0.54 20.53
CA LEU A 147 -16.42 1.58 20.39
C LEU A 147 -17.48 1.49 21.48
N ASN A 148 -17.76 2.62 22.13
CA ASN A 148 -18.75 2.64 23.20
C ASN A 148 -20.17 2.68 22.62
N SER A 149 -20.33 3.31 21.47
CA SER A 149 -21.62 3.41 20.82
C SER A 149 -21.51 3.03 19.35
N MET A 1 -19.72 -1.52 0.05
CA MET A 1 -19.76 -1.67 -1.43
C MET A 1 -18.51 -1.07 -2.08
N LYS A 2 -18.43 -1.16 -3.41
CA LYS A 2 -17.30 -0.63 -4.14
C LYS A 2 -16.00 -1.31 -3.70
N ARG A 3 -15.58 -2.32 -4.46
CA ARG A 3 -14.36 -3.05 -4.15
C ARG A 3 -13.15 -2.12 -4.14
N PHE A 4 -11.96 -2.69 -3.99
CA PHE A 4 -10.73 -1.92 -3.97
C PHE A 4 -9.57 -2.71 -4.53
N ASN A 5 -8.52 -2.01 -4.97
CA ASN A 5 -7.34 -2.65 -5.54
C ASN A 5 -6.13 -1.73 -5.45
N VAL A 6 -5.14 -2.12 -4.64
CA VAL A 6 -3.93 -1.33 -4.48
C VAL A 6 -3.22 -1.14 -5.81
N SER A 7 -2.70 0.08 -6.02
CA SER A 7 -2.00 0.41 -7.25
C SER A 7 -0.65 -0.28 -7.34
N TYR A 8 0.22 -0.01 -6.37
CA TYR A 8 1.54 -0.60 -6.36
C TYR A 8 2.07 -0.81 -4.94
N VAL A 9 2.27 -2.06 -4.55
CA VAL A 9 2.78 -2.36 -3.23
C VAL A 9 4.22 -2.83 -3.28
N GLU A 10 5.15 -1.90 -3.13
CA GLU A 10 6.58 -2.24 -3.18
C GLU A 10 7.18 -2.32 -1.78
N VAL A 11 7.62 -3.51 -1.41
CA VAL A 11 8.25 -3.70 -0.11
C VAL A 11 9.71 -3.29 -0.22
N ILE A 12 10.35 -3.03 0.92
CA ILE A 12 11.73 -2.60 0.90
C ILE A 12 12.53 -3.20 2.05
N LYS A 13 13.58 -3.95 1.72
CA LYS A 13 14.42 -4.56 2.74
C LYS A 13 15.77 -3.85 2.86
N ASN A 14 15.89 -2.95 3.83
CA ASN A 14 17.14 -2.22 4.07
C ASN A 14 17.45 -1.23 2.94
N GLY A 15 16.41 -0.58 2.42
CA GLY A 15 16.62 0.38 1.36
C GLY A 15 16.68 -0.27 -0.01
N GLU A 16 16.18 -1.49 -0.11
CA GLU A 16 16.17 -2.21 -1.37
C GLU A 16 14.91 -3.05 -1.48
N THR A 17 14.10 -2.77 -2.48
CA THR A 17 12.85 -3.48 -2.68
C THR A 17 13.03 -4.99 -2.64
N ILE A 18 12.18 -5.65 -1.85
CA ILE A 18 12.18 -7.09 -1.73
C ILE A 18 11.01 -7.67 -2.52
N SER A 19 9.88 -6.99 -2.38
CA SER A 19 8.65 -7.41 -3.04
C SER A 19 8.04 -6.25 -3.84
N SER A 20 6.97 -6.54 -4.57
CA SER A 20 6.30 -5.52 -5.37
C SER A 20 4.97 -6.02 -5.92
N CYS A 21 3.95 -5.18 -5.81
CA CYS A 21 2.61 -5.50 -6.31
C CYS A 21 2.16 -4.45 -7.33
N PHE A 22 2.81 -4.46 -8.48
CA PHE A 22 2.50 -3.49 -9.53
C PHE A 22 1.75 -4.16 -10.67
N GLN A 23 0.42 -4.18 -10.54
CA GLN A 23 -0.42 -4.81 -11.56
C GLN A 23 -1.53 -3.86 -12.03
N PRO A 24 -1.80 -3.84 -13.34
CA PRO A 24 -2.85 -2.99 -13.92
C PRO A 24 -4.24 -3.53 -13.64
N PHE A 25 -5.27 -2.84 -14.13
CA PHE A 25 -6.64 -3.28 -13.93
C PHE A 25 -7.64 -2.28 -14.51
N GLN A 26 -7.26 -1.00 -14.55
CA GLN A 26 -8.15 0.04 -15.08
C GLN A 26 -9.27 0.34 -14.09
N LYS A 27 -9.36 1.61 -13.69
CA LYS A 27 -10.38 2.04 -12.74
C LYS A 27 -11.78 1.59 -13.20
N ASN A 28 -12.07 1.82 -14.47
CA ASN A 28 -13.36 1.46 -15.04
C ASN A 28 -14.48 2.34 -14.48
N GLU A 29 -14.74 2.21 -13.19
CA GLU A 29 -15.77 2.99 -12.53
C GLU A 29 -15.54 3.05 -11.03
N ASN A 30 -15.23 1.90 -10.43
CA ASN A 30 -14.99 1.83 -9.00
C ASN A 30 -13.83 2.75 -8.60
N TYR A 31 -13.55 2.81 -7.30
CA TYR A 31 -12.47 3.65 -6.78
C TYR A 31 -11.14 3.27 -7.41
N GLY A 32 -10.60 4.14 -8.24
CA GLY A 32 -9.32 3.87 -8.89
C GLY A 32 -8.80 5.03 -9.69
N THR A 33 -7.81 4.77 -10.55
CA THR A 33 -7.22 5.80 -11.38
C THR A 33 -6.54 5.20 -12.60
N ILE A 34 -5.79 4.12 -12.38
CA ILE A 34 -5.09 3.43 -13.45
C ILE A 34 -6.04 3.04 -14.57
N THR A 35 -5.51 2.91 -15.78
CA THR A 35 -6.30 2.52 -16.95
C THR A 35 -5.48 2.70 -18.24
N SER A 36 -4.59 3.69 -18.23
CA SER A 36 -3.75 3.96 -19.39
C SER A 36 -2.82 5.14 -19.12
N ALA A 37 -3.41 6.30 -18.84
CA ALA A 37 -2.64 7.50 -18.57
C ALA A 37 -1.67 7.30 -17.41
N ASN A 38 -2.04 6.42 -16.48
CA ASN A 38 -1.21 6.14 -15.32
C ASN A 38 -0.75 4.68 -15.31
N GLU A 39 -0.57 4.11 -16.50
CA GLU A 39 -0.13 2.73 -16.62
C GLU A 39 1.10 2.62 -17.51
N GLN A 40 1.91 3.68 -17.53
CA GLN A 40 3.12 3.71 -18.33
C GLN A 40 4.34 3.69 -17.41
N ILE A 41 4.22 4.40 -16.30
CA ILE A 41 5.28 4.48 -15.30
C ILE A 41 5.76 3.07 -14.90
N THR A 42 7.06 2.93 -14.68
CA THR A 42 7.64 1.65 -14.31
C THR A 42 7.82 1.56 -12.79
N PRO A 43 7.79 0.33 -12.22
CA PRO A 43 7.98 0.15 -10.78
C PRO A 43 9.18 0.95 -10.29
N VAL A 44 10.12 1.16 -11.19
CA VAL A 44 11.32 1.95 -10.92
C VAL A 44 10.96 3.36 -10.51
N ILE A 45 9.95 3.91 -11.19
CA ILE A 45 9.48 5.25 -10.90
C ILE A 45 9.07 5.36 -9.45
N PHE A 46 8.30 4.37 -9.01
CA PHE A 46 7.85 4.31 -7.63
C PHE A 46 9.00 3.88 -6.75
N HIS A 47 9.80 2.94 -7.27
CA HIS A 47 10.95 2.43 -6.52
C HIS A 47 11.96 3.56 -6.28
N ASN A 48 12.00 4.50 -7.20
CA ASN A 48 12.91 5.63 -7.08
C ASN A 48 12.24 6.74 -6.27
N LEU A 49 10.91 6.78 -6.35
CA LEU A 49 10.14 7.74 -5.57
C LEU A 49 10.36 7.43 -4.12
N ILE A 50 9.95 6.24 -3.76
CA ILE A 50 10.11 5.70 -2.42
C ILE A 50 11.54 5.91 -1.94
N MET A 51 12.45 5.29 -2.68
CA MET A 51 13.87 5.33 -2.40
C MET A 51 14.45 6.75 -2.35
N ASP A 52 14.01 7.61 -3.26
CA ASP A 52 14.51 8.99 -3.32
C ASP A 52 13.70 9.98 -2.50
N MET A 53 12.50 9.60 -2.08
CA MET A 53 11.64 10.51 -1.31
C MET A 53 11.21 9.91 0.02
N VAL A 54 10.58 8.75 -0.03
CA VAL A 54 10.09 8.07 1.17
C VAL A 54 11.24 7.64 2.09
N LEU A 55 12.13 6.81 1.58
CA LEU A 55 13.24 6.30 2.36
C LEU A 55 14.05 7.41 3.04
N PRO A 56 14.46 8.44 2.29
CA PRO A 56 15.22 9.56 2.84
C PRO A 56 14.45 10.34 3.90
N LYS A 57 13.19 9.95 4.15
CA LYS A 57 12.37 10.61 5.14
C LYS A 57 11.43 9.62 5.81
N VAL A 58 11.80 8.35 5.76
CA VAL A 58 11.00 7.29 6.36
C VAL A 58 11.20 7.24 7.87
N VAL A 59 10.30 6.55 8.53
CA VAL A 59 10.36 6.40 9.97
C VAL A 59 9.82 5.04 10.38
N PRO A 60 10.37 4.45 11.45
CA PRO A 60 9.92 3.14 11.91
C PRO A 60 8.59 3.20 12.65
N ILE A 61 7.81 4.22 12.34
CA ILE A 61 6.49 4.42 12.93
C ILE A 61 6.54 4.36 14.47
N LYS A 62 5.51 4.94 15.10
CA LYS A 62 5.43 4.94 16.56
C LYS A 62 4.12 4.31 17.03
N GLY A 63 3.04 4.62 16.33
CA GLY A 63 1.75 4.07 16.68
C GLY A 63 0.71 4.30 15.59
N ASN A 64 1.14 4.15 14.34
CA ASN A 64 0.25 4.35 13.20
C ASN A 64 0.44 3.25 12.15
N LYS A 65 1.65 3.16 11.62
CA LYS A 65 1.98 2.16 10.60
C LYS A 65 1.34 2.54 9.27
N VAL A 66 2.15 2.55 8.20
CA VAL A 66 1.65 2.90 6.87
C VAL A 66 1.40 4.40 6.77
N THR A 67 2.39 5.19 7.17
CA THR A 67 2.25 6.65 7.14
C THR A 67 2.45 7.19 5.73
N LYS A 68 1.50 8.03 5.29
CA LYS A 68 1.57 8.62 3.96
C LYS A 68 2.53 9.80 3.96
N MET A 69 3.43 9.83 2.99
CA MET A 69 4.41 10.90 2.89
C MET A 69 3.73 12.27 2.81
N SER A 70 2.53 12.29 2.24
CA SER A 70 1.77 13.53 2.09
C SER A 70 2.58 14.57 1.33
N MET A 71 3.46 14.09 0.46
CA MET A 71 4.30 14.98 -0.34
C MET A 71 3.87 14.97 -1.81
N ASN A 72 2.98 14.04 -2.16
CA ASN A 72 2.51 13.92 -3.54
C ASN A 72 3.66 13.59 -4.47
N LEU A 73 4.30 12.45 -4.22
CA LEU A 73 5.42 12.01 -5.04
C LEU A 73 4.99 11.81 -6.48
N ILE A 74 3.90 11.09 -6.66
CA ILE A 74 3.37 10.81 -7.99
C ILE A 74 1.88 11.15 -8.05
N ASP A 75 1.39 11.45 -9.24
CA ASP A 75 0.00 11.78 -9.44
C ASP A 75 -0.79 10.56 -9.88
N GLY A 76 -2.00 10.42 -9.35
CA GLY A 76 -2.83 9.29 -9.70
C GLY A 76 -2.96 8.29 -8.56
N PHE A 77 -1.91 8.18 -7.75
CA PHE A 77 -1.93 7.25 -6.61
C PHE A 77 -1.41 7.91 -5.35
N ASP A 78 -1.61 7.25 -4.21
CA ASP A 78 -1.15 7.76 -2.92
C ASP A 78 0.03 6.95 -2.41
N CYS A 79 0.97 7.59 -1.72
CA CYS A 79 2.17 6.91 -1.22
C CYS A 79 2.18 6.78 0.31
N PHE A 80 2.20 5.53 0.77
CA PHE A 80 2.25 5.23 2.20
C PHE A 80 3.41 4.28 2.51
N TYR A 81 4.12 4.54 3.60
CA TYR A 81 5.26 3.69 3.98
C TYR A 81 5.09 3.14 5.39
N SER A 82 5.34 1.84 5.54
CA SER A 82 5.23 1.18 6.83
C SER A 82 6.42 0.23 7.07
N THR A 83 7.20 0.51 8.11
CA THR A 83 8.35 -0.33 8.43
C THR A 83 7.91 -1.57 9.17
N ASP A 84 8.70 -2.65 9.05
CA ASP A 84 8.39 -3.90 9.71
C ASP A 84 8.11 -3.69 11.19
N ASP A 85 7.20 -4.51 11.73
CA ASP A 85 6.82 -4.42 13.14
C ASP A 85 8.03 -4.52 14.07
N HIS A 86 9.12 -5.11 13.58
CA HIS A 86 10.32 -5.27 14.39
C HIS A 86 11.58 -5.36 13.53
N ASP A 87 11.51 -4.82 12.32
CA ASP A 87 12.64 -4.84 11.40
C ASP A 87 12.69 -3.56 10.57
N PRO A 88 13.47 -2.56 11.01
CA PRO A 88 13.61 -1.30 10.29
C PRO A 88 14.24 -1.48 8.92
N LYS A 89 14.84 -2.66 8.70
CA LYS A 89 15.47 -2.96 7.42
C LYS A 89 14.51 -3.77 6.55
N THR A 90 13.22 -3.55 6.77
CA THR A 90 12.17 -4.24 6.02
C THR A 90 10.93 -3.37 5.97
N VAL A 91 11.03 -2.30 5.20
CA VAL A 91 9.94 -1.36 5.04
C VAL A 91 8.82 -1.95 4.20
N TYR A 92 7.74 -1.19 4.04
CA TYR A 92 6.59 -1.61 3.26
C TYR A 92 5.89 -0.40 2.66
N VAL A 93 6.25 -0.05 1.43
CA VAL A 93 5.65 1.09 0.77
C VAL A 93 4.49 0.66 -0.13
N CYS A 94 3.31 1.19 0.16
CA CYS A 94 2.12 0.87 -0.60
C CYS A 94 1.62 2.08 -1.39
N PHE A 95 1.24 1.84 -2.64
CA PHE A 95 0.72 2.88 -3.50
C PHE A 95 -0.74 2.63 -3.79
N THR A 96 -1.61 3.32 -3.07
CA THR A 96 -3.04 3.15 -3.25
C THR A 96 -3.64 4.32 -4.02
N LEU A 97 -4.33 4.00 -5.11
CA LEU A 97 -4.97 5.00 -5.95
C LEU A 97 -5.60 6.10 -5.11
N VAL A 98 -5.38 7.36 -5.51
CA VAL A 98 -5.91 8.51 -4.77
C VAL A 98 -7.38 8.30 -4.40
N ASP A 99 -8.09 7.54 -5.23
CA ASP A 99 -9.51 7.26 -4.98
C ASP A 99 -9.67 6.45 -3.71
N ILE A 100 -8.64 5.67 -3.38
CA ILE A 100 -8.64 4.85 -2.18
C ILE A 100 -8.63 5.70 -0.92
N PRO A 101 -9.48 5.38 0.08
CA PRO A 101 -9.53 6.13 1.33
C PRO A 101 -8.19 6.08 2.06
N LYS A 102 -8.22 6.36 3.37
CA LYS A 102 -7.02 6.34 4.18
C LYS A 102 -7.07 5.22 5.20
N ILE A 103 -7.10 3.98 4.72
CA ILE A 103 -7.17 2.82 5.60
C ILE A 103 -6.75 1.54 4.90
N LEU A 104 -7.09 1.40 3.61
CA LEU A 104 -6.72 0.20 2.87
C LEU A 104 -5.20 0.03 2.88
N PRO A 105 -4.45 1.00 2.32
CA PRO A 105 -2.99 0.95 2.29
C PRO A 105 -2.43 0.54 3.64
N ILE A 106 -3.10 1.02 4.69
CA ILE A 106 -2.72 0.72 6.05
C ILE A 106 -2.96 -0.75 6.35
N ARG A 107 -4.05 -1.28 5.80
CA ARG A 107 -4.40 -2.69 5.98
C ARG A 107 -3.59 -3.57 5.03
N ILE A 108 -3.14 -2.99 3.92
CA ILE A 108 -2.35 -3.75 2.95
C ILE A 108 -1.00 -4.14 3.54
N LEU A 109 -0.27 -3.14 4.04
CA LEU A 109 1.03 -3.39 4.66
C LEU A 109 0.84 -4.13 5.97
N SER A 110 0.00 -3.58 6.84
CA SER A 110 -0.28 -4.21 8.12
C SER A 110 -0.89 -5.59 7.87
N GLY A 111 -1.56 -5.73 6.74
CA GLY A 111 -2.16 -6.99 6.37
C GLY A 111 -1.12 -7.98 5.91
N LEU A 112 -0.20 -7.52 5.04
CA LEU A 112 0.87 -8.38 4.56
C LEU A 112 1.65 -8.94 5.75
N GLN A 113 1.70 -8.14 6.81
CA GLN A 113 2.38 -8.55 8.04
C GLN A 113 1.51 -9.54 8.81
N GLU A 114 0.22 -9.62 8.46
CA GLU A 114 -0.69 -10.54 9.12
C GLU A 114 -0.44 -11.96 8.64
N TYR A 115 0.10 -12.10 7.44
CA TYR A 115 0.38 -13.41 6.88
C TYR A 115 1.74 -13.92 7.37
N GLU A 116 2.80 -13.67 6.59
CA GLU A 116 4.15 -14.10 6.92
C GLU A 116 5.04 -14.02 5.68
N SER A 117 4.44 -14.20 4.52
CA SER A 117 5.17 -14.15 3.25
C SER A 117 4.77 -12.92 2.43
N ASN A 118 5.78 -12.14 2.08
CA ASN A 118 5.59 -10.93 1.30
C ASN A 118 6.94 -10.42 0.85
N ALA A 119 7.83 -11.35 0.54
CA ALA A 119 9.18 -10.99 0.13
C ALA A 119 9.46 -11.27 -1.35
N THR A 120 8.46 -11.10 -2.20
CA THR A 120 8.66 -11.32 -3.63
C THR A 120 7.85 -10.34 -4.46
N ASN A 121 8.30 -10.07 -5.68
CA ASN A 121 7.59 -9.16 -6.56
C ASN A 121 6.34 -9.80 -7.14
N GLU A 122 5.86 -10.85 -6.49
CA GLU A 122 4.66 -11.54 -6.94
C GLU A 122 4.11 -12.37 -5.81
N LEU A 123 4.42 -11.97 -4.57
CA LEU A 123 3.95 -12.69 -3.40
C LEU A 123 3.18 -11.75 -2.51
N LEU A 124 3.84 -10.68 -2.08
CA LEU A 124 3.20 -9.69 -1.25
C LEU A 124 1.89 -9.26 -1.90
N SER A 125 1.97 -9.03 -3.21
CA SER A 125 0.80 -8.64 -3.99
C SER A 125 -0.37 -9.57 -3.70
N SER A 126 -0.05 -10.82 -3.37
CA SER A 126 -1.07 -11.82 -3.08
C SER A 126 -1.89 -11.44 -1.87
N HIS A 127 -1.22 -11.30 -0.74
CA HIS A 127 -1.89 -10.93 0.49
C HIS A 127 -2.58 -9.60 0.33
N VAL A 128 -2.00 -8.72 -0.49
CA VAL A 128 -2.62 -7.42 -0.73
C VAL A 128 -4.04 -7.61 -1.22
N GLY A 129 -4.22 -8.51 -2.19
CA GLY A 129 -5.56 -8.76 -2.71
C GLY A 129 -6.45 -9.42 -1.69
N GLN A 130 -5.90 -10.42 -0.98
CA GLN A 130 -6.67 -11.12 0.05
C GLN A 130 -6.93 -10.22 1.25
N ILE A 131 -6.11 -9.18 1.40
CA ILE A 131 -6.26 -8.22 2.47
C ILE A 131 -7.15 -7.07 1.99
N LEU A 132 -7.13 -6.87 0.67
CA LEU A 132 -7.92 -5.82 0.03
C LEU A 132 -9.41 -6.12 0.18
N ASP A 133 -9.82 -7.33 -0.21
CA ASP A 133 -11.22 -7.73 -0.12
C ASP A 133 -11.64 -7.94 1.33
N SER A 134 -10.70 -8.40 2.15
CA SER A 134 -10.99 -8.64 3.57
C SER A 134 -10.57 -7.44 4.41
N PHE A 135 -10.51 -6.27 3.79
CA PHE A 135 -10.14 -5.04 4.48
C PHE A 135 -11.37 -4.23 4.85
N HIS A 136 -12.30 -4.13 3.91
CA HIS A 136 -13.53 -3.37 4.13
C HIS A 136 -14.46 -4.12 5.09
N GLU A 137 -14.48 -5.45 4.98
CA GLU A 137 -15.32 -6.26 5.84
C GLU A 137 -15.06 -5.92 7.31
N GLU A 138 -13.84 -5.48 7.60
CA GLU A 138 -13.48 -5.09 8.96
C GLU A 138 -14.01 -3.70 9.27
N LEU A 139 -14.00 -2.83 8.27
CA LEU A 139 -14.49 -1.46 8.44
C LEU A 139 -16.00 -1.47 8.64
N VAL A 140 -16.66 -2.45 8.03
CA VAL A 140 -18.10 -2.59 8.14
C VAL A 140 -18.45 -3.17 9.50
N GLU A 141 -17.75 -4.24 9.83
CA GLU A 141 -17.95 -4.91 11.10
C GLU A 141 -17.57 -3.98 12.25
N TYR A 142 -16.60 -3.10 11.98
CA TYR A 142 -16.13 -2.14 12.97
C TYR A 142 -17.22 -1.11 13.26
N ARG A 143 -18.16 -0.96 12.34
CA ARG A 143 -19.25 0.00 12.51
C ARG A 143 -20.45 -0.64 13.23
N ASN A 144 -20.23 -1.78 13.86
CA ASN A 144 -21.29 -2.47 14.58
C ASN A 144 -20.71 -3.45 15.61
N GLN A 145 -19.53 -3.12 16.12
CA GLN A 145 -18.87 -3.96 17.11
C GLN A 145 -18.77 -3.26 18.46
N THR A 146 -18.56 -1.95 18.42
CA THR A 146 -18.45 -1.15 19.64
C THR A 146 -19.08 0.23 19.44
N LEU A 147 -20.39 0.30 19.63
CA LEU A 147 -21.11 1.56 19.47
C LEU A 147 -22.20 1.70 20.53
N ASN A 148 -21.89 2.41 21.60
CA ASN A 148 -22.83 2.61 22.69
C ASN A 148 -23.01 4.10 22.98
N SER A 149 -23.84 4.76 22.18
CA SER A 149 -24.09 6.19 22.36
C SER A 149 -25.39 6.42 23.12
N MET A 1 -18.75 -4.82 2.01
CA MET A 1 -19.47 -4.25 0.83
C MET A 1 -18.52 -3.44 -0.05
N LYS A 2 -18.58 -3.68 -1.35
CA LYS A 2 -17.73 -2.97 -2.30
C LYS A 2 -16.26 -3.28 -2.04
N ARG A 3 -15.60 -3.86 -3.04
CA ARG A 3 -14.18 -4.20 -2.92
C ARG A 3 -13.31 -3.06 -3.42
N PHE A 4 -11.99 -3.20 -3.24
CA PHE A 4 -11.04 -2.18 -3.67
C PHE A 4 -9.90 -2.80 -4.45
N ASN A 5 -8.90 -1.99 -4.77
CA ASN A 5 -7.73 -2.47 -5.51
C ASN A 5 -6.55 -1.53 -5.33
N VAL A 6 -5.52 -2.02 -4.65
CA VAL A 6 -4.30 -1.24 -4.42
C VAL A 6 -3.50 -1.09 -5.71
N SER A 7 -3.07 0.12 -6.00
CA SER A 7 -2.30 0.40 -7.20
C SER A 7 -0.98 -0.38 -7.24
N TYR A 8 -0.11 -0.10 -6.28
CA TYR A 8 1.18 -0.77 -6.23
C TYR A 8 1.62 -1.00 -4.79
N VAL A 9 2.21 -2.17 -4.52
CA VAL A 9 2.69 -2.49 -3.17
C VAL A 9 4.12 -2.96 -3.22
N GLU A 10 5.06 -2.02 -3.08
CA GLU A 10 6.48 -2.35 -3.12
C GLU A 10 7.08 -2.43 -1.72
N VAL A 11 7.54 -3.63 -1.37
CA VAL A 11 8.17 -3.84 -0.07
C VAL A 11 9.62 -3.41 -0.14
N ILE A 12 10.23 -3.11 0.99
CA ILE A 12 11.61 -2.67 1.02
C ILE A 12 12.39 -3.26 2.19
N LYS A 13 13.44 -4.00 1.89
CA LYS A 13 14.26 -4.60 2.94
C LYS A 13 15.59 -3.86 3.09
N ASN A 14 15.66 -2.98 4.10
CA ASN A 14 16.88 -2.22 4.37
C ASN A 14 17.22 -1.27 3.24
N GLY A 15 16.21 -0.63 2.66
CA GLY A 15 16.44 0.30 1.58
C GLY A 15 16.61 -0.41 0.25
N GLU A 16 16.09 -1.63 0.18
CA GLU A 16 16.18 -2.42 -1.04
C GLU A 16 14.89 -3.20 -1.25
N THR A 17 14.20 -2.88 -2.33
CA THR A 17 12.93 -3.54 -2.64
C THR A 17 13.05 -5.06 -2.60
N ILE A 18 12.18 -5.69 -1.81
CA ILE A 18 12.16 -7.15 -1.68
C ILE A 18 11.00 -7.71 -2.47
N SER A 19 9.85 -7.05 -2.33
CA SER A 19 8.63 -7.49 -3.01
C SER A 19 8.00 -6.35 -3.81
N SER A 20 6.91 -6.65 -4.51
CA SER A 20 6.22 -5.65 -5.31
C SER A 20 4.89 -6.18 -5.84
N CYS A 21 3.87 -5.33 -5.80
CA CYS A 21 2.55 -5.68 -6.28
C CYS A 21 2.03 -4.60 -7.21
N PHE A 22 2.60 -4.55 -8.42
CA PHE A 22 2.22 -3.55 -9.40
C PHE A 22 1.41 -4.18 -10.52
N GLN A 23 0.09 -4.22 -10.32
CA GLN A 23 -0.81 -4.79 -11.31
C GLN A 23 -1.51 -3.70 -12.13
N PRO A 24 -1.42 -3.78 -13.47
CA PRO A 24 -2.06 -2.80 -14.35
C PRO A 24 -3.57 -3.00 -14.45
N PHE A 25 -4.28 -1.90 -14.65
CA PHE A 25 -5.74 -1.95 -14.76
C PHE A 25 -6.32 -0.57 -15.02
N GLN A 26 -7.46 -0.52 -15.70
CA GLN A 26 -8.11 0.75 -16.01
C GLN A 26 -9.31 0.96 -15.10
N LYS A 27 -9.06 1.06 -13.80
CA LYS A 27 -10.11 1.27 -12.79
C LYS A 27 -11.36 0.46 -13.09
N ASN A 28 -12.43 0.73 -12.35
CA ASN A 28 -13.69 0.01 -12.55
C ASN A 28 -14.87 0.82 -12.00
N GLU A 29 -15.26 1.85 -12.74
CA GLU A 29 -16.38 2.70 -12.34
C GLU A 29 -16.11 3.38 -11.00
N ASN A 30 -16.35 2.65 -9.91
CA ASN A 30 -16.13 3.19 -8.56
C ASN A 30 -14.68 3.02 -8.13
N TYR A 31 -14.34 1.82 -7.67
CA TYR A 31 -12.98 1.55 -7.22
C TYR A 31 -12.01 1.53 -8.39
N GLY A 32 -10.88 2.23 -8.23
CA GLY A 32 -9.89 2.28 -9.28
C GLY A 32 -9.68 3.69 -9.81
N THR A 33 -8.54 3.93 -10.43
CA THR A 33 -8.23 5.25 -10.98
C THR A 33 -7.43 5.13 -12.28
N ILE A 34 -6.45 4.23 -12.29
CA ILE A 34 -5.62 4.02 -13.47
C ILE A 34 -6.47 3.64 -14.68
N THR A 35 -5.94 3.92 -15.88
CA THR A 35 -6.63 3.58 -17.12
C THR A 35 -5.76 3.92 -18.34
N SER A 36 -5.77 5.17 -18.77
CA SER A 36 -4.97 5.59 -19.91
C SER A 36 -4.22 6.88 -19.62
N ALA A 37 -3.31 6.81 -18.65
CA ALA A 37 -2.52 7.99 -18.27
C ALA A 37 -1.56 7.64 -17.13
N ASN A 38 -2.03 6.83 -16.19
CA ASN A 38 -1.23 6.41 -15.05
C ASN A 38 -0.91 4.93 -15.12
N GLU A 39 -0.80 4.41 -16.34
CA GLU A 39 -0.50 3.00 -16.55
C GLU A 39 0.79 2.83 -17.36
N GLN A 40 1.68 3.80 -17.24
CA GLN A 40 2.96 3.77 -17.94
C GLN A 40 4.12 3.72 -16.96
N ILE A 41 3.93 4.39 -15.82
CA ILE A 41 4.96 4.43 -14.77
C ILE A 41 5.37 3.02 -14.37
N THR A 42 6.67 2.73 -14.50
CA THR A 42 7.19 1.41 -14.14
C THR A 42 7.48 1.35 -12.65
N PRO A 43 7.39 0.14 -12.06
CA PRO A 43 7.66 -0.04 -10.62
C PRO A 43 8.94 0.69 -10.21
N VAL A 44 9.81 0.93 -11.19
CA VAL A 44 11.07 1.63 -10.98
C VAL A 44 10.83 3.07 -10.55
N ILE A 45 9.93 3.76 -11.25
CA ILE A 45 9.64 5.15 -10.92
C ILE A 45 9.13 5.21 -9.48
N PHE A 46 8.41 4.16 -9.08
CA PHE A 46 7.89 4.07 -7.73
C PHE A 46 9.01 3.61 -6.81
N HIS A 47 9.78 2.62 -7.26
CA HIS A 47 10.89 2.10 -6.48
C HIS A 47 11.94 3.18 -6.27
N ASN A 48 12.01 4.10 -7.20
CA ASN A 48 12.96 5.21 -7.12
C ASN A 48 12.32 6.35 -6.35
N LEU A 49 11.00 6.44 -6.43
CA LEU A 49 10.26 7.45 -5.70
C LEU A 49 10.49 7.18 -4.22
N ILE A 50 10.05 6.01 -3.83
CA ILE A 50 10.21 5.51 -2.48
C ILE A 50 11.65 5.65 -2.03
N MET A 51 12.52 4.96 -2.75
CA MET A 51 13.95 4.93 -2.49
C MET A 51 14.58 6.32 -2.40
N ASP A 52 14.24 7.20 -3.34
CA ASP A 52 14.82 8.54 -3.39
C ASP A 52 14.00 9.59 -2.60
N MET A 53 12.77 9.26 -2.25
CA MET A 53 11.91 10.22 -1.52
C MET A 53 11.43 9.68 -0.18
N VAL A 54 10.64 8.61 -0.23
CA VAL A 54 10.09 8.02 0.98
C VAL A 54 11.17 7.56 1.94
N LEU A 55 12.06 6.71 1.47
CA LEU A 55 13.14 6.17 2.31
C LEU A 55 13.92 7.28 3.00
N PRO A 56 14.45 8.25 2.25
CA PRO A 56 15.22 9.37 2.83
C PRO A 56 14.37 10.19 3.79
N LYS A 57 13.08 9.87 3.90
CA LYS A 57 12.18 10.59 4.80
C LYS A 57 11.17 9.64 5.41
N VAL A 58 11.56 8.38 5.52
CA VAL A 58 10.70 7.35 6.07
C VAL A 58 10.80 7.32 7.59
N VAL A 59 9.79 6.76 8.21
CA VAL A 59 9.77 6.64 9.66
C VAL A 59 9.11 5.35 10.06
N PRO A 60 9.52 4.75 11.19
CA PRO A 60 8.93 3.51 11.67
C PRO A 60 7.59 3.73 12.36
N ILE A 61 6.95 4.83 11.99
CA ILE A 61 5.64 5.22 12.52
C ILE A 61 5.48 4.88 14.00
N LYS A 62 6.59 4.92 14.73
CA LYS A 62 6.59 4.63 16.17
C LYS A 62 6.27 3.15 16.44
N GLY A 63 5.78 2.44 15.43
CA GLY A 63 5.44 1.05 15.58
C GLY A 63 4.66 0.52 14.39
N ASN A 64 5.08 0.94 13.19
CA ASN A 64 4.44 0.52 11.95
C ASN A 64 2.94 0.85 11.97
N LYS A 65 2.52 1.71 11.05
CA LYS A 65 1.11 2.09 10.96
C LYS A 65 0.75 2.65 9.60
N VAL A 66 1.51 2.26 8.57
CA VAL A 66 1.24 2.72 7.21
C VAL A 66 0.97 4.22 7.16
N THR A 67 1.99 5.02 6.86
CA THR A 67 1.83 6.47 6.82
C THR A 67 2.14 7.04 5.43
N LYS A 68 1.38 8.04 5.04
CA LYS A 68 1.57 8.69 3.75
C LYS A 68 2.55 9.85 3.87
N MET A 69 3.49 9.94 2.95
CA MET A 69 4.48 11.01 2.97
C MET A 69 3.81 12.38 2.90
N SER A 70 2.66 12.43 2.23
CA SER A 70 1.93 13.69 2.09
C SER A 70 2.74 14.71 1.30
N MET A 71 3.58 14.22 0.41
CA MET A 71 4.43 15.07 -0.42
C MET A 71 3.99 15.04 -1.88
N ASN A 72 3.14 14.08 -2.23
CA ASN A 72 2.67 13.94 -3.60
C ASN A 72 3.82 13.59 -4.53
N LEU A 73 4.53 12.51 -4.20
CA LEU A 73 5.66 12.06 -5.00
C LEU A 73 5.25 11.87 -6.46
N ILE A 74 4.10 11.26 -6.66
CA ILE A 74 3.58 11.02 -8.01
C ILE A 74 2.10 11.37 -8.09
N ASP A 75 1.62 11.60 -9.30
CA ASP A 75 0.22 11.94 -9.52
C ASP A 75 -0.56 10.71 -9.99
N GLY A 76 -1.78 10.60 -9.51
CA GLY A 76 -2.61 9.45 -9.89
C GLY A 76 -2.76 8.47 -8.74
N PHE A 77 -1.72 8.33 -7.94
CA PHE A 77 -1.75 7.41 -6.80
C PHE A 77 -1.17 8.07 -5.56
N ASP A 78 -1.22 7.37 -4.43
CA ASP A 78 -0.69 7.88 -3.18
C ASP A 78 0.56 7.10 -2.77
N CYS A 79 1.35 7.66 -1.87
CA CYS A 79 2.58 7.00 -1.42
C CYS A 79 2.60 6.76 0.09
N PHE A 80 2.31 5.53 0.49
CA PHE A 80 2.31 5.17 1.91
C PHE A 80 3.51 4.28 2.24
N TYR A 81 4.04 4.41 3.45
CA TYR A 81 5.18 3.59 3.87
C TYR A 81 5.02 3.08 5.30
N SER A 82 5.07 1.76 5.46
CA SER A 82 4.92 1.12 6.76
C SER A 82 6.13 0.22 7.04
N THR A 83 6.86 0.51 8.11
CA THR A 83 8.03 -0.29 8.46
C THR A 83 7.62 -1.53 9.24
N ASP A 84 8.47 -2.56 9.21
CA ASP A 84 8.19 -3.81 9.91
C ASP A 84 7.86 -3.55 11.38
N ASP A 85 7.07 -4.43 11.97
CA ASP A 85 6.68 -4.31 13.36
C ASP A 85 7.89 -4.20 14.30
N HIS A 86 9.00 -4.79 13.88
CA HIS A 86 10.21 -4.76 14.70
C HIS A 86 11.47 -4.91 13.84
N ASP A 87 11.36 -4.57 12.57
CA ASP A 87 12.48 -4.67 11.64
C ASP A 87 12.55 -3.44 10.74
N PRO A 88 13.20 -2.37 11.21
CA PRO A 88 13.34 -1.14 10.43
C PRO A 88 13.99 -1.39 9.07
N LYS A 89 14.65 -2.54 8.93
CA LYS A 89 15.30 -2.91 7.68
C LYS A 89 14.35 -3.74 6.83
N THR A 90 13.05 -3.52 7.01
CA THR A 90 12.02 -4.23 6.28
C THR A 90 10.78 -3.37 6.19
N VAL A 91 10.86 -2.34 5.36
CA VAL A 91 9.76 -1.41 5.17
C VAL A 91 8.67 -2.02 4.30
N TYR A 92 7.61 -1.24 4.09
CA TYR A 92 6.48 -1.68 3.28
C TYR A 92 5.79 -0.47 2.65
N VAL A 93 6.25 -0.07 1.48
CA VAL A 93 5.66 1.07 0.79
C VAL A 93 4.54 0.63 -0.13
N CYS A 94 3.37 1.20 0.06
CA CYS A 94 2.20 0.84 -0.74
C CYS A 94 1.58 2.06 -1.40
N PHE A 95 1.63 2.08 -2.74
CA PHE A 95 1.05 3.16 -3.50
C PHE A 95 -0.44 2.88 -3.67
N THR A 96 -1.29 3.81 -3.24
CA THR A 96 -2.73 3.61 -3.34
C THR A 96 -3.39 4.73 -4.14
N LEU A 97 -4.21 4.33 -5.11
CA LEU A 97 -4.93 5.27 -5.95
C LEU A 97 -5.54 6.39 -5.12
N VAL A 98 -5.22 7.63 -5.47
CA VAL A 98 -5.74 8.80 -4.74
C VAL A 98 -7.23 8.67 -4.47
N ASP A 99 -7.94 8.01 -5.38
CA ASP A 99 -9.39 7.82 -5.23
C ASP A 99 -9.69 6.98 -4.01
N ILE A 100 -8.79 6.06 -3.69
CA ILE A 100 -8.96 5.19 -2.53
C ILE A 100 -8.67 5.92 -1.22
N PRO A 101 -9.49 5.70 -0.18
CA PRO A 101 -9.31 6.35 1.12
C PRO A 101 -7.95 6.04 1.73
N LYS A 102 -7.79 6.31 3.01
CA LYS A 102 -6.53 6.06 3.70
C LYS A 102 -6.69 4.98 4.77
N ILE A 103 -7.15 3.81 4.35
CA ILE A 103 -7.35 2.70 5.28
C ILE A 103 -6.97 1.36 4.64
N LEU A 104 -7.24 1.20 3.35
CA LEU A 104 -6.88 -0.04 2.66
C LEU A 104 -5.37 -0.23 2.70
N PRO A 105 -4.60 0.69 2.07
CA PRO A 105 -3.14 0.62 2.07
C PRO A 105 -2.59 0.33 3.46
N ILE A 106 -3.33 0.80 4.46
CA ILE A 106 -2.95 0.60 5.85
C ILE A 106 -3.15 -0.87 6.23
N ARG A 107 -4.25 -1.45 5.76
CA ARG A 107 -4.56 -2.84 6.04
C ARG A 107 -3.74 -3.76 5.14
N ILE A 108 -3.34 -3.24 3.97
CA ILE A 108 -2.55 -4.01 3.02
C ILE A 108 -1.16 -4.28 3.58
N LEU A 109 -0.53 -3.24 4.13
CA LEU A 109 0.80 -3.40 4.72
C LEU A 109 0.69 -4.17 6.02
N SER A 110 -0.10 -3.66 6.95
CA SER A 110 -0.30 -4.33 8.22
C SER A 110 -0.83 -5.74 7.98
N GLY A 111 -1.54 -5.88 6.86
CA GLY A 111 -2.07 -7.17 6.48
C GLY A 111 -0.97 -8.07 5.97
N LEU A 112 -0.14 -7.55 5.07
CA LEU A 112 0.97 -8.32 4.53
C LEU A 112 1.82 -8.86 5.67
N GLN A 113 1.77 -8.16 6.81
CA GLN A 113 2.52 -8.55 7.99
C GLN A 113 1.89 -9.80 8.62
N GLU A 114 0.63 -10.08 8.29
CA GLU A 114 -0.05 -11.25 8.84
C GLU A 114 0.48 -12.52 8.17
N TYR A 115 1.07 -12.35 6.99
CA TYR A 115 1.62 -13.48 6.25
C TYR A 115 3.11 -13.63 6.52
N GLU A 116 3.85 -12.52 6.37
CA GLU A 116 5.29 -12.49 6.62
C GLU A 116 6.10 -12.93 5.38
N SER A 117 5.46 -13.69 4.49
CA SER A 117 6.14 -14.16 3.28
C SER A 117 6.09 -13.14 2.15
N ASN A 118 5.61 -11.94 2.46
CA ASN A 118 5.52 -10.86 1.47
C ASN A 118 6.92 -10.38 1.11
N ALA A 119 7.77 -11.30 0.68
CA ALA A 119 9.15 -10.97 0.32
C ALA A 119 9.47 -11.26 -1.14
N THR A 120 8.51 -11.08 -2.04
CA THR A 120 8.76 -11.33 -3.46
C THR A 120 7.89 -10.45 -4.34
N ASN A 121 8.40 -10.09 -5.51
CA ASN A 121 7.67 -9.26 -6.45
C ASN A 121 6.47 -10.00 -7.04
N GLU A 122 5.97 -10.99 -6.32
CA GLU A 122 4.82 -11.76 -6.78
C GLU A 122 4.27 -12.59 -5.63
N LEU A 123 4.51 -12.14 -4.41
CA LEU A 123 4.03 -12.85 -3.25
C LEU A 123 3.26 -11.91 -2.34
N LEU A 124 3.85 -10.76 -2.05
CA LEU A 124 3.18 -9.77 -1.24
C LEU A 124 1.85 -9.42 -1.92
N SER A 125 1.91 -9.22 -3.23
CA SER A 125 0.72 -8.92 -4.01
C SER A 125 -0.41 -9.86 -3.64
N SER A 126 -0.04 -11.09 -3.25
CA SER A 126 -1.00 -12.09 -2.86
C SER A 126 -1.77 -11.66 -1.63
N HIS A 127 -1.04 -11.39 -0.57
CA HIS A 127 -1.65 -10.96 0.67
C HIS A 127 -2.45 -9.69 0.43
N VAL A 128 -1.94 -8.83 -0.43
CA VAL A 128 -2.64 -7.59 -0.75
C VAL A 128 -4.07 -7.90 -1.16
N GLY A 129 -4.24 -8.87 -2.07
CA GLY A 129 -5.58 -9.24 -2.49
C GLY A 129 -6.34 -9.98 -1.42
N GLN A 130 -5.74 -11.02 -0.87
CA GLN A 130 -6.37 -11.81 0.18
C GLN A 130 -6.65 -10.95 1.41
N ILE A 131 -5.93 -9.84 1.54
CA ILE A 131 -6.13 -8.93 2.65
C ILE A 131 -7.15 -7.88 2.26
N LEU A 132 -7.23 -7.62 0.97
CA LEU A 132 -8.18 -6.67 0.41
C LEU A 132 -9.60 -7.14 0.64
N ASP A 133 -9.81 -8.46 0.56
CA ASP A 133 -11.12 -9.03 0.78
C ASP A 133 -11.57 -8.81 2.23
N SER A 134 -10.60 -8.83 3.13
CA SER A 134 -10.89 -8.61 4.55
C SER A 134 -10.97 -7.12 4.87
N PHE A 135 -10.49 -6.29 3.95
CA PHE A 135 -10.51 -4.84 4.14
C PHE A 135 -11.92 -4.35 4.48
N HIS A 136 -12.87 -4.59 3.59
CA HIS A 136 -14.24 -4.17 3.80
C HIS A 136 -14.79 -4.74 5.10
N GLU A 137 -14.42 -5.98 5.41
CA GLU A 137 -14.86 -6.62 6.65
C GLU A 137 -14.46 -5.77 7.84
N GLU A 138 -13.33 -5.06 7.70
CA GLU A 138 -12.84 -4.20 8.76
C GLU A 138 -13.62 -2.88 8.77
N LEU A 139 -14.01 -2.43 7.57
CA LEU A 139 -14.78 -1.20 7.44
C LEU A 139 -16.15 -1.38 8.08
N VAL A 140 -16.65 -2.62 8.00
CA VAL A 140 -17.94 -2.97 8.58
C VAL A 140 -17.78 -3.08 10.09
N GLU A 141 -16.74 -3.79 10.48
CA GLU A 141 -16.43 -3.99 11.88
C GLU A 141 -16.09 -2.66 12.55
N TYR A 142 -15.52 -1.76 11.75
CA TYR A 142 -15.13 -0.44 12.24
C TYR A 142 -16.37 0.39 12.58
N ARG A 143 -17.47 0.12 11.88
CA ARG A 143 -18.72 0.85 12.11
C ARG A 143 -19.16 0.70 13.57
N ASN A 144 -18.77 -0.38 14.21
CA ASN A 144 -19.13 -0.62 15.61
C ASN A 144 -17.96 -0.30 16.54
N GLN A 145 -17.22 0.76 16.23
CA GLN A 145 -16.08 1.16 17.03
C GLN A 145 -16.34 2.53 17.68
N THR A 146 -17.02 3.40 16.96
CA THR A 146 -17.33 4.74 17.46
C THR A 146 -18.56 5.31 16.77
N LEU A 147 -19.73 4.99 17.31
CA LEU A 147 -20.99 5.48 16.75
C LEU A 147 -22.09 5.51 17.81
N ASN A 148 -23.30 5.87 17.40
CA ASN A 148 -24.42 5.94 18.32
C ASN A 148 -24.68 4.59 18.96
N SER A 149 -25.25 3.68 18.18
CA SER A 149 -25.57 2.34 18.67
C SER A 149 -24.50 1.34 18.22
N MET A 1 -21.65 -4.36 -3.15
CA MET A 1 -20.86 -4.47 -4.41
C MET A 1 -19.73 -3.44 -4.44
N LYS A 2 -18.55 -3.86 -4.00
CA LYS A 2 -17.39 -2.98 -3.98
C LYS A 2 -16.11 -3.77 -3.75
N ARG A 3 -15.16 -3.64 -4.67
CA ARG A 3 -13.88 -4.34 -4.56
C ARG A 3 -12.73 -3.42 -4.91
N PHE A 4 -12.12 -2.81 -3.89
CA PHE A 4 -10.99 -1.91 -4.09
C PHE A 4 -9.84 -2.63 -4.78
N ASN A 5 -8.73 -1.93 -4.95
CA ASN A 5 -7.55 -2.50 -5.59
C ASN A 5 -6.35 -1.56 -5.49
N VAL A 6 -5.31 -2.00 -4.79
CA VAL A 6 -4.10 -1.20 -4.63
C VAL A 6 -3.35 -1.09 -5.96
N SER A 7 -2.69 0.04 -6.17
CA SER A 7 -1.95 0.28 -7.41
C SER A 7 -0.57 -0.36 -7.38
N TYR A 8 0.29 0.09 -6.47
CA TYR A 8 1.65 -0.45 -6.39
C TYR A 8 2.15 -0.56 -4.96
N VAL A 9 2.33 -1.79 -4.51
CA VAL A 9 2.85 -2.04 -3.16
C VAL A 9 4.29 -2.52 -3.21
N GLU A 10 5.22 -1.60 -3.03
CA GLU A 10 6.64 -1.92 -3.07
C GLU A 10 7.24 -2.11 -1.69
N VAL A 11 7.58 -3.34 -1.35
CA VAL A 11 8.21 -3.62 -0.06
C VAL A 11 9.67 -3.22 -0.13
N ILE A 12 10.30 -2.98 1.01
CA ILE A 12 11.69 -2.55 1.01
C ILE A 12 12.47 -3.07 2.22
N LYS A 13 13.51 -3.84 1.96
CA LYS A 13 14.35 -4.37 3.03
C LYS A 13 15.71 -3.65 3.09
N ASN A 14 15.93 -2.92 4.18
CA ASN A 14 17.19 -2.21 4.37
C ASN A 14 17.41 -1.16 3.27
N GLY A 15 16.33 -0.55 2.79
CA GLY A 15 16.45 0.43 1.75
C GLY A 15 16.59 -0.20 0.39
N GLU A 16 16.13 -1.44 0.28
CA GLU A 16 16.21 -2.17 -0.97
C GLU A 16 14.92 -2.96 -1.20
N THR A 17 14.23 -2.64 -2.29
CA THR A 17 12.97 -3.30 -2.61
C THR A 17 13.10 -4.83 -2.56
N ILE A 18 12.18 -5.44 -1.82
CA ILE A 18 12.14 -6.90 -1.70
C ILE A 18 10.96 -7.44 -2.49
N SER A 19 9.85 -6.74 -2.36
CA SER A 19 8.61 -7.12 -3.04
C SER A 19 8.02 -5.95 -3.83
N SER A 20 6.94 -6.23 -4.56
CA SER A 20 6.29 -5.20 -5.37
C SER A 20 4.95 -5.69 -5.91
N CYS A 21 3.89 -4.96 -5.63
CA CYS A 21 2.56 -5.30 -6.11
C CYS A 21 2.12 -4.31 -7.17
N PHE A 22 2.71 -4.41 -8.35
CA PHE A 22 2.39 -3.52 -9.45
C PHE A 22 1.59 -4.25 -10.51
N GLN A 23 0.29 -4.34 -10.28
CA GLN A 23 -0.61 -5.03 -11.20
C GLN A 23 -1.30 -4.07 -12.16
N PRO A 24 -1.46 -4.47 -13.43
CA PRO A 24 -2.11 -3.63 -14.45
C PRO A 24 -3.63 -3.72 -14.38
N PHE A 25 -4.29 -2.59 -14.59
CA PHE A 25 -5.75 -2.55 -14.54
C PHE A 25 -6.26 -1.14 -14.84
N GLN A 26 -7.39 -1.06 -15.53
CA GLN A 26 -7.97 0.24 -15.88
C GLN A 26 -9.14 0.57 -14.95
N LYS A 27 -8.86 0.53 -13.64
CA LYS A 27 -9.88 0.82 -12.63
C LYS A 27 -10.92 -0.29 -12.53
N ASN A 28 -10.75 -1.36 -13.29
CA ASN A 28 -11.68 -2.48 -13.28
C ASN A 28 -13.11 -2.02 -13.59
N GLU A 29 -13.80 -1.52 -12.56
CA GLU A 29 -15.16 -1.04 -12.71
C GLU A 29 -15.69 -0.45 -11.40
N ASN A 30 -15.34 -1.08 -10.30
CA ASN A 30 -15.78 -0.62 -8.98
C ASN A 30 -15.04 0.66 -8.58
N TYR A 31 -13.81 0.50 -8.09
CA TYR A 31 -13.00 1.64 -7.68
C TYR A 31 -11.61 1.56 -8.28
N GLY A 32 -11.09 2.71 -8.72
CA GLY A 32 -9.77 2.75 -9.31
C GLY A 32 -9.46 4.10 -9.95
N THR A 33 -8.40 4.14 -10.75
CA THR A 33 -8.00 5.37 -11.42
C THR A 33 -7.20 5.07 -12.68
N ILE A 34 -6.26 4.14 -12.57
CA ILE A 34 -5.43 3.77 -13.70
C ILE A 34 -6.27 3.25 -14.87
N THR A 35 -5.74 3.41 -16.09
CA THR A 35 -6.42 2.95 -17.29
C THR A 35 -5.53 3.15 -18.52
N SER A 36 -5.47 4.37 -19.02
CA SER A 36 -4.66 4.68 -20.20
C SER A 36 -3.87 5.96 -19.98
N ALA A 37 -3.01 5.97 -18.97
CA ALA A 37 -2.19 7.14 -18.66
C ALA A 37 -1.24 6.86 -17.49
N ASN A 38 -1.77 6.22 -16.46
CA ASN A 38 -0.99 5.90 -15.27
C ASN A 38 -0.58 4.43 -15.27
N GLU A 39 -0.39 3.87 -16.47
CA GLU A 39 0.00 2.48 -16.60
C GLU A 39 1.33 2.37 -17.36
N GLN A 40 2.13 3.43 -17.27
CA GLN A 40 3.43 3.48 -17.93
C GLN A 40 4.54 3.53 -16.89
N ILE A 41 4.23 4.13 -15.74
CA ILE A 41 5.19 4.23 -14.64
C ILE A 41 5.69 2.85 -14.23
N THR A 42 6.98 2.61 -14.45
CA THR A 42 7.58 1.32 -14.10
C THR A 42 7.85 1.26 -12.60
N PRO A 43 7.83 0.04 -12.02
CA PRO A 43 8.11 -0.14 -10.59
C PRO A 43 9.33 0.67 -10.17
N VAL A 44 10.18 0.97 -11.13
CA VAL A 44 11.40 1.74 -10.91
C VAL A 44 11.08 3.18 -10.50
N ILE A 45 10.20 3.85 -11.24
CA ILE A 45 9.85 5.22 -10.88
C ILE A 45 9.26 5.23 -9.48
N PHE A 46 8.60 4.14 -9.13
CA PHE A 46 8.01 4.00 -7.82
C PHE A 46 9.08 3.59 -6.81
N HIS A 47 9.94 2.66 -7.21
CA HIS A 47 11.01 2.19 -6.33
C HIS A 47 12.05 3.28 -6.12
N ASN A 48 12.12 4.18 -7.07
CA ASN A 48 13.04 5.30 -7.01
C ASN A 48 12.38 6.44 -6.29
N LEU A 49 11.07 6.57 -6.48
CA LEU A 49 10.29 7.59 -5.80
C LEU A 49 10.50 7.42 -4.32
N ILE A 50 10.09 6.25 -3.86
CA ILE A 50 10.23 5.84 -2.46
C ILE A 50 11.67 6.02 -2.01
N MET A 51 12.55 5.27 -2.67
CA MET A 51 13.97 5.26 -2.38
C MET A 51 14.58 6.66 -2.27
N ASP A 52 14.22 7.53 -3.21
CA ASP A 52 14.78 8.89 -3.24
C ASP A 52 13.92 9.90 -2.46
N MET A 53 12.65 9.58 -2.22
CA MET A 53 11.76 10.50 -1.52
C MET A 53 11.31 9.96 -0.16
N VAL A 54 10.63 8.83 -0.18
CA VAL A 54 10.12 8.22 1.04
C VAL A 54 11.24 7.69 1.95
N LEU A 55 12.08 6.83 1.41
CA LEU A 55 13.17 6.22 2.17
C LEU A 55 13.94 7.27 2.97
N PRO A 56 14.39 8.36 2.33
CA PRO A 56 15.13 9.43 3.00
C PRO A 56 14.24 10.23 3.94
N LYS A 57 12.97 9.82 4.07
CA LYS A 57 12.04 10.52 4.95
C LYS A 57 11.05 9.53 5.57
N VAL A 58 11.46 8.27 5.62
CA VAL A 58 10.63 7.22 6.18
C VAL A 58 10.82 7.12 7.68
N VAL A 59 9.81 6.61 8.37
CA VAL A 59 9.87 6.44 9.79
C VAL A 59 9.46 5.03 10.16
N PRO A 60 10.04 4.48 11.24
CA PRO A 60 9.69 3.12 11.67
C PRO A 60 8.37 3.08 12.42
N ILE A 61 7.54 4.09 12.15
CA ILE A 61 6.22 4.21 12.77
C ILE A 61 6.26 3.85 14.25
N LYS A 62 5.09 3.70 14.86
CA LYS A 62 5.00 3.35 16.27
C LYS A 62 4.83 1.84 16.43
N GLY A 63 4.43 1.19 15.34
CA GLY A 63 4.22 -0.25 15.35
C GLY A 63 3.60 -0.73 14.07
N ASN A 64 4.06 -0.16 12.95
CA ASN A 64 3.55 -0.51 11.62
C ASN A 64 2.14 0.04 11.44
N LYS A 65 2.04 1.35 11.23
CA LYS A 65 0.74 1.98 11.05
C LYS A 65 0.59 2.59 9.67
N VAL A 66 1.37 2.11 8.71
CA VAL A 66 1.30 2.59 7.34
C VAL A 66 1.22 4.12 7.27
N THR A 67 2.35 4.78 7.07
CA THR A 67 2.38 6.24 7.01
C THR A 67 2.51 6.73 5.58
N LYS A 68 1.77 7.78 5.26
CA LYS A 68 1.80 8.37 3.91
C LYS A 68 2.79 9.52 3.86
N MET A 69 3.59 9.56 2.80
CA MET A 69 4.58 10.61 2.62
C MET A 69 3.94 12.00 2.71
N SER A 70 2.67 12.08 2.32
CA SER A 70 1.94 13.35 2.35
C SER A 70 2.72 14.44 1.64
N MET A 71 3.55 14.02 0.68
CA MET A 71 4.36 14.96 -0.09
C MET A 71 3.91 15.01 -1.55
N ASN A 72 3.10 14.04 -1.94
CA ASN A 72 2.61 13.98 -3.32
C ASN A 72 3.77 13.78 -4.29
N LEU A 73 4.36 12.59 -4.25
CA LEU A 73 5.48 12.27 -5.13
C LEU A 73 5.01 12.13 -6.57
N ILE A 74 3.96 11.34 -6.76
CA ILE A 74 3.40 11.11 -8.08
C ILE A 74 1.90 11.41 -8.09
N ASP A 75 1.37 11.67 -9.28
CA ASP A 75 -0.05 11.96 -9.42
C ASP A 75 -0.80 10.72 -9.89
N GLY A 76 -1.99 10.52 -9.35
CA GLY A 76 -2.78 9.37 -9.72
C GLY A 76 -2.89 8.36 -8.59
N PHE A 77 -1.81 8.24 -7.82
CA PHE A 77 -1.80 7.30 -6.69
C PHE A 77 -1.29 7.98 -5.41
N ASP A 78 -1.44 7.28 -4.28
CA ASP A 78 -1.00 7.80 -2.99
C ASP A 78 0.17 6.98 -2.45
N CYS A 79 1.27 7.66 -2.13
CA CYS A 79 2.46 6.98 -1.62
C CYS A 79 2.42 6.77 -0.11
N PHE A 80 2.52 5.51 0.30
CA PHE A 80 2.52 5.13 1.72
C PHE A 80 3.77 4.32 2.05
N TYR A 81 4.07 4.19 3.35
CA TYR A 81 5.23 3.42 3.78
C TYR A 81 5.03 2.89 5.19
N SER A 82 5.10 1.58 5.34
CA SER A 82 4.93 0.93 6.64
C SER A 82 6.13 0.04 6.94
N THR A 83 6.84 0.33 8.03
CA THR A 83 8.01 -0.47 8.40
C THR A 83 7.59 -1.68 9.22
N ASP A 84 8.29 -2.80 9.01
CA ASP A 84 8.00 -4.04 9.72
C ASP A 84 7.85 -3.79 11.22
N ASP A 85 6.82 -4.40 11.80
CA ASP A 85 6.55 -4.26 13.23
C ASP A 85 7.75 -4.69 14.07
N HIS A 86 8.52 -5.63 13.56
CA HIS A 86 9.69 -6.14 14.28
C HIS A 86 10.94 -6.08 13.41
N ASP A 87 10.91 -5.28 12.35
CA ASP A 87 12.05 -5.14 11.46
C ASP A 87 12.06 -3.80 10.74
N PRO A 88 12.73 -2.79 11.31
CA PRO A 88 12.81 -1.46 10.71
C PRO A 88 13.51 -1.50 9.35
N LYS A 89 14.23 -2.60 9.09
CA LYS A 89 14.93 -2.77 7.83
C LYS A 89 14.08 -3.57 6.85
N THR A 90 12.76 -3.38 6.93
CA THR A 90 11.83 -4.07 6.07
C THR A 90 10.57 -3.23 5.90
N VAL A 91 10.73 -2.12 5.19
CA VAL A 91 9.64 -1.20 4.95
C VAL A 91 8.57 -1.84 4.07
N TYR A 92 7.47 -1.11 3.89
CA TYR A 92 6.35 -1.57 3.08
C TYR A 92 5.67 -0.40 2.40
N VAL A 93 6.06 -0.13 1.15
CA VAL A 93 5.49 0.98 0.40
C VAL A 93 4.21 0.58 -0.31
N CYS A 94 3.21 1.44 -0.26
CA CYS A 94 1.93 1.17 -0.90
C CYS A 94 1.47 2.38 -1.72
N PHE A 95 1.13 2.13 -2.97
CA PHE A 95 0.66 3.17 -3.87
C PHE A 95 -0.82 2.97 -4.14
N THR A 96 -1.65 3.51 -3.27
CA THR A 96 -3.09 3.36 -3.41
C THR A 96 -3.67 4.53 -4.19
N LEU A 97 -4.44 4.18 -5.22
CA LEU A 97 -5.07 5.18 -6.07
C LEU A 97 -5.73 6.27 -5.24
N VAL A 98 -5.40 7.52 -5.54
CA VAL A 98 -5.94 8.67 -4.81
C VAL A 98 -7.45 8.52 -4.58
N ASP A 99 -8.13 7.86 -5.51
CA ASP A 99 -9.57 7.64 -5.40
C ASP A 99 -9.91 6.88 -4.12
N ILE A 100 -8.99 6.00 -3.72
CA ILE A 100 -9.18 5.19 -2.52
C ILE A 100 -8.77 5.97 -1.27
N PRO A 101 -9.57 5.90 -0.19
CA PRO A 101 -9.26 6.61 1.06
C PRO A 101 -7.92 6.21 1.64
N LYS A 102 -7.69 6.55 2.91
CA LYS A 102 -6.43 6.24 3.57
C LYS A 102 -6.64 5.20 4.67
N ILE A 103 -7.08 4.00 4.27
CA ILE A 103 -7.33 2.92 5.22
C ILE A 103 -6.98 1.58 4.61
N LEU A 104 -7.37 1.36 3.35
CA LEU A 104 -7.06 0.10 2.69
C LEU A 104 -5.55 -0.10 2.68
N PRO A 105 -4.80 0.82 2.05
CA PRO A 105 -3.34 0.75 1.99
C PRO A 105 -2.75 0.44 3.35
N ILE A 106 -3.38 0.99 4.37
CA ILE A 106 -2.95 0.77 5.75
C ILE A 106 -3.15 -0.69 6.13
N ARG A 107 -4.27 -1.26 5.66
CA ARG A 107 -4.59 -2.65 5.92
C ARG A 107 -3.79 -3.56 5.00
N ILE A 108 -3.43 -3.04 3.82
CA ILE A 108 -2.64 -3.80 2.85
C ILE A 108 -1.29 -4.15 3.44
N LEU A 109 -0.62 -3.17 4.02
CA LEU A 109 0.68 -3.40 4.64
C LEU A 109 0.52 -4.22 5.91
N SER A 110 -0.29 -3.72 6.83
CA SER A 110 -0.55 -4.44 8.08
C SER A 110 -1.08 -5.84 7.75
N GLY A 111 -1.70 -5.96 6.59
CA GLY A 111 -2.23 -7.24 6.16
C GLY A 111 -1.11 -8.17 5.72
N LEU A 112 -0.20 -7.65 4.88
CA LEU A 112 0.92 -8.45 4.42
C LEU A 112 1.67 -9.01 5.62
N GLN A 113 1.67 -8.25 6.72
CA GLN A 113 2.31 -8.67 7.94
C GLN A 113 1.54 -9.80 8.59
N GLU A 114 0.27 -9.96 8.19
CA GLU A 114 -0.56 -11.01 8.75
C GLU A 114 -0.13 -12.37 8.19
N TYR A 115 0.53 -12.36 7.04
CA TYR A 115 0.99 -13.60 6.44
C TYR A 115 2.35 -14.01 7.00
N GLU A 116 3.44 -13.62 6.33
CA GLU A 116 4.80 -13.95 6.78
C GLU A 116 5.81 -13.78 5.65
N SER A 117 5.34 -13.89 4.40
CA SER A 117 6.21 -13.77 3.25
C SER A 117 6.19 -12.35 2.68
N ASN A 118 5.27 -12.08 1.76
CA ASN A 118 5.17 -10.77 1.12
C ASN A 118 6.55 -10.20 0.81
N ALA A 119 7.50 -11.09 0.53
CA ALA A 119 8.88 -10.69 0.24
C ALA A 119 9.27 -10.95 -1.21
N THR A 120 8.34 -10.80 -2.14
CA THR A 120 8.65 -11.01 -3.56
C THR A 120 7.85 -10.07 -4.43
N ASN A 121 8.39 -9.72 -5.59
CA ASN A 121 7.71 -8.82 -6.52
C ASN A 121 6.53 -9.51 -7.18
N GLU A 122 6.02 -10.57 -6.55
CA GLU A 122 4.88 -11.28 -7.08
C GLU A 122 4.30 -12.18 -6.01
N LEU A 123 4.51 -11.78 -4.75
CA LEU A 123 4.01 -12.57 -3.64
C LEU A 123 3.25 -11.66 -2.69
N LEU A 124 3.88 -10.55 -2.32
CA LEU A 124 3.24 -9.58 -1.45
C LEU A 124 1.90 -9.18 -2.05
N SER A 125 1.92 -8.88 -3.35
CA SER A 125 0.71 -8.50 -4.07
C SER A 125 -0.42 -9.48 -3.76
N SER A 126 -0.05 -10.73 -3.48
CA SER A 126 -1.03 -11.75 -3.15
C SER A 126 -1.83 -11.38 -1.91
N HIS A 127 -1.12 -11.20 -0.81
CA HIS A 127 -1.77 -10.84 0.43
C HIS A 127 -2.57 -9.58 0.23
N VAL A 128 -2.04 -8.65 -0.56
CA VAL A 128 -2.73 -7.40 -0.83
C VAL A 128 -4.16 -7.67 -1.26
N GLY A 129 -4.32 -8.55 -2.24
CA GLY A 129 -5.67 -8.87 -2.70
C GLY A 129 -6.49 -9.56 -1.63
N GLN A 130 -5.92 -10.58 -1.01
CA GLN A 130 -6.60 -11.32 0.04
C GLN A 130 -6.86 -10.43 1.25
N ILE A 131 -6.09 -9.35 1.37
CA ILE A 131 -6.25 -8.42 2.49
C ILE A 131 -7.25 -7.34 2.08
N LEU A 132 -7.30 -7.06 0.78
CA LEU A 132 -8.21 -6.08 0.23
C LEU A 132 -9.64 -6.49 0.48
N ASP A 133 -9.92 -7.78 0.29
CA ASP A 133 -11.26 -8.33 0.51
C ASP A 133 -11.64 -8.25 1.98
N SER A 134 -10.64 -8.39 2.85
CA SER A 134 -10.86 -8.34 4.29
C SER A 134 -10.98 -6.89 4.77
N PHE A 135 -10.62 -5.94 3.92
CA PHE A 135 -10.69 -4.52 4.26
C PHE A 135 -12.04 -4.18 4.89
N HIS A 136 -13.11 -4.56 4.20
CA HIS A 136 -14.46 -4.28 4.68
C HIS A 136 -14.68 -4.87 6.07
N GLU A 137 -14.19 -6.09 6.28
CA GLU A 137 -14.33 -6.75 7.57
C GLU A 137 -13.84 -5.83 8.68
N GLU A 138 -12.85 -5.01 8.37
CA GLU A 138 -12.30 -4.06 9.34
C GLU A 138 -13.22 -2.86 9.46
N LEU A 139 -13.84 -2.47 8.35
CA LEU A 139 -14.76 -1.34 8.35
C LEU A 139 -15.99 -1.69 9.18
N VAL A 140 -16.36 -2.96 9.16
CA VAL A 140 -17.50 -3.45 9.92
C VAL A 140 -17.11 -3.54 11.38
N GLU A 141 -15.94 -4.14 11.61
CA GLU A 141 -15.41 -4.29 12.95
C GLU A 141 -15.16 -2.92 13.57
N TYR A 142 -14.79 -1.97 12.72
CA TYR A 142 -14.53 -0.60 13.15
C TYR A 142 -15.81 0.05 13.64
N ARG A 143 -16.92 -0.30 13.00
CA ARG A 143 -18.23 0.25 13.35
C ARG A 143 -18.76 -0.40 14.63
N ASN A 144 -18.05 -0.19 15.73
CA ASN A 144 -18.45 -0.75 17.01
C ASN A 144 -17.50 -0.33 18.12
N GLN A 145 -16.21 -0.34 17.82
CA GLN A 145 -15.19 0.04 18.80
C GLN A 145 -15.07 1.57 18.88
N THR A 146 -15.00 2.08 20.11
CA THR A 146 -14.89 3.51 20.35
C THR A 146 -15.83 4.31 19.44
N LEU A 147 -17.11 3.98 19.51
CA LEU A 147 -18.12 4.66 18.70
C LEU A 147 -18.60 5.92 19.39
N ASN A 148 -18.26 7.07 18.82
CA ASN A 148 -18.66 8.35 19.39
C ASN A 148 -20.10 8.68 19.00
N SER A 149 -21.04 7.96 19.60
CA SER A 149 -22.47 8.17 19.32
C SER A 149 -23.06 9.17 20.30
N MET A 1 -20.35 -6.07 -1.72
CA MET A 1 -19.32 -5.27 -1.00
C MET A 1 -18.44 -4.50 -1.98
N LYS A 2 -17.55 -3.67 -1.44
CA LYS A 2 -16.65 -2.88 -2.26
C LYS A 2 -15.55 -3.74 -2.85
N ARG A 3 -15.00 -3.30 -3.98
CA ARG A 3 -13.94 -4.04 -4.66
C ARG A 3 -12.80 -3.12 -5.05
N PHE A 4 -11.99 -2.73 -4.07
CA PHE A 4 -10.85 -1.85 -4.31
C PHE A 4 -9.69 -2.61 -4.93
N ASN A 5 -8.56 -1.93 -5.11
CA ASN A 5 -7.38 -2.55 -5.69
C ASN A 5 -6.17 -1.64 -5.59
N VAL A 6 -5.21 -2.01 -4.74
CA VAL A 6 -4.01 -1.21 -4.57
C VAL A 6 -3.21 -1.13 -5.87
N SER A 7 -2.80 0.07 -6.23
CA SER A 7 -2.05 0.30 -7.47
C SER A 7 -0.73 -0.46 -7.48
N TYR A 8 0.16 -0.13 -6.54
CA TYR A 8 1.47 -0.78 -6.50
C TYR A 8 2.01 -0.91 -5.08
N VAL A 9 2.10 -2.15 -4.58
CA VAL A 9 2.62 -2.40 -3.24
C VAL A 9 4.04 -2.96 -3.28
N GLU A 10 5.02 -2.11 -3.03
CA GLU A 10 6.41 -2.55 -3.04
C GLU A 10 7.02 -2.55 -1.65
N VAL A 11 7.49 -3.73 -1.22
CA VAL A 11 8.12 -3.87 0.08
C VAL A 11 9.56 -3.39 -0.01
N ILE A 12 10.17 -3.08 1.12
CA ILE A 12 11.55 -2.59 1.12
C ILE A 12 12.36 -3.12 2.29
N LYS A 13 13.34 -3.95 2.00
CA LYS A 13 14.20 -4.49 3.06
C LYS A 13 15.51 -3.72 3.15
N ASN A 14 15.67 -2.97 4.24
CA ASN A 14 16.88 -2.17 4.46
C ASN A 14 17.06 -1.13 3.36
N GLY A 15 15.95 -0.59 2.88
CA GLY A 15 16.02 0.39 1.83
C GLY A 15 16.26 -0.26 0.49
N GLU A 16 15.85 -1.51 0.38
CA GLU A 16 16.00 -2.27 -0.84
C GLU A 16 14.74 -3.07 -1.13
N THR A 17 14.06 -2.73 -2.21
CA THR A 17 12.82 -3.39 -2.57
C THR A 17 12.97 -4.91 -2.56
N ILE A 18 12.02 -5.58 -1.90
CA ILE A 18 12.01 -7.04 -1.83
C ILE A 18 10.81 -7.60 -2.57
N SER A 19 9.67 -6.99 -2.30
CA SER A 19 8.42 -7.42 -2.93
C SER A 19 7.81 -6.30 -3.77
N SER A 20 6.75 -6.62 -4.51
CA SER A 20 6.09 -5.63 -5.36
C SER A 20 4.77 -6.14 -5.94
N CYS A 21 3.71 -5.37 -5.71
CA CYS A 21 2.39 -5.71 -6.23
C CYS A 21 1.99 -4.67 -7.27
N PHE A 22 2.67 -4.70 -8.40
CA PHE A 22 2.42 -3.74 -9.48
C PHE A 22 1.65 -4.39 -10.61
N GLN A 23 0.33 -4.32 -10.54
CA GLN A 23 -0.53 -4.91 -11.57
C GLN A 23 -1.23 -3.83 -12.39
N PRO A 24 -1.32 -4.04 -13.73
CA PRO A 24 -1.98 -3.08 -14.63
C PRO A 24 -3.49 -3.21 -14.59
N PHE A 25 -4.18 -2.09 -14.79
CA PHE A 25 -5.65 -2.07 -14.79
C PHE A 25 -6.17 -0.66 -15.01
N GLN A 26 -7.19 -0.53 -15.85
CA GLN A 26 -7.78 0.76 -16.15
C GLN A 26 -9.05 0.97 -15.31
N LYS A 27 -8.90 0.96 -14.00
CA LYS A 27 -10.03 1.14 -13.08
C LYS A 27 -11.03 0.00 -13.24
N ASN A 28 -11.42 -0.59 -12.11
CA ASN A 28 -12.37 -1.70 -12.12
C ASN A 28 -13.80 -1.18 -12.12
N GLU A 29 -14.31 -0.80 -10.95
CA GLU A 29 -15.67 -0.30 -10.83
C GLU A 29 -15.71 0.97 -9.97
N ASN A 30 -15.28 2.08 -10.54
CA ASN A 30 -15.27 3.36 -9.83
C ASN A 30 -14.49 3.26 -8.52
N TYR A 31 -13.59 2.29 -8.44
CA TYR A 31 -12.78 2.09 -7.25
C TYR A 31 -11.29 2.14 -7.57
N GLY A 32 -10.95 2.94 -8.58
CA GLY A 32 -9.55 3.06 -8.98
C GLY A 32 -9.24 4.42 -9.57
N THR A 33 -8.24 4.47 -10.45
CA THR A 33 -7.84 5.72 -11.07
C THR A 33 -7.05 5.46 -12.35
N ILE A 34 -6.16 4.48 -12.31
CA ILE A 34 -5.33 4.14 -13.46
C ILE A 34 -6.20 3.73 -14.65
N THR A 35 -5.79 4.14 -15.85
CA THR A 35 -6.52 3.82 -17.07
C THR A 35 -5.74 4.27 -18.30
N SER A 36 -5.80 5.56 -18.60
CA SER A 36 -5.11 6.11 -19.77
C SER A 36 -4.32 7.37 -19.38
N ALA A 37 -3.36 7.22 -18.46
CA ALA A 37 -2.56 8.34 -18.03
C ALA A 37 -1.58 7.94 -16.92
N ASN A 38 -2.02 7.02 -16.07
CA ASN A 38 -1.18 6.56 -14.95
C ASN A 38 -0.75 5.11 -15.15
N GLU A 39 -0.55 4.72 -16.41
CA GLU A 39 -0.13 3.35 -16.72
C GLU A 39 1.13 3.37 -17.58
N GLN A 40 1.90 4.44 -17.45
CA GLN A 40 3.16 4.60 -18.19
C GLN A 40 4.32 4.76 -17.22
N ILE A 41 4.15 4.17 -16.04
CA ILE A 41 5.16 4.24 -14.99
C ILE A 41 5.56 2.83 -14.55
N THR A 42 6.86 2.53 -14.65
CA THR A 42 7.37 1.22 -14.27
C THR A 42 7.61 1.16 -12.77
N PRO A 43 7.51 -0.03 -12.16
CA PRO A 43 7.75 -0.21 -10.73
C PRO A 43 9.00 0.52 -10.27
N VAL A 44 9.90 0.78 -11.21
CA VAL A 44 11.15 1.47 -10.95
C VAL A 44 10.90 2.92 -10.56
N ILE A 45 10.00 3.60 -11.29
CA ILE A 45 9.69 4.99 -10.98
C ILE A 45 9.17 5.08 -9.55
N PHE A 46 8.48 4.02 -9.14
CA PHE A 46 7.96 3.93 -7.80
C PHE A 46 9.06 3.47 -6.85
N HIS A 47 9.82 2.48 -7.31
CA HIS A 47 10.92 1.94 -6.51
C HIS A 47 11.98 3.01 -6.27
N ASN A 48 12.08 3.95 -7.20
CA ASN A 48 13.05 5.03 -7.09
C ASN A 48 12.40 6.20 -6.36
N LEU A 49 11.08 6.31 -6.50
CA LEU A 49 10.34 7.36 -5.83
C LEU A 49 10.49 7.12 -4.34
N ILE A 50 10.03 5.94 -3.94
CA ILE A 50 10.14 5.48 -2.58
C ILE A 50 11.58 5.60 -2.09
N MET A 51 12.44 4.84 -2.76
CA MET A 51 13.86 4.79 -2.47
C MET A 51 14.51 6.17 -2.38
N ASP A 52 14.17 7.04 -3.32
CA ASP A 52 14.77 8.37 -3.38
C ASP A 52 13.99 9.43 -2.60
N MET A 53 12.75 9.13 -2.24
CA MET A 53 11.92 10.09 -1.51
C MET A 53 11.40 9.54 -0.19
N VAL A 54 10.49 8.58 -0.26
CA VAL A 54 9.90 7.98 0.93
C VAL A 54 10.97 7.49 1.89
N LEU A 55 11.91 6.70 1.38
CA LEU A 55 12.99 6.15 2.20
C LEU A 55 13.73 7.25 2.95
N PRO A 56 14.32 8.21 2.22
CA PRO A 56 15.06 9.30 2.84
C PRO A 56 14.16 10.21 3.70
N LYS A 57 12.89 9.84 3.82
CA LYS A 57 11.94 10.62 4.62
C LYS A 57 10.96 9.69 5.32
N VAL A 58 11.36 8.44 5.49
CA VAL A 58 10.52 7.44 6.13
C VAL A 58 10.73 7.45 7.64
N VAL A 59 9.84 6.78 8.35
CA VAL A 59 9.92 6.70 9.79
C VAL A 59 9.35 5.38 10.27
N PRO A 60 9.89 4.83 11.37
CA PRO A 60 9.42 3.57 11.92
C PRO A 60 8.12 3.70 12.70
N ILE A 61 7.35 4.73 12.36
CA ILE A 61 6.06 4.99 13.00
C ILE A 61 6.17 5.06 14.51
N LYS A 62 5.17 5.67 15.15
CA LYS A 62 5.15 5.81 16.60
C LYS A 62 3.94 5.09 17.20
N GLY A 63 2.76 5.60 16.87
CA GLY A 63 1.53 5.00 17.38
C GLY A 63 0.51 4.74 16.30
N ASN A 64 0.99 4.45 15.09
CA ASN A 64 0.12 4.18 13.95
C ASN A 64 0.76 3.14 13.03
N LYS A 65 0.54 3.27 11.72
CA LYS A 65 1.12 2.34 10.75
C LYS A 65 0.70 2.71 9.33
N VAL A 66 1.64 2.57 8.38
CA VAL A 66 1.35 2.90 6.99
C VAL A 66 1.11 4.40 6.83
N THR A 67 2.19 5.17 6.94
CA THR A 67 2.09 6.63 6.83
C THR A 67 2.34 7.11 5.40
N LYS A 68 1.63 8.16 5.01
CA LYS A 68 1.77 8.73 3.67
C LYS A 68 2.83 9.83 3.68
N MET A 69 3.72 9.79 2.68
CA MET A 69 4.78 10.79 2.57
C MET A 69 4.20 12.19 2.57
N SER A 70 3.00 12.34 2.01
CA SER A 70 2.34 13.63 1.94
C SER A 70 3.19 14.66 1.20
N MET A 71 4.03 14.16 0.30
CA MET A 71 4.89 15.03 -0.50
C MET A 71 4.41 15.11 -1.94
N ASN A 72 3.54 14.18 -2.34
CA ASN A 72 3.02 14.14 -3.69
C ASN A 72 4.14 13.81 -4.68
N LEU A 73 4.72 12.62 -4.52
CA LEU A 73 5.79 12.19 -5.40
C LEU A 73 5.30 12.06 -6.83
N ILE A 74 4.14 11.43 -6.99
CA ILE A 74 3.53 11.27 -8.30
C ILE A 74 2.03 11.55 -8.23
N ASP A 75 1.46 11.93 -9.36
CA ASP A 75 0.05 12.23 -9.43
C ASP A 75 -0.74 11.00 -9.89
N GLY A 76 -1.89 10.79 -9.27
CA GLY A 76 -2.71 9.65 -9.62
C GLY A 76 -2.64 8.55 -8.59
N PHE A 77 -1.49 8.40 -7.93
CA PHE A 77 -1.32 7.36 -6.91
C PHE A 77 -1.22 7.95 -5.51
N ASP A 78 -1.06 7.07 -4.53
CA ASP A 78 -0.93 7.47 -3.13
C ASP A 78 0.30 6.81 -2.51
N CYS A 79 1.29 7.62 -2.16
CA CYS A 79 2.54 7.11 -1.59
C CYS A 79 2.44 6.89 -0.08
N PHE A 80 2.41 5.61 0.32
CA PHE A 80 2.35 5.24 1.73
C PHE A 80 3.54 4.37 2.11
N TYR A 81 3.90 4.36 3.39
CA TYR A 81 5.03 3.56 3.86
C TYR A 81 4.80 3.05 5.28
N SER A 82 5.15 1.79 5.51
CA SER A 82 4.98 1.17 6.82
C SER A 82 6.16 0.25 7.13
N THR A 83 6.90 0.58 8.19
CA THR A 83 8.04 -0.23 8.59
C THR A 83 7.60 -1.43 9.42
N ASP A 84 8.33 -2.55 9.27
CA ASP A 84 8.00 -3.77 10.00
C ASP A 84 7.73 -3.48 11.48
N ASP A 85 6.71 -4.14 12.02
CA ASP A 85 6.33 -3.96 13.42
C ASP A 85 7.52 -4.14 14.37
N HIS A 86 8.52 -4.89 13.93
CA HIS A 86 9.70 -5.12 14.76
C HIS A 86 10.97 -5.20 13.92
N ASP A 87 10.92 -4.64 12.71
CA ASP A 87 12.08 -4.66 11.82
C ASP A 87 12.14 -3.39 10.97
N PRO A 88 12.87 -2.37 11.43
CA PRO A 88 13.02 -1.11 10.69
C PRO A 88 13.71 -1.32 9.34
N LYS A 89 14.34 -2.48 9.18
CA LYS A 89 15.04 -2.81 7.94
C LYS A 89 14.12 -3.64 7.03
N THR A 90 12.82 -3.39 7.14
CA THR A 90 11.83 -4.10 6.33
C THR A 90 10.59 -3.24 6.19
N VAL A 91 10.73 -2.18 5.41
CA VAL A 91 9.65 -1.24 5.17
C VAL A 91 8.54 -1.86 4.33
N TYR A 92 7.47 -1.09 4.13
CA TYR A 92 6.33 -1.52 3.34
C TYR A 92 5.64 -0.32 2.71
N VAL A 93 5.94 -0.05 1.46
CA VAL A 93 5.37 1.09 0.77
C VAL A 93 4.23 0.67 -0.16
N CYS A 94 3.08 1.32 0.01
CA CYS A 94 1.90 1.03 -0.79
C CYS A 94 1.52 2.24 -1.65
N PHE A 95 1.59 2.04 -2.96
CA PHE A 95 1.23 3.07 -3.92
C PHE A 95 -0.24 2.91 -4.30
N THR A 96 -1.13 3.29 -3.39
CA THR A 96 -2.55 3.16 -3.63
C THR A 96 -3.03 4.18 -4.65
N LEU A 97 -4.34 4.23 -4.85
CA LEU A 97 -4.94 5.16 -5.79
C LEU A 97 -5.53 6.35 -5.04
N VAL A 98 -5.12 7.55 -5.44
CA VAL A 98 -5.60 8.78 -4.80
C VAL A 98 -7.11 8.73 -4.54
N ASP A 99 -7.84 8.10 -5.45
CA ASP A 99 -9.28 7.98 -5.32
C ASP A 99 -9.63 7.13 -4.10
N ILE A 100 -8.85 6.08 -3.88
CA ILE A 100 -9.06 5.17 -2.76
C ILE A 100 -8.83 5.89 -1.43
N PRO A 101 -9.67 5.63 -0.42
CA PRO A 101 -9.55 6.26 0.89
C PRO A 101 -8.18 5.99 1.53
N LYS A 102 -8.05 6.39 2.79
CA LYS A 102 -6.80 6.20 3.52
C LYS A 102 -6.94 5.12 4.59
N ILE A 103 -7.13 3.88 4.15
CA ILE A 103 -7.29 2.76 5.07
C ILE A 103 -6.87 1.44 4.44
N LEU A 104 -7.18 1.26 3.15
CA LEU A 104 -6.82 0.03 2.46
C LEU A 104 -5.31 -0.18 2.53
N PRO A 105 -4.52 0.77 1.95
CA PRO A 105 -3.06 0.67 1.98
C PRO A 105 -2.54 0.36 3.37
N ILE A 106 -3.24 0.90 4.36
CA ILE A 106 -2.89 0.68 5.75
C ILE A 106 -3.11 -0.78 6.12
N ARG A 107 -4.14 -1.37 5.53
CA ARG A 107 -4.48 -2.77 5.76
C ARG A 107 -3.61 -3.68 4.91
N ILE A 108 -3.16 -3.17 3.75
CA ILE A 108 -2.32 -3.95 2.86
C ILE A 108 -0.99 -4.26 3.51
N LEU A 109 -0.37 -3.25 4.13
CA LEU A 109 0.90 -3.44 4.81
C LEU A 109 0.68 -4.17 6.13
N SER A 110 -0.26 -3.70 6.93
CA SER A 110 -0.57 -4.34 8.19
C SER A 110 -1.08 -5.75 7.92
N GLY A 111 -1.69 -5.92 6.75
CA GLY A 111 -2.21 -7.21 6.35
C GLY A 111 -1.09 -8.11 5.87
N LEU A 112 -0.22 -7.57 5.01
CA LEU A 112 0.92 -8.33 4.51
C LEU A 112 1.75 -8.80 5.68
N GLN A 113 1.76 -8.00 6.75
CA GLN A 113 2.49 -8.34 7.96
C GLN A 113 1.76 -9.45 8.72
N GLU A 114 0.48 -9.65 8.37
CA GLU A 114 -0.31 -10.68 9.01
C GLU A 114 0.11 -12.05 8.52
N TYR A 115 0.72 -12.09 7.33
CA TYR A 115 1.17 -13.36 6.77
C TYR A 115 2.55 -13.74 7.30
N GLU A 116 3.61 -13.37 6.56
CA GLU A 116 4.99 -13.67 6.96
C GLU A 116 5.93 -13.63 5.76
N SER A 117 5.38 -13.82 4.57
CA SER A 117 6.18 -13.82 3.35
C SER A 117 6.24 -12.43 2.71
N ASN A 118 5.32 -12.16 1.77
CA ASN A 118 5.28 -10.88 1.09
C ASN A 118 6.68 -10.40 0.74
N ALA A 119 7.59 -11.33 0.49
CA ALA A 119 8.97 -11.01 0.17
C ALA A 119 9.31 -11.27 -1.29
N THR A 120 8.34 -11.12 -2.18
CA THR A 120 8.59 -11.33 -3.61
C THR A 120 7.77 -10.35 -4.44
N ASN A 121 8.22 -10.11 -5.66
CA ASN A 121 7.50 -9.20 -6.54
C ASN A 121 6.29 -9.87 -7.16
N GLU A 122 5.82 -10.94 -6.52
CA GLU A 122 4.66 -11.65 -7.00
C GLU A 122 4.12 -12.55 -5.89
N LEU A 123 4.40 -12.15 -4.65
CA LEU A 123 3.95 -12.92 -3.51
C LEU A 123 3.18 -12.01 -2.56
N LEU A 124 3.78 -10.88 -2.26
CA LEU A 124 3.15 -9.89 -1.41
C LEU A 124 1.80 -9.53 -2.01
N SER A 125 1.81 -9.29 -3.32
CA SER A 125 0.59 -8.96 -4.05
C SER A 125 -0.55 -9.90 -3.64
N SER A 126 -0.17 -11.13 -3.29
CA SER A 126 -1.13 -12.13 -2.87
C SER A 126 -1.89 -11.66 -1.64
N HIS A 127 -1.16 -11.38 -0.59
CA HIS A 127 -1.77 -10.92 0.65
C HIS A 127 -2.56 -9.65 0.39
N VAL A 128 -2.04 -8.80 -0.48
CA VAL A 128 -2.74 -7.56 -0.82
C VAL A 128 -4.17 -7.86 -1.22
N GLY A 129 -4.36 -8.87 -2.07
CA GLY A 129 -5.70 -9.22 -2.49
C GLY A 129 -6.50 -9.87 -1.38
N GLN A 130 -5.87 -10.83 -0.70
CA GLN A 130 -6.52 -11.55 0.40
C GLN A 130 -6.79 -10.60 1.57
N ILE A 131 -6.04 -9.50 1.63
CA ILE A 131 -6.22 -8.51 2.69
C ILE A 131 -7.23 -7.47 2.23
N LEU A 132 -7.29 -7.28 0.91
CA LEU A 132 -8.21 -6.34 0.31
C LEU A 132 -9.66 -6.75 0.56
N ASP A 133 -9.93 -8.05 0.44
CA ASP A 133 -11.27 -8.58 0.67
C ASP A 133 -11.62 -8.52 2.15
N SER A 134 -10.66 -8.83 3.00
CA SER A 134 -10.88 -8.82 4.44
C SER A 134 -10.76 -7.39 5.01
N PHE A 135 -10.18 -6.50 4.21
CA PHE A 135 -10.00 -5.11 4.63
C PHE A 135 -11.33 -4.50 5.08
N HIS A 136 -12.32 -4.50 4.19
CA HIS A 136 -13.63 -3.96 4.51
C HIS A 136 -14.26 -4.71 5.67
N GLU A 137 -14.20 -6.04 5.62
CA GLU A 137 -14.76 -6.87 6.68
C GLU A 137 -14.25 -6.39 8.04
N GLU A 138 -13.06 -5.81 8.04
CA GLU A 138 -12.46 -5.29 9.27
C GLU A 138 -13.10 -3.94 9.62
N LEU A 139 -13.41 -3.16 8.60
CA LEU A 139 -14.04 -1.85 8.80
C LEU A 139 -15.45 -2.03 9.35
N VAL A 140 -16.07 -3.15 8.99
CA VAL A 140 -17.40 -3.45 9.46
C VAL A 140 -17.35 -3.95 10.89
N GLU A 141 -16.44 -4.88 11.12
CA GLU A 141 -16.24 -5.45 12.43
C GLU A 141 -15.73 -4.38 13.39
N TYR A 142 -14.93 -3.46 12.85
CA TYR A 142 -14.37 -2.37 13.64
C TYR A 142 -15.48 -1.46 14.15
N ARG A 143 -16.54 -1.33 13.36
CA ARG A 143 -17.68 -0.51 13.74
C ARG A 143 -18.33 -1.02 15.02
N ASN A 144 -18.17 -2.31 15.29
CA ASN A 144 -18.75 -2.92 16.48
C ASN A 144 -17.66 -3.23 17.51
N GLN A 145 -16.90 -2.22 17.88
CA GLN A 145 -15.82 -2.38 18.85
C GLN A 145 -15.68 -1.13 19.71
N THR A 146 -16.21 -1.18 20.93
CA THR A 146 -16.14 -0.05 21.86
C THR A 146 -16.44 1.27 21.16
N LEU A 147 -17.70 1.68 21.19
CA LEU A 147 -18.11 2.93 20.56
C LEU A 147 -18.76 3.86 21.57
N ASN A 148 -18.48 5.15 21.45
CA ASN A 148 -19.03 6.15 22.36
C ASN A 148 -19.64 7.31 21.59
N SER A 149 -20.20 7.02 20.41
CA SER A 149 -20.80 8.04 19.58
C SER A 149 -22.32 8.05 19.75
N MET A 1 -19.30 -0.43 -9.55
CA MET A 1 -20.01 0.65 -8.83
C MET A 1 -19.14 1.25 -7.74
N LYS A 2 -17.96 1.71 -8.12
CA LYS A 2 -17.02 2.31 -7.18
C LYS A 2 -16.67 1.33 -6.07
N ARG A 3 -15.45 0.81 -6.11
CA ARG A 3 -14.97 -0.14 -5.11
C ARG A 3 -13.52 0.13 -4.75
N PHE A 4 -12.92 -0.79 -4.01
CA PHE A 4 -11.52 -0.65 -3.59
C PHE A 4 -10.60 -1.48 -4.48
N ASN A 5 -9.35 -1.03 -4.61
CA ASN A 5 -8.37 -1.73 -5.42
C ASN A 5 -7.02 -1.02 -5.40
N VAL A 6 -6.04 -1.62 -4.71
CA VAL A 6 -4.71 -1.03 -4.61
C VAL A 6 -4.02 -1.09 -5.98
N SER A 7 -3.22 -0.06 -6.27
CA SER A 7 -2.51 0.02 -7.54
C SER A 7 -1.14 -0.64 -7.46
N TYR A 8 -0.26 -0.12 -6.61
CA TYR A 8 1.08 -0.67 -6.48
C TYR A 8 1.45 -0.90 -5.02
N VAL A 9 2.16 -2.00 -4.78
CA VAL A 9 2.59 -2.33 -3.40
C VAL A 9 3.91 -3.09 -3.37
N GLU A 10 5.01 -2.38 -3.08
CA GLU A 10 6.31 -3.04 -3.01
C GLU A 10 6.88 -3.00 -1.59
N VAL A 11 7.46 -4.12 -1.17
CA VAL A 11 8.09 -4.20 0.14
C VAL A 11 9.55 -3.82 0.00
N ILE A 12 10.12 -3.28 1.07
CA ILE A 12 11.50 -2.84 1.01
C ILE A 12 12.33 -3.35 2.20
N LYS A 13 13.42 -4.05 1.91
CA LYS A 13 14.29 -4.56 2.95
C LYS A 13 15.66 -3.88 2.92
N ASN A 14 15.96 -3.14 3.99
CA ASN A 14 17.24 -2.44 4.10
C ASN A 14 17.38 -1.34 3.05
N GLY A 15 16.26 -0.71 2.69
CA GLY A 15 16.30 0.34 1.69
C GLY A 15 16.30 -0.22 0.29
N GLU A 16 15.78 -1.43 0.14
CA GLU A 16 15.71 -2.09 -1.15
C GLU A 16 14.27 -2.29 -1.58
N THR A 17 13.99 -3.41 -2.22
CA THR A 17 12.64 -3.72 -2.68
C THR A 17 12.44 -5.23 -2.78
N ILE A 18 12.28 -5.87 -1.64
CA ILE A 18 12.09 -7.32 -1.58
C ILE A 18 10.87 -7.76 -2.39
N SER A 19 9.78 -7.02 -2.24
CA SER A 19 8.53 -7.35 -2.93
C SER A 19 8.05 -6.21 -3.82
N SER A 20 7.05 -6.48 -4.65
CA SER A 20 6.50 -5.48 -5.55
C SER A 20 5.18 -5.93 -6.19
N CYS A 21 4.12 -5.17 -5.92
CA CYS A 21 2.80 -5.45 -6.47
C CYS A 21 2.44 -4.35 -7.46
N PHE A 22 3.14 -4.31 -8.57
CA PHE A 22 2.92 -3.30 -9.59
C PHE A 22 2.43 -3.94 -10.87
N GLN A 23 1.13 -4.12 -10.97
CA GLN A 23 0.54 -4.75 -12.14
C GLN A 23 -0.53 -3.88 -12.78
N PRO A 24 -0.69 -3.96 -14.12
CA PRO A 24 -1.69 -3.20 -14.85
C PRO A 24 -3.08 -3.83 -14.73
N PHE A 25 -4.09 -2.99 -14.59
CA PHE A 25 -5.46 -3.49 -14.44
C PHE A 25 -6.45 -2.67 -15.27
N GLN A 26 -6.19 -1.36 -15.40
CA GLN A 26 -7.07 -0.50 -16.15
C GLN A 26 -8.49 -0.59 -15.57
N LYS A 27 -8.58 -0.37 -14.26
CA LYS A 27 -9.85 -0.45 -13.54
C LYS A 27 -10.74 -1.58 -14.07
N ASN A 28 -10.62 -2.75 -13.45
CA ASN A 28 -11.39 -3.91 -13.87
C ASN A 28 -12.70 -4.02 -13.09
N GLU A 29 -13.78 -3.52 -13.69
CA GLU A 29 -15.10 -3.56 -13.06
C GLU A 29 -15.16 -2.71 -11.80
N ASN A 30 -14.51 -3.17 -10.74
CA ASN A 30 -14.52 -2.46 -9.46
C ASN A 30 -13.45 -1.37 -9.44
N TYR A 31 -13.78 -0.25 -8.79
CA TYR A 31 -12.86 0.87 -8.68
C TYR A 31 -12.46 1.40 -10.05
N GLY A 32 -12.00 2.66 -10.09
CA GLY A 32 -11.60 3.27 -11.34
C GLY A 32 -10.55 4.34 -11.16
N THR A 33 -9.41 4.19 -11.85
CA THR A 33 -8.34 5.16 -11.77
C THR A 33 -7.34 4.98 -12.91
N ILE A 34 -6.53 3.92 -12.83
CA ILE A 34 -5.53 3.64 -13.85
C ILE A 34 -6.16 3.03 -15.09
N THR A 35 -5.53 3.26 -16.24
CA THR A 35 -6.02 2.72 -17.50
C THR A 35 -5.06 3.03 -18.65
N SER A 36 -5.17 4.20 -19.25
CA SER A 36 -4.30 4.60 -20.35
C SER A 36 -3.68 5.97 -20.09
N ALA A 37 -3.24 6.19 -18.86
CA ALA A 37 -2.61 7.45 -18.48
C ALA A 37 -1.65 7.27 -17.31
N ASN A 38 -2.11 6.55 -16.29
CA ASN A 38 -1.29 6.30 -15.11
C ASN A 38 -0.81 4.86 -15.09
N GLU A 39 -0.61 4.30 -16.27
CA GLU A 39 -0.15 2.92 -16.40
C GLU A 39 1.15 2.85 -17.19
N GLN A 40 1.91 3.95 -17.15
CA GLN A 40 3.19 4.02 -17.86
C GLN A 40 4.33 3.97 -16.85
N ILE A 41 4.11 4.60 -15.70
CA ILE A 41 5.10 4.63 -14.64
C ILE A 41 5.49 3.22 -14.22
N THR A 42 6.78 2.90 -14.36
CA THR A 42 7.29 1.57 -14.01
C THR A 42 7.51 1.47 -12.51
N PRO A 43 7.52 0.26 -11.96
CA PRO A 43 7.76 0.05 -10.53
C PRO A 43 9.02 0.79 -10.08
N VAL A 44 9.90 1.07 -11.04
CA VAL A 44 11.14 1.77 -10.80
C VAL A 44 10.89 3.21 -10.35
N ILE A 45 10.02 3.92 -11.08
CA ILE A 45 9.72 5.30 -10.72
C ILE A 45 9.18 5.36 -9.31
N PHE A 46 8.46 4.32 -8.93
CA PHE A 46 7.90 4.21 -7.59
C PHE A 46 8.97 3.70 -6.63
N HIS A 47 9.76 2.74 -7.08
CA HIS A 47 10.83 2.18 -6.26
C HIS A 47 11.91 3.24 -6.02
N ASN A 48 12.02 4.17 -6.96
CA ASN A 48 12.99 5.25 -6.85
C ASN A 48 12.35 6.40 -6.10
N LEU A 49 11.02 6.50 -6.22
CA LEU A 49 10.28 7.51 -5.51
C LEU A 49 10.47 7.28 -4.03
N ILE A 50 10.06 6.09 -3.63
CA ILE A 50 10.20 5.62 -2.27
C ILE A 50 11.65 5.78 -1.82
N MET A 51 12.51 5.03 -2.50
CA MET A 51 13.93 5.01 -2.24
C MET A 51 14.55 6.41 -2.17
N ASP A 52 14.11 7.30 -3.07
CA ASP A 52 14.63 8.66 -3.12
C ASP A 52 13.83 9.64 -2.25
N MET A 53 12.63 9.26 -1.86
CA MET A 53 11.78 10.15 -1.06
C MET A 53 11.33 9.49 0.24
N VAL A 54 10.48 8.49 0.13
CA VAL A 54 9.97 7.78 1.30
C VAL A 54 11.09 7.31 2.22
N LEU A 55 12.06 6.63 1.64
CA LEU A 55 13.18 6.09 2.41
C LEU A 55 13.91 7.20 3.16
N PRO A 56 14.43 8.22 2.46
CA PRO A 56 15.14 9.32 3.10
C PRO A 56 14.25 10.13 4.04
N LYS A 57 13.00 9.71 4.20
CA LYS A 57 12.07 10.41 5.09
C LYS A 57 11.09 9.40 5.70
N VAL A 58 11.54 8.16 5.80
CA VAL A 58 10.72 7.09 6.35
C VAL A 58 10.86 7.05 7.87
N VAL A 59 9.98 6.29 8.50
CA VAL A 59 9.99 6.14 9.94
C VAL A 59 9.75 4.69 10.32
N PRO A 60 10.37 4.22 11.40
CA PRO A 60 10.21 2.85 11.86
C PRO A 60 8.86 2.62 12.54
N ILE A 61 7.86 3.40 12.12
CA ILE A 61 6.51 3.31 12.65
C ILE A 61 6.50 3.14 14.17
N LYS A 62 6.32 4.25 14.88
CA LYS A 62 6.28 4.24 16.34
C LYS A 62 4.84 4.13 16.83
N GLY A 63 3.91 4.59 16.00
CA GLY A 63 2.50 4.55 16.36
C GLY A 63 1.62 5.05 15.24
N ASN A 64 1.97 4.68 14.01
CA ASN A 64 1.20 5.10 12.83
C ASN A 64 0.80 3.90 11.98
N LYS A 65 1.80 3.19 11.46
CA LYS A 65 1.56 2.01 10.62
C LYS A 65 0.94 2.41 9.28
N VAL A 66 1.78 2.47 8.25
CA VAL A 66 1.32 2.85 6.91
C VAL A 66 1.07 4.35 6.82
N THR A 67 2.14 5.14 6.96
CA THR A 67 2.02 6.59 6.90
C THR A 67 2.26 7.11 5.49
N LYS A 68 1.40 8.04 5.07
CA LYS A 68 1.53 8.63 3.74
C LYS A 68 2.47 9.83 3.78
N MET A 69 3.48 9.80 2.91
CA MET A 69 4.47 10.87 2.85
C MET A 69 3.78 12.22 2.70
N SER A 70 2.68 12.24 1.95
CA SER A 70 1.92 13.47 1.73
C SER A 70 2.77 14.55 1.09
N MET A 71 3.81 14.14 0.39
CA MET A 71 4.69 15.09 -0.29
C MET A 71 4.37 15.14 -1.78
N ASN A 72 3.30 14.45 -2.19
CA ASN A 72 2.90 14.42 -3.58
C ASN A 72 4.05 13.94 -4.47
N LEU A 73 4.60 12.79 -4.12
CA LEU A 73 5.72 12.22 -4.88
C LEU A 73 5.31 11.96 -6.32
N ILE A 74 4.04 11.61 -6.51
CA ILE A 74 3.51 11.34 -7.83
C ILE A 74 2.01 11.61 -7.89
N ASP A 75 1.53 11.97 -9.06
CA ASP A 75 0.11 12.25 -9.25
C ASP A 75 -0.61 11.03 -9.77
N GLY A 76 -1.80 10.78 -9.25
CA GLY A 76 -2.57 9.63 -9.66
C GLY A 76 -2.68 8.59 -8.57
N PHE A 77 -1.65 8.48 -7.75
CA PHE A 77 -1.65 7.49 -6.66
C PHE A 77 -1.22 8.14 -5.34
N ASP A 78 -1.27 7.37 -4.26
CA ASP A 78 -0.88 7.85 -2.94
C ASP A 78 0.27 7.05 -2.38
N CYS A 79 1.36 7.72 -2.02
CA CYS A 79 2.55 7.07 -1.49
C CYS A 79 2.43 6.78 0.01
N PHE A 80 2.12 5.52 0.34
CA PHE A 80 1.99 5.09 1.73
C PHE A 80 3.15 4.18 2.13
N TYR A 81 3.84 4.53 3.20
CA TYR A 81 4.97 3.71 3.68
C TYR A 81 4.73 3.20 5.08
N SER A 82 5.04 1.92 5.29
CA SER A 82 4.86 1.28 6.59
C SER A 82 6.05 0.36 6.89
N THR A 83 6.80 0.68 7.94
CA THR A 83 7.96 -0.13 8.31
C THR A 83 7.55 -1.28 9.22
N ASP A 84 8.33 -2.35 9.20
CA ASP A 84 8.05 -3.53 10.02
C ASP A 84 7.79 -3.14 11.47
N ASP A 85 7.05 -3.99 12.17
CA ASP A 85 6.71 -3.74 13.57
C ASP A 85 7.94 -3.82 14.47
N HIS A 86 8.99 -4.50 14.01
CA HIS A 86 10.20 -4.65 14.79
C HIS A 86 11.43 -4.81 13.91
N ASP A 87 11.33 -4.36 12.65
CA ASP A 87 12.44 -4.47 11.72
C ASP A 87 12.51 -3.25 10.81
N PRO A 88 13.25 -2.21 11.22
CA PRO A 88 13.40 -0.98 10.42
C PRO A 88 14.02 -1.26 9.06
N LYS A 89 14.64 -2.43 8.92
CA LYS A 89 15.27 -2.83 7.67
C LYS A 89 14.30 -3.68 6.83
N THR A 90 13.01 -3.41 7.00
CA THR A 90 11.98 -4.13 6.26
C THR A 90 10.73 -3.27 6.15
N VAL A 91 10.82 -2.26 5.29
CA VAL A 91 9.73 -1.34 5.07
C VAL A 91 8.63 -1.97 4.21
N TYR A 92 7.57 -1.21 3.99
CA TYR A 92 6.43 -1.66 3.19
C TYR A 92 5.77 -0.47 2.51
N VAL A 93 5.96 -0.35 1.20
CA VAL A 93 5.39 0.76 0.46
C VAL A 93 4.19 0.33 -0.38
N CYS A 94 3.16 1.15 -0.36
CA CYS A 94 1.94 0.88 -1.11
C CYS A 94 1.42 2.14 -1.78
N PHE A 95 1.50 2.19 -3.10
CA PHE A 95 1.02 3.33 -3.86
C PHE A 95 -0.45 3.15 -4.16
N THR A 96 -1.30 3.51 -3.21
CA THR A 96 -2.73 3.36 -3.36
C THR A 96 -3.34 4.50 -4.15
N LEU A 97 -4.15 4.14 -5.16
CA LEU A 97 -4.81 5.13 -6.00
C LEU A 97 -5.46 6.21 -5.14
N VAL A 98 -5.14 7.47 -5.45
CA VAL A 98 -5.68 8.61 -4.70
C VAL A 98 -7.17 8.48 -4.42
N ASP A 99 -7.90 7.86 -5.34
CA ASP A 99 -9.34 7.69 -5.17
C ASP A 99 -9.65 6.85 -3.93
N ILE A 100 -8.66 6.13 -3.42
CA ILE A 100 -8.86 5.30 -2.22
C ILE A 100 -8.59 6.12 -0.96
N PRO A 101 -9.45 5.98 0.06
CA PRO A 101 -9.30 6.72 1.33
C PRO A 101 -7.96 6.39 1.99
N LYS A 102 -7.90 6.59 3.30
CA LYS A 102 -6.67 6.32 4.05
C LYS A 102 -6.88 5.15 5.02
N ILE A 103 -7.15 3.97 4.46
CA ILE A 103 -7.38 2.78 5.28
C ILE A 103 -6.97 1.50 4.55
N LEU A 104 -7.27 1.42 3.26
CA LEU A 104 -6.91 0.23 2.50
C LEU A 104 -5.40 0.00 2.56
N PRO A 105 -4.60 0.96 2.03
CA PRO A 105 -3.14 0.85 2.05
C PRO A 105 -2.63 0.49 3.45
N ILE A 106 -3.40 0.87 4.46
CA ILE A 106 -3.04 0.59 5.84
C ILE A 106 -3.32 -0.88 6.17
N ARG A 107 -4.39 -1.41 5.56
CA ARG A 107 -4.76 -2.81 5.77
C ARG A 107 -3.97 -3.71 4.83
N ILE A 108 -3.56 -3.16 3.69
CA ILE A 108 -2.78 -3.89 2.70
C ILE A 108 -1.37 -4.12 3.23
N LEU A 109 -0.74 -3.03 3.65
CA LEU A 109 0.60 -3.11 4.21
C LEU A 109 0.58 -3.88 5.52
N SER A 110 -0.26 -3.42 6.45
CA SER A 110 -0.40 -4.10 7.72
C SER A 110 -0.89 -5.52 7.49
N GLY A 111 -1.59 -5.71 6.36
CA GLY A 111 -2.09 -7.01 6.01
C GLY A 111 -0.97 -7.94 5.58
N LEU A 112 -0.14 -7.48 4.66
CA LEU A 112 1.01 -8.29 4.21
C LEU A 112 1.81 -8.76 5.42
N GLN A 113 1.75 -7.95 6.48
CA GLN A 113 2.46 -8.27 7.71
C GLN A 113 1.73 -9.37 8.49
N GLU A 114 0.44 -9.54 8.21
CA GLU A 114 -0.34 -10.57 8.89
C GLU A 114 0.00 -11.95 8.34
N TYR A 115 0.58 -11.98 7.13
CA TYR A 115 0.96 -13.25 6.51
C TYR A 115 2.30 -13.73 7.06
N GLU A 116 3.40 -13.38 6.37
CA GLU A 116 4.74 -13.77 6.77
C GLU A 116 5.70 -13.71 5.58
N SER A 117 5.15 -13.86 4.38
CA SER A 117 5.96 -13.83 3.16
C SER A 117 6.04 -12.42 2.57
N ASN A 118 5.12 -12.10 1.64
CA ASN A 118 5.11 -10.79 0.99
C ASN A 118 6.52 -10.33 0.66
N ALA A 119 7.41 -11.29 0.39
CA ALA A 119 8.80 -10.97 0.09
C ALA A 119 9.17 -11.25 -1.36
N THR A 120 8.23 -11.05 -2.29
CA THR A 120 8.50 -11.26 -3.70
C THR A 120 7.75 -10.25 -4.55
N ASN A 121 8.20 -10.05 -5.78
CA ASN A 121 7.55 -9.11 -6.68
C ASN A 121 6.31 -9.71 -7.29
N GLU A 122 5.79 -10.76 -6.66
CA GLU A 122 4.59 -11.40 -7.15
C GLU A 122 3.99 -12.27 -6.06
N LEU A 123 4.30 -11.93 -4.81
CA LEU A 123 3.80 -12.67 -3.68
C LEU A 123 3.07 -11.73 -2.74
N LEU A 124 3.71 -10.63 -2.41
CA LEU A 124 3.09 -9.63 -1.55
C LEU A 124 1.77 -9.22 -2.16
N SER A 125 1.80 -8.94 -3.47
CA SER A 125 0.61 -8.56 -4.20
C SER A 125 -0.54 -9.51 -3.86
N SER A 126 -0.19 -10.76 -3.58
CA SER A 126 -1.17 -11.77 -3.24
C SER A 126 -1.93 -11.39 -1.99
N HIS A 127 -1.20 -11.14 -0.93
CA HIS A 127 -1.83 -10.75 0.33
C HIS A 127 -2.65 -9.50 0.12
N VAL A 128 -2.16 -8.59 -0.71
CA VAL A 128 -2.89 -7.36 -1.00
C VAL A 128 -4.33 -7.68 -1.38
N GLY A 129 -4.50 -8.61 -2.31
CA GLY A 129 -5.84 -8.99 -2.72
C GLY A 129 -6.57 -9.75 -1.64
N GLN A 130 -5.93 -10.77 -1.08
CA GLN A 130 -6.53 -11.57 -0.03
C GLN A 130 -6.80 -10.74 1.23
N ILE A 131 -6.13 -9.59 1.32
CA ILE A 131 -6.31 -8.70 2.46
C ILE A 131 -7.41 -7.70 2.15
N LEU A 132 -7.54 -7.42 0.85
CA LEU A 132 -8.57 -6.52 0.36
C LEU A 132 -9.96 -7.08 0.64
N ASP A 133 -10.10 -8.39 0.44
CA ASP A 133 -11.37 -9.05 0.69
C ASP A 133 -11.74 -8.98 2.17
N SER A 134 -10.72 -9.00 3.02
CA SER A 134 -10.91 -8.94 4.46
C SER A 134 -11.00 -7.50 4.94
N PHE A 135 -10.56 -6.56 4.10
CA PHE A 135 -10.59 -5.14 4.44
C PHE A 135 -11.97 -4.73 4.93
N HIS A 136 -13.00 -5.28 4.31
CA HIS A 136 -14.37 -4.96 4.70
C HIS A 136 -14.63 -5.33 6.16
N GLU A 137 -14.19 -6.54 6.54
CA GLU A 137 -14.36 -7.00 7.92
C GLU A 137 -13.85 -5.94 8.89
N GLU A 138 -12.87 -5.16 8.45
CA GLU A 138 -12.31 -4.10 9.27
C GLU A 138 -13.25 -2.89 9.26
N LEU A 139 -13.87 -2.65 8.11
CA LEU A 139 -14.82 -1.54 7.99
C LEU A 139 -16.00 -1.77 8.91
N VAL A 140 -16.36 -3.04 9.05
CA VAL A 140 -17.47 -3.43 9.93
C VAL A 140 -17.01 -3.32 11.36
N GLU A 141 -15.84 -3.90 11.61
CA GLU A 141 -15.24 -3.87 12.93
C GLU A 141 -14.98 -2.43 13.37
N TYR A 142 -14.72 -1.58 12.38
CA TYR A 142 -14.46 -0.16 12.63
C TYR A 142 -15.74 0.55 13.09
N ARG A 143 -16.89 -0.09 12.88
CA ARG A 143 -18.17 0.48 13.28
C ARG A 143 -18.55 0.07 14.70
N ASN A 144 -17.55 -0.34 15.49
CA ASN A 144 -17.79 -0.76 16.87
C ASN A 144 -16.89 0.01 17.83
N GLN A 145 -15.62 0.15 17.46
CA GLN A 145 -14.66 0.86 18.30
C GLN A 145 -15.09 2.31 18.52
N THR A 146 -14.86 3.14 17.50
CA THR A 146 -15.23 4.54 17.58
C THR A 146 -16.37 4.87 16.62
N LEU A 147 -17.42 5.49 17.14
CA LEU A 147 -18.58 5.86 16.34
C LEU A 147 -18.86 7.36 16.43
N ASN A 148 -19.89 7.81 15.73
CA ASN A 148 -20.27 9.21 15.73
C ASN A 148 -19.13 10.08 15.21
N SER A 149 -18.34 9.53 14.30
CA SER A 149 -17.21 10.25 13.73
C SER A 149 -16.51 9.40 12.67
N MET A 1 -19.88 -4.02 1.37
CA MET A 1 -20.25 -3.78 -0.04
C MET A 1 -19.18 -2.97 -0.77
N LYS A 2 -19.06 -3.20 -2.07
CA LYS A 2 -18.07 -2.50 -2.87
C LYS A 2 -16.66 -2.79 -2.39
N ARG A 3 -15.87 -3.48 -3.22
CA ARG A 3 -14.50 -3.83 -2.86
C ARG A 3 -13.54 -2.72 -3.30
N PHE A 4 -12.25 -3.03 -3.28
CA PHE A 4 -11.23 -2.06 -3.67
C PHE A 4 -10.09 -2.74 -4.42
N ASN A 5 -9.08 -1.95 -4.80
CA ASN A 5 -7.94 -2.49 -5.54
C ASN A 5 -6.71 -1.61 -5.36
N VAL A 6 -5.65 -2.19 -4.79
CA VAL A 6 -4.42 -1.46 -4.56
C VAL A 6 -3.69 -1.22 -5.88
N SER A 7 -3.01 -0.09 -5.99
CA SER A 7 -2.28 0.26 -7.21
C SER A 7 -0.90 -0.40 -7.24
N TYR A 8 -0.08 -0.07 -6.24
CA TYR A 8 1.27 -0.61 -6.19
C TYR A 8 1.72 -0.82 -4.75
N VAL A 9 2.14 -2.04 -4.43
CA VAL A 9 2.62 -2.33 -3.07
C VAL A 9 4.07 -2.81 -3.10
N GLU A 10 5.00 -1.90 -2.92
CA GLU A 10 6.42 -2.23 -2.94
C GLU A 10 7.01 -2.34 -1.54
N VAL A 11 7.47 -3.53 -1.18
CA VAL A 11 8.09 -3.74 0.12
C VAL A 11 9.58 -3.47 0.02
N ILE A 12 10.12 -2.76 1.01
CA ILE A 12 11.52 -2.39 0.99
C ILE A 12 12.31 -3.06 2.11
N LYS A 13 13.30 -3.87 1.74
CA LYS A 13 14.14 -4.53 2.74
C LYS A 13 15.52 -3.87 2.84
N ASN A 14 15.75 -3.15 3.93
CA ASN A 14 17.03 -2.48 4.16
C ASN A 14 17.31 -1.43 3.09
N GLY A 15 16.27 -0.73 2.66
CA GLY A 15 16.44 0.27 1.63
C GLY A 15 16.56 -0.34 0.25
N GLU A 16 15.97 -1.52 0.10
CA GLU A 16 16.00 -2.23 -1.16
C GLU A 16 14.73 -3.06 -1.33
N THR A 17 13.93 -2.70 -2.32
CA THR A 17 12.67 -3.39 -2.57
C THR A 17 12.84 -4.91 -2.56
N ILE A 18 12.00 -5.57 -1.76
CA ILE A 18 12.02 -7.03 -1.67
C ILE A 18 10.90 -7.59 -2.53
N SER A 19 9.75 -6.94 -2.44
CA SER A 19 8.57 -7.35 -3.20
C SER A 19 7.92 -6.14 -3.88
N SER A 20 6.86 -6.39 -4.65
CA SER A 20 6.17 -5.30 -5.35
C SER A 20 4.87 -5.79 -5.96
N CYS A 21 3.78 -5.10 -5.62
CA CYS A 21 2.46 -5.44 -6.14
C CYS A 21 2.02 -4.39 -7.15
N PHE A 22 2.68 -4.39 -8.30
CA PHE A 22 2.38 -3.43 -9.35
C PHE A 22 1.64 -4.12 -10.50
N GLN A 23 0.33 -4.22 -10.34
CA GLN A 23 -0.51 -4.87 -11.36
C GLN A 23 -1.32 -3.84 -12.16
N PRO A 24 -1.49 -4.08 -13.47
CA PRO A 24 -2.24 -3.19 -14.35
C PRO A 24 -3.75 -3.43 -14.27
N PHE A 25 -4.52 -2.36 -14.40
CA PHE A 25 -5.98 -2.45 -14.33
C PHE A 25 -6.61 -1.07 -14.49
N GLN A 26 -7.35 -0.88 -15.59
CA GLN A 26 -8.00 0.40 -15.85
C GLN A 26 -9.27 0.54 -15.01
N LYS A 27 -9.13 0.48 -13.69
CA LYS A 27 -10.26 0.62 -12.78
C LYS A 27 -11.31 -0.45 -13.06
N ASN A 28 -12.21 -0.65 -12.10
CA ASN A 28 -13.27 -1.65 -12.24
C ASN A 28 -14.64 -0.97 -12.27
N GLU A 29 -14.73 0.12 -13.03
CA GLU A 29 -15.98 0.87 -13.15
C GLU A 29 -16.64 1.09 -11.79
N ASN A 30 -15.83 1.27 -10.77
CA ASN A 30 -16.33 1.49 -9.42
C ASN A 30 -15.19 1.78 -8.45
N TYR A 31 -14.23 0.87 -8.39
CA TYR A 31 -13.08 1.03 -7.50
C TYR A 31 -11.78 0.97 -8.28
N GLY A 32 -11.18 2.13 -8.51
CA GLY A 32 -9.93 2.20 -9.25
C GLY A 32 -9.62 3.58 -9.76
N THR A 33 -8.59 3.69 -10.60
CA THR A 33 -8.20 4.98 -11.17
C THR A 33 -7.29 4.79 -12.37
N ILE A 34 -6.35 3.86 -12.24
CA ILE A 34 -5.40 3.58 -13.32
C ILE A 34 -6.13 3.20 -14.60
N THR A 35 -5.41 3.29 -15.73
CA THR A 35 -5.97 2.95 -17.03
C THR A 35 -4.89 2.96 -18.11
N SER A 36 -4.54 4.15 -18.58
CA SER A 36 -3.52 4.30 -19.61
C SER A 36 -2.54 5.41 -19.26
N ALA A 37 -3.07 6.61 -19.08
CA ALA A 37 -2.25 7.77 -18.75
C ALA A 37 -1.48 7.56 -17.45
N ASN A 38 -2.02 6.71 -16.58
CA ASN A 38 -1.38 6.44 -15.29
C ASN A 38 -1.05 4.95 -15.16
N GLU A 39 -0.74 4.30 -16.27
CA GLU A 39 -0.40 2.88 -16.27
C GLU A 39 0.87 2.62 -17.06
N GLN A 40 1.73 3.63 -17.12
CA GLN A 40 3.01 3.52 -17.83
C GLN A 40 4.16 3.51 -16.83
N ILE A 41 3.99 4.29 -15.77
CA ILE A 41 4.98 4.38 -14.71
C ILE A 41 5.37 2.99 -14.21
N THR A 42 6.64 2.63 -14.39
CA THR A 42 7.14 1.33 -13.97
C THR A 42 7.39 1.31 -12.47
N PRO A 43 7.24 0.14 -11.83
CA PRO A 43 7.50 0.01 -10.40
C PRO A 43 8.81 0.71 -10.01
N VAL A 44 9.68 0.87 -10.99
CA VAL A 44 10.97 1.54 -10.82
C VAL A 44 10.77 3.00 -10.45
N ILE A 45 9.90 3.70 -11.18
CA ILE A 45 9.65 5.11 -10.88
C ILE A 45 9.15 5.24 -9.45
N PHE A 46 8.43 4.22 -9.02
CA PHE A 46 7.92 4.18 -7.66
C PHE A 46 9.02 3.71 -6.72
N HIS A 47 9.75 2.70 -7.15
CA HIS A 47 10.83 2.14 -6.36
C HIS A 47 11.91 3.19 -6.16
N ASN A 48 12.03 4.11 -7.12
CA ASN A 48 13.01 5.17 -7.05
C ASN A 48 12.41 6.35 -6.29
N LEU A 49 11.09 6.50 -6.41
CA LEU A 49 10.39 7.54 -5.70
C LEU A 49 10.57 7.30 -4.22
N ILE A 50 10.08 6.14 -3.82
CA ILE A 50 10.20 5.67 -2.45
C ILE A 50 11.65 5.77 -1.98
N MET A 51 12.50 5.03 -2.68
CA MET A 51 13.92 4.95 -2.41
C MET A 51 14.58 6.33 -2.31
N ASP A 52 14.24 7.23 -3.23
CA ASP A 52 14.84 8.57 -3.26
C ASP A 52 14.06 9.60 -2.44
N MET A 53 12.80 9.34 -2.14
CA MET A 53 11.99 10.30 -1.39
C MET A 53 11.51 9.75 -0.05
N VAL A 54 10.66 8.73 -0.10
CA VAL A 54 10.10 8.13 1.10
C VAL A 54 11.21 7.61 2.03
N LEU A 55 12.02 6.71 1.51
CA LEU A 55 13.12 6.11 2.29
C LEU A 55 13.88 7.17 3.08
N PRO A 56 14.43 8.19 2.40
CA PRO A 56 15.18 9.25 3.08
C PRO A 56 14.29 10.10 3.99
N LYS A 57 13.02 9.71 4.13
CA LYS A 57 12.08 10.43 4.98
C LYS A 57 11.11 9.45 5.62
N VAL A 58 11.51 8.19 5.72
CA VAL A 58 10.69 7.15 6.30
C VAL A 58 10.86 7.10 7.80
N VAL A 59 9.96 6.39 8.46
CA VAL A 59 10.02 6.23 9.90
C VAL A 59 9.76 4.78 10.28
N PRO A 60 10.39 4.29 11.35
CA PRO A 60 10.21 2.91 11.79
C PRO A 60 8.88 2.70 12.51
N ILE A 61 7.89 3.50 12.13
CA ILE A 61 6.55 3.43 12.69
C ILE A 61 6.55 3.21 14.21
N LYS A 62 6.28 4.28 14.96
CA LYS A 62 6.24 4.21 16.40
C LYS A 62 4.79 4.10 16.89
N GLY A 63 3.86 4.61 16.08
CA GLY A 63 2.46 4.57 16.43
C GLY A 63 1.57 5.07 15.32
N ASN A 64 1.93 4.72 14.09
CA ASN A 64 1.17 5.16 12.91
C ASN A 64 0.86 3.96 12.01
N LYS A 65 1.91 3.43 11.37
CA LYS A 65 1.76 2.29 10.47
C LYS A 65 1.09 2.70 9.16
N VAL A 66 1.87 2.73 8.08
CA VAL A 66 1.34 3.10 6.77
C VAL A 66 1.05 4.60 6.70
N THR A 67 2.10 5.40 6.92
CA THR A 67 1.96 6.85 6.88
C THR A 67 2.25 7.40 5.49
N LYS A 68 1.41 8.32 5.04
CA LYS A 68 1.58 8.94 3.73
C LYS A 68 2.61 10.05 3.79
N MET A 69 3.59 9.98 2.88
CA MET A 69 4.63 10.99 2.82
C MET A 69 4.06 12.41 2.76
N SER A 70 2.84 12.51 2.24
CA SER A 70 2.17 13.80 2.12
C SER A 70 3.05 14.79 1.35
N MET A 71 3.92 14.25 0.50
CA MET A 71 4.82 15.08 -0.29
C MET A 71 4.36 15.15 -1.74
N ASN A 72 3.49 14.22 -2.12
CA ASN A 72 2.96 14.17 -3.49
C ASN A 72 4.07 13.84 -4.48
N LEU A 73 4.66 12.65 -4.33
CA LEU A 73 5.73 12.21 -5.21
C LEU A 73 5.21 12.01 -6.63
N ILE A 74 4.14 11.23 -6.75
CA ILE A 74 3.53 10.94 -8.04
C ILE A 74 2.06 11.36 -8.05
N ASP A 75 1.53 11.57 -9.24
CA ASP A 75 0.12 11.94 -9.40
C ASP A 75 -0.70 10.76 -9.85
N GLY A 76 -1.92 10.65 -9.32
CA GLY A 76 -2.78 9.54 -9.69
C GLY A 76 -2.98 8.56 -8.54
N PHE A 77 -1.92 8.38 -7.75
CA PHE A 77 -1.98 7.46 -6.61
C PHE A 77 -1.57 8.18 -5.32
N ASP A 78 -1.42 7.41 -4.24
CA ASP A 78 -1.02 7.97 -2.94
C ASP A 78 0.18 7.22 -2.38
N CYS A 79 1.22 7.96 -2.02
CA CYS A 79 2.44 7.37 -1.48
C CYS A 79 2.33 7.08 0.03
N PHE A 80 2.13 5.81 0.36
CA PHE A 80 2.02 5.38 1.76
C PHE A 80 3.17 4.45 2.12
N TYR A 81 3.77 4.65 3.31
CA TYR A 81 4.88 3.80 3.74
C TYR A 81 4.67 3.29 5.17
N SER A 82 5.04 2.03 5.38
CA SER A 82 4.92 1.40 6.69
C SER A 82 6.08 0.43 6.93
N THR A 83 6.82 0.63 8.02
CA THR A 83 7.94 -0.24 8.33
C THR A 83 7.48 -1.46 9.12
N ASP A 84 8.24 -2.56 8.99
CA ASP A 84 7.91 -3.80 9.69
C ASP A 84 7.61 -3.54 11.17
N ASP A 85 6.89 -4.47 11.79
CA ASP A 85 6.54 -4.34 13.19
C ASP A 85 7.66 -4.82 14.10
N HIS A 86 8.78 -5.26 13.51
CA HIS A 86 9.90 -5.73 14.30
C HIS A 86 11.21 -5.70 13.49
N ASP A 87 11.25 -4.88 12.45
CA ASP A 87 12.45 -4.78 11.61
C ASP A 87 12.44 -3.48 10.80
N PRO A 88 13.22 -2.48 11.23
CA PRO A 88 13.31 -1.19 10.52
C PRO A 88 13.95 -1.36 9.14
N LYS A 89 14.59 -2.50 8.92
CA LYS A 89 15.22 -2.80 7.65
C LYS A 89 14.28 -3.62 6.77
N THR A 90 12.99 -3.40 6.96
CA THR A 90 11.96 -4.11 6.20
C THR A 90 10.72 -3.23 6.08
N VAL A 91 10.84 -2.19 5.26
CA VAL A 91 9.75 -1.26 5.06
C VAL A 91 8.65 -1.86 4.20
N TYR A 92 7.59 -1.08 3.99
CA TYR A 92 6.45 -1.51 3.18
C TYR A 92 5.75 -0.31 2.57
N VAL A 93 6.26 0.15 1.43
CA VAL A 93 5.68 1.30 0.76
C VAL A 93 4.75 0.88 -0.38
N CYS A 94 3.57 1.48 -0.42
CA CYS A 94 2.58 1.14 -1.44
C CYS A 94 1.86 2.38 -1.97
N PHE A 95 1.79 2.51 -3.29
CA PHE A 95 1.12 3.62 -3.93
C PHE A 95 -0.35 3.28 -4.15
N THR A 96 -1.21 3.62 -3.18
CA THR A 96 -2.62 3.34 -3.29
C THR A 96 -3.36 4.44 -4.03
N LEU A 97 -4.26 4.05 -4.93
CA LEU A 97 -5.03 5.01 -5.72
C LEU A 97 -5.63 6.10 -4.84
N VAL A 98 -5.39 7.36 -5.22
CA VAL A 98 -5.90 8.50 -4.47
C VAL A 98 -7.40 8.37 -4.21
N ASP A 99 -8.12 7.85 -5.20
CA ASP A 99 -9.56 7.65 -5.07
C ASP A 99 -9.88 6.76 -3.86
N ILE A 100 -8.92 5.92 -3.49
CA ILE A 100 -9.09 5.02 -2.36
C ILE A 100 -8.84 5.75 -1.04
N PRO A 101 -9.68 5.48 -0.01
CA PRO A 101 -9.54 6.12 1.30
C PRO A 101 -8.19 5.81 1.95
N LYS A 102 -7.96 6.40 3.12
CA LYS A 102 -6.72 6.19 3.84
C LYS A 102 -6.87 5.07 4.87
N ILE A 103 -7.18 3.87 4.39
CA ILE A 103 -7.35 2.72 5.26
C ILE A 103 -6.96 1.40 4.58
N LEU A 104 -7.18 1.32 3.27
CA LEU A 104 -6.83 0.10 2.54
C LEU A 104 -5.33 -0.14 2.63
N PRO A 105 -4.51 0.79 2.11
CA PRO A 105 -3.05 0.65 2.15
C PRO A 105 -2.58 0.31 3.55
N ILE A 106 -3.32 0.78 4.54
CA ILE A 106 -2.99 0.51 5.94
C ILE A 106 -3.29 -0.95 6.27
N ARG A 107 -4.35 -1.48 5.67
CA ARG A 107 -4.74 -2.86 5.89
C ARG A 107 -3.92 -3.78 4.98
N ILE A 108 -3.46 -3.24 3.85
CA ILE A 108 -2.64 -3.98 2.91
C ILE A 108 -1.24 -4.19 3.47
N LEU A 109 -0.62 -3.09 3.89
CA LEU A 109 0.72 -3.15 4.46
C LEU A 109 0.68 -3.89 5.79
N SER A 110 -0.14 -3.39 6.70
CA SER A 110 -0.29 -4.04 8.01
C SER A 110 -0.79 -5.47 7.80
N GLY A 111 -1.48 -5.68 6.67
CA GLY A 111 -1.99 -6.98 6.34
C GLY A 111 -0.87 -7.91 5.89
N LEU A 112 0.00 -7.41 5.01
CA LEU A 112 1.13 -8.20 4.52
C LEU A 112 1.94 -8.68 5.71
N GLN A 113 1.86 -7.92 6.81
CA GLN A 113 2.57 -8.27 8.03
C GLN A 113 1.91 -9.47 8.70
N GLU A 114 0.65 -9.75 8.33
CA GLU A 114 -0.06 -10.89 8.90
C GLU A 114 0.51 -12.18 8.33
N TYR A 115 1.17 -12.09 7.18
CA TYR A 115 1.77 -13.24 6.55
C TYR A 115 3.23 -13.40 6.98
N GLU A 116 3.95 -14.31 6.33
CA GLU A 116 5.35 -14.54 6.66
C GLU A 116 6.25 -14.46 5.43
N SER A 117 5.65 -14.14 4.29
CA SER A 117 6.40 -14.04 3.04
C SER A 117 6.42 -12.61 2.50
N ASN A 118 5.47 -12.29 1.62
CA ASN A 118 5.39 -10.95 1.02
C ASN A 118 6.78 -10.43 0.65
N ALA A 119 7.67 -11.35 0.30
CA ALA A 119 9.05 -10.98 -0.01
C ALA A 119 9.41 -11.21 -1.48
N THR A 120 8.46 -11.01 -2.40
CA THR A 120 8.76 -11.19 -3.82
C THR A 120 7.87 -10.28 -4.67
N ASN A 121 8.38 -9.87 -5.82
CA ASN A 121 7.63 -8.99 -6.72
C ASN A 121 6.45 -9.72 -7.36
N GLU A 122 5.93 -10.71 -6.66
CA GLU A 122 4.79 -11.46 -7.16
C GLU A 122 4.26 -12.35 -6.05
N LEU A 123 4.47 -11.94 -4.80
CA LEU A 123 4.01 -12.70 -3.67
C LEU A 123 3.29 -11.80 -2.69
N LEU A 124 3.93 -10.68 -2.36
CA LEU A 124 3.32 -9.71 -1.46
C LEU A 124 1.96 -9.32 -2.01
N SER A 125 1.92 -9.05 -3.32
CA SER A 125 0.68 -8.67 -3.99
C SER A 125 -0.43 -9.65 -3.60
N SER A 126 -0.04 -10.88 -3.32
CA SER A 126 -1.00 -11.92 -2.94
C SER A 126 -1.76 -11.52 -1.69
N HIS A 127 -1.03 -11.25 -0.63
CA HIS A 127 -1.63 -10.86 0.62
C HIS A 127 -2.49 -9.62 0.40
N VAL A 128 -2.02 -8.73 -0.46
CA VAL A 128 -2.77 -7.52 -0.75
C VAL A 128 -4.20 -7.86 -1.14
N GLY A 129 -4.35 -8.83 -2.04
CA GLY A 129 -5.69 -9.23 -2.45
C GLY A 129 -6.43 -10.00 -1.38
N GLN A 130 -5.76 -11.01 -0.82
CA GLN A 130 -6.37 -11.83 0.23
C GLN A 130 -6.65 -10.98 1.47
N ILE A 131 -5.97 -9.85 1.58
CA ILE A 131 -6.16 -8.94 2.71
C ILE A 131 -7.23 -7.92 2.35
N LEU A 132 -7.34 -7.65 1.04
CA LEU A 132 -8.33 -6.74 0.52
C LEU A 132 -9.73 -7.24 0.84
N ASP A 133 -9.93 -8.54 0.65
CA ASP A 133 -11.23 -9.16 0.92
C ASP A 133 -11.60 -9.00 2.38
N SER A 134 -10.59 -8.96 3.25
CA SER A 134 -10.82 -8.81 4.68
C SER A 134 -10.51 -7.38 5.13
N PHE A 135 -10.44 -6.46 4.19
CA PHE A 135 -10.16 -5.06 4.49
C PHE A 135 -11.46 -4.30 4.78
N HIS A 136 -12.47 -4.54 3.96
CA HIS A 136 -13.77 -3.89 4.13
C HIS A 136 -14.53 -4.50 5.30
N GLU A 137 -14.30 -5.79 5.54
CA GLU A 137 -14.97 -6.48 6.63
C GLU A 137 -14.70 -5.77 7.96
N GLU A 138 -13.55 -5.11 8.04
CA GLU A 138 -13.18 -4.37 9.24
C GLU A 138 -13.87 -3.01 9.27
N LEU A 139 -14.04 -2.40 8.09
CA LEU A 139 -14.70 -1.11 8.00
C LEU A 139 -16.19 -1.28 8.27
N VAL A 140 -16.72 -2.45 7.94
CA VAL A 140 -18.12 -2.75 8.16
C VAL A 140 -18.32 -3.01 9.64
N GLU A 141 -17.44 -3.84 10.17
CA GLU A 141 -17.47 -4.19 11.58
C GLU A 141 -17.40 -2.92 12.43
N TYR A 142 -16.72 -1.91 11.89
CA TYR A 142 -16.56 -0.63 12.57
C TYR A 142 -17.92 -0.04 12.90
N ARG A 143 -18.88 -0.23 12.00
CA ARG A 143 -20.23 0.27 12.19
C ARG A 143 -20.83 -0.24 13.49
N ASN A 144 -20.34 -1.38 13.96
CA ASN A 144 -20.84 -1.97 15.20
C ASN A 144 -19.75 -1.97 16.28
N GLN A 145 -18.87 -0.98 16.23
CA GLN A 145 -17.79 -0.87 17.19
C GLN A 145 -17.99 0.35 18.09
N THR A 146 -18.60 0.13 19.25
CA THR A 146 -18.86 1.21 20.20
C THR A 146 -19.45 2.44 19.51
N LEU A 147 -20.45 2.22 18.67
CA LEU A 147 -21.10 3.32 17.95
C LEU A 147 -22.56 3.43 18.33
N ASN A 148 -22.81 4.06 19.48
CA ASN A 148 -24.18 4.23 19.97
C ASN A 148 -24.69 5.63 19.65
N SER A 149 -25.34 5.78 18.51
CA SER A 149 -25.88 7.07 18.08
C SER A 149 -26.80 6.90 16.88
N MET A 1 -21.86 -1.72 -0.10
CA MET A 1 -21.27 -2.72 -1.04
C MET A 1 -20.28 -2.06 -1.99
N LYS A 2 -18.99 -2.19 -1.68
CA LYS A 2 -17.95 -1.61 -2.51
C LYS A 2 -16.61 -2.30 -2.27
N ARG A 3 -15.76 -2.32 -3.30
CA ARG A 3 -14.45 -2.95 -3.21
C ARG A 3 -13.34 -1.93 -3.39
N PHE A 4 -12.10 -2.40 -3.37
CA PHE A 4 -10.94 -1.52 -3.53
C PHE A 4 -9.73 -2.30 -4.01
N ASN A 5 -8.60 -1.62 -4.14
CA ASN A 5 -7.37 -2.26 -4.59
C ASN A 5 -6.17 -1.30 -4.52
N VAL A 6 -5.00 -1.84 -4.23
CA VAL A 6 -3.79 -1.03 -4.15
C VAL A 6 -3.06 -1.01 -5.48
N SER A 7 -2.86 0.19 -6.00
CA SER A 7 -2.18 0.37 -7.29
C SER A 7 -0.83 -0.33 -7.33
N TYR A 8 0.05 0.01 -6.37
CA TYR A 8 1.37 -0.58 -6.33
C TYR A 8 1.91 -0.74 -4.91
N VAL A 9 2.13 -1.98 -4.50
CA VAL A 9 2.64 -2.26 -3.15
C VAL A 9 4.09 -2.75 -3.23
N GLU A 10 5.02 -1.83 -3.03
CA GLU A 10 6.44 -2.18 -3.09
C GLU A 10 7.07 -2.23 -1.69
N VAL A 11 7.50 -3.42 -1.30
CA VAL A 11 8.14 -3.60 0.00
C VAL A 11 9.60 -3.14 -0.09
N ILE A 12 10.21 -2.85 1.05
CA ILE A 12 11.59 -2.39 1.06
C ILE A 12 12.37 -2.98 2.23
N LYS A 13 13.36 -3.81 1.91
CA LYS A 13 14.19 -4.42 2.94
C LYS A 13 15.49 -3.65 3.13
N ASN A 14 15.58 -2.93 4.25
CA ASN A 14 16.77 -2.15 4.57
C ASN A 14 17.09 -1.15 3.47
N GLY A 15 16.06 -0.52 2.92
CA GLY A 15 16.27 0.44 1.85
C GLY A 15 16.52 -0.25 0.54
N GLU A 16 16.00 -1.46 0.41
CA GLU A 16 16.16 -2.25 -0.80
C GLU A 16 14.90 -3.05 -1.07
N THR A 17 14.19 -2.67 -2.12
CA THR A 17 12.94 -3.34 -2.50
C THR A 17 13.04 -4.86 -2.40
N ILE A 18 12.06 -5.46 -1.73
CA ILE A 18 12.01 -6.91 -1.58
C ILE A 18 10.87 -7.48 -2.42
N SER A 19 9.72 -6.85 -2.30
CA SER A 19 8.53 -7.27 -3.02
C SER A 19 7.90 -6.11 -3.80
N SER A 20 6.85 -6.41 -4.56
CA SER A 20 6.16 -5.39 -5.35
C SER A 20 4.84 -5.90 -5.90
N CYS A 21 3.78 -5.14 -5.67
CA CYS A 21 2.45 -5.49 -6.16
C CYS A 21 1.99 -4.45 -7.18
N PHE A 22 2.64 -4.44 -8.33
CA PHE A 22 2.32 -3.49 -9.38
C PHE A 22 1.56 -4.16 -10.51
N GLN A 23 0.23 -4.14 -10.41
CA GLN A 23 -0.61 -4.76 -11.43
C GLN A 23 -1.47 -3.72 -12.15
N PRO A 24 -1.62 -3.88 -13.49
CA PRO A 24 -2.43 -2.96 -14.29
C PRO A 24 -3.92 -3.27 -14.18
N PHE A 25 -4.75 -2.24 -14.23
CA PHE A 25 -6.19 -2.42 -14.12
C PHE A 25 -6.94 -1.09 -14.23
N GLN A 26 -7.89 -1.02 -15.15
CA GLN A 26 -8.68 0.19 -15.32
C GLN A 26 -9.86 0.19 -14.36
N LYS A 27 -9.57 0.03 -13.07
CA LYS A 27 -10.62 -0.01 -12.05
C LYS A 27 -11.49 -1.24 -12.22
N ASN A 28 -12.63 -1.26 -11.53
CA ASN A 28 -13.55 -2.39 -11.61
C ASN A 28 -15.00 -1.92 -11.75
N GLU A 29 -15.52 -1.30 -10.71
CA GLU A 29 -16.88 -0.80 -10.72
C GLU A 29 -16.93 0.70 -10.40
N ASN A 30 -16.77 1.03 -9.13
CA ASN A 30 -16.78 2.41 -8.69
C ASN A 30 -15.38 2.87 -8.29
N TYR A 31 -14.74 2.10 -7.41
CA TYR A 31 -13.40 2.42 -6.94
C TYR A 31 -12.41 2.38 -8.10
N GLY A 32 -11.13 2.50 -7.78
CA GLY A 32 -10.09 2.48 -8.80
C GLY A 32 -9.81 3.85 -9.37
N THR A 33 -8.79 3.92 -10.24
CA THR A 33 -8.42 5.18 -10.87
C THR A 33 -7.65 4.93 -12.16
N ILE A 34 -6.73 3.98 -12.11
CA ILE A 34 -5.92 3.65 -13.29
C ILE A 34 -6.80 3.20 -14.44
N THR A 35 -6.26 3.28 -15.66
CA THR A 35 -6.98 2.85 -16.86
C THR A 35 -6.08 2.92 -18.08
N SER A 36 -5.89 4.12 -18.63
CA SER A 36 -5.05 4.29 -19.81
C SER A 36 -4.28 5.61 -19.74
N ALA A 37 -3.41 5.73 -18.75
CA ALA A 37 -2.61 6.93 -18.56
C ALA A 37 -1.65 6.77 -17.39
N ASN A 38 -2.13 6.15 -16.32
CA ASN A 38 -1.31 5.92 -15.14
C ASN A 38 -0.83 4.48 -15.09
N GLU A 39 -0.62 3.90 -16.27
CA GLU A 39 -0.15 2.53 -16.38
C GLU A 39 1.13 2.45 -17.20
N GLN A 40 1.88 3.55 -17.21
CA GLN A 40 3.15 3.62 -17.93
C GLN A 40 4.31 3.63 -16.94
N ILE A 41 4.09 4.31 -15.82
CA ILE A 41 5.08 4.40 -14.76
C ILE A 41 5.53 3.00 -14.32
N THR A 42 6.81 2.70 -14.49
CA THR A 42 7.35 1.40 -14.11
C THR A 42 7.56 1.34 -12.61
N PRO A 43 7.46 0.15 -12.01
CA PRO A 43 7.69 -0.02 -10.57
C PRO A 43 8.97 0.70 -10.13
N VAL A 44 9.85 0.94 -11.11
CA VAL A 44 11.10 1.64 -10.89
C VAL A 44 10.87 3.08 -10.49
N ILE A 45 9.97 3.77 -11.19
CA ILE A 45 9.69 5.16 -10.86
C ILE A 45 9.18 5.25 -9.44
N PHE A 46 8.46 4.22 -9.02
CA PHE A 46 7.93 4.14 -7.68
C PHE A 46 9.03 3.67 -6.74
N HIS A 47 9.78 2.66 -7.18
CA HIS A 47 10.87 2.11 -6.38
C HIS A 47 11.96 3.16 -6.17
N ASN A 48 12.07 4.07 -7.13
CA ASN A 48 13.06 5.14 -7.05
C ASN A 48 12.44 6.32 -6.33
N LEU A 49 11.13 6.45 -6.47
CA LEU A 49 10.39 7.51 -5.79
C LEU A 49 10.58 7.30 -4.32
N ILE A 50 10.14 6.14 -3.88
CA ILE A 50 10.27 5.71 -2.50
C ILE A 50 11.72 5.83 -2.06
N MET A 51 12.56 5.04 -2.71
CA MET A 51 13.99 5.00 -2.45
C MET A 51 14.63 6.39 -2.41
N ASP A 52 14.19 7.27 -3.30
CA ASP A 52 14.75 8.62 -3.40
C ASP A 52 14.01 9.64 -2.52
N MET A 53 12.75 9.35 -2.19
CA MET A 53 11.96 10.29 -1.39
C MET A 53 11.51 9.68 -0.07
N VAL A 54 10.60 8.72 -0.14
CA VAL A 54 10.05 8.07 1.04
C VAL A 54 11.16 7.52 1.94
N LEU A 55 12.05 6.72 1.37
CA LEU A 55 13.14 6.11 2.11
C LEU A 55 13.93 7.15 2.91
N PRO A 56 14.51 8.16 2.22
CA PRO A 56 15.29 9.21 2.88
C PRO A 56 14.44 10.07 3.82
N LYS A 57 13.17 9.69 4.00
CA LYS A 57 12.28 10.45 4.88
C LYS A 57 11.23 9.52 5.47
N VAL A 58 11.57 8.24 5.56
CA VAL A 58 10.66 7.25 6.10
C VAL A 58 10.72 7.22 7.62
N VAL A 59 9.58 6.93 8.22
CA VAL A 59 9.48 6.87 9.68
C VAL A 59 9.60 5.42 10.14
N PRO A 60 10.34 5.17 11.23
CA PRO A 60 10.49 3.81 11.75
C PRO A 60 9.23 3.32 12.45
N ILE A 61 8.09 3.84 12.00
CA ILE A 61 6.76 3.50 12.52
C ILE A 61 6.82 2.84 13.89
N LYS A 62 6.85 3.66 14.95
CA LYS A 62 6.89 3.16 16.31
C LYS A 62 5.49 3.16 16.91
N GLY A 63 4.73 4.22 16.61
CA GLY A 63 3.38 4.34 17.11
C GLY A 63 2.36 4.39 15.98
N ASN A 64 2.77 4.96 14.85
CA ASN A 64 1.91 5.07 13.69
C ASN A 64 1.94 3.78 12.88
N LYS A 65 1.54 3.86 11.61
CA LYS A 65 1.53 2.69 10.73
C LYS A 65 0.98 3.04 9.35
N VAL A 66 1.81 2.89 8.32
CA VAL A 66 1.38 3.18 6.96
C VAL A 66 1.06 4.65 6.77
N THR A 67 2.06 5.51 6.98
CA THR A 67 1.86 6.95 6.84
C THR A 67 2.21 7.42 5.43
N LYS A 68 1.47 8.40 4.94
CA LYS A 68 1.71 8.94 3.60
C LYS A 68 2.82 9.98 3.63
N MET A 69 3.65 9.98 2.60
CA MET A 69 4.75 10.93 2.51
C MET A 69 4.23 12.37 2.51
N SER A 70 3.06 12.57 1.92
CA SER A 70 2.45 13.89 1.85
C SER A 70 3.35 14.88 1.13
N MET A 71 4.19 14.36 0.25
CA MET A 71 5.09 15.20 -0.53
C MET A 71 4.69 15.19 -2.00
N ASN A 72 3.63 14.46 -2.33
CA ASN A 72 3.15 14.35 -3.70
C ASN A 72 4.27 13.86 -4.62
N LEU A 73 4.78 12.67 -4.31
CA LEU A 73 5.84 12.07 -5.11
C LEU A 73 5.37 11.87 -6.55
N ILE A 74 4.17 11.35 -6.70
CA ILE A 74 3.58 11.11 -8.01
C ILE A 74 2.11 11.48 -8.02
N ASP A 75 1.58 11.78 -9.20
CA ASP A 75 0.18 12.13 -9.34
C ASP A 75 -0.61 10.96 -9.90
N GLY A 76 -1.79 10.74 -9.35
CA GLY A 76 -2.62 9.64 -9.79
C GLY A 76 -2.81 8.58 -8.72
N PHE A 77 -1.81 8.42 -7.87
CA PHE A 77 -1.88 7.43 -6.80
C PHE A 77 -1.61 8.07 -5.44
N ASP A 78 -1.35 7.24 -4.43
CA ASP A 78 -1.06 7.72 -3.08
C ASP A 78 0.10 6.92 -2.47
N CYS A 79 1.18 7.63 -2.15
CA CYS A 79 2.38 6.99 -1.59
C CYS A 79 2.33 6.87 -0.07
N PHE A 80 2.30 5.64 0.41
CA PHE A 80 2.29 5.34 1.84
C PHE A 80 3.45 4.43 2.20
N TYR A 81 3.94 4.53 3.44
CA TYR A 81 5.05 3.68 3.87
C TYR A 81 4.88 3.22 5.32
N SER A 82 5.15 1.94 5.55
CA SER A 82 5.03 1.35 6.88
C SER A 82 6.17 0.37 7.13
N THR A 83 6.92 0.58 8.20
CA THR A 83 8.05 -0.30 8.53
C THR A 83 7.56 -1.55 9.26
N ASP A 84 8.25 -2.66 9.03
CA ASP A 84 7.89 -3.93 9.67
C ASP A 84 7.65 -3.75 11.15
N ASP A 85 6.65 -4.46 11.67
CA ASP A 85 6.31 -4.38 13.08
C ASP A 85 7.39 -5.00 13.97
N HIS A 86 8.32 -5.72 13.35
CA HIS A 86 9.39 -6.36 14.09
C HIS A 86 10.71 -6.35 13.31
N ASP A 87 10.81 -5.45 12.33
CA ASP A 87 12.01 -5.36 11.52
C ASP A 87 12.08 -4.02 10.77
N PRO A 88 12.71 -3.00 11.39
CA PRO A 88 12.85 -1.68 10.76
C PRO A 88 13.55 -1.75 9.41
N LYS A 89 14.25 -2.85 9.17
CA LYS A 89 14.96 -3.06 7.92
C LYS A 89 14.08 -3.82 6.92
N THR A 90 12.78 -3.60 7.03
CA THR A 90 11.81 -4.24 6.15
C THR A 90 10.58 -3.37 6.04
N VAL A 91 10.74 -2.25 5.35
CA VAL A 91 9.66 -1.30 5.15
C VAL A 91 8.55 -1.91 4.29
N TYR A 92 7.50 -1.13 4.09
CA TYR A 92 6.36 -1.56 3.30
C TYR A 92 5.67 -0.34 2.69
N VAL A 93 6.05 0.02 1.48
CA VAL A 93 5.47 1.18 0.82
C VAL A 93 4.37 0.78 -0.14
N CYS A 94 3.19 1.35 0.08
CA CYS A 94 2.03 1.08 -0.75
C CYS A 94 1.69 2.29 -1.61
N PHE A 95 1.21 2.03 -2.81
CA PHE A 95 0.82 3.10 -3.72
C PHE A 95 -0.64 2.93 -4.10
N THR A 96 -1.53 3.38 -3.22
CA THR A 96 -2.96 3.25 -3.47
C THR A 96 -3.42 4.30 -4.47
N LEU A 97 -4.70 4.25 -4.82
CA LEU A 97 -5.26 5.19 -5.76
C LEU A 97 -5.88 6.38 -5.01
N VAL A 98 -5.49 7.59 -5.40
CA VAL A 98 -5.97 8.81 -4.75
C VAL A 98 -7.46 8.74 -4.42
N ASP A 99 -8.24 8.04 -5.24
CA ASP A 99 -9.67 7.92 -5.01
C ASP A 99 -9.93 7.11 -3.74
N ILE A 100 -9.07 6.13 -3.48
CA ILE A 100 -9.18 5.29 -2.31
C ILE A 100 -8.78 6.05 -1.04
N PRO A 101 -9.55 5.90 0.06
CA PRO A 101 -9.26 6.58 1.32
C PRO A 101 -7.90 6.18 1.89
N LYS A 102 -7.65 6.55 3.13
CA LYS A 102 -6.39 6.23 3.79
C LYS A 102 -6.59 5.15 4.85
N ILE A 103 -6.92 3.95 4.40
CA ILE A 103 -7.15 2.83 5.31
C ILE A 103 -6.80 1.48 4.66
N LEU A 104 -7.02 1.37 3.35
CA LEU A 104 -6.70 0.13 2.64
C LEU A 104 -5.22 -0.19 2.78
N PRO A 105 -4.34 0.72 2.29
CA PRO A 105 -2.89 0.52 2.38
C PRO A 105 -2.45 0.18 3.79
N ILE A 106 -3.13 0.80 4.76
CA ILE A 106 -2.84 0.55 6.16
C ILE A 106 -3.10 -0.90 6.51
N ARG A 107 -4.19 -1.44 5.97
CA ARG A 107 -4.55 -2.83 6.20
C ARG A 107 -3.75 -3.73 5.26
N ILE A 108 -3.30 -3.17 4.14
CA ILE A 108 -2.53 -3.90 3.15
C ILE A 108 -1.12 -4.18 3.67
N LEU A 109 -0.50 -3.18 4.28
CA LEU A 109 0.83 -3.35 4.83
C LEU A 109 0.74 -4.15 6.13
N SER A 110 -0.15 -3.71 7.02
CA SER A 110 -0.36 -4.41 8.27
C SER A 110 -0.84 -5.82 7.97
N GLY A 111 -1.55 -5.95 6.86
CA GLY A 111 -2.05 -7.24 6.43
C GLY A 111 -0.93 -8.10 5.89
N LEU A 112 -0.13 -7.52 4.98
CA LEU A 112 1.00 -8.24 4.41
C LEU A 112 1.91 -8.71 5.54
N GLN A 113 1.95 -7.93 6.61
CA GLN A 113 2.74 -8.26 7.78
C GLN A 113 2.09 -9.42 8.53
N GLU A 114 0.82 -9.67 8.26
CA GLU A 114 0.09 -10.76 8.91
C GLU A 114 0.61 -12.09 8.38
N TYR A 115 1.16 -12.06 7.17
CA TYR A 115 1.69 -13.28 6.56
C TYR A 115 3.14 -13.49 6.98
N GLU A 116 3.79 -14.46 6.35
CA GLU A 116 5.19 -14.76 6.67
C GLU A 116 6.09 -14.63 5.44
N SER A 117 5.50 -14.30 4.30
CA SER A 117 6.26 -14.14 3.06
C SER A 117 6.25 -12.70 2.57
N ASN A 118 5.32 -12.38 1.67
CA ASN A 118 5.20 -11.04 1.10
C ASN A 118 6.59 -10.46 0.81
N ALA A 119 7.53 -11.33 0.44
CA ALA A 119 8.90 -10.91 0.16
C ALA A 119 9.29 -11.13 -1.30
N THR A 120 8.35 -10.93 -2.24
CA THR A 120 8.66 -11.11 -3.65
C THR A 120 7.83 -10.18 -4.51
N ASN A 121 8.37 -9.80 -5.66
CA ASN A 121 7.66 -8.92 -6.59
C ASN A 121 6.49 -9.62 -7.24
N GLU A 122 5.99 -10.68 -6.61
CA GLU A 122 4.86 -11.41 -7.14
C GLU A 122 4.32 -12.34 -6.05
N LEU A 123 4.51 -11.94 -4.79
CA LEU A 123 4.04 -12.73 -3.69
C LEU A 123 3.30 -11.86 -2.71
N LEU A 124 3.92 -10.74 -2.34
CA LEU A 124 3.29 -9.80 -1.43
C LEU A 124 1.95 -9.38 -2.03
N SER A 125 1.95 -9.08 -3.32
CA SER A 125 0.74 -8.69 -4.03
C SER A 125 -0.40 -9.65 -3.68
N SER A 126 -0.03 -10.90 -3.39
CA SER A 126 -1.01 -11.91 -3.03
C SER A 126 -1.79 -11.50 -1.81
N HIS A 127 -1.07 -11.24 -0.74
CA HIS A 127 -1.70 -10.82 0.50
C HIS A 127 -2.45 -9.52 0.28
N VAL A 128 -1.95 -8.68 -0.62
CA VAL A 128 -2.61 -7.42 -0.91
C VAL A 128 -4.05 -7.67 -1.34
N GLY A 129 -4.25 -8.70 -2.16
CA GLY A 129 -5.58 -9.04 -2.61
C GLY A 129 -6.40 -9.72 -1.52
N GLN A 130 -5.80 -10.76 -0.93
CA GLN A 130 -6.45 -11.52 0.14
C GLN A 130 -6.74 -10.61 1.33
N ILE A 131 -5.94 -9.57 1.47
CA ILE A 131 -6.11 -8.60 2.54
C ILE A 131 -7.03 -7.49 2.06
N LEU A 132 -7.06 -7.32 0.73
CA LEU A 132 -7.92 -6.35 0.08
C LEU A 132 -9.37 -6.60 0.46
N ASP A 133 -9.75 -7.87 0.42
CA ASP A 133 -11.12 -8.27 0.75
C ASP A 133 -11.36 -8.15 2.25
N SER A 134 -10.40 -8.61 3.04
CA SER A 134 -10.51 -8.56 4.49
C SER A 134 -10.50 -7.11 4.97
N PHE A 135 -9.89 -6.23 4.19
CA PHE A 135 -9.81 -4.82 4.53
C PHE A 135 -11.20 -4.25 4.80
N HIS A 136 -12.02 -4.17 3.76
CA HIS A 136 -13.37 -3.64 3.88
C HIS A 136 -14.17 -4.43 4.92
N GLU A 137 -14.01 -5.76 4.91
CA GLU A 137 -14.70 -6.61 5.86
C GLU A 137 -14.46 -6.12 7.29
N GLU A 138 -13.32 -5.46 7.49
CA GLU A 138 -12.98 -4.93 8.80
C GLU A 138 -13.69 -3.60 9.04
N LEU A 139 -13.89 -2.83 7.96
CA LEU A 139 -14.58 -1.55 8.06
C LEU A 139 -16.07 -1.77 8.27
N VAL A 140 -16.58 -2.88 7.76
CA VAL A 140 -17.98 -3.21 7.91
C VAL A 140 -18.23 -3.71 9.32
N GLU A 141 -17.38 -4.64 9.73
CA GLU A 141 -17.46 -5.22 11.06
C GLU A 141 -17.26 -4.12 12.09
N TYR A 142 -16.43 -3.14 11.74
CA TYR A 142 -16.14 -2.01 12.61
C TYR A 142 -17.37 -1.14 12.78
N ARG A 143 -18.27 -1.19 11.79
CA ARG A 143 -19.50 -0.42 11.81
C ARG A 143 -20.66 -1.25 12.35
N ASN A 144 -20.36 -2.24 13.17
CA ASN A 144 -21.38 -3.10 13.74
C ASN A 144 -20.95 -3.62 15.12
N GLN A 145 -20.17 -2.82 15.82
CA GLN A 145 -19.69 -3.19 17.15
C GLN A 145 -20.31 -2.31 18.23
N THR A 146 -19.80 -1.08 18.34
CA THR A 146 -20.29 -0.14 19.32
C THR A 146 -20.50 1.23 18.70
N LEU A 147 -21.75 1.54 18.36
CA LEU A 147 -22.09 2.83 17.76
C LEU A 147 -23.23 3.50 18.51
N ASN A 148 -24.44 2.95 18.36
CA ASN A 148 -25.61 3.51 19.03
C ASN A 148 -25.75 2.95 20.44
N SER A 149 -25.30 1.71 20.62
CA SER A 149 -25.38 1.05 21.93
C SER A 149 -24.07 0.33 22.25
N MET A 1 -22.59 -1.96 -2.94
CA MET A 1 -21.35 -2.54 -2.34
C MET A 1 -20.14 -1.66 -2.62
N LYS A 2 -19.07 -1.87 -1.86
CA LYS A 2 -17.84 -1.09 -2.01
C LYS A 2 -16.62 -2.00 -1.99
N ARG A 3 -15.72 -1.81 -2.96
CA ARG A 3 -14.51 -2.60 -3.05
C ARG A 3 -13.27 -1.71 -3.08
N PHE A 4 -12.13 -2.29 -3.44
CA PHE A 4 -10.88 -1.54 -3.51
C PHE A 4 -9.84 -2.28 -4.35
N ASN A 5 -8.68 -1.67 -4.52
CA ASN A 5 -7.61 -2.27 -5.30
C ASN A 5 -6.35 -1.42 -5.27
N VAL A 6 -5.39 -1.82 -4.43
CA VAL A 6 -4.13 -1.08 -4.32
C VAL A 6 -3.40 -1.09 -5.66
N SER A 7 -3.16 0.11 -6.19
CA SER A 7 -2.48 0.25 -7.47
C SER A 7 -1.12 -0.44 -7.47
N TYR A 8 -0.28 -0.09 -6.51
CA TYR A 8 1.05 -0.68 -6.43
C TYR A 8 1.49 -0.93 -4.99
N VAL A 9 2.04 -2.10 -4.73
CA VAL A 9 2.51 -2.44 -3.39
C VAL A 9 3.94 -2.96 -3.43
N GLU A 10 4.91 -2.07 -3.24
CA GLU A 10 6.32 -2.44 -3.26
C GLU A 10 6.92 -2.44 -1.86
N VAL A 11 7.43 -3.60 -1.45
CA VAL A 11 8.05 -3.74 -0.13
C VAL A 11 9.51 -3.32 -0.21
N ILE A 12 10.10 -2.98 0.93
CA ILE A 12 11.49 -2.56 0.95
C ILE A 12 12.26 -3.15 2.12
N LYS A 13 13.27 -3.94 1.82
CA LYS A 13 14.08 -4.56 2.87
C LYS A 13 15.45 -3.88 2.99
N ASN A 14 15.65 -3.15 4.08
CA ASN A 14 16.92 -2.46 4.33
C ASN A 14 17.23 -1.45 3.24
N GLY A 15 16.20 -0.76 2.75
CA GLY A 15 16.42 0.22 1.71
C GLY A 15 16.59 -0.43 0.36
N GLU A 16 16.00 -1.61 0.21
CA GLU A 16 16.07 -2.35 -1.04
C GLU A 16 14.78 -3.12 -1.27
N THR A 17 14.08 -2.79 -2.34
CA THR A 17 12.83 -3.43 -2.68
C THR A 17 12.92 -4.96 -2.61
N ILE A 18 12.00 -5.56 -1.85
CA ILE A 18 11.95 -7.01 -1.70
C ILE A 18 10.81 -7.57 -2.52
N SER A 19 9.66 -6.92 -2.40
CA SER A 19 8.46 -7.34 -3.11
C SER A 19 7.88 -6.20 -3.95
N SER A 20 6.83 -6.51 -4.70
CA SER A 20 6.19 -5.52 -5.55
C SER A 20 4.88 -6.03 -6.14
N CYS A 21 3.81 -5.26 -5.96
CA CYS A 21 2.49 -5.62 -6.46
C CYS A 21 2.00 -4.53 -7.40
N PHE A 22 2.63 -4.42 -8.56
CA PHE A 22 2.26 -3.40 -9.54
C PHE A 22 1.54 -4.03 -10.71
N GLN A 23 0.21 -3.97 -10.67
CA GLN A 23 -0.60 -4.55 -11.75
C GLN A 23 -1.35 -3.47 -12.53
N PRO A 24 -1.51 -3.68 -13.85
CA PRO A 24 -2.21 -2.74 -14.71
C PRO A 24 -3.71 -2.96 -14.68
N PHE A 25 -4.47 -1.88 -14.69
CA PHE A 25 -5.93 -1.97 -14.64
C PHE A 25 -6.58 -0.58 -14.68
N GLN A 26 -7.36 -0.32 -15.71
CA GLN A 26 -8.03 0.96 -15.84
C GLN A 26 -9.19 1.07 -14.85
N LYS A 27 -8.85 1.11 -13.57
CA LYS A 27 -9.85 1.22 -12.51
C LYS A 27 -10.76 2.42 -12.73
N ASN A 28 -11.86 2.21 -13.45
CA ASN A 28 -12.81 3.27 -13.73
C ASN A 28 -14.13 3.04 -13.01
N GLU A 29 -14.24 3.56 -11.79
CA GLU A 29 -15.45 3.41 -11.01
C GLU A 29 -15.34 4.18 -9.68
N ASN A 30 -16.23 3.86 -8.74
CA ASN A 30 -16.24 4.53 -7.45
C ASN A 30 -14.87 4.46 -6.78
N TYR A 31 -14.08 3.44 -7.14
CA TYR A 31 -12.75 3.26 -6.57
C TYR A 31 -11.74 2.91 -7.66
N GLY A 32 -11.06 3.93 -8.19
CA GLY A 32 -10.08 3.70 -9.23
C GLY A 32 -9.48 4.98 -9.75
N THR A 33 -8.39 4.87 -10.51
CA THR A 33 -7.72 6.04 -11.07
C THR A 33 -6.87 5.67 -12.30
N ILE A 34 -6.15 4.57 -12.20
CA ILE A 34 -5.30 4.12 -13.31
C ILE A 34 -6.11 3.74 -14.54
N THR A 35 -5.49 3.89 -15.70
CA THR A 35 -6.11 3.54 -16.98
C THR A 35 -5.07 3.49 -18.10
N SER A 36 -4.56 4.64 -18.48
CA SER A 36 -3.56 4.72 -19.54
C SER A 36 -2.53 5.80 -19.24
N ALA A 37 -3.01 6.98 -18.84
CA ALA A 37 -2.13 8.10 -18.52
C ALA A 37 -1.27 7.80 -17.29
N ASN A 38 -1.82 7.00 -16.38
CA ASN A 38 -1.11 6.64 -15.16
C ASN A 38 -0.82 5.14 -15.11
N GLU A 39 -0.65 4.54 -16.28
CA GLU A 39 -0.37 3.11 -16.38
C GLU A 39 0.90 2.86 -17.20
N GLN A 40 1.77 3.86 -17.22
CA GLN A 40 3.04 3.77 -17.94
C GLN A 40 4.20 3.72 -16.96
N ILE A 41 4.02 4.40 -15.82
CA ILE A 41 5.03 4.44 -14.77
C ILE A 41 5.42 3.02 -14.34
N THR A 42 6.70 2.68 -14.50
CA THR A 42 7.18 1.36 -14.12
C THR A 42 7.47 1.30 -12.63
N PRO A 43 7.34 0.11 -12.02
CA PRO A 43 7.61 -0.07 -10.59
C PRO A 43 8.90 0.62 -10.17
N VAL A 44 9.79 0.83 -11.13
CA VAL A 44 11.07 1.51 -10.90
C VAL A 44 10.86 2.96 -10.53
N ILE A 45 10.01 3.67 -11.28
CA ILE A 45 9.75 5.08 -10.96
C ILE A 45 9.24 5.19 -9.54
N PHE A 46 8.48 4.18 -9.14
CA PHE A 46 7.94 4.13 -7.80
C PHE A 46 9.01 3.63 -6.83
N HIS A 47 9.77 2.62 -7.28
CA HIS A 47 10.83 2.07 -6.47
C HIS A 47 11.92 3.11 -6.24
N ASN A 48 12.04 4.03 -7.18
CA ASN A 48 13.02 5.10 -7.09
C ASN A 48 12.39 6.27 -6.36
N LEU A 49 11.07 6.40 -6.49
CA LEU A 49 10.33 7.44 -5.80
C LEU A 49 10.51 7.20 -4.32
N ILE A 50 10.05 6.04 -3.91
CA ILE A 50 10.16 5.58 -2.53
C ILE A 50 11.61 5.71 -2.06
N MET A 51 12.46 4.96 -2.74
CA MET A 51 13.89 4.91 -2.47
C MET A 51 14.54 6.30 -2.41
N ASP A 52 14.16 7.19 -3.32
CA ASP A 52 14.74 8.53 -3.39
C ASP A 52 13.97 9.57 -2.57
N MET A 53 12.70 9.32 -2.29
CA MET A 53 11.89 10.29 -1.54
C MET A 53 11.42 9.72 -0.20
N VAL A 54 10.68 8.63 -0.24
CA VAL A 54 10.14 8.01 0.97
C VAL A 54 11.26 7.54 1.90
N LEU A 55 12.09 6.62 1.40
CA LEU A 55 13.17 6.07 2.20
C LEU A 55 13.95 7.13 2.95
N PRO A 56 14.48 8.17 2.26
CA PRO A 56 15.23 9.25 2.90
C PRO A 56 14.34 10.10 3.83
N LYS A 57 13.07 9.72 3.97
CA LYS A 57 12.16 10.46 4.83
C LYS A 57 11.14 9.51 5.46
N VAL A 58 11.53 8.24 5.57
CA VAL A 58 10.66 7.23 6.13
C VAL A 58 10.81 7.18 7.65
N VAL A 59 9.92 6.46 8.30
CA VAL A 59 9.94 6.32 9.73
C VAL A 59 9.70 4.88 10.14
N PRO A 60 10.30 4.42 11.24
CA PRO A 60 10.11 3.06 11.72
C PRO A 60 8.80 2.91 12.48
N ILE A 61 7.83 3.76 12.12
CA ILE A 61 6.50 3.77 12.71
C ILE A 61 6.52 3.46 14.21
N LYS A 62 6.40 4.50 15.02
CA LYS A 62 6.38 4.35 16.47
C LYS A 62 4.99 3.96 16.95
N GLY A 63 4.03 4.83 16.69
CA GLY A 63 2.65 4.58 17.10
C GLY A 63 1.69 4.56 15.92
N ASN A 64 2.07 5.21 14.82
CA ASN A 64 1.24 5.26 13.64
C ASN A 64 1.29 3.94 12.87
N LYS A 65 0.97 3.99 11.58
CA LYS A 65 1.00 2.78 10.74
C LYS A 65 0.55 3.10 9.31
N VAL A 66 1.44 2.89 8.35
CA VAL A 66 1.11 3.14 6.95
C VAL A 66 0.79 4.62 6.72
N THR A 67 1.79 5.48 6.84
CA THR A 67 1.61 6.91 6.66
C THR A 67 2.02 7.35 5.26
N LYS A 68 1.39 8.41 4.76
CA LYS A 68 1.70 8.94 3.44
C LYS A 68 2.86 9.92 3.52
N MET A 69 3.74 9.88 2.53
CA MET A 69 4.89 10.77 2.49
C MET A 69 4.46 12.23 2.59
N SER A 70 3.26 12.52 2.08
CA SER A 70 2.73 13.88 2.11
C SER A 70 3.62 14.83 1.33
N MET A 71 4.35 14.29 0.36
CA MET A 71 5.25 15.09 -0.46
C MET A 71 4.80 15.09 -1.91
N ASN A 72 3.74 14.35 -2.22
CA ASN A 72 3.23 14.25 -3.58
C ASN A 72 4.32 13.78 -4.54
N LEU A 73 4.85 12.59 -4.27
CA LEU A 73 5.89 12.01 -5.09
C LEU A 73 5.44 11.88 -6.54
N ILE A 74 4.29 11.22 -6.72
CA ILE A 74 3.74 11.02 -8.05
C ILE A 74 2.26 11.41 -8.08
N ASP A 75 1.76 11.70 -9.28
CA ASP A 75 0.37 12.08 -9.45
C ASP A 75 -0.43 10.90 -10.00
N GLY A 76 -1.63 10.72 -9.48
CA GLY A 76 -2.47 9.62 -9.93
C GLY A 76 -2.67 8.57 -8.86
N PHE A 77 -1.67 8.40 -8.00
CA PHE A 77 -1.76 7.41 -6.92
C PHE A 77 -1.26 8.01 -5.60
N ASP A 78 -1.56 7.31 -4.50
CA ASP A 78 -1.15 7.76 -3.17
C ASP A 78 0.02 6.94 -2.65
N CYS A 79 1.10 7.61 -2.25
CA CYS A 79 2.31 6.95 -1.76
C CYS A 79 2.30 6.82 -0.22
N PHE A 80 2.05 5.60 0.25
CA PHE A 80 2.04 5.31 1.68
C PHE A 80 3.15 4.35 2.05
N TYR A 81 3.84 4.62 3.16
CA TYR A 81 4.93 3.74 3.61
C TYR A 81 4.70 3.27 5.04
N SER A 82 5.01 2.00 5.27
CA SER A 82 4.86 1.39 6.59
C SER A 82 6.02 0.44 6.89
N THR A 83 6.78 0.73 7.93
CA THR A 83 7.91 -0.11 8.29
C THR A 83 7.45 -1.33 9.09
N ASP A 84 8.19 -2.42 8.97
CA ASP A 84 7.86 -3.66 9.68
C ASP A 84 7.54 -3.38 11.15
N ASP A 85 6.65 -4.19 11.72
CA ASP A 85 6.25 -4.03 13.10
C ASP A 85 7.36 -4.45 14.07
N HIS A 86 8.43 -5.04 13.52
CA HIS A 86 9.55 -5.48 14.35
C HIS A 86 10.84 -5.60 13.55
N ASP A 87 10.92 -4.89 12.44
CA ASP A 87 12.11 -4.93 11.59
C ASP A 87 12.23 -3.67 10.74
N PRO A 88 12.89 -2.63 11.27
CA PRO A 88 13.08 -1.36 10.55
C PRO A 88 13.75 -1.56 9.19
N LYS A 89 14.41 -2.70 9.02
CA LYS A 89 15.08 -3.02 7.76
C LYS A 89 14.14 -3.83 6.86
N THR A 90 12.85 -3.55 6.96
CA THR A 90 11.84 -4.23 6.16
C THR A 90 10.61 -3.34 6.04
N VAL A 91 10.75 -2.27 5.29
CA VAL A 91 9.67 -1.32 5.08
C VAL A 91 8.57 -1.91 4.21
N TYR A 92 7.52 -1.14 4.00
CA TYR A 92 6.38 -1.57 3.18
C TYR A 92 5.68 -0.36 2.57
N VAL A 93 6.00 -0.06 1.32
CA VAL A 93 5.42 1.07 0.64
C VAL A 93 4.38 0.63 -0.40
N CYS A 94 3.20 1.23 -0.33
CA CYS A 94 2.11 0.90 -1.24
C CYS A 94 1.54 2.16 -1.90
N PHE A 95 1.66 2.22 -3.21
CA PHE A 95 1.14 3.36 -3.98
C PHE A 95 -0.33 3.12 -4.30
N THR A 96 -1.21 3.34 -3.33
CA THR A 96 -2.63 3.14 -3.53
C THR A 96 -3.17 4.13 -4.55
N LEU A 97 -4.49 4.15 -4.71
CA LEU A 97 -5.12 5.06 -5.64
C LEU A 97 -5.74 6.25 -4.91
N VAL A 98 -5.42 7.46 -5.38
CA VAL A 98 -5.94 8.67 -4.74
C VAL A 98 -7.42 8.57 -4.45
N ASP A 99 -8.16 7.91 -5.33
CA ASP A 99 -9.60 7.74 -5.14
C ASP A 99 -9.87 6.92 -3.89
N ILE A 100 -8.94 6.04 -3.54
CA ILE A 100 -9.07 5.20 -2.37
C ILE A 100 -8.65 5.95 -1.10
N PRO A 101 -9.49 5.93 -0.06
CA PRO A 101 -9.19 6.62 1.20
C PRO A 101 -7.87 6.15 1.81
N LYS A 102 -7.55 6.66 2.99
CA LYS A 102 -6.32 6.29 3.68
C LYS A 102 -6.61 5.25 4.77
N ILE A 103 -7.08 4.08 4.35
CA ILE A 103 -7.38 3.01 5.29
C ILE A 103 -7.05 1.64 4.71
N LEU A 104 -7.29 1.44 3.42
CA LEU A 104 -6.97 0.17 2.79
C LEU A 104 -5.47 -0.06 2.85
N PRO A 105 -4.68 0.81 2.19
CA PRO A 105 -3.22 0.71 2.19
C PRO A 105 -2.68 0.47 3.59
N ILE A 106 -3.40 0.99 4.57
CA ILE A 106 -3.02 0.83 5.96
C ILE A 106 -3.14 -0.64 6.36
N ARG A 107 -4.22 -1.27 5.91
CA ARG A 107 -4.47 -2.67 6.19
C ARG A 107 -3.66 -3.56 5.23
N ILE A 108 -3.20 -2.99 4.12
CA ILE A 108 -2.41 -3.72 3.15
C ILE A 108 -1.03 -4.05 3.72
N LEU A 109 -0.39 -3.03 4.28
CA LEU A 109 0.93 -3.22 4.88
C LEU A 109 0.78 -3.96 6.20
N SER A 110 -0.11 -3.46 7.05
CA SER A 110 -0.36 -4.12 8.32
C SER A 110 -0.90 -5.52 8.06
N GLY A 111 -1.55 -5.68 6.92
CA GLY A 111 -2.08 -6.97 6.53
C GLY A 111 -0.99 -7.87 6.02
N LEU A 112 -0.11 -7.32 5.19
CA LEU A 112 1.01 -8.09 4.65
C LEU A 112 1.83 -8.64 5.82
N GLN A 113 1.90 -7.84 6.88
CA GLN A 113 2.62 -8.25 8.08
C GLN A 113 1.83 -9.33 8.82
N GLU A 114 0.56 -9.50 8.46
CA GLU A 114 -0.29 -10.50 9.08
C GLU A 114 0.10 -11.88 8.59
N TYR A 115 0.71 -11.95 7.40
CA TYR A 115 1.12 -13.22 6.84
C TYR A 115 2.48 -13.64 7.39
N GLU A 116 3.56 -13.31 6.66
CA GLU A 116 4.92 -13.64 7.09
C GLU A 116 5.89 -13.55 5.92
N SER A 117 5.37 -13.75 4.70
CA SER A 117 6.19 -13.70 3.50
C SER A 117 6.23 -12.30 2.91
N ASN A 118 5.30 -12.02 1.99
CA ASN A 118 5.23 -10.71 1.33
C ASN A 118 6.63 -10.22 0.98
N ALA A 119 7.54 -11.15 0.68
CA ALA A 119 8.92 -10.80 0.36
C ALA A 119 9.32 -11.12 -1.08
N THR A 120 8.39 -10.99 -2.03
CA THR A 120 8.72 -11.25 -3.43
C THR A 120 7.86 -10.40 -4.35
N ASN A 121 8.40 -10.04 -5.51
CA ASN A 121 7.68 -9.22 -6.48
C ASN A 121 6.51 -9.99 -7.11
N GLU A 122 5.97 -10.94 -6.36
CA GLU A 122 4.84 -11.73 -6.83
C GLU A 122 4.30 -12.56 -5.68
N LEU A 123 4.47 -12.05 -4.46
CA LEU A 123 4.00 -12.74 -3.28
C LEU A 123 3.26 -11.78 -2.39
N LEU A 124 3.87 -10.63 -2.12
CA LEU A 124 3.24 -9.61 -1.32
C LEU A 124 1.89 -9.25 -1.94
N SER A 125 1.90 -9.10 -3.26
CA SER A 125 0.69 -8.80 -4.00
C SER A 125 -0.44 -9.73 -3.57
N SER A 126 -0.06 -10.95 -3.18
CA SER A 126 -1.01 -11.94 -2.75
C SER A 126 -1.78 -11.48 -1.53
N HIS A 127 -1.06 -11.20 -0.46
CA HIS A 127 -1.67 -10.75 0.76
C HIS A 127 -2.45 -9.47 0.50
N VAL A 128 -1.93 -8.63 -0.37
CA VAL A 128 -2.60 -7.38 -0.71
C VAL A 128 -4.04 -7.67 -1.15
N GLY A 129 -4.20 -8.69 -1.98
CA GLY A 129 -5.54 -9.04 -2.44
C GLY A 129 -6.33 -9.79 -1.38
N GLN A 130 -5.68 -10.76 -0.74
CA GLN A 130 -6.32 -11.55 0.31
C GLN A 130 -6.66 -10.67 1.51
N ILE A 131 -5.95 -9.57 1.64
CA ILE A 131 -6.17 -8.61 2.71
C ILE A 131 -7.20 -7.59 2.26
N LEU A 132 -7.25 -7.40 0.94
CA LEU A 132 -8.19 -6.47 0.32
C LEU A 132 -9.63 -6.92 0.57
N ASP A 133 -9.88 -8.20 0.33
CA ASP A 133 -11.22 -8.77 0.52
C ASP A 133 -11.61 -8.76 1.98
N SER A 134 -10.67 -9.16 2.83
CA SER A 134 -10.92 -9.20 4.27
C SER A 134 -10.93 -7.79 4.85
N PHE A 135 -10.38 -6.84 4.11
CA PHE A 135 -10.33 -5.45 4.55
C PHE A 135 -11.71 -4.96 5.00
N HIS A 136 -12.63 -4.87 4.05
CA HIS A 136 -13.99 -4.41 4.34
C HIS A 136 -14.58 -5.18 5.52
N GLU A 137 -14.47 -6.51 5.48
CA GLU A 137 -14.98 -7.35 6.55
C GLU A 137 -14.52 -6.83 7.90
N GLU A 138 -13.33 -6.23 7.93
CA GLU A 138 -12.78 -5.68 9.14
C GLU A 138 -13.39 -4.31 9.43
N LEU A 139 -13.68 -3.56 8.37
CA LEU A 139 -14.30 -2.25 8.51
C LEU A 139 -15.72 -2.41 9.03
N VAL A 140 -16.36 -3.49 8.63
CA VAL A 140 -17.72 -3.78 9.06
C VAL A 140 -17.68 -4.25 10.50
N GLU A 141 -16.76 -5.16 10.76
CA GLU A 141 -16.56 -5.70 12.09
C GLU A 141 -16.17 -4.58 13.04
N TYR A 142 -15.39 -3.64 12.52
CA TYR A 142 -14.94 -2.49 13.29
C TYR A 142 -16.12 -1.60 13.64
N ARG A 143 -17.13 -1.61 12.79
CA ARG A 143 -18.33 -0.80 12.99
C ARG A 143 -19.25 -1.42 14.03
N ASN A 144 -18.90 -2.59 14.54
CA ASN A 144 -19.71 -3.27 15.54
C ASN A 144 -19.08 -3.16 16.93
N GLN A 145 -17.76 -3.22 16.98
CA GLN A 145 -17.03 -3.12 18.24
C GLN A 145 -17.00 -1.68 18.74
N THR A 146 -16.18 -0.85 18.09
CA THR A 146 -16.05 0.55 18.47
C THR A 146 -16.82 1.43 17.51
N LEU A 147 -17.38 2.53 18.03
CA LEU A 147 -18.14 3.46 17.22
C LEU A 147 -18.47 4.73 18.00
N ASN A 148 -17.45 5.29 18.65
CA ASN A 148 -17.63 6.51 19.44
C ASN A 148 -17.22 7.74 18.64
N SER A 149 -17.52 7.73 17.35
CA SER A 149 -17.17 8.85 16.47
C SER A 149 -18.37 9.23 15.59
N MET A 1 -21.08 -1.78 -1.67
CA MET A 1 -20.67 -1.90 -3.09
C MET A 1 -19.44 -1.04 -3.39
N LYS A 2 -18.26 -1.66 -3.33
CA LYS A 2 -17.01 -0.96 -3.59
C LYS A 2 -15.82 -1.91 -3.53
N ARG A 3 -15.55 -2.58 -4.64
CA ARG A 3 -14.44 -3.52 -4.72
C ARG A 3 -13.10 -2.79 -4.74
N PHE A 4 -12.53 -2.58 -3.56
CA PHE A 4 -11.25 -1.90 -3.43
C PHE A 4 -10.17 -2.63 -4.21
N ASN A 5 -9.08 -1.92 -4.53
CA ASN A 5 -7.98 -2.52 -5.28
C ASN A 5 -6.74 -1.62 -5.28
N VAL A 6 -5.68 -2.11 -4.67
CA VAL A 6 -4.42 -1.35 -4.60
C VAL A 6 -3.75 -1.33 -5.97
N SER A 7 -3.06 -0.24 -6.27
CA SER A 7 -2.38 -0.09 -7.55
C SER A 7 -0.97 -0.67 -7.50
N TYR A 8 -0.21 -0.29 -6.48
CA TYR A 8 1.17 -0.78 -6.37
C TYR A 8 1.55 -1.01 -4.92
N VAL A 9 2.18 -2.15 -4.66
CA VAL A 9 2.63 -2.49 -3.31
C VAL A 9 4.05 -3.03 -3.33
N GLU A 10 5.04 -2.16 -3.12
CA GLU A 10 6.43 -2.57 -3.12
C GLU A 10 7.03 -2.57 -1.72
N VAL A 11 7.49 -3.73 -1.28
CA VAL A 11 8.12 -3.85 0.03
C VAL A 11 9.58 -3.43 -0.08
N ILE A 12 10.18 -3.06 1.03
CA ILE A 12 11.56 -2.61 1.02
C ILE A 12 12.36 -3.19 2.18
N LYS A 13 13.36 -4.00 1.87
CA LYS A 13 14.20 -4.60 2.90
C LYS A 13 15.58 -3.91 2.96
N ASN A 14 15.81 -3.15 4.03
CA ASN A 14 17.08 -2.47 4.21
C ASN A 14 17.32 -1.42 3.12
N GLY A 15 16.25 -0.79 2.66
CA GLY A 15 16.39 0.20 1.61
C GLY A 15 16.55 -0.45 0.26
N GLU A 16 16.02 -1.65 0.13
CA GLU A 16 16.09 -2.40 -1.10
C GLU A 16 14.81 -3.18 -1.32
N THR A 17 14.09 -2.86 -2.39
CA THR A 17 12.83 -3.52 -2.69
C THR A 17 12.98 -5.04 -2.69
N ILE A 18 12.14 -5.70 -1.90
CA ILE A 18 12.14 -7.16 -1.81
C ILE A 18 10.99 -7.73 -2.62
N SER A 19 9.82 -7.18 -2.37
CA SER A 19 8.60 -7.61 -3.06
C SER A 19 7.97 -6.44 -3.81
N SER A 20 6.91 -6.73 -4.59
CA SER A 20 6.25 -5.70 -5.36
C SER A 20 4.95 -6.18 -5.96
N CYS A 21 3.90 -5.37 -5.83
CA CYS A 21 2.59 -5.70 -6.37
C CYS A 21 2.12 -4.57 -7.29
N PHE A 22 2.78 -4.46 -8.43
CA PHE A 22 2.46 -3.41 -9.39
C PHE A 22 1.74 -3.97 -10.60
N GLN A 23 0.43 -3.80 -10.64
CA GLN A 23 -0.37 -4.31 -11.75
C GLN A 23 -1.51 -3.37 -12.12
N PRO A 24 -1.84 -3.28 -13.43
CA PRO A 24 -2.92 -2.42 -13.90
C PRO A 24 -4.30 -3.03 -13.64
N PHE A 25 -5.34 -2.37 -14.11
CA PHE A 25 -6.71 -2.86 -13.90
C PHE A 25 -7.78 -1.86 -14.35
N GLN A 26 -7.37 -0.65 -14.74
CA GLN A 26 -8.32 0.36 -15.18
C GLN A 26 -9.25 0.75 -14.03
N LYS A 27 -9.64 2.02 -14.00
CA LYS A 27 -10.52 2.52 -12.95
C LYS A 27 -11.98 2.18 -13.27
N ASN A 28 -12.73 1.83 -12.23
CA ASN A 28 -14.15 1.48 -12.39
C ASN A 28 -15.02 2.35 -11.49
N GLU A 29 -16.28 1.96 -11.32
CA GLU A 29 -17.20 2.71 -10.48
C GLU A 29 -16.59 2.99 -9.12
N ASN A 30 -16.45 4.28 -8.80
CA ASN A 30 -15.85 4.69 -7.53
C ASN A 30 -14.42 4.19 -7.43
N TYR A 31 -13.62 4.85 -6.60
CA TYR A 31 -12.22 4.48 -6.41
C TYR A 31 -11.53 4.24 -7.76
N GLY A 32 -10.33 3.66 -7.71
CA GLY A 32 -9.60 3.38 -8.94
C GLY A 32 -9.08 4.64 -9.60
N THR A 33 -8.15 4.49 -10.53
CA THR A 33 -7.57 5.63 -11.23
C THR A 33 -6.82 5.18 -12.48
N ILE A 34 -6.07 4.09 -12.36
CA ILE A 34 -5.31 3.56 -13.49
C ILE A 34 -6.20 3.28 -14.69
N THR A 35 -5.60 3.25 -15.87
CA THR A 35 -6.33 2.98 -17.11
C THR A 35 -5.46 3.27 -18.33
N SER A 36 -4.57 4.26 -18.20
CA SER A 36 -3.68 4.62 -19.30
C SER A 36 -2.68 5.69 -18.86
N ALA A 37 -3.16 6.91 -18.72
CA ALA A 37 -2.32 8.04 -18.31
C ALA A 37 -1.49 7.69 -17.07
N ASN A 38 -2.02 6.78 -16.25
CA ASN A 38 -1.34 6.35 -15.03
C ASN A 38 -1.01 4.87 -15.09
N GLU A 39 -0.76 4.36 -16.29
CA GLU A 39 -0.43 2.96 -16.47
C GLU A 39 0.85 2.80 -17.31
N GLN A 40 1.70 3.82 -17.24
CA GLN A 40 2.96 3.81 -17.97
C GLN A 40 4.14 3.77 -16.99
N ILE A 41 3.95 4.41 -15.85
CA ILE A 41 4.95 4.45 -14.79
C ILE A 41 5.42 3.04 -14.43
N THR A 42 6.74 2.85 -14.40
CA THR A 42 7.31 1.54 -14.07
C THR A 42 7.57 1.42 -12.58
N PRO A 43 7.51 0.19 -12.03
CA PRO A 43 7.76 -0.04 -10.61
C PRO A 43 9.00 0.70 -10.13
N VAL A 44 9.92 0.94 -11.08
CA VAL A 44 11.16 1.65 -10.82
C VAL A 44 10.89 3.10 -10.45
N ILE A 45 9.91 3.70 -11.12
CA ILE A 45 9.54 5.08 -10.85
C ILE A 45 9.12 5.20 -9.41
N PHE A 46 8.32 4.25 -8.97
CA PHE A 46 7.86 4.20 -7.61
C PHE A 46 8.99 3.73 -6.72
N HIS A 47 9.73 2.73 -7.21
CA HIS A 47 10.85 2.18 -6.44
C HIS A 47 11.90 3.25 -6.21
N ASN A 48 12.01 4.19 -7.15
CA ASN A 48 12.97 5.27 -7.03
C ASN A 48 12.35 6.42 -6.24
N LEU A 49 11.02 6.54 -6.36
CA LEU A 49 10.29 7.56 -5.62
C LEU A 49 10.49 7.28 -4.15
N ILE A 50 10.06 6.09 -3.78
CA ILE A 50 10.20 5.59 -2.42
C ILE A 50 11.64 5.73 -1.95
N MET A 51 12.51 5.02 -2.65
CA MET A 51 13.94 4.99 -2.37
C MET A 51 14.56 6.37 -2.29
N ASP A 52 14.17 7.27 -3.19
CA ASP A 52 14.74 8.62 -3.24
C ASP A 52 13.95 9.63 -2.40
N MET A 53 12.70 9.33 -2.09
CA MET A 53 11.87 10.28 -1.32
C MET A 53 11.41 9.69 0.01
N VAL A 54 10.68 8.59 -0.05
CA VAL A 54 10.17 7.94 1.16
C VAL A 54 11.29 7.44 2.06
N LEU A 55 12.12 6.53 1.52
CA LEU A 55 13.21 5.95 2.30
C LEU A 55 13.99 7.00 3.09
N PRO A 56 14.48 8.07 2.42
CA PRO A 56 15.21 9.13 3.09
C PRO A 56 14.34 9.93 4.06
N LYS A 57 13.08 9.52 4.23
CA LYS A 57 12.17 10.21 5.13
C LYS A 57 11.13 9.24 5.66
N VAL A 58 11.50 7.97 5.74
CA VAL A 58 10.61 6.93 6.21
C VAL A 58 10.61 6.87 7.73
N VAL A 59 9.49 6.46 8.29
CA VAL A 59 9.36 6.34 9.74
C VAL A 59 9.46 4.89 10.16
N PRO A 60 10.17 4.59 11.26
CA PRO A 60 10.30 3.22 11.77
C PRO A 60 9.02 2.74 12.42
N ILE A 61 7.90 3.31 11.96
CA ILE A 61 6.56 2.99 12.45
C ILE A 61 6.55 2.40 13.86
N LYS A 62 6.22 3.24 14.84
CA LYS A 62 6.15 2.81 16.23
C LYS A 62 4.70 2.70 16.70
N GLY A 63 3.83 3.49 16.08
CA GLY A 63 2.43 3.47 16.44
C GLY A 63 1.55 4.14 15.41
N ASN A 64 1.96 4.08 14.15
CA ASN A 64 1.21 4.69 13.05
C ASN A 64 0.76 3.63 12.05
N LYS A 65 1.71 2.83 11.59
CA LYS A 65 1.42 1.77 10.63
C LYS A 65 0.92 2.35 9.30
N VAL A 66 1.78 2.32 8.29
CA VAL A 66 1.42 2.83 6.97
C VAL A 66 1.26 4.35 6.99
N THR A 67 2.39 5.05 6.95
CA THR A 67 2.37 6.51 6.95
C THR A 67 2.58 7.08 5.56
N LYS A 68 1.71 8.00 5.16
CA LYS A 68 1.80 8.63 3.86
C LYS A 68 2.82 9.76 3.87
N MET A 69 3.66 9.82 2.85
CA MET A 69 4.68 10.84 2.76
C MET A 69 4.06 12.24 2.77
N SER A 70 2.81 12.33 2.33
CA SER A 70 2.11 13.61 2.29
C SER A 70 2.94 14.67 1.59
N MET A 71 3.79 14.22 0.66
CA MET A 71 4.65 15.13 -0.09
C MET A 71 4.18 15.27 -1.52
N ASN A 72 3.35 14.33 -1.98
CA ASN A 72 2.82 14.35 -3.34
C ASN A 72 3.94 14.10 -4.34
N LEU A 73 4.53 12.92 -4.28
CA LEU A 73 5.61 12.55 -5.19
C LEU A 73 5.10 12.47 -6.62
N ILE A 74 4.13 11.60 -6.84
CA ILE A 74 3.52 11.43 -8.15
C ILE A 74 2.02 11.69 -8.09
N ASP A 75 1.45 12.07 -9.23
CA ASP A 75 0.03 12.34 -9.30
C ASP A 75 -0.73 11.13 -9.82
N GLY A 76 -1.89 10.88 -9.24
CA GLY A 76 -2.69 9.74 -9.65
C GLY A 76 -2.68 8.64 -8.61
N PHE A 77 -1.55 8.48 -7.91
CA PHE A 77 -1.43 7.44 -6.89
C PHE A 77 -1.22 8.04 -5.51
N ASP A 78 -1.19 7.18 -4.49
CA ASP A 78 -0.99 7.61 -3.12
C ASP A 78 0.25 6.95 -2.53
N CYS A 79 1.20 7.77 -2.08
CA CYS A 79 2.46 7.25 -1.52
C CYS A 79 2.35 6.95 -0.02
N PHE A 80 2.30 5.66 0.31
CA PHE A 80 2.23 5.23 1.71
C PHE A 80 3.42 4.32 2.04
N TYR A 81 3.85 4.36 3.31
CA TYR A 81 4.98 3.53 3.73
C TYR A 81 4.80 3.04 5.17
N SER A 82 4.99 1.74 5.36
CA SER A 82 4.87 1.11 6.68
C SER A 82 6.06 0.21 6.97
N THR A 83 6.79 0.50 8.05
CA THR A 83 7.96 -0.30 8.41
C THR A 83 7.57 -1.45 9.34
N ASP A 84 8.31 -2.55 9.24
CA ASP A 84 8.05 -3.73 10.06
C ASP A 84 7.85 -3.35 11.53
N ASP A 85 7.04 -4.13 12.22
CA ASP A 85 6.75 -3.90 13.64
C ASP A 85 7.96 -4.18 14.52
N HIS A 86 8.95 -4.90 13.97
CA HIS A 86 10.14 -5.22 14.73
C HIS A 86 11.38 -5.29 13.84
N ASP A 87 11.30 -4.66 12.66
CA ASP A 87 12.42 -4.67 11.73
C ASP A 87 12.43 -3.40 10.87
N PRO A 88 13.17 -2.37 11.29
CA PRO A 88 13.26 -1.10 10.53
C PRO A 88 13.87 -1.31 9.15
N LYS A 89 14.52 -2.46 8.96
CA LYS A 89 15.15 -2.78 7.69
C LYS A 89 14.21 -3.64 6.84
N THR A 90 12.92 -3.42 7.03
CA THR A 90 11.89 -4.15 6.28
C THR A 90 10.65 -3.28 6.14
N VAL A 91 10.79 -2.24 5.33
CA VAL A 91 9.70 -1.30 5.09
C VAL A 91 8.62 -1.92 4.22
N TYR A 92 7.55 -1.16 4.02
CA TYR A 92 6.41 -1.60 3.21
C TYR A 92 5.73 -0.40 2.56
N VAL A 93 6.14 -0.05 1.36
CA VAL A 93 5.55 1.09 0.67
C VAL A 93 4.50 0.65 -0.34
N CYS A 94 3.35 1.31 -0.30
CA CYS A 94 2.25 0.99 -1.20
C CYS A 94 1.75 2.23 -1.93
N PHE A 95 1.77 2.18 -3.26
CA PHE A 95 1.30 3.29 -4.07
C PHE A 95 -0.15 3.06 -4.47
N THR A 96 -1.06 3.43 -3.60
CA THR A 96 -2.48 3.25 -3.88
C THR A 96 -2.98 4.26 -4.91
N LEU A 97 -4.29 4.36 -5.04
CA LEU A 97 -4.89 5.29 -5.97
C LEU A 97 -5.50 6.46 -5.23
N VAL A 98 -5.14 7.68 -5.64
CA VAL A 98 -5.64 8.89 -4.98
C VAL A 98 -7.16 8.81 -4.76
N ASP A 99 -7.86 8.19 -5.70
CA ASP A 99 -9.31 8.05 -5.58
C ASP A 99 -9.66 7.21 -4.35
N ILE A 100 -8.78 6.29 -4.01
CA ILE A 100 -8.97 5.41 -2.86
C ILE A 100 -8.68 6.17 -1.56
N PRO A 101 -9.56 6.05 -0.56
CA PRO A 101 -9.38 6.73 0.73
C PRO A 101 -8.03 6.39 1.36
N LYS A 102 -7.88 6.76 2.63
CA LYS A 102 -6.65 6.50 3.36
C LYS A 102 -6.85 5.39 4.39
N ILE A 103 -7.08 4.18 3.91
CA ILE A 103 -7.29 3.05 4.80
C ILE A 103 -6.87 1.72 4.17
N LEU A 104 -7.15 1.55 2.88
CA LEU A 104 -6.76 0.32 2.19
C LEU A 104 -5.26 0.08 2.33
N PRO A 105 -4.44 0.97 1.77
CA PRO A 105 -2.98 0.85 1.84
C PRO A 105 -2.52 0.56 3.27
N ILE A 106 -3.29 1.05 4.23
CA ILE A 106 -2.98 0.85 5.63
C ILE A 106 -3.24 -0.60 6.03
N ARG A 107 -4.35 -1.14 5.53
CA ARG A 107 -4.71 -2.53 5.83
C ARG A 107 -3.91 -3.50 4.97
N ILE A 108 -3.50 -3.04 3.79
CA ILE A 108 -2.72 -3.85 2.87
C ILE A 108 -1.33 -4.12 3.43
N LEU A 109 -0.67 -3.06 3.87
CA LEU A 109 0.67 -3.18 4.45
C LEU A 109 0.58 -3.93 5.77
N SER A 110 -0.25 -3.43 6.68
CA SER A 110 -0.44 -4.08 7.97
C SER A 110 -0.97 -5.49 7.74
N GLY A 111 -1.68 -5.67 6.62
CA GLY A 111 -2.20 -6.98 6.28
C GLY A 111 -1.11 -7.91 5.81
N LEU A 112 -0.23 -7.40 4.95
CA LEU A 112 0.89 -8.19 4.44
C LEU A 112 1.68 -8.74 5.63
N GLN A 113 1.67 -7.99 6.73
CA GLN A 113 2.35 -8.39 7.94
C GLN A 113 1.66 -9.59 8.57
N GLU A 114 0.41 -9.83 8.20
CA GLU A 114 -0.34 -10.96 8.72
C GLU A 114 0.19 -12.25 8.11
N TYR A 115 0.86 -12.13 6.98
CA TYR A 115 1.42 -13.29 6.29
C TYR A 115 2.93 -13.39 6.55
N GLU A 116 3.58 -12.24 6.75
CA GLU A 116 5.02 -12.19 7.03
C GLU A 116 5.84 -12.23 5.75
N SER A 117 5.57 -13.21 4.90
CA SER A 117 6.30 -13.36 3.63
C SER A 117 6.43 -12.04 2.89
N ASN A 118 5.53 -11.78 1.94
CA ASN A 118 5.56 -10.54 1.15
C ASN A 118 6.98 -10.20 0.74
N ALA A 119 7.80 -11.23 0.54
CA ALA A 119 9.20 -11.04 0.17
C ALA A 119 9.49 -11.39 -1.29
N THR A 120 8.54 -11.16 -2.18
CA THR A 120 8.74 -11.46 -3.60
C THR A 120 7.88 -10.56 -4.46
N ASN A 121 8.37 -10.23 -5.65
CA ASN A 121 7.62 -9.38 -6.58
C ASN A 121 6.41 -10.11 -7.14
N GLU A 122 5.92 -11.11 -6.41
CA GLU A 122 4.76 -11.86 -6.82
C GLU A 122 4.21 -12.65 -5.65
N LEU A 123 4.50 -12.16 -4.44
CA LEU A 123 4.04 -12.82 -3.24
C LEU A 123 3.23 -11.85 -2.39
N LEU A 124 3.85 -10.74 -2.05
CA LEU A 124 3.17 -9.72 -1.26
C LEU A 124 1.85 -9.36 -1.94
N SER A 125 1.91 -9.19 -3.27
CA SER A 125 0.72 -8.87 -4.05
C SER A 125 -0.42 -9.82 -3.68
N SER A 126 -0.05 -11.04 -3.30
CA SER A 126 -1.04 -12.04 -2.93
C SER A 126 -1.83 -11.61 -1.72
N HIS A 127 -1.12 -11.33 -0.64
CA HIS A 127 -1.75 -10.90 0.59
C HIS A 127 -2.55 -9.63 0.35
N VAL A 128 -2.03 -8.76 -0.52
CA VAL A 128 -2.73 -7.52 -0.84
C VAL A 128 -4.15 -7.84 -1.27
N GLY A 129 -4.30 -8.82 -2.17
CA GLY A 129 -5.63 -9.20 -2.61
C GLY A 129 -6.40 -9.95 -1.55
N GLN A 130 -5.71 -10.80 -0.81
CA GLN A 130 -6.33 -11.59 0.26
C GLN A 130 -6.64 -10.72 1.48
N ILE A 131 -5.99 -9.57 1.57
CA ILE A 131 -6.22 -8.63 2.67
C ILE A 131 -7.34 -7.67 2.29
N LEU A 132 -7.47 -7.44 0.99
CA LEU A 132 -8.49 -6.56 0.45
C LEU A 132 -9.87 -7.17 0.65
N ASP A 133 -10.03 -8.42 0.23
CA ASP A 133 -11.30 -9.11 0.36
C ASP A 133 -11.74 -9.18 1.82
N SER A 134 -10.77 -9.19 2.72
CA SER A 134 -11.07 -9.24 4.15
C SER A 134 -11.00 -7.85 4.78
N PHE A 135 -10.46 -6.88 4.04
CA PHE A 135 -10.34 -5.51 4.53
C PHE A 135 -11.70 -4.94 4.90
N HIS A 136 -12.63 -4.93 3.94
CA HIS A 136 -13.96 -4.40 4.18
C HIS A 136 -14.58 -5.00 5.44
N GLU A 137 -14.31 -6.28 5.67
CA GLU A 137 -14.82 -6.96 6.86
C GLU A 137 -14.39 -6.20 8.11
N GLU A 138 -13.24 -5.55 8.02
CA GLU A 138 -12.71 -4.76 9.12
C GLU A 138 -13.47 -3.44 9.24
N LEU A 139 -13.85 -2.89 8.08
CA LEU A 139 -14.60 -1.64 8.05
C LEU A 139 -15.98 -1.84 8.66
N VAL A 140 -16.49 -3.06 8.51
CA VAL A 140 -17.79 -3.41 9.06
C VAL A 140 -17.66 -3.65 10.55
N GLU A 141 -16.68 -4.46 10.90
CA GLU A 141 -16.41 -4.78 12.28
C GLU A 141 -16.01 -3.54 13.05
N TYR A 142 -15.36 -2.61 12.35
CA TYR A 142 -14.92 -1.36 12.93
C TYR A 142 -16.13 -0.54 13.38
N ARG A 143 -17.24 -0.68 12.66
CA ARG A 143 -18.45 0.04 12.99
C ARG A 143 -18.92 -0.28 14.41
N ASN A 144 -18.54 -1.46 14.90
CA ASN A 144 -18.92 -1.87 16.24
C ASN A 144 -17.68 -2.11 17.11
N GLN A 145 -16.90 -1.06 17.33
CA GLN A 145 -15.70 -1.15 18.13
C GLN A 145 -15.65 -0.03 19.18
N THR A 146 -15.95 1.18 18.75
CA THR A 146 -15.93 2.33 19.63
C THR A 146 -16.94 3.38 19.17
N LEU A 147 -18.19 3.22 19.60
CA LEU A 147 -19.25 4.15 19.23
C LEU A 147 -19.65 5.02 20.42
N ASN A 148 -20.58 5.95 20.17
CA ASN A 148 -21.05 6.85 21.22
C ASN A 148 -22.05 6.14 22.13
N SER A 149 -21.53 5.32 23.04
CA SER A 149 -22.39 4.59 23.97
C SER A 149 -23.35 3.67 23.22
N MET A 1 -19.93 -4.78 -7.79
CA MET A 1 -18.94 -5.73 -7.19
C MET A 1 -17.69 -4.99 -6.73
N LYS A 2 -17.90 -3.83 -6.11
CA LYS A 2 -16.79 -3.02 -5.61
C LYS A 2 -16.06 -3.74 -4.47
N ARG A 3 -14.73 -3.78 -4.56
CA ARG A 3 -13.93 -4.42 -3.53
C ARG A 3 -12.55 -3.79 -3.44
N PHE A 4 -12.48 -2.50 -3.74
CA PHE A 4 -11.22 -1.76 -3.68
C PHE A 4 -10.15 -2.43 -4.55
N ASN A 5 -8.99 -1.80 -4.65
CA ASN A 5 -7.89 -2.34 -5.45
C ASN A 5 -6.65 -1.47 -5.35
N VAL A 6 -5.64 -1.95 -4.65
CA VAL A 6 -4.39 -1.21 -4.50
C VAL A 6 -3.66 -1.12 -5.84
N SER A 7 -3.06 0.04 -6.10
CA SER A 7 -2.34 0.25 -7.34
C SER A 7 -1.00 -0.48 -7.34
N TYR A 8 -0.13 -0.08 -6.41
CA TYR A 8 1.19 -0.68 -6.32
C TYR A 8 1.62 -0.87 -4.88
N VAL A 9 2.09 -2.07 -4.56
CA VAL A 9 2.56 -2.36 -3.20
C VAL A 9 4.04 -2.72 -3.23
N GLU A 10 4.90 -1.69 -3.17
CA GLU A 10 6.34 -1.90 -3.20
C GLU A 10 6.93 -2.05 -1.80
N VAL A 11 7.41 -3.23 -1.49
CA VAL A 11 8.03 -3.50 -0.20
C VAL A 11 9.50 -3.10 -0.25
N ILE A 12 10.10 -2.84 0.90
CA ILE A 12 11.49 -2.45 0.95
C ILE A 12 12.23 -3.13 2.10
N LYS A 13 13.29 -3.87 1.77
CA LYS A 13 14.07 -4.56 2.78
C LYS A 13 15.47 -3.95 2.93
N ASN A 14 15.65 -3.16 3.99
CA ASN A 14 16.93 -2.52 4.28
C ASN A 14 17.28 -1.47 3.24
N GLY A 15 16.28 -0.72 2.79
CA GLY A 15 16.53 0.32 1.79
C GLY A 15 16.65 -0.26 0.41
N GLU A 16 16.05 -1.42 0.20
CA GLU A 16 16.08 -2.08 -1.09
C GLU A 16 14.81 -2.87 -1.32
N THR A 17 14.09 -2.52 -2.38
CA THR A 17 12.83 -3.18 -2.69
C THR A 17 12.99 -4.70 -2.76
N ILE A 18 12.24 -5.41 -1.92
CA ILE A 18 12.27 -6.87 -1.90
C ILE A 18 11.15 -7.42 -2.76
N SER A 19 9.95 -6.94 -2.51
CA SER A 19 8.77 -7.37 -3.24
C SER A 19 8.06 -6.19 -3.89
N SER A 20 7.00 -6.47 -4.63
CA SER A 20 6.25 -5.41 -5.31
C SER A 20 4.95 -5.94 -5.90
N CYS A 21 3.91 -5.12 -5.83
CA CYS A 21 2.60 -5.48 -6.37
C CYS A 21 2.13 -4.43 -7.36
N PHE A 22 2.78 -4.37 -8.52
CA PHE A 22 2.43 -3.40 -9.54
C PHE A 22 1.71 -4.07 -10.69
N GLN A 23 0.39 -4.15 -10.57
CA GLN A 23 -0.42 -4.78 -11.61
C GLN A 23 -1.52 -3.85 -12.10
N PRO A 24 -1.80 -3.86 -13.42
CA PRO A 24 -2.85 -3.01 -14.02
C PRO A 24 -4.25 -3.53 -13.70
N PHE A 25 -5.26 -2.86 -14.22
CA PHE A 25 -6.65 -3.27 -13.99
C PHE A 25 -7.65 -2.27 -14.57
N GLN A 26 -7.20 -1.04 -14.79
CA GLN A 26 -8.09 0.00 -15.34
C GLN A 26 -9.15 0.37 -14.32
N LYS A 27 -9.34 1.68 -14.12
CA LYS A 27 -10.34 2.17 -13.16
C LYS A 27 -11.70 1.51 -13.40
N ASN A 28 -12.20 1.63 -14.63
CA ASN A 28 -13.50 1.06 -14.98
C ASN A 28 -14.61 1.55 -14.06
N GLU A 29 -14.72 0.94 -12.89
CA GLU A 29 -15.75 1.33 -11.93
C GLU A 29 -15.49 0.70 -10.56
N ASN A 30 -14.96 -0.53 -10.57
CA ASN A 30 -14.67 -1.25 -9.33
C ASN A 30 -13.52 -0.59 -8.57
N TYR A 31 -13.73 0.64 -8.12
CA TYR A 31 -12.71 1.39 -7.38
C TYR A 31 -11.34 1.28 -8.05
N GLY A 32 -11.02 2.25 -8.89
CA GLY A 32 -9.75 2.23 -9.58
C GLY A 32 -9.46 3.54 -10.30
N THR A 33 -8.20 3.79 -10.60
CA THR A 33 -7.79 5.00 -11.29
C THR A 33 -6.91 4.68 -12.50
N ILE A 34 -6.02 3.71 -12.34
CA ILE A 34 -5.12 3.31 -13.41
C ILE A 34 -5.88 3.01 -14.69
N THR A 35 -5.18 3.06 -15.82
CA THR A 35 -5.79 2.77 -17.12
C THR A 35 -4.76 2.81 -18.24
N SER A 36 -4.45 4.00 -18.73
CA SER A 36 -3.47 4.14 -19.81
C SER A 36 -2.48 5.27 -19.52
N ALA A 37 -3.00 6.38 -18.98
CA ALA A 37 -2.16 7.53 -18.66
C ALA A 37 -1.36 7.30 -17.38
N ASN A 38 -1.91 6.49 -16.47
CA ASN A 38 -1.25 6.20 -15.21
C ASN A 38 -0.86 4.72 -15.11
N GLU A 39 -0.54 4.13 -16.26
CA GLU A 39 -0.14 2.72 -16.28
C GLU A 39 1.13 2.54 -17.11
N GLN A 40 1.94 3.59 -17.18
CA GLN A 40 3.19 3.56 -17.90
C GLN A 40 4.36 3.58 -16.92
N ILE A 41 4.16 4.32 -15.82
CA ILE A 41 5.15 4.42 -14.77
C ILE A 41 5.59 3.04 -14.29
N THR A 42 6.86 2.70 -14.49
CA THR A 42 7.37 1.40 -14.09
C THR A 42 7.60 1.36 -12.60
N PRO A 43 7.52 0.16 -11.99
CA PRO A 43 7.76 0.01 -10.55
C PRO A 43 9.04 0.74 -10.13
N VAL A 44 9.91 0.96 -11.11
CA VAL A 44 11.18 1.65 -10.91
C VAL A 44 10.95 3.10 -10.53
N ILE A 45 10.10 3.81 -11.28
CA ILE A 45 9.82 5.21 -10.96
C ILE A 45 9.30 5.31 -9.55
N PHE A 46 8.57 4.29 -9.14
CA PHE A 46 8.03 4.22 -7.79
C PHE A 46 9.11 3.74 -6.84
N HIS A 47 9.86 2.72 -7.27
CA HIS A 47 10.94 2.18 -6.46
C HIS A 47 12.00 3.24 -6.22
N ASN A 48 12.12 4.17 -7.16
CA ASN A 48 13.09 5.25 -7.04
C ASN A 48 12.44 6.41 -6.29
N LEU A 49 11.13 6.54 -6.44
CA LEU A 49 10.37 7.56 -5.74
C LEU A 49 10.54 7.31 -4.27
N ILE A 50 10.10 6.13 -3.87
CA ILE A 50 10.21 5.65 -2.51
C ILE A 50 11.65 5.77 -2.02
N MET A 51 12.51 5.04 -2.71
CA MET A 51 13.93 4.98 -2.41
C MET A 51 14.57 6.37 -2.29
N ASP A 52 14.24 7.26 -3.21
CA ASP A 52 14.82 8.60 -3.22
C ASP A 52 14.00 9.63 -2.43
N MET A 53 12.75 9.30 -2.10
CA MET A 53 11.90 10.24 -1.38
C MET A 53 11.38 9.66 -0.05
N VAL A 54 10.51 8.67 -0.15
CA VAL A 54 9.93 8.04 1.03
C VAL A 54 11.01 7.55 1.99
N LEU A 55 11.95 6.78 1.47
CA LEU A 55 13.03 6.23 2.29
C LEU A 55 13.76 7.31 3.07
N PRO A 56 14.35 8.31 2.37
CA PRO A 56 15.07 9.39 3.03
C PRO A 56 14.17 10.24 3.94
N LYS A 57 12.90 9.85 4.06
CA LYS A 57 11.97 10.58 4.91
C LYS A 57 10.95 9.62 5.53
N VAL A 58 11.37 8.36 5.64
CA VAL A 58 10.51 7.33 6.22
C VAL A 58 10.65 7.28 7.73
N VAL A 59 9.72 6.60 8.37
CA VAL A 59 9.75 6.46 9.82
C VAL A 59 9.07 5.15 10.22
N PRO A 60 9.52 4.52 11.31
CA PRO A 60 8.95 3.26 11.78
C PRO A 60 7.64 3.47 12.54
N ILE A 61 6.97 4.57 12.24
CA ILE A 61 5.68 4.89 12.87
C ILE A 61 5.73 4.71 14.38
N LYS A 62 4.63 5.04 15.05
CA LYS A 62 4.54 4.91 16.51
C LYS A 62 3.18 4.39 16.93
N GLY A 63 2.13 4.98 16.35
CA GLY A 63 0.77 4.55 16.66
C GLY A 63 -0.15 4.75 15.48
N ASN A 64 0.30 4.34 14.31
CA ASN A 64 -0.50 4.46 13.08
C ASN A 64 0.30 3.96 11.87
N LYS A 65 0.71 2.70 11.91
CA LYS A 65 1.48 2.10 10.82
C LYS A 65 0.90 2.48 9.45
N VAL A 66 1.74 2.43 8.42
CA VAL A 66 1.29 2.79 7.07
C VAL A 66 1.07 4.30 6.97
N THR A 67 2.17 5.05 7.02
CA THR A 67 2.08 6.51 6.95
C THR A 67 2.28 7.01 5.52
N LYS A 68 1.57 8.07 5.17
CA LYS A 68 1.66 8.65 3.84
C LYS A 68 2.69 9.78 3.82
N MET A 69 3.65 9.67 2.91
CA MET A 69 4.69 10.68 2.77
C MET A 69 4.10 12.09 2.76
N SER A 70 2.91 12.22 2.19
CA SER A 70 2.23 13.50 2.11
C SER A 70 3.09 14.54 1.40
N MET A 71 3.97 14.06 0.53
CA MET A 71 4.84 14.95 -0.23
C MET A 71 4.41 15.02 -1.69
N ASN A 72 3.39 14.23 -2.05
CA ASN A 72 2.90 14.22 -3.42
C ASN A 72 4.01 13.80 -4.38
N LEU A 73 4.61 12.64 -4.11
CA LEU A 73 5.69 12.13 -4.93
C LEU A 73 5.26 12.01 -6.39
N ILE A 74 4.10 11.40 -6.60
CA ILE A 74 3.56 11.22 -7.95
C ILE A 74 2.06 11.52 -7.96
N ASP A 75 1.54 11.76 -9.15
CA ASP A 75 0.13 12.05 -9.32
C ASP A 75 -0.61 10.81 -9.80
N GLY A 76 -1.80 10.60 -9.27
CA GLY A 76 -2.59 9.44 -9.64
C GLY A 76 -2.69 8.43 -8.52
N PHE A 77 -1.62 8.31 -7.72
CA PHE A 77 -1.61 7.38 -6.60
C PHE A 77 -1.17 8.08 -5.31
N ASP A 78 -1.10 7.33 -4.22
CA ASP A 78 -0.70 7.89 -2.93
C ASP A 78 0.51 7.14 -2.36
N CYS A 79 1.57 7.87 -2.05
CA CYS A 79 2.80 7.29 -1.51
C CYS A 79 2.70 7.00 -0.01
N PHE A 80 2.47 5.73 0.33
CA PHE A 80 2.39 5.30 1.73
C PHE A 80 3.61 4.45 2.09
N TYR A 81 3.92 4.36 3.39
CA TYR A 81 5.05 3.56 3.85
C TYR A 81 4.81 3.00 5.24
N SER A 82 5.06 1.70 5.40
CA SER A 82 4.88 1.02 6.67
C SER A 82 6.08 0.12 6.98
N THR A 83 6.79 0.40 8.06
CA THR A 83 7.94 -0.41 8.44
C THR A 83 7.51 -1.61 9.25
N ASP A 84 8.26 -2.71 9.10
CA ASP A 84 7.96 -3.94 9.82
C ASP A 84 7.68 -3.67 11.30
N ASP A 85 6.74 -4.44 11.85
CA ASP A 85 6.36 -4.29 13.25
C ASP A 85 7.56 -4.35 14.20
N HIS A 86 8.65 -4.96 13.74
CA HIS A 86 9.85 -5.07 14.56
C HIS A 86 11.11 -5.17 13.71
N ASP A 87 11.03 -4.67 12.48
CA ASP A 87 12.17 -4.71 11.57
C ASP A 87 12.23 -3.44 10.72
N PRO A 88 12.98 -2.42 11.17
CA PRO A 88 13.10 -1.17 10.42
C PRO A 88 13.78 -1.37 9.07
N LYS A 89 14.41 -2.53 8.89
CA LYS A 89 15.07 -2.86 7.64
C LYS A 89 14.15 -3.69 6.75
N THR A 90 12.85 -3.47 6.90
CA THR A 90 11.82 -4.17 6.13
C THR A 90 10.58 -3.31 6.01
N VAL A 91 10.71 -2.24 5.24
CA VAL A 91 9.62 -1.31 5.03
C VAL A 91 8.52 -1.91 4.16
N TYR A 92 7.46 -1.15 3.97
CA TYR A 92 6.32 -1.59 3.16
C TYR A 92 5.62 -0.38 2.54
N VAL A 93 6.14 0.10 1.42
CA VAL A 93 5.56 1.25 0.75
C VAL A 93 4.49 0.81 -0.25
N CYS A 94 3.35 1.50 -0.20
CA CYS A 94 2.23 1.17 -1.07
C CYS A 94 1.66 2.41 -1.77
N PHE A 95 1.73 2.41 -3.10
CA PHE A 95 1.21 3.51 -3.89
C PHE A 95 -0.28 3.28 -4.16
N THR A 96 -1.12 3.66 -3.21
CA THR A 96 -2.56 3.46 -3.34
C THR A 96 -3.22 4.58 -4.14
N LEU A 97 -4.08 4.19 -5.08
CA LEU A 97 -4.79 5.15 -5.93
C LEU A 97 -5.39 6.27 -5.07
N VAL A 98 -5.06 7.51 -5.43
CA VAL A 98 -5.57 8.67 -4.69
C VAL A 98 -7.08 8.56 -4.45
N ASP A 99 -7.78 7.96 -5.38
CA ASP A 99 -9.21 7.78 -5.27
C ASP A 99 -9.57 6.95 -4.04
N ILE A 100 -8.66 6.05 -3.67
CA ILE A 100 -8.86 5.19 -2.50
C ILE A 100 -8.55 5.94 -1.21
N PRO A 101 -9.45 5.86 -0.21
CA PRO A 101 -9.26 6.53 1.08
C PRO A 101 -7.94 6.14 1.74
N LYS A 102 -7.79 6.49 3.00
CA LYS A 102 -6.58 6.18 3.75
C LYS A 102 -6.84 5.09 4.79
N ILE A 103 -7.14 3.88 4.31
CA ILE A 103 -7.41 2.76 5.20
C ILE A 103 -7.02 1.43 4.57
N LEU A 104 -7.27 1.28 3.27
CA LEU A 104 -6.91 0.04 2.59
C LEU A 104 -5.41 -0.20 2.70
N PRO A 105 -4.59 0.70 2.14
CA PRO A 105 -3.12 0.58 2.21
C PRO A 105 -2.66 0.24 3.62
N ILE A 106 -3.38 0.77 4.60
CA ILE A 106 -3.07 0.53 5.99
C ILE A 106 -3.30 -0.95 6.33
N ARG A 107 -4.35 -1.51 5.76
CA ARG A 107 -4.69 -2.91 5.98
C ARG A 107 -3.86 -3.81 5.05
N ILE A 108 -3.45 -3.27 3.91
CA ILE A 108 -2.65 -4.02 2.95
C ILE A 108 -1.27 -4.29 3.51
N LEU A 109 -0.63 -3.25 4.05
CA LEU A 109 0.69 -3.39 4.65
C LEU A 109 0.58 -4.16 5.95
N SER A 110 -0.26 -3.67 6.86
CA SER A 110 -0.46 -4.35 8.13
C SER A 110 -0.97 -5.77 7.87
N GLY A 111 -1.68 -5.92 6.75
CA GLY A 111 -2.19 -7.22 6.37
C GLY A 111 -1.10 -8.12 5.87
N LEU A 112 -0.25 -7.60 4.97
CA LEU A 112 0.86 -8.38 4.44
C LEU A 112 1.73 -8.86 5.59
N GLN A 113 1.77 -8.05 6.65
CA GLN A 113 2.54 -8.41 7.83
C GLN A 113 1.82 -9.50 8.63
N GLU A 114 0.54 -9.72 8.31
CA GLU A 114 -0.25 -10.72 8.99
C GLU A 114 0.14 -12.11 8.50
N TYR A 115 0.68 -12.19 7.28
CA TYR A 115 1.09 -13.46 6.71
C TYR A 115 2.50 -13.82 7.14
N GLU A 116 3.49 -13.45 6.32
CA GLU A 116 4.91 -13.73 6.60
C GLU A 116 5.73 -13.64 5.31
N SER A 117 5.08 -13.92 4.18
CA SER A 117 5.74 -13.89 2.88
C SER A 117 5.29 -12.68 2.08
N ASN A 118 6.27 -11.92 1.62
CA ASN A 118 6.03 -10.72 0.82
C ASN A 118 7.35 -10.20 0.30
N ALA A 119 8.24 -11.13 -0.04
CA ALA A 119 9.58 -10.78 -0.51
C ALA A 119 9.77 -11.03 -2.02
N THR A 120 8.71 -10.87 -2.81
CA THR A 120 8.84 -11.08 -4.24
C THR A 120 7.88 -10.15 -5.00
N ASN A 121 8.30 -9.68 -6.15
CA ASN A 121 7.47 -8.79 -6.97
C ASN A 121 6.25 -9.50 -7.53
N GLU A 122 5.77 -10.51 -6.81
CA GLU A 122 4.61 -11.25 -7.23
C GLU A 122 4.15 -12.16 -6.09
N LEU A 123 4.47 -11.77 -4.86
CA LEU A 123 4.10 -12.56 -3.71
C LEU A 123 3.30 -11.71 -2.76
N LEU A 124 3.91 -10.61 -2.31
CA LEU A 124 3.22 -9.70 -1.43
C LEU A 124 1.87 -9.35 -2.05
N SER A 125 1.91 -9.09 -3.35
CA SER A 125 0.69 -8.76 -4.09
C SER A 125 -0.42 -9.75 -3.77
N SER A 126 -0.02 -10.98 -3.43
CA SER A 126 -0.99 -12.01 -3.10
C SER A 126 -1.78 -11.66 -1.87
N HIS A 127 -1.08 -11.52 -0.76
CA HIS A 127 -1.72 -11.16 0.49
C HIS A 127 -2.48 -9.86 0.33
N VAL A 128 -1.94 -8.94 -0.47
CA VAL A 128 -2.61 -7.68 -0.71
C VAL A 128 -4.04 -7.92 -1.15
N GLY A 129 -4.23 -8.82 -2.12
CA GLY A 129 -5.56 -9.12 -2.58
C GLY A 129 -6.37 -9.85 -1.52
N GLN A 130 -5.76 -10.88 -0.94
CA GLN A 130 -6.43 -11.67 0.10
C GLN A 130 -6.72 -10.81 1.32
N ILE A 131 -6.00 -9.69 1.45
CA ILE A 131 -6.20 -8.78 2.56
C ILE A 131 -7.24 -7.74 2.16
N LEU A 132 -7.30 -7.47 0.86
CA LEU A 132 -8.26 -6.52 0.30
C LEU A 132 -9.68 -7.01 0.56
N ASP A 133 -9.88 -8.31 0.42
CA ASP A 133 -11.19 -8.92 0.65
C ASP A 133 -11.55 -8.87 2.12
N SER A 134 -10.55 -8.98 2.98
CA SER A 134 -10.75 -8.95 4.42
C SER A 134 -10.47 -7.55 4.97
N PHE A 135 -10.58 -6.54 4.12
CA PHE A 135 -10.34 -5.16 4.52
C PHE A 135 -11.65 -4.49 4.92
N HIS A 136 -12.71 -4.76 4.19
CA HIS A 136 -14.02 -4.19 4.49
C HIS A 136 -14.56 -4.73 5.81
N GLU A 137 -14.18 -5.96 6.14
CA GLU A 137 -14.62 -6.58 7.38
C GLU A 137 -14.30 -5.68 8.57
N GLU A 138 -13.24 -4.90 8.44
CA GLU A 138 -12.84 -3.97 9.49
C GLU A 138 -13.72 -2.74 9.46
N LEU A 139 -14.09 -2.31 8.25
CA LEU A 139 -14.96 -1.14 8.09
C LEU A 139 -16.33 -1.44 8.68
N VAL A 140 -16.74 -2.69 8.56
CA VAL A 140 -18.02 -3.12 9.11
C VAL A 140 -17.91 -3.23 10.61
N GLU A 141 -16.85 -3.87 11.05
CA GLU A 141 -16.57 -4.03 12.46
C GLU A 141 -16.38 -2.68 13.12
N TYR A 142 -15.83 -1.74 12.35
CA TYR A 142 -15.59 -0.39 12.84
C TYR A 142 -16.91 0.34 13.09
N ARG A 143 -17.90 0.04 12.26
CA ARG A 143 -19.22 0.66 12.39
C ARG A 143 -19.81 0.40 13.77
N ASN A 144 -19.37 -0.66 14.43
CA ASN A 144 -19.86 -1.01 15.76
C ASN A 144 -19.11 -0.24 16.84
N GLN A 145 -17.78 -0.31 16.80
CA GLN A 145 -16.94 0.38 17.77
C GLN A 145 -16.82 1.86 17.43
N THR A 146 -17.19 2.71 18.39
CA THR A 146 -17.13 4.16 18.19
C THR A 146 -17.99 4.58 17.00
N LEU A 147 -19.13 5.18 17.29
CA LEU A 147 -20.05 5.63 16.24
C LEU A 147 -21.18 6.46 16.84
N ASN A 148 -21.77 5.96 17.92
CA ASN A 148 -22.87 6.65 18.58
C ASN A 148 -22.37 7.47 19.77
N SER A 149 -21.13 7.94 19.66
CA SER A 149 -20.53 8.75 20.73
C SER A 149 -20.07 10.10 20.20
N MET A 1 -22.38 -2.31 -7.15
CA MET A 1 -21.73 -1.96 -5.87
C MET A 1 -20.32 -1.40 -6.10
N LYS A 2 -19.60 -1.14 -5.01
CA LYS A 2 -18.25 -0.61 -5.09
C LYS A 2 -17.21 -1.73 -4.95
N ARG A 3 -15.94 -1.37 -5.09
CA ARG A 3 -14.86 -2.34 -4.99
C ARG A 3 -13.61 -1.70 -4.40
N PHE A 4 -12.54 -2.48 -4.29
CA PHE A 4 -11.28 -1.98 -3.75
C PHE A 4 -10.09 -2.67 -4.40
N ASN A 5 -9.05 -1.90 -4.68
CA ASN A 5 -7.86 -2.45 -5.32
C ASN A 5 -6.68 -1.47 -5.24
N VAL A 6 -5.72 -1.78 -4.38
CA VAL A 6 -4.54 -0.94 -4.21
C VAL A 6 -3.77 -0.83 -5.54
N SER A 7 -3.19 0.34 -5.78
CA SER A 7 -2.44 0.57 -7.00
C SER A 7 -1.14 -0.24 -7.02
N TYR A 8 -0.19 0.17 -6.19
CA TYR A 8 1.09 -0.51 -6.13
C TYR A 8 1.53 -0.77 -4.70
N VAL A 9 2.14 -1.92 -4.47
CA VAL A 9 2.63 -2.27 -3.13
C VAL A 9 4.08 -2.74 -3.18
N GLU A 10 5.02 -1.82 -2.94
CA GLU A 10 6.43 -2.16 -2.98
C GLU A 10 7.03 -2.24 -1.58
N VAL A 11 7.52 -3.42 -1.22
CA VAL A 11 8.16 -3.61 0.08
C VAL A 11 9.62 -3.20 -0.03
N ILE A 12 10.25 -2.88 1.10
CA ILE A 12 11.63 -2.43 1.07
C ILE A 12 12.45 -2.97 2.25
N LYS A 13 13.45 -3.77 1.94
CA LYS A 13 14.32 -4.33 2.98
C LYS A 13 15.64 -3.56 3.07
N ASN A 14 15.79 -2.78 4.14
CA ASN A 14 17.01 -2.01 4.36
C ASN A 14 17.29 -1.04 3.21
N GLY A 15 16.23 -0.45 2.66
CA GLY A 15 16.41 0.48 1.57
C GLY A 15 16.56 -0.24 0.25
N GLU A 16 16.03 -1.45 0.18
CA GLU A 16 16.10 -2.25 -1.03
C GLU A 16 14.82 -3.05 -1.20
N THR A 17 14.07 -2.71 -2.24
CA THR A 17 12.80 -3.37 -2.52
C THR A 17 12.91 -4.89 -2.42
N ILE A 18 12.04 -5.49 -1.60
CA ILE A 18 12.00 -6.94 -1.43
C ILE A 18 10.85 -7.50 -2.24
N SER A 19 9.74 -6.78 -2.22
CA SER A 19 8.54 -7.18 -2.94
C SER A 19 7.97 -6.02 -3.76
N SER A 20 6.93 -6.31 -4.53
CA SER A 20 6.32 -5.29 -5.36
C SER A 20 5.01 -5.79 -5.99
N CYS A 21 3.93 -5.05 -5.72
CA CYS A 21 2.63 -5.37 -6.27
C CYS A 21 2.20 -4.28 -7.24
N PHE A 22 2.87 -4.21 -8.38
CA PHE A 22 2.58 -3.21 -9.38
C PHE A 22 1.94 -3.82 -10.60
N GLN A 23 0.61 -3.92 -10.57
CA GLN A 23 -0.13 -4.50 -11.68
C GLN A 23 -1.29 -3.61 -12.11
N PRO A 24 -1.65 -3.62 -13.41
CA PRO A 24 -2.74 -2.81 -13.94
C PRO A 24 -4.11 -3.39 -13.56
N PHE A 25 -5.17 -2.72 -13.98
CA PHE A 25 -6.52 -3.17 -13.68
C PHE A 25 -7.58 -2.17 -14.17
N GLN A 26 -7.19 -0.90 -14.30
CA GLN A 26 -8.10 0.14 -14.74
C GLN A 26 -9.13 0.45 -13.66
N LYS A 27 -8.64 0.91 -12.52
CA LYS A 27 -9.52 1.26 -11.40
C LYS A 27 -10.13 2.64 -11.59
N ASN A 28 -11.45 2.73 -11.53
CA ASN A 28 -12.14 4.00 -11.71
C ASN A 28 -13.65 3.83 -11.52
N GLU A 29 -14.22 2.87 -12.23
CA GLU A 29 -15.65 2.60 -12.15
C GLU A 29 -16.07 2.32 -10.71
N ASN A 30 -15.13 1.81 -9.92
CA ASN A 30 -15.40 1.48 -8.52
C ASN A 30 -14.76 2.50 -7.59
N TYR A 31 -13.44 2.60 -7.64
CA TYR A 31 -12.69 3.53 -6.81
C TYR A 31 -11.20 3.47 -7.09
N GLY A 32 -10.73 4.34 -7.98
CA GLY A 32 -9.32 4.36 -8.32
C GLY A 32 -8.97 5.45 -9.32
N THR A 33 -8.05 5.14 -10.23
CA THR A 33 -7.63 6.12 -11.24
C THR A 33 -6.87 5.43 -12.37
N ILE A 34 -6.04 4.45 -12.02
CA ILE A 34 -5.25 3.73 -13.02
C ILE A 34 -6.10 3.27 -14.20
N THR A 35 -5.46 3.16 -15.36
CA THR A 35 -6.14 2.70 -16.57
C THR A 35 -5.14 2.51 -17.72
N SER A 36 -4.77 3.62 -18.37
CA SER A 36 -3.83 3.56 -19.48
C SER A 36 -2.88 4.75 -19.45
N ALA A 37 -3.44 5.93 -19.22
CA ALA A 37 -2.64 7.16 -19.17
C ALA A 37 -1.66 7.14 -18.00
N ASN A 38 -2.08 6.52 -16.90
CA ASN A 38 -1.23 6.44 -15.71
C ASN A 38 -0.80 5.01 -15.46
N GLU A 39 -0.63 4.23 -16.51
CA GLU A 39 -0.21 2.84 -16.40
C GLU A 39 1.00 2.57 -17.27
N GLN A 40 1.81 3.61 -17.48
CA GLN A 40 3.02 3.47 -18.29
C GLN A 40 4.24 3.44 -17.37
N ILE A 41 4.15 4.18 -16.28
CA ILE A 41 5.23 4.24 -15.28
C ILE A 41 5.65 2.83 -14.87
N THR A 42 6.96 2.64 -14.69
CA THR A 42 7.51 1.35 -14.29
C THR A 42 7.68 1.30 -12.78
N PRO A 43 7.60 0.10 -12.17
CA PRO A 43 7.79 -0.05 -10.73
C PRO A 43 9.02 0.72 -10.27
N VAL A 44 9.98 0.86 -11.19
CA VAL A 44 11.21 1.59 -10.95
C VAL A 44 10.91 3.03 -10.59
N ILE A 45 9.97 3.62 -11.30
CA ILE A 45 9.57 5.00 -11.07
C ILE A 45 9.17 5.17 -9.61
N PHE A 46 8.27 4.30 -9.17
CA PHE A 46 7.83 4.31 -7.80
C PHE A 46 8.94 3.82 -6.89
N HIS A 47 9.68 2.83 -7.38
CA HIS A 47 10.78 2.26 -6.60
C HIS A 47 11.86 3.31 -6.36
N ASN A 48 11.98 4.24 -7.31
CA ASN A 48 12.97 5.30 -7.19
C ASN A 48 12.34 6.47 -6.43
N LEU A 49 11.03 6.59 -6.55
CA LEU A 49 10.30 7.63 -5.84
C LEU A 49 10.49 7.38 -4.35
N ILE A 50 10.05 6.20 -3.97
CA ILE A 50 10.17 5.71 -2.61
C ILE A 50 11.60 5.86 -2.13
N MET A 51 12.47 5.13 -2.81
CA MET A 51 13.89 5.08 -2.51
C MET A 51 14.55 6.47 -2.48
N ASP A 52 14.15 7.35 -3.40
CA ASP A 52 14.74 8.69 -3.48
C ASP A 52 14.00 9.73 -2.65
N MET A 53 12.73 9.49 -2.33
CA MET A 53 11.94 10.45 -1.57
C MET A 53 11.47 9.88 -0.23
N VAL A 54 10.72 8.80 -0.28
CA VAL A 54 10.19 8.18 0.94
C VAL A 54 11.31 7.67 1.84
N LEU A 55 12.12 6.75 1.33
CA LEU A 55 13.21 6.15 2.10
C LEU A 55 14.00 7.20 2.86
N PRO A 56 14.51 8.24 2.18
CA PRO A 56 15.28 9.31 2.83
C PRO A 56 14.41 10.16 3.76
N LYS A 57 13.14 9.79 3.93
CA LYS A 57 12.24 10.53 4.80
C LYS A 57 11.27 9.58 5.48
N VAL A 58 11.64 8.31 5.56
CA VAL A 58 10.81 7.30 6.19
C VAL A 58 11.07 7.23 7.68
N VAL A 59 10.19 6.55 8.38
CA VAL A 59 10.32 6.38 9.81
C VAL A 59 10.00 4.95 10.20
N PRO A 60 10.65 4.41 11.25
CA PRO A 60 10.41 3.05 11.69
C PRO A 60 9.12 2.90 12.46
N ILE A 61 8.24 3.88 12.27
CA ILE A 61 6.93 3.89 12.93
C ILE A 61 7.03 3.67 14.43
N LYS A 62 5.96 3.98 15.15
CA LYS A 62 5.93 3.81 16.60
C LYS A 62 5.91 2.33 16.98
N GLY A 63 5.68 1.47 15.99
CA GLY A 63 5.64 0.04 16.23
C GLY A 63 4.99 -0.70 15.09
N ASN A 64 4.07 -0.02 14.38
CA ASN A 64 3.37 -0.61 13.25
C ASN A 64 2.28 0.32 12.75
N LYS A 65 2.49 0.91 11.57
CA LYS A 65 1.53 1.82 10.99
C LYS A 65 1.76 2.01 9.49
N VAL A 66 0.80 2.65 8.84
CA VAL A 66 0.85 2.91 7.40
C VAL A 66 0.54 4.38 7.12
N THR A 67 1.58 5.22 7.09
CA THR A 67 1.40 6.64 6.85
C THR A 67 1.67 7.02 5.39
N LYS A 68 1.30 8.23 5.03
CA LYS A 68 1.50 8.72 3.66
C LYS A 68 2.66 9.71 3.62
N MET A 69 3.48 9.60 2.58
CA MET A 69 4.62 10.48 2.41
C MET A 69 4.22 11.95 2.57
N SER A 70 2.97 12.25 2.25
CA SER A 70 2.45 13.61 2.37
C SER A 70 3.36 14.61 1.65
N MET A 71 4.08 14.12 0.65
CA MET A 71 4.98 14.97 -0.12
C MET A 71 4.51 15.10 -1.57
N ASN A 72 3.52 14.29 -1.95
CA ASN A 72 2.99 14.32 -3.31
C ASN A 72 4.08 14.02 -4.33
N LEU A 73 4.69 12.85 -4.19
CA LEU A 73 5.75 12.43 -5.10
C LEU A 73 5.26 12.38 -6.53
N ILE A 74 4.28 11.51 -6.78
CA ILE A 74 3.70 11.35 -8.10
C ILE A 74 2.21 11.66 -8.08
N ASP A 75 1.67 12.05 -9.23
CA ASP A 75 0.25 12.36 -9.34
C ASP A 75 -0.52 11.15 -9.86
N GLY A 76 -1.70 10.94 -9.32
CA GLY A 76 -2.51 9.81 -9.75
C GLY A 76 -2.59 8.73 -8.69
N PHE A 77 -1.52 8.56 -7.93
CA PHE A 77 -1.48 7.54 -6.88
C PHE A 77 -1.09 8.15 -5.53
N ASP A 78 -1.37 7.41 -4.46
CA ASP A 78 -1.05 7.87 -3.10
C ASP A 78 0.17 7.11 -2.56
N CYS A 79 1.14 7.85 -2.03
CA CYS A 79 2.36 7.23 -1.49
C CYS A 79 2.29 6.99 0.02
N PHE A 80 2.25 5.72 0.40
CA PHE A 80 2.20 5.33 1.81
C PHE A 80 3.38 4.44 2.17
N TYR A 81 3.96 4.63 3.37
CA TYR A 81 5.08 3.81 3.80
C TYR A 81 4.87 3.28 5.21
N SER A 82 5.14 1.99 5.38
CA SER A 82 4.98 1.33 6.68
C SER A 82 6.17 0.43 6.97
N THR A 83 6.89 0.71 8.05
CA THR A 83 8.05 -0.11 8.40
C THR A 83 7.63 -1.33 9.21
N ASP A 84 8.32 -2.45 8.99
CA ASP A 84 8.03 -3.70 9.69
C ASP A 84 7.79 -3.46 11.17
N ASP A 85 6.93 -4.29 11.76
CA ASP A 85 6.60 -4.18 13.17
C ASP A 85 7.74 -4.67 14.06
N HIS A 86 8.63 -5.47 13.48
CA HIS A 86 9.77 -6.01 14.24
C HIS A 86 11.05 -5.96 13.42
N ASP A 87 11.07 -5.13 12.38
CA ASP A 87 12.25 -5.01 11.52
C ASP A 87 12.25 -3.71 10.75
N PRO A 88 12.84 -2.64 11.31
CA PRO A 88 12.91 -1.33 10.66
C PRO A 88 13.59 -1.41 9.29
N LYS A 89 14.33 -2.49 9.07
CA LYS A 89 15.02 -2.69 7.81
C LYS A 89 14.17 -3.51 6.85
N THR A 90 12.85 -3.39 6.99
CA THR A 90 11.90 -4.08 6.15
C THR A 90 10.64 -3.25 6.00
N VAL A 91 10.80 -2.13 5.32
CA VAL A 91 9.70 -1.20 5.09
C VAL A 91 8.59 -1.85 4.26
N TYR A 92 7.54 -1.08 3.99
CA TYR A 92 6.41 -1.55 3.22
C TYR A 92 5.69 -0.36 2.58
N VAL A 93 6.25 0.13 1.48
CA VAL A 93 5.68 1.27 0.79
C VAL A 93 4.65 0.84 -0.25
N CYS A 94 3.46 1.41 -0.15
CA CYS A 94 2.37 1.08 -1.07
C CYS A 94 1.82 2.33 -1.75
N PHE A 95 1.94 2.38 -3.06
CA PHE A 95 1.44 3.51 -3.84
C PHE A 95 -0.03 3.30 -4.20
N THR A 96 -0.92 3.52 -3.24
CA THR A 96 -2.34 3.33 -3.47
C THR A 96 -2.87 4.29 -4.52
N LEU A 97 -4.18 4.40 -4.60
CA LEU A 97 -4.82 5.29 -5.56
C LEU A 97 -5.37 6.53 -4.86
N VAL A 98 -5.08 7.71 -5.39
CA VAL A 98 -5.54 8.96 -4.80
C VAL A 98 -7.02 8.88 -4.45
N ASP A 99 -7.79 8.17 -5.26
CA ASP A 99 -9.22 8.01 -5.01
C ASP A 99 -9.46 7.17 -3.77
N ILE A 100 -8.58 6.20 -3.53
CA ILE A 100 -8.68 5.32 -2.38
C ILE A 100 -8.32 6.07 -1.10
N PRO A 101 -9.17 5.98 -0.06
CA PRO A 101 -8.92 6.63 1.22
C PRO A 101 -7.60 6.17 1.84
N LYS A 102 -7.35 6.59 3.07
CA LYS A 102 -6.13 6.21 3.77
C LYS A 102 -6.41 5.11 4.79
N ILE A 103 -6.82 3.94 4.30
CA ILE A 103 -7.13 2.81 5.17
C ILE A 103 -6.84 1.48 4.50
N LEU A 104 -7.12 1.37 3.20
CA LEU A 104 -6.85 0.12 2.49
C LEU A 104 -5.35 -0.16 2.50
N PRO A 105 -4.54 0.73 1.91
CA PRO A 105 -3.09 0.57 1.88
C PRO A 105 -2.55 0.26 3.26
N ILE A 106 -3.27 0.74 4.27
CA ILE A 106 -2.89 0.51 5.64
C ILE A 106 -3.13 -0.95 5.99
N ARG A 107 -4.40 -1.34 5.95
CA ARG A 107 -4.77 -2.73 6.24
C ARG A 107 -4.02 -3.68 5.31
N ILE A 108 -3.59 -3.16 4.16
CA ILE A 108 -2.85 -3.96 3.19
C ILE A 108 -1.44 -4.20 3.70
N LEU A 109 -0.79 -3.15 4.17
CA LEU A 109 0.56 -3.26 4.72
C LEU A 109 0.53 -4.15 5.94
N SER A 110 -0.14 -3.70 6.99
CA SER A 110 -0.26 -4.49 8.21
C SER A 110 -0.78 -5.88 7.84
N GLY A 111 -1.53 -5.94 6.74
CA GLY A 111 -2.05 -7.20 6.28
C GLY A 111 -0.96 -8.11 5.76
N LEU A 112 -0.10 -7.60 4.89
CA LEU A 112 1.00 -8.39 4.34
C LEU A 112 1.81 -8.95 5.50
N GLN A 113 1.92 -8.15 6.56
CA GLN A 113 2.65 -8.55 7.75
C GLN A 113 1.86 -9.61 8.52
N GLU A 114 0.57 -9.73 8.21
CA GLU A 114 -0.28 -10.71 8.87
C GLU A 114 0.04 -12.11 8.35
N TYR A 115 0.60 -12.18 7.15
CA TYR A 115 0.95 -13.47 6.56
C TYR A 115 2.28 -13.97 7.09
N GLU A 116 3.38 -13.65 6.39
CA GLU A 116 4.72 -14.07 6.81
C GLU A 116 5.72 -13.91 5.67
N SER A 117 5.22 -14.00 4.43
CA SER A 117 6.09 -13.87 3.26
C SER A 117 6.06 -12.46 2.69
N ASN A 118 5.14 -12.21 1.75
CA ASN A 118 5.01 -10.90 1.11
C ASN A 118 6.39 -10.29 0.86
N ALA A 119 7.37 -11.15 0.58
CA ALA A 119 8.74 -10.70 0.34
C ALA A 119 9.21 -10.93 -1.09
N THR A 120 8.33 -10.82 -2.07
CA THR A 120 8.71 -11.00 -3.46
C THR A 120 7.89 -10.11 -4.38
N ASN A 121 8.46 -9.75 -5.52
CA ASN A 121 7.77 -8.88 -6.48
C ASN A 121 6.63 -9.61 -7.17
N GLU A 122 6.04 -10.58 -6.49
CA GLU A 122 4.93 -11.34 -7.03
C GLU A 122 4.37 -12.24 -5.95
N LEU A 123 4.49 -11.80 -4.70
CA LEU A 123 4.01 -12.58 -3.58
C LEU A 123 3.26 -11.68 -2.63
N LEU A 124 3.87 -10.56 -2.27
CA LEU A 124 3.25 -9.59 -1.40
C LEU A 124 1.91 -9.18 -2.01
N SER A 125 1.95 -8.92 -3.32
CA SER A 125 0.75 -8.55 -4.05
C SER A 125 -0.39 -9.51 -3.72
N SER A 126 -0.03 -10.75 -3.40
CA SER A 126 -0.99 -11.77 -3.07
C SER A 126 -1.79 -11.39 -1.83
N HIS A 127 -1.09 -11.20 -0.73
CA HIS A 127 -1.72 -10.83 0.51
C HIS A 127 -2.56 -9.58 0.30
N VAL A 128 -2.06 -8.66 -0.51
CA VAL A 128 -2.78 -7.44 -0.79
C VAL A 128 -4.20 -7.75 -1.25
N GLY A 129 -4.32 -8.66 -2.22
CA GLY A 129 -5.64 -9.03 -2.72
C GLY A 129 -6.44 -9.84 -1.71
N GLN A 130 -5.80 -10.86 -1.15
CA GLN A 130 -6.45 -11.72 -0.16
C GLN A 130 -6.76 -10.96 1.12
N ILE A 131 -6.08 -9.83 1.32
CA ILE A 131 -6.29 -9.00 2.49
C ILE A 131 -7.36 -7.96 2.17
N LEU A 132 -7.44 -7.63 0.88
CA LEU A 132 -8.42 -6.68 0.38
C LEU A 132 -9.82 -7.21 0.61
N ASP A 133 -10.03 -8.49 0.27
CA ASP A 133 -11.33 -9.12 0.43
C ASP A 133 -11.78 -9.07 1.89
N SER A 134 -10.83 -9.28 2.80
CA SER A 134 -11.11 -9.24 4.22
C SER A 134 -11.06 -7.81 4.76
N PHE A 135 -10.82 -6.85 3.86
CA PHE A 135 -10.74 -5.44 4.24
C PHE A 135 -12.10 -4.94 4.71
N HIS A 136 -13.12 -5.17 3.89
CA HIS A 136 -14.48 -4.74 4.21
C HIS A 136 -14.91 -5.26 5.57
N GLU A 137 -14.39 -6.43 5.94
CA GLU A 137 -14.72 -7.03 7.22
C GLU A 137 -14.39 -6.07 8.36
N GLU A 138 -13.36 -5.26 8.16
CA GLU A 138 -12.94 -4.28 9.15
C GLU A 138 -13.85 -3.05 9.10
N LEU A 139 -14.30 -2.71 7.89
CA LEU A 139 -15.18 -1.57 7.71
C LEU A 139 -16.57 -1.88 8.27
N VAL A 140 -16.94 -3.15 8.20
CA VAL A 140 -18.21 -3.59 8.73
C VAL A 140 -18.14 -3.63 10.24
N GLU A 141 -17.06 -4.22 10.72
CA GLU A 141 -16.81 -4.31 12.14
C GLU A 141 -16.81 -2.92 12.77
N TYR A 142 -16.39 -1.94 11.97
CA TYR A 142 -16.34 -0.55 12.41
C TYR A 142 -17.73 -0.09 12.83
N ARG A 143 -18.76 -0.67 12.22
CA ARG A 143 -20.14 -0.32 12.54
C ARG A 143 -20.58 -0.98 13.84
N ASN A 144 -19.89 -0.66 14.92
CA ASN A 144 -20.21 -1.21 16.23
C ASN A 144 -19.29 -0.65 17.31
N GLN A 145 -18.01 -0.52 16.97
CA GLN A 145 -17.01 0.02 17.90
C GLN A 145 -16.31 1.23 17.30
N THR A 146 -16.07 2.23 18.13
CA THR A 146 -15.39 3.44 17.69
C THR A 146 -16.19 4.14 16.57
N LEU A 147 -17.24 4.84 16.97
CA LEU A 147 -18.09 5.55 16.02
C LEU A 147 -18.63 6.84 16.62
N ASN A 148 -18.70 7.88 15.80
CA ASN A 148 -19.20 9.18 16.25
C ASN A 148 -20.72 9.24 16.19
N SER A 149 -21.36 8.62 17.17
CA SER A 149 -22.83 8.59 17.23
C SER A 149 -23.41 7.91 15.99
N MET A 1 -21.91 -0.48 -3.71
CA MET A 1 -20.80 -1.45 -3.66
C MET A 1 -19.48 -0.81 -4.07
N LYS A 2 -18.60 -0.57 -3.09
CA LYS A 2 -17.31 0.03 -3.37
C LYS A 2 -16.23 -1.03 -3.58
N ARG A 3 -15.15 -0.64 -4.24
CA ARG A 3 -14.05 -1.56 -4.51
C ARG A 3 -12.71 -0.94 -4.14
N PHE A 4 -11.70 -1.79 -3.95
CA PHE A 4 -10.37 -1.33 -3.58
C PHE A 4 -9.31 -2.05 -4.40
N ASN A 5 -8.11 -1.50 -4.44
CA ASN A 5 -7.02 -2.10 -5.19
C ASN A 5 -5.72 -1.31 -5.04
N VAL A 6 -4.69 -1.95 -4.49
CA VAL A 6 -3.40 -1.31 -4.30
C VAL A 6 -2.62 -1.33 -5.61
N SER A 7 -2.80 -0.28 -6.41
CA SER A 7 -2.16 -0.15 -7.72
C SER A 7 -0.74 -0.70 -7.74
N TYR A 8 0.08 -0.29 -6.77
CA TYR A 8 1.46 -0.75 -6.73
C TYR A 8 1.96 -0.90 -5.30
N VAL A 9 2.21 -2.13 -4.88
CA VAL A 9 2.70 -2.38 -3.52
C VAL A 9 4.15 -2.86 -3.54
N GLU A 10 5.08 -1.94 -3.35
CA GLU A 10 6.50 -2.27 -3.36
C GLU A 10 7.08 -2.29 -1.95
N VAL A 11 7.45 -3.48 -1.49
CA VAL A 11 8.06 -3.63 -0.17
C VAL A 11 9.54 -3.29 -0.24
N ILE A 12 10.12 -2.91 0.89
CA ILE A 12 11.52 -2.54 0.93
C ILE A 12 12.24 -3.21 2.09
N LYS A 13 13.29 -3.96 1.79
CA LYS A 13 14.05 -4.64 2.83
C LYS A 13 15.41 -4.01 3.07
N ASN A 14 15.47 -3.04 3.99
CA ASN A 14 16.72 -2.35 4.33
C ASN A 14 17.15 -1.39 3.23
N GLY A 15 16.20 -0.66 2.67
CA GLY A 15 16.52 0.30 1.63
C GLY A 15 16.66 -0.35 0.27
N GLU A 16 16.07 -1.54 0.13
CA GLU A 16 16.12 -2.26 -1.13
C GLU A 16 14.85 -3.05 -1.33
N THR A 17 14.12 -2.74 -2.39
CA THR A 17 12.86 -3.41 -2.69
C THR A 17 13.01 -4.92 -2.69
N ILE A 18 12.19 -5.58 -1.88
CA ILE A 18 12.20 -7.04 -1.79
C ILE A 18 11.06 -7.61 -2.62
N SER A 19 9.87 -7.09 -2.38
CA SER A 19 8.67 -7.53 -3.10
C SER A 19 8.01 -6.37 -3.84
N SER A 20 6.96 -6.67 -4.59
CA SER A 20 6.26 -5.65 -5.35
C SER A 20 4.95 -6.16 -5.94
N CYS A 21 3.94 -5.31 -5.94
CA CYS A 21 2.64 -5.65 -6.49
C CYS A 21 2.19 -4.58 -7.47
N PHE A 22 2.88 -4.51 -8.60
CA PHE A 22 2.59 -3.52 -9.62
C PHE A 22 1.87 -4.14 -10.81
N GLN A 23 0.55 -3.98 -10.85
CA GLN A 23 -0.23 -4.54 -11.95
C GLN A 23 -1.36 -3.59 -12.36
N PRO A 24 -1.60 -3.46 -13.68
CA PRO A 24 -2.66 -2.58 -14.20
C PRO A 24 -4.05 -3.18 -13.96
N PHE A 25 -5.08 -2.46 -14.38
CA PHE A 25 -6.45 -2.94 -14.20
C PHE A 25 -7.48 -1.93 -14.72
N GLN A 26 -7.11 -0.65 -14.74
CA GLN A 26 -8.01 0.40 -15.21
C GLN A 26 -9.10 0.67 -14.19
N LYS A 27 -8.69 1.01 -12.97
CA LYS A 27 -9.63 1.30 -11.90
C LYS A 27 -10.33 2.64 -12.13
N ASN A 28 -11.61 2.58 -12.49
CA ASN A 28 -12.39 3.79 -12.74
C ASN A 28 -13.61 3.85 -11.84
N GLU A 29 -14.35 4.94 -11.93
CA GLU A 29 -15.55 5.13 -11.12
C GLU A 29 -15.22 5.04 -9.63
N ASN A 30 -14.66 6.11 -9.09
CA ASN A 30 -14.30 6.15 -7.68
C ASN A 30 -13.28 5.06 -7.35
N TYR A 31 -12.55 5.25 -6.25
CA TYR A 31 -11.54 4.28 -5.83
C TYR A 31 -10.70 3.79 -7.00
N GLY A 32 -10.47 4.67 -7.97
CA GLY A 32 -9.70 4.30 -9.14
C GLY A 32 -8.97 5.47 -9.76
N THR A 33 -8.00 5.17 -10.63
CA THR A 33 -7.22 6.21 -11.30
C THR A 33 -6.48 5.64 -12.50
N ILE A 34 -5.87 4.47 -12.33
CA ILE A 34 -5.13 3.83 -13.40
C ILE A 34 -6.05 3.42 -14.54
N THR A 35 -5.47 3.35 -15.75
CA THR A 35 -6.22 2.97 -16.95
C THR A 35 -5.36 3.17 -18.20
N SER A 36 -4.49 4.17 -18.15
CA SER A 36 -3.63 4.48 -19.29
C SER A 36 -2.66 5.62 -18.96
N ALA A 37 -3.23 6.81 -18.79
CA ALA A 37 -2.43 8.00 -18.47
C ALA A 37 -1.51 7.75 -17.28
N ASN A 38 -1.91 6.82 -16.41
CA ASN A 38 -1.12 6.49 -15.23
C ASN A 38 -0.79 5.01 -15.19
N GLU A 39 -0.65 4.41 -16.37
CA GLU A 39 -0.34 2.99 -16.47
C GLU A 39 0.90 2.77 -17.33
N GLN A 40 1.76 3.77 -17.39
CA GLN A 40 3.00 3.69 -18.15
C GLN A 40 4.19 3.64 -17.20
N ILE A 41 4.07 4.37 -16.11
CA ILE A 41 5.10 4.42 -15.08
C ILE A 41 5.58 3.02 -14.71
N THR A 42 6.89 2.85 -14.59
CA THR A 42 7.48 1.55 -14.25
C THR A 42 7.70 1.44 -12.75
N PRO A 43 7.67 0.21 -12.21
CA PRO A 43 7.91 0.00 -10.78
C PRO A 43 9.14 0.76 -10.32
N VAL A 44 10.05 0.98 -11.27
CA VAL A 44 11.28 1.72 -11.03
C VAL A 44 10.98 3.15 -10.61
N ILE A 45 10.01 3.75 -11.28
CA ILE A 45 9.61 5.11 -10.97
C ILE A 45 9.21 5.21 -9.51
N PHE A 46 8.39 4.26 -9.09
CA PHE A 46 7.94 4.18 -7.72
C PHE A 46 9.09 3.71 -6.83
N HIS A 47 9.86 2.74 -7.35
CA HIS A 47 10.99 2.20 -6.60
C HIS A 47 12.03 3.29 -6.36
N ASN A 48 12.13 4.23 -7.29
CA ASN A 48 13.08 5.32 -7.16
C ASN A 48 12.42 6.46 -6.41
N LEU A 49 11.11 6.57 -6.55
CA LEU A 49 10.36 7.58 -5.83
C LEU A 49 10.54 7.32 -4.36
N ILE A 50 10.11 6.15 -3.96
CA ILE A 50 10.25 5.67 -2.60
C ILE A 50 11.69 5.83 -2.14
N MET A 51 12.56 5.08 -2.82
CA MET A 51 13.99 5.06 -2.55
C MET A 51 14.60 6.46 -2.46
N ASP A 52 14.17 7.36 -3.34
CA ASP A 52 14.71 8.72 -3.38
C ASP A 52 13.92 9.70 -2.52
N MET A 53 12.67 9.37 -2.22
CA MET A 53 11.81 10.27 -1.43
C MET A 53 11.37 9.65 -0.11
N VAL A 54 10.52 8.64 -0.19
CA VAL A 54 10.02 7.98 1.01
C VAL A 54 11.14 7.45 1.89
N LEU A 55 12.00 6.63 1.32
CA LEU A 55 13.12 6.04 2.05
C LEU A 55 13.87 7.08 2.87
N PRO A 56 14.40 8.12 2.22
CA PRO A 56 15.15 9.17 2.93
C PRO A 56 14.27 9.99 3.87
N LYS A 57 13.01 9.56 4.05
CA LYS A 57 12.11 10.26 4.95
C LYS A 57 11.07 9.28 5.51
N VAL A 58 11.44 8.01 5.55
CA VAL A 58 10.56 6.97 6.05
C VAL A 58 10.60 6.91 7.57
N VAL A 59 9.49 6.49 8.16
CA VAL A 59 9.39 6.37 9.60
C VAL A 59 9.51 4.93 10.03
N PRO A 60 10.24 4.64 11.11
CA PRO A 60 10.41 3.28 11.61
C PRO A 60 9.16 2.78 12.32
N ILE A 61 8.00 3.29 11.87
CA ILE A 61 6.69 2.94 12.40
C ILE A 61 6.76 2.20 13.75
N LYS A 62 6.68 2.95 14.83
CA LYS A 62 6.72 2.38 16.17
C LYS A 62 5.33 2.35 16.78
N GLY A 63 4.66 3.50 16.73
CA GLY A 63 3.32 3.59 17.26
C GLY A 63 2.29 3.72 16.14
N ASN A 64 2.71 4.31 15.04
CA ASN A 64 1.84 4.50 13.87
C ASN A 64 1.83 3.24 13.01
N LYS A 65 1.39 3.37 11.76
CA LYS A 65 1.34 2.24 10.85
C LYS A 65 0.82 2.66 9.48
N VAL A 66 1.68 2.57 8.46
CA VAL A 66 1.28 2.94 7.11
C VAL A 66 1.04 4.45 7.01
N THR A 67 2.13 5.21 6.99
CA THR A 67 2.03 6.66 6.90
C THR A 67 2.38 7.17 5.50
N LYS A 68 1.65 8.18 5.04
CA LYS A 68 1.88 8.75 3.73
C LYS A 68 2.98 9.80 3.79
N MET A 69 3.81 9.84 2.76
CA MET A 69 4.90 10.80 2.70
C MET A 69 4.38 12.23 2.78
N SER A 70 3.19 12.45 2.25
CA SER A 70 2.58 13.77 2.27
C SER A 70 3.43 14.77 1.50
N MET A 71 4.19 14.27 0.53
CA MET A 71 5.05 15.11 -0.29
C MET A 71 4.53 15.19 -1.73
N ASN A 72 3.56 14.33 -2.05
CA ASN A 72 3.00 14.29 -3.40
C ASN A 72 4.08 13.92 -4.41
N LEU A 73 4.65 12.74 -4.23
CA LEU A 73 5.71 12.25 -5.11
C LEU A 73 5.21 12.17 -6.55
N ILE A 74 4.05 11.55 -6.72
CA ILE A 74 3.44 11.40 -8.04
C ILE A 74 1.94 11.66 -7.98
N ASP A 75 1.37 12.08 -9.10
CA ASP A 75 -0.05 12.36 -9.18
C ASP A 75 -0.80 11.14 -9.71
N GLY A 76 -1.99 10.91 -9.18
CA GLY A 76 -2.78 9.77 -9.60
C GLY A 76 -2.78 8.66 -8.58
N PHE A 77 -1.65 8.49 -7.91
CA PHE A 77 -1.51 7.44 -6.89
C PHE A 77 -1.34 8.07 -5.50
N ASP A 78 -1.01 7.22 -4.53
CA ASP A 78 -0.81 7.67 -3.14
C ASP A 78 0.32 6.89 -2.49
N CYS A 79 1.38 7.59 -2.08
CA CYS A 79 2.53 6.95 -1.46
C CYS A 79 2.37 6.78 0.05
N PHE A 80 2.08 5.55 0.46
CA PHE A 80 1.92 5.23 1.88
C PHE A 80 2.95 4.19 2.29
N TYR A 81 3.81 4.53 3.25
CA TYR A 81 4.85 3.59 3.70
C TYR A 81 4.58 3.08 5.11
N SER A 82 5.05 1.86 5.37
CA SER A 82 4.90 1.22 6.67
C SER A 82 6.09 0.30 6.94
N THR A 83 6.83 0.56 8.01
CA THR A 83 7.99 -0.24 8.35
C THR A 83 7.60 -1.42 9.24
N ASP A 84 8.37 -2.50 9.14
CA ASP A 84 8.12 -3.70 9.92
C ASP A 84 7.94 -3.36 11.40
N ASP A 85 6.99 -4.05 12.03
CA ASP A 85 6.70 -3.82 13.44
C ASP A 85 7.91 -4.09 14.33
N HIS A 86 8.90 -4.80 13.80
CA HIS A 86 10.10 -5.13 14.58
C HIS A 86 11.33 -5.24 13.67
N ASP A 87 11.28 -4.61 12.50
CA ASP A 87 12.40 -4.65 11.57
C ASP A 87 12.45 -3.40 10.70
N PRO A 88 13.28 -2.41 11.08
CA PRO A 88 13.41 -1.16 10.31
C PRO A 88 14.01 -1.41 8.93
N LYS A 89 14.59 -2.59 8.73
CA LYS A 89 15.18 -2.96 7.45
C LYS A 89 14.19 -3.78 6.63
N THR A 90 12.90 -3.52 6.84
CA THR A 90 11.84 -4.21 6.12
C THR A 90 10.62 -3.31 6.03
N VAL A 91 10.74 -2.27 5.23
CA VAL A 91 9.68 -1.31 5.03
C VAL A 91 8.57 -1.88 4.16
N TYR A 92 7.54 -1.09 3.96
CA TYR A 92 6.39 -1.50 3.14
C TYR A 92 5.74 -0.27 2.51
N VAL A 93 5.97 -0.08 1.22
CA VAL A 93 5.41 1.07 0.52
C VAL A 93 4.30 0.66 -0.43
N CYS A 94 3.09 1.12 -0.13
CA CYS A 94 1.93 0.82 -0.94
C CYS A 94 1.42 2.06 -1.67
N PHE A 95 1.50 2.00 -3.00
CA PHE A 95 1.05 3.08 -3.86
C PHE A 95 -0.42 2.89 -4.19
N THR A 96 -1.29 3.35 -3.31
CA THR A 96 -2.73 3.21 -3.52
C THR A 96 -3.26 4.35 -4.35
N LEU A 97 -4.40 4.13 -5.00
CA LEU A 97 -5.01 5.15 -5.83
C LEU A 97 -5.56 6.28 -4.98
N VAL A 98 -5.17 7.52 -5.30
CA VAL A 98 -5.61 8.70 -4.56
C VAL A 98 -7.09 8.63 -4.20
N ASP A 99 -7.88 8.05 -5.09
CA ASP A 99 -9.32 7.94 -4.86
C ASP A 99 -9.60 7.07 -3.63
N ILE A 100 -8.79 6.05 -3.43
CA ILE A 100 -8.94 5.15 -2.28
C ILE A 100 -8.72 5.90 -0.98
N PRO A 101 -9.58 5.67 0.03
CA PRO A 101 -9.46 6.34 1.34
C PRO A 101 -8.13 6.00 2.02
N LYS A 102 -8.04 6.35 3.30
CA LYS A 102 -6.81 6.08 4.07
C LYS A 102 -7.05 4.97 5.08
N ILE A 103 -7.27 3.75 4.58
CA ILE A 103 -7.49 2.61 5.46
C ILE A 103 -7.06 1.31 4.80
N LEU A 104 -7.38 1.12 3.53
CA LEU A 104 -6.98 -0.10 2.83
C LEU A 104 -5.47 -0.22 2.86
N PRO A 105 -4.74 0.73 2.26
CA PRO A 105 -3.28 0.72 2.25
C PRO A 105 -2.72 0.43 3.63
N ILE A 106 -3.42 0.93 4.64
CA ILE A 106 -3.03 0.71 6.02
C ILE A 106 -3.22 -0.75 6.40
N ARG A 107 -4.28 -1.34 5.87
CA ARG A 107 -4.59 -2.75 6.12
C ARG A 107 -3.76 -3.64 5.20
N ILE A 108 -3.30 -3.08 4.08
CA ILE A 108 -2.50 -3.84 3.13
C ILE A 108 -1.13 -4.16 3.72
N LEU A 109 -0.49 -3.15 4.29
CA LEU A 109 0.81 -3.34 4.92
C LEU A 109 0.63 -4.08 6.23
N SER A 110 -0.23 -3.56 7.09
CA SER A 110 -0.52 -4.20 8.37
C SER A 110 -1.04 -5.62 8.10
N GLY A 111 -1.70 -5.78 6.96
CA GLY A 111 -2.20 -7.07 6.57
C GLY A 111 -1.09 -7.97 6.10
N LEU A 112 -0.22 -7.45 5.23
CA LEU A 112 0.91 -8.22 4.73
C LEU A 112 1.73 -8.71 5.91
N GLN A 113 1.75 -7.91 6.98
CA GLN A 113 2.48 -8.26 8.18
C GLN A 113 1.71 -9.32 8.97
N GLU A 114 0.43 -9.49 8.64
CA GLU A 114 -0.40 -10.47 9.31
C GLU A 114 -0.03 -11.87 8.84
N TYR A 115 0.51 -11.96 7.63
CA TYR A 115 0.91 -13.24 7.06
C TYR A 115 2.32 -13.62 7.51
N GLU A 116 3.32 -13.22 6.71
CA GLU A 116 4.73 -13.50 7.00
C GLU A 116 5.55 -13.39 5.71
N SER A 117 4.91 -13.71 4.59
CA SER A 117 5.55 -13.65 3.28
C SER A 117 5.11 -12.41 2.52
N ASN A 118 6.09 -11.77 1.89
CA ASN A 118 5.86 -10.57 1.10
C ASN A 118 7.18 -10.04 0.58
N ALA A 119 8.10 -10.97 0.27
CA ALA A 119 9.43 -10.61 -0.21
C ALA A 119 9.64 -10.95 -1.68
N THR A 120 8.59 -10.88 -2.50
CA THR A 120 8.72 -11.17 -3.92
C THR A 120 7.79 -10.29 -4.73
N ASN A 121 8.22 -9.92 -5.93
CA ASN A 121 7.41 -9.08 -6.81
C ASN A 121 6.20 -9.83 -7.33
N GLU A 122 5.74 -10.81 -6.57
CA GLU A 122 4.58 -11.58 -6.95
C GLU A 122 4.13 -12.42 -5.77
N LEU A 123 4.44 -11.95 -4.56
CA LEU A 123 4.07 -12.66 -3.36
C LEU A 123 3.26 -11.76 -2.45
N LEU A 124 3.86 -10.63 -2.10
CA LEU A 124 3.18 -9.66 -1.26
C LEU A 124 1.83 -9.34 -1.91
N SER A 125 1.85 -9.20 -3.24
CA SER A 125 0.64 -8.92 -3.98
C SER A 125 -0.47 -9.90 -3.58
N SER A 126 -0.06 -11.09 -3.18
CA SER A 126 -1.01 -12.12 -2.78
C SER A 126 -1.81 -11.67 -1.57
N HIS A 127 -1.14 -11.46 -0.46
CA HIS A 127 -1.79 -11.04 0.74
C HIS A 127 -2.52 -9.72 0.51
N VAL A 128 -1.99 -8.90 -0.39
CA VAL A 128 -2.62 -7.64 -0.70
C VAL A 128 -4.05 -7.87 -1.18
N GLY A 129 -4.23 -8.89 -2.01
CA GLY A 129 -5.57 -9.19 -2.51
C GLY A 129 -6.43 -9.87 -1.47
N GLN A 130 -5.88 -10.90 -0.83
CA GLN A 130 -6.59 -11.64 0.21
C GLN A 130 -6.89 -10.73 1.40
N ILE A 131 -6.06 -9.72 1.59
CA ILE A 131 -6.24 -8.76 2.66
C ILE A 131 -7.20 -7.66 2.21
N LEU A 132 -7.23 -7.46 0.89
CA LEU A 132 -8.12 -6.48 0.27
C LEU A 132 -9.58 -6.84 0.56
N ASP A 133 -9.90 -8.11 0.38
CA ASP A 133 -11.27 -8.60 0.61
C ASP A 133 -11.61 -8.56 2.10
N SER A 134 -10.67 -9.02 2.92
CA SER A 134 -10.87 -9.04 4.36
C SER A 134 -10.90 -7.63 4.94
N PHE A 135 -10.27 -6.70 4.23
CA PHE A 135 -10.22 -5.31 4.67
C PHE A 135 -11.62 -4.74 4.87
N HIS A 136 -12.52 -5.01 3.91
CA HIS A 136 -13.89 -4.54 4.00
C HIS A 136 -14.59 -5.08 5.23
N GLU A 137 -14.43 -6.38 5.47
CA GLU A 137 -15.04 -7.01 6.64
C GLU A 137 -14.74 -6.21 7.90
N GLU A 138 -13.60 -5.53 7.90
CA GLU A 138 -13.19 -4.70 9.02
C GLU A 138 -13.97 -3.39 9.01
N LEU A 139 -14.24 -2.87 7.81
CA LEU A 139 -14.98 -1.63 7.65
C LEU A 139 -16.43 -1.83 8.08
N VAL A 140 -16.92 -3.05 7.95
CA VAL A 140 -18.27 -3.39 8.33
C VAL A 140 -18.34 -3.55 9.83
N GLU A 141 -17.41 -4.33 10.35
CA GLU A 141 -17.33 -4.58 11.77
C GLU A 141 -16.99 -3.31 12.52
N TYR A 142 -16.28 -2.40 11.84
CA TYR A 142 -15.90 -1.12 12.42
C TYR A 142 -17.12 -0.25 12.64
N ARG A 143 -18.12 -0.40 11.78
CA ARG A 143 -19.35 0.39 11.88
C ARG A 143 -19.98 0.25 13.25
N ASN A 144 -19.75 -0.89 13.90
CA ASN A 144 -20.31 -1.14 15.23
C ASN A 144 -19.23 -1.00 16.30
N GLN A 145 -18.56 0.15 16.31
CA GLN A 145 -17.50 0.40 17.28
C GLN A 145 -17.66 1.79 17.90
N THR A 146 -18.18 1.83 19.13
CA THR A 146 -18.39 3.10 19.84
C THR A 146 -19.00 4.16 18.93
N LEU A 147 -19.96 3.74 18.11
CA LEU A 147 -20.64 4.65 17.19
C LEU A 147 -22.10 4.81 17.57
N ASN A 148 -22.87 3.74 17.41
CA ASN A 148 -24.29 3.77 17.74
C ASN A 148 -25.02 4.80 16.89
N SER A 149 -24.59 4.95 15.64
CA SER A 149 -25.20 5.90 14.72
C SER A 149 -25.10 7.32 15.26
N MET A 1 -14.48 6.33 -1.75
CA MET A 1 -15.31 5.26 -2.37
C MET A 1 -15.03 5.14 -3.87
N LYS A 2 -15.39 3.99 -4.45
CA LYS A 2 -15.17 3.76 -5.87
C LYS A 2 -13.69 3.77 -6.21
N ARG A 3 -13.30 3.01 -7.23
CA ARG A 3 -11.91 2.96 -7.65
C ARG A 3 -11.02 2.46 -6.52
N PHE A 4 -11.49 1.43 -5.82
CA PHE A 4 -10.75 0.84 -4.71
C PHE A 4 -9.60 -0.04 -5.22
N ASN A 5 -9.03 -0.85 -4.32
CA ASN A 5 -7.93 -1.74 -4.67
C ASN A 5 -6.60 -1.00 -4.75
N VAL A 6 -5.55 -1.63 -4.22
CA VAL A 6 -4.23 -1.04 -4.24
C VAL A 6 -3.65 -1.05 -5.66
N SER A 7 -2.76 -0.09 -5.94
CA SER A 7 -2.16 0.01 -7.26
C SER A 7 -0.80 -0.67 -7.32
N TYR A 8 0.19 -0.08 -6.67
CA TYR A 8 1.54 -0.64 -6.68
C TYR A 8 2.09 -0.76 -5.26
N VAL A 9 2.27 -2.00 -4.80
CA VAL A 9 2.79 -2.23 -3.45
C VAL A 9 4.25 -2.66 -3.50
N GLU A 10 5.14 -1.69 -3.29
CA GLU A 10 6.58 -1.97 -3.30
C GLU A 10 7.14 -2.11 -1.89
N VAL A 11 7.60 -3.31 -1.55
CA VAL A 11 8.19 -3.55 -0.25
C VAL A 11 9.65 -3.15 -0.27
N ILE A 12 10.24 -2.90 0.89
CA ILE A 12 11.64 -2.49 0.94
C ILE A 12 12.38 -3.13 2.11
N LYS A 13 13.45 -3.85 1.80
CA LYS A 13 14.25 -4.50 2.84
C LYS A 13 15.55 -3.75 3.08
N ASN A 14 15.57 -2.92 4.13
CA ASN A 14 16.78 -2.16 4.48
C ASN A 14 17.14 -1.17 3.38
N GLY A 15 16.14 -0.51 2.81
CA GLY A 15 16.40 0.44 1.75
C GLY A 15 16.64 -0.26 0.43
N GLU A 16 16.12 -1.47 0.31
CA GLU A 16 16.27 -2.25 -0.90
C GLU A 16 15.00 -3.05 -1.17
N THR A 17 14.29 -2.69 -2.23
CA THR A 17 13.05 -3.35 -2.60
C THR A 17 13.16 -4.88 -2.52
N ILE A 18 12.25 -5.49 -1.78
CA ILE A 18 12.21 -6.95 -1.65
C ILE A 18 11.07 -7.52 -2.47
N SER A 19 9.92 -6.87 -2.37
CA SER A 19 8.73 -7.31 -3.09
C SER A 19 8.12 -6.16 -3.89
N SER A 20 7.05 -6.46 -4.61
CA SER A 20 6.37 -5.46 -5.43
C SER A 20 5.05 -5.99 -5.98
N CYS A 21 4.00 -5.18 -5.83
CA CYS A 21 2.68 -5.54 -6.33
C CYS A 21 2.27 -4.56 -7.42
N PHE A 22 2.95 -4.65 -8.56
CA PHE A 22 2.69 -3.76 -9.68
C PHE A 22 1.99 -4.50 -10.80
N GLN A 23 0.66 -4.55 -10.72
CA GLN A 23 -0.13 -5.24 -11.73
C GLN A 23 -1.20 -4.31 -12.32
N PRO A 24 -1.07 -3.92 -13.59
CA PRO A 24 -2.03 -3.05 -14.26
C PRO A 24 -3.44 -3.64 -14.28
N PHE A 25 -4.42 -2.80 -14.56
CA PHE A 25 -5.82 -3.24 -14.62
C PHE A 25 -6.65 -2.37 -15.55
N GLN A 26 -6.30 -1.09 -15.65
CA GLN A 26 -7.02 -0.16 -16.50
C GLN A 26 -8.41 0.08 -15.95
N LYS A 27 -8.52 0.15 -14.62
CA LYS A 27 -9.79 0.37 -13.96
C LYS A 27 -10.78 -0.73 -14.33
N ASN A 28 -10.82 -1.78 -13.52
CA ASN A 28 -11.72 -2.91 -13.76
C ASN A 28 -13.16 -2.43 -13.95
N GLU A 29 -13.85 -2.15 -12.85
CA GLU A 29 -15.22 -1.69 -12.89
C GLU A 29 -15.53 -0.79 -11.70
N ASN A 30 -15.68 -1.41 -10.53
CA ASN A 30 -15.98 -0.67 -9.31
C ASN A 30 -14.70 -0.12 -8.69
N TYR A 31 -13.60 -0.84 -8.89
CA TYR A 31 -12.31 -0.43 -8.35
C TYR A 31 -11.28 -0.28 -9.47
N GLY A 32 -10.27 0.56 -9.23
CA GLY A 32 -9.24 0.78 -10.22
C GLY A 32 -9.34 2.14 -10.87
N THR A 33 -8.22 2.84 -10.95
CA THR A 33 -8.18 4.17 -11.57
C THR A 33 -7.24 4.18 -12.77
N ILE A 34 -6.16 3.42 -12.68
CA ILE A 34 -5.18 3.33 -13.76
C ILE A 34 -5.84 2.97 -15.08
N THR A 35 -5.19 3.34 -16.18
CA THR A 35 -5.71 3.03 -17.51
C THR A 35 -4.71 3.40 -18.61
N SER A 36 -4.73 4.65 -19.07
CA SER A 36 -3.82 5.08 -20.13
C SER A 36 -3.03 6.33 -19.72
N ALA A 37 -3.31 6.87 -18.54
CA ALA A 37 -2.62 8.05 -18.06
C ALA A 37 -1.72 7.72 -16.88
N ASN A 38 -2.06 6.68 -16.14
CA ASN A 38 -1.28 6.26 -14.98
C ASN A 38 -0.86 4.81 -15.11
N GLU A 39 -0.66 4.35 -16.34
CA GLU A 39 -0.25 2.97 -16.58
C GLU A 39 1.02 2.92 -17.43
N GLN A 40 1.82 3.97 -17.31
CA GLN A 40 3.09 4.06 -18.04
C GLN A 40 4.25 4.01 -17.06
N ILE A 41 4.04 4.60 -15.89
CA ILE A 41 5.05 4.62 -14.84
C ILE A 41 5.49 3.21 -14.48
N THR A 42 6.80 2.96 -14.56
CA THR A 42 7.34 1.64 -14.24
C THR A 42 7.61 1.53 -12.75
N PRO A 43 7.51 0.32 -12.19
CA PRO A 43 7.75 0.08 -10.77
C PRO A 43 9.00 0.80 -10.27
N VAL A 44 9.90 1.10 -11.21
CA VAL A 44 11.14 1.79 -10.89
C VAL A 44 10.85 3.22 -10.47
N ILE A 45 9.97 3.91 -11.19
CA ILE A 45 9.62 5.27 -10.83
C ILE A 45 9.06 5.29 -9.41
N PHE A 46 8.40 4.20 -9.05
CA PHE A 46 7.84 4.05 -7.72
C PHE A 46 8.95 3.63 -6.76
N HIS A 47 9.79 2.68 -7.21
CA HIS A 47 10.88 2.18 -6.40
C HIS A 47 11.92 3.29 -6.16
N ASN A 48 11.97 4.23 -7.09
CA ASN A 48 12.89 5.34 -6.99
C ASN A 48 12.22 6.49 -6.25
N LEU A 49 10.90 6.56 -6.39
CA LEU A 49 10.12 7.57 -5.69
C LEU A 49 10.38 7.39 -4.21
N ILE A 50 10.07 6.18 -3.77
CA ILE A 50 10.28 5.75 -2.41
C ILE A 50 11.74 5.90 -2.02
N MET A 51 12.57 5.10 -2.67
CA MET A 51 14.01 5.06 -2.45
C MET A 51 14.63 6.47 -2.42
N ASP A 52 14.18 7.33 -3.32
CA ASP A 52 14.72 8.68 -3.42
C ASP A 52 13.96 9.70 -2.57
N MET A 53 12.68 9.43 -2.29
CA MET A 53 11.86 10.36 -1.52
C MET A 53 11.44 9.79 -0.17
N VAL A 54 10.66 8.72 -0.19
CA VAL A 54 10.17 8.10 1.03
C VAL A 54 11.32 7.57 1.90
N LEU A 55 12.11 6.66 1.35
CA LEU A 55 13.23 6.05 2.07
C LEU A 55 14.03 7.09 2.85
N PRO A 56 14.55 8.14 2.18
CA PRO A 56 15.32 9.19 2.84
C PRO A 56 14.45 10.03 3.77
N LYS A 57 13.18 9.66 3.94
CA LYS A 57 12.27 10.39 4.80
C LYS A 57 11.30 9.43 5.48
N VAL A 58 11.69 8.17 5.56
CA VAL A 58 10.86 7.15 6.17
C VAL A 58 11.07 7.11 7.68
N VAL A 59 10.16 6.44 8.37
CA VAL A 59 10.24 6.31 9.81
C VAL A 59 9.66 4.98 10.24
N PRO A 60 10.22 4.37 11.29
CA PRO A 60 9.73 3.09 11.79
C PRO A 60 8.40 3.22 12.53
N ILE A 61 7.65 4.26 12.20
CA ILE A 61 6.35 4.52 12.79
C ILE A 61 6.39 4.53 14.31
N LYS A 62 5.44 5.23 14.92
CA LYS A 62 5.36 5.32 16.37
C LYS A 62 3.97 4.92 16.86
N GLY A 63 2.95 5.35 16.12
CA GLY A 63 1.59 5.04 16.47
C GLY A 63 0.62 5.34 15.33
N ASN A 64 1.02 4.97 14.11
CA ASN A 64 0.20 5.21 12.94
C ASN A 64 0.24 4.01 11.99
N LYS A 65 1.44 3.64 11.57
CA LYS A 65 1.61 2.51 10.64
C LYS A 65 1.01 2.84 9.28
N VAL A 66 1.81 2.74 8.23
CA VAL A 66 1.34 3.03 6.88
C VAL A 66 1.05 4.52 6.73
N THR A 67 2.09 5.33 6.89
CA THR A 67 1.95 6.78 6.77
C THR A 67 2.25 7.27 5.36
N LYS A 68 1.49 8.24 4.89
CA LYS A 68 1.68 8.81 3.56
C LYS A 68 2.69 9.94 3.62
N MET A 69 3.58 9.98 2.63
CA MET A 69 4.60 11.02 2.57
C MET A 69 3.95 12.41 2.61
N SER A 70 2.71 12.48 2.16
CA SER A 70 1.96 13.74 2.14
C SER A 70 2.74 14.82 1.40
N MET A 71 3.60 14.41 0.50
CA MET A 71 4.39 15.34 -0.30
C MET A 71 4.05 15.17 -1.78
N ASN A 72 3.12 14.27 -2.09
CA ASN A 72 2.71 14.02 -3.45
C ASN A 72 3.92 13.62 -4.30
N LEU A 73 4.33 12.37 -4.18
CA LEU A 73 5.47 11.86 -4.91
C LEU A 73 5.11 11.63 -6.37
N ILE A 74 3.93 11.07 -6.59
CA ILE A 74 3.44 10.80 -7.93
C ILE A 74 1.96 11.15 -8.06
N ASP A 75 1.53 11.44 -9.28
CA ASP A 75 0.14 11.78 -9.53
C ASP A 75 -0.62 10.55 -10.00
N GLY A 76 -1.84 10.41 -9.51
CA GLY A 76 -2.66 9.27 -9.89
C GLY A 76 -2.86 8.30 -8.75
N PHE A 77 -1.84 8.18 -7.89
CA PHE A 77 -1.92 7.27 -6.74
C PHE A 77 -1.41 7.95 -5.47
N ASP A 78 -1.51 7.25 -4.35
CA ASP A 78 -1.06 7.79 -3.06
C ASP A 78 0.14 6.99 -2.54
N CYS A 79 1.20 7.70 -2.17
CA CYS A 79 2.41 7.06 -1.67
C CYS A 79 2.41 6.89 -0.15
N PHE A 80 2.34 5.63 0.28
CA PHE A 80 2.34 5.30 1.71
C PHE A 80 3.54 4.42 2.05
N TYR A 81 3.99 4.47 3.31
CA TYR A 81 5.13 3.67 3.74
C TYR A 81 4.96 3.18 5.18
N SER A 82 5.12 1.88 5.37
CA SER A 82 4.98 1.27 6.68
C SER A 82 6.13 0.29 6.94
N THR A 83 6.89 0.52 8.00
CA THR A 83 8.01 -0.35 8.33
C THR A 83 7.53 -1.60 9.06
N ASP A 84 8.29 -2.69 8.94
CA ASP A 84 7.95 -3.95 9.58
C ASP A 84 7.60 -3.74 11.05
N ASP A 85 6.74 -4.60 11.58
CA ASP A 85 6.33 -4.51 12.98
C ASP A 85 7.43 -4.96 13.93
N HIS A 86 8.52 -5.49 13.39
CA HIS A 86 9.64 -5.95 14.21
C HIS A 86 10.96 -5.90 13.46
N ASP A 87 11.02 -5.09 12.40
CA ASP A 87 12.24 -4.97 11.62
C ASP A 87 12.26 -3.68 10.81
N PRO A 88 13.01 -2.66 11.26
CA PRO A 88 13.12 -1.38 10.56
C PRO A 88 13.80 -1.52 9.21
N LYS A 89 14.43 -2.67 8.98
CA LYS A 89 15.13 -2.94 7.73
C LYS A 89 14.23 -3.75 6.80
N THR A 90 12.92 -3.53 6.92
CA THR A 90 11.94 -4.22 6.09
C THR A 90 10.69 -3.36 5.98
N VAL A 91 10.82 -2.28 5.22
CA VAL A 91 9.73 -1.36 5.01
C VAL A 91 8.63 -1.97 4.15
N TYR A 92 7.57 -1.22 3.95
CA TYR A 92 6.43 -1.66 3.14
C TYR A 92 5.73 -0.45 2.54
N VAL A 93 6.07 -0.15 1.29
CA VAL A 93 5.49 0.99 0.60
C VAL A 93 4.39 0.56 -0.36
N CYS A 94 3.22 1.20 -0.23
CA CYS A 94 2.09 0.89 -1.08
C CYS A 94 1.57 2.13 -1.79
N PHE A 95 1.25 1.97 -3.07
CA PHE A 95 0.73 3.06 -3.89
C PHE A 95 -0.77 2.86 -4.11
N THR A 96 -1.56 3.41 -3.20
CA THR A 96 -3.02 3.28 -3.31
C THR A 96 -3.61 4.40 -4.13
N LEU A 97 -4.34 4.04 -5.17
CA LEU A 97 -4.99 5.02 -6.05
C LEU A 97 -5.61 6.14 -5.22
N VAL A 98 -5.40 7.38 -5.64
CA VAL A 98 -5.93 8.55 -4.92
C VAL A 98 -7.40 8.34 -4.52
N ASP A 99 -8.12 7.53 -5.31
CA ASP A 99 -9.52 7.25 -5.02
C ASP A 99 -9.67 6.43 -3.75
N ILE A 100 -8.62 5.73 -3.36
CA ILE A 100 -8.63 4.90 -2.17
C ILE A 100 -8.66 5.75 -0.89
N PRO A 101 -9.50 5.39 0.08
CA PRO A 101 -9.60 6.12 1.36
C PRO A 101 -8.31 6.02 2.16
N LYS A 102 -8.39 6.37 3.44
CA LYS A 102 -7.22 6.31 4.31
C LYS A 102 -7.34 5.16 5.31
N ILE A 103 -7.32 3.93 4.80
CA ILE A 103 -7.43 2.76 5.65
C ILE A 103 -7.01 1.47 4.92
N LEU A 104 -7.28 1.38 3.62
CA LEU A 104 -6.88 0.19 2.87
C LEU A 104 -5.37 0.06 2.88
N PRO A 105 -4.64 1.03 2.31
CA PRO A 105 -3.16 1.01 2.30
C PRO A 105 -2.61 0.64 3.67
N ILE A 106 -3.34 1.03 4.70
CA ILE A 106 -2.97 0.73 6.07
C ILE A 106 -3.18 -0.74 6.38
N ARG A 107 -4.32 -1.26 5.90
CA ARG A 107 -4.65 -2.66 6.11
C ARG A 107 -3.85 -3.56 5.17
N ILE A 108 -3.39 -2.99 4.07
CA ILE A 108 -2.60 -3.73 3.09
C ILE A 108 -1.22 -4.06 3.66
N LEU A 109 -0.47 -3.01 4.01
CA LEU A 109 0.85 -3.21 4.59
C LEU A 109 0.73 -3.97 5.90
N SER A 110 -0.08 -3.43 6.81
CA SER A 110 -0.30 -4.09 8.09
C SER A 110 -0.89 -5.47 7.85
N GLY A 111 -1.57 -5.63 6.70
CA GLY A 111 -2.16 -6.89 6.34
C GLY A 111 -1.11 -7.91 5.95
N LEU A 112 -0.17 -7.49 5.09
CA LEU A 112 0.91 -8.38 4.67
C LEU A 112 1.64 -8.90 5.89
N GLN A 113 1.58 -8.11 6.97
CA GLN A 113 2.22 -8.49 8.23
C GLN A 113 1.43 -9.60 8.90
N GLU A 114 0.17 -9.78 8.49
CA GLU A 114 -0.65 -10.84 9.05
C GLU A 114 -0.15 -12.19 8.59
N TYR A 115 0.56 -12.20 7.46
CA TYR A 115 1.11 -13.43 6.92
C TYR A 115 2.60 -13.54 7.26
N GLU A 116 3.28 -14.47 6.60
CA GLU A 116 4.71 -14.68 6.81
C GLU A 116 5.48 -14.57 5.49
N SER A 117 4.77 -14.37 4.39
CA SER A 117 5.39 -14.26 3.07
C SER A 117 4.94 -12.98 2.37
N ASN A 118 5.91 -12.18 1.99
CA ASN A 118 5.66 -10.93 1.29
C ASN A 118 6.99 -10.36 0.82
N ALA A 119 7.88 -11.26 0.40
CA ALA A 119 9.21 -10.88 -0.04
C ALA A 119 9.46 -11.12 -1.54
N THR A 120 8.44 -10.92 -2.37
CA THR A 120 8.63 -11.13 -3.81
C THR A 120 7.76 -10.18 -4.62
N ASN A 121 8.22 -9.86 -5.83
CA ASN A 121 7.48 -8.96 -6.70
C ASN A 121 6.22 -9.63 -7.26
N GLU A 122 5.76 -10.65 -6.57
CA GLU A 122 4.55 -11.34 -6.98
C GLU A 122 4.04 -12.20 -5.84
N LEU A 123 4.36 -11.79 -4.62
CA LEU A 123 3.93 -12.51 -3.45
C LEU A 123 3.18 -11.58 -2.51
N LEU A 124 3.84 -10.50 -2.11
CA LEU A 124 3.20 -9.52 -1.25
C LEU A 124 1.88 -9.11 -1.90
N SER A 125 1.92 -8.95 -3.22
CA SER A 125 0.73 -8.59 -3.97
C SER A 125 -0.42 -9.54 -3.64
N SER A 126 -0.06 -10.79 -3.32
CA SER A 126 -1.05 -11.80 -2.99
C SER A 126 -1.86 -11.41 -1.77
N HIS A 127 -1.17 -11.25 -0.65
CA HIS A 127 -1.80 -10.88 0.58
C HIS A 127 -2.51 -9.55 0.43
N VAL A 128 -1.95 -8.67 -0.40
CA VAL A 128 -2.58 -7.38 -0.65
C VAL A 128 -4.01 -7.59 -1.08
N GLY A 129 -4.21 -8.54 -2.00
CA GLY A 129 -5.56 -8.82 -2.45
C GLY A 129 -6.36 -9.59 -1.40
N GLN A 130 -5.72 -10.60 -0.81
CA GLN A 130 -6.35 -11.41 0.22
C GLN A 130 -6.68 -10.56 1.44
N ILE A 131 -5.99 -9.43 1.57
CA ILE A 131 -6.22 -8.51 2.67
C ILE A 131 -7.29 -7.50 2.26
N LEU A 132 -7.36 -7.28 0.94
CA LEU A 132 -8.34 -6.38 0.35
C LEU A 132 -9.75 -6.88 0.64
N ASP A 133 -9.94 -8.19 0.52
CA ASP A 133 -11.24 -8.80 0.77
C ASP A 133 -11.64 -8.66 2.24
N SER A 134 -10.66 -8.82 3.13
CA SER A 134 -10.90 -8.70 4.56
C SER A 134 -10.85 -7.24 5.02
N PHE A 135 -10.28 -6.38 4.17
CA PHE A 135 -10.17 -4.96 4.49
C PHE A 135 -11.53 -4.37 4.88
N HIS A 136 -12.51 -4.51 3.99
CA HIS A 136 -13.84 -3.99 4.25
C HIS A 136 -14.45 -4.63 5.50
N GLU A 137 -14.26 -5.94 5.64
CA GLU A 137 -14.77 -6.66 6.79
C GLU A 137 -14.35 -5.96 8.08
N GLU A 138 -13.19 -5.31 8.03
CA GLU A 138 -12.68 -4.58 9.17
C GLU A 138 -13.44 -3.26 9.34
N LEU A 139 -13.78 -2.65 8.21
CA LEU A 139 -14.53 -1.40 8.22
C LEU A 139 -15.92 -1.62 8.80
N VAL A 140 -16.44 -2.83 8.59
CA VAL A 140 -17.76 -3.19 9.10
C VAL A 140 -17.66 -3.50 10.57
N GLU A 141 -16.68 -4.33 10.90
CA GLU A 141 -16.43 -4.72 12.28
C GLU A 141 -16.04 -3.49 13.10
N TYR A 142 -15.39 -2.55 12.44
CA TYR A 142 -14.95 -1.31 13.08
C TYR A 142 -16.17 -0.50 13.53
N ARG A 143 -17.30 -0.70 12.86
CA ARG A 143 -18.52 0.02 13.19
C ARG A 143 -19.21 -0.59 14.40
N ASN A 144 -18.48 -0.68 15.51
CA ASN A 144 -19.01 -1.24 16.74
C ASN A 144 -17.96 -1.19 17.85
N GLN A 145 -16.72 -1.51 17.50
CA GLN A 145 -15.63 -1.51 18.46
C GLN A 145 -15.08 -0.09 18.68
N THR A 146 -14.23 0.06 19.68
CA THR A 146 -13.65 1.37 19.99
C THR A 146 -14.73 2.42 20.20
N LEU A 147 -15.89 1.99 20.71
CA LEU A 147 -17.01 2.89 20.95
C LEU A 147 -17.51 2.76 22.38
N ASN A 148 -18.54 3.51 22.71
CA ASN A 148 -19.12 3.49 24.05
C ASN A 148 -20.29 2.50 24.11
N SER A 149 -20.99 2.36 22.99
CA SER A 149 -22.13 1.44 22.92
C SER A 149 -22.31 0.92 21.50
N MET A 1 -19.37 -4.45 -9.56
CA MET A 1 -18.84 -4.22 -8.20
C MET A 1 -17.32 -4.37 -8.17
N LYS A 2 -16.72 -4.09 -7.01
CA LYS A 2 -15.27 -4.20 -6.86
C LYS A 2 -14.87 -4.13 -5.39
N ARG A 3 -13.80 -4.84 -5.03
CA ARG A 3 -13.32 -4.86 -3.66
C ARG A 3 -12.02 -4.06 -3.54
N PHE A 4 -11.99 -2.89 -4.17
CA PHE A 4 -10.82 -2.03 -4.14
C PHE A 4 -9.62 -2.72 -4.79
N ASN A 5 -8.55 -1.96 -5.01
CA ASN A 5 -7.35 -2.50 -5.63
C ASN A 5 -6.17 -1.54 -5.46
N VAL A 6 -5.19 -1.94 -4.65
CA VAL A 6 -4.01 -1.11 -4.42
C VAL A 6 -3.22 -0.90 -5.71
N SER A 7 -2.69 0.30 -5.88
CA SER A 7 -1.93 0.65 -7.07
C SER A 7 -0.67 -0.20 -7.18
N TYR A 8 0.26 0.01 -6.26
CA TYR A 8 1.53 -0.73 -6.27
C TYR A 8 2.08 -0.90 -4.87
N VAL A 9 2.27 -2.15 -4.46
CA VAL A 9 2.80 -2.45 -3.13
C VAL A 9 4.24 -2.94 -3.20
N GLU A 10 5.19 -2.03 -3.02
CA GLU A 10 6.60 -2.39 -3.07
C GLU A 10 7.23 -2.42 -1.68
N VAL A 11 7.69 -3.59 -1.27
CA VAL A 11 8.34 -3.75 0.02
C VAL A 11 9.80 -3.34 -0.09
N ILE A 12 10.40 -2.93 1.03
CA ILE A 12 11.79 -2.49 1.01
C ILE A 12 12.61 -3.14 2.12
N LYS A 13 13.63 -3.89 1.71
CA LYS A 13 14.52 -4.54 2.67
C LYS A 13 15.84 -3.79 2.75
N ASN A 14 16.02 -3.03 3.84
CA ASN A 14 17.25 -2.27 4.04
C ASN A 14 17.40 -1.17 3.00
N GLY A 15 16.29 -0.75 2.42
CA GLY A 15 16.31 0.29 1.42
C GLY A 15 16.80 -0.23 0.10
N GLU A 16 16.38 -1.45 -0.25
CA GLU A 16 16.80 -2.06 -1.50
C GLU A 16 15.69 -2.89 -2.13
N THR A 17 14.48 -2.66 -1.70
CA THR A 17 13.31 -3.35 -2.23
C THR A 17 13.41 -4.87 -2.02
N ILE A 18 12.25 -5.50 -1.87
CA ILE A 18 12.18 -6.95 -1.69
C ILE A 18 11.01 -7.51 -2.49
N SER A 19 9.87 -6.85 -2.35
CA SER A 19 8.66 -7.27 -3.04
C SER A 19 8.05 -6.13 -3.85
N SER A 20 6.99 -6.43 -4.59
CA SER A 20 6.32 -5.43 -5.41
C SER A 20 5.01 -5.95 -5.99
N CYS A 21 3.92 -5.27 -5.67
CA CYS A 21 2.60 -5.64 -6.17
C CYS A 21 2.15 -4.61 -7.20
N PHE A 22 2.80 -4.65 -8.36
CA PHE A 22 2.49 -3.72 -9.44
C PHE A 22 1.72 -4.41 -10.56
N GLN A 23 0.41 -4.52 -10.37
CA GLN A 23 -0.45 -5.16 -11.35
C GLN A 23 -1.15 -4.13 -12.24
N PRO A 24 -1.29 -4.44 -13.54
CA PRO A 24 -1.94 -3.54 -14.49
C PRO A 24 -3.46 -3.61 -14.42
N PHE A 25 -4.13 -2.52 -14.78
CA PHE A 25 -5.59 -2.47 -14.76
C PHE A 25 -6.08 -1.08 -15.16
N GLN A 26 -7.30 -1.01 -15.67
CA GLN A 26 -7.88 0.26 -16.09
C GLN A 26 -9.11 0.60 -15.25
N LYS A 27 -9.06 0.25 -13.96
CA LYS A 27 -10.16 0.52 -13.03
C LYS A 27 -11.28 -0.51 -13.16
N ASN A 28 -11.21 -1.36 -14.18
CA ASN A 28 -12.22 -2.39 -14.40
C ASN A 28 -13.60 -1.76 -14.61
N GLU A 29 -14.26 -1.40 -13.53
CA GLU A 29 -15.58 -0.79 -13.60
C GLU A 29 -15.72 0.33 -12.57
N ASN A 30 -15.34 0.05 -11.33
CA ASN A 30 -15.41 1.04 -10.26
C ASN A 30 -14.20 0.94 -9.35
N TYR A 31 -14.18 1.76 -8.29
CA TYR A 31 -13.07 1.77 -7.32
C TYR A 31 -11.73 1.64 -8.02
N GLY A 32 -11.26 2.73 -8.61
CA GLY A 32 -9.99 2.72 -9.29
C GLY A 32 -9.59 4.09 -9.82
N THR A 33 -8.60 4.10 -10.71
CA THR A 33 -8.12 5.35 -11.30
C THR A 33 -7.28 5.08 -12.54
N ILE A 34 -6.41 4.09 -12.44
CA ILE A 34 -5.54 3.72 -13.55
C ILE A 34 -6.35 3.25 -14.75
N THR A 35 -5.90 3.60 -15.95
CA THR A 35 -6.57 3.20 -17.18
C THR A 35 -5.74 3.59 -18.41
N SER A 36 -5.82 4.84 -18.81
CA SER A 36 -5.07 5.32 -19.98
C SER A 36 -4.33 6.62 -19.65
N ALA A 37 -3.45 6.56 -18.66
CA ALA A 37 -2.68 7.74 -18.25
C ALA A 37 -1.76 7.42 -17.09
N ASN A 38 -2.28 6.68 -16.12
CA ASN A 38 -1.50 6.31 -14.94
C ASN A 38 -1.10 4.83 -15.01
N GLU A 39 -0.94 4.32 -16.22
CA GLU A 39 -0.55 2.93 -16.42
C GLU A 39 0.72 2.83 -17.27
N GLN A 40 1.55 3.86 -17.18
CA GLN A 40 2.80 3.90 -17.92
C GLN A 40 3.99 3.84 -16.95
N ILE A 41 3.82 4.48 -15.80
CA ILE A 41 4.84 4.51 -14.77
C ILE A 41 5.28 3.09 -14.40
N THR A 42 6.58 2.83 -14.48
CA THR A 42 7.12 1.52 -14.15
C THR A 42 7.43 1.43 -12.67
N PRO A 43 7.33 0.22 -12.09
CA PRO A 43 7.61 0.00 -10.67
C PRO A 43 8.87 0.73 -10.21
N VAL A 44 9.75 1.02 -11.16
CA VAL A 44 11.00 1.73 -10.89
C VAL A 44 10.71 3.16 -10.46
N ILE A 45 9.87 3.86 -11.23
CA ILE A 45 9.53 5.23 -10.88
C ILE A 45 9.03 5.27 -9.45
N PHE A 46 8.30 4.23 -9.08
CA PHE A 46 7.78 4.11 -7.73
C PHE A 46 8.89 3.68 -6.79
N HIS A 47 9.71 2.72 -7.26
CA HIS A 47 10.82 2.22 -6.47
C HIS A 47 11.84 3.33 -6.23
N ASN A 48 11.84 4.32 -7.11
CA ASN A 48 12.75 5.45 -7.01
C ASN A 48 12.16 6.51 -6.10
N LEU A 49 10.84 6.63 -6.14
CA LEU A 49 10.15 7.58 -5.27
C LEU A 49 10.48 7.20 -3.84
N ILE A 50 10.04 6.02 -3.50
CA ILE A 50 10.30 5.46 -2.19
C ILE A 50 11.77 5.57 -1.82
N MET A 51 12.60 4.96 -2.66
CA MET A 51 14.03 4.92 -2.48
C MET A 51 14.68 6.29 -2.28
N ASP A 52 14.45 7.18 -3.25
CA ASP A 52 15.04 8.52 -3.22
C ASP A 52 14.17 9.57 -2.54
N MET A 53 12.92 9.24 -2.23
CA MET A 53 12.00 10.20 -1.62
C MET A 53 11.54 9.78 -0.22
N VAL A 54 10.85 8.65 -0.14
CA VAL A 54 10.34 8.16 1.14
C VAL A 54 11.47 7.72 2.07
N LEU A 55 12.26 6.76 1.62
CA LEU A 55 13.36 6.21 2.39
C LEU A 55 14.18 7.30 3.10
N PRO A 56 14.63 8.33 2.37
CA PRO A 56 15.42 9.41 2.95
C PRO A 56 14.62 10.20 4.00
N LYS A 57 13.36 9.83 4.20
CA LYS A 57 12.51 10.49 5.18
C LYS A 57 11.53 9.49 5.77
N VAL A 58 11.88 8.22 5.70
CA VAL A 58 11.04 7.16 6.23
C VAL A 58 11.13 7.10 7.74
N VAL A 59 10.09 6.56 8.35
CA VAL A 59 10.05 6.42 9.79
C VAL A 59 9.30 5.15 10.17
N PRO A 60 9.69 4.51 11.26
CA PRO A 60 9.03 3.29 11.72
C PRO A 60 7.69 3.58 12.38
N ILE A 61 7.10 4.70 12.01
CA ILE A 61 5.80 5.14 12.51
C ILE A 61 5.72 5.03 14.04
N LYS A 62 4.63 5.54 14.61
CA LYS A 62 4.44 5.51 16.06
C LYS A 62 3.54 4.34 16.47
N GLY A 63 2.25 4.49 16.23
CA GLY A 63 1.31 3.43 16.58
C GLY A 63 0.19 3.28 15.57
N ASN A 64 0.39 3.83 14.37
CA ASN A 64 -0.63 3.75 13.32
C ASN A 64 -0.10 2.97 12.12
N LYS A 65 1.21 3.05 11.90
CA LYS A 65 1.86 2.36 10.79
C LYS A 65 1.26 2.79 9.45
N VAL A 66 2.06 2.65 8.38
CA VAL A 66 1.61 3.03 7.04
C VAL A 66 1.40 4.53 6.94
N THR A 67 2.49 5.29 7.11
CA THR A 67 2.41 6.74 7.04
C THR A 67 2.55 7.22 5.60
N LYS A 68 1.68 8.15 5.20
CA LYS A 68 1.71 8.69 3.85
C LYS A 68 2.71 9.84 3.75
N MET A 69 3.57 9.77 2.75
CA MET A 69 4.58 10.79 2.53
C MET A 69 3.97 12.19 2.52
N SER A 70 2.69 12.27 2.15
CA SER A 70 1.99 13.56 2.08
C SER A 70 2.84 14.59 1.34
N MET A 71 3.67 14.11 0.43
CA MET A 71 4.53 14.98 -0.36
C MET A 71 4.07 15.03 -1.82
N ASN A 72 3.16 14.12 -2.19
CA ASN A 72 2.66 14.07 -3.56
C ASN A 72 3.80 13.73 -4.51
N LEU A 73 4.39 12.55 -4.31
CA LEU A 73 5.49 12.10 -5.13
C LEU A 73 5.05 11.86 -6.57
N ILE A 74 3.92 11.21 -6.72
CA ILE A 74 3.39 10.91 -8.05
C ILE A 74 1.90 11.26 -8.13
N ASP A 75 1.41 11.43 -9.35
CA ASP A 75 0.00 11.76 -9.57
C ASP A 75 -0.77 10.53 -10.00
N GLY A 76 -2.00 10.40 -9.52
CA GLY A 76 -2.82 9.26 -9.86
C GLY A 76 -2.97 8.31 -8.70
N PHE A 77 -1.92 8.17 -7.91
CA PHE A 77 -1.94 7.29 -6.75
C PHE A 77 -1.37 7.98 -5.51
N ASP A 78 -1.42 7.31 -4.37
CA ASP A 78 -0.91 7.85 -3.12
C ASP A 78 0.29 7.04 -2.65
N CYS A 79 1.19 7.69 -1.91
CA CYS A 79 2.40 7.02 -1.41
C CYS A 79 2.38 6.84 0.11
N PHE A 80 2.37 5.59 0.54
CA PHE A 80 2.38 5.24 1.96
C PHE A 80 3.57 4.34 2.28
N TYR A 81 4.15 4.51 3.47
CA TYR A 81 5.29 3.69 3.87
C TYR A 81 5.15 3.19 5.30
N SER A 82 5.22 1.88 5.48
CA SER A 82 5.10 1.25 6.79
C SER A 82 6.28 0.29 7.03
N THR A 83 7.05 0.53 8.09
CA THR A 83 8.16 -0.34 8.41
C THR A 83 7.70 -1.58 9.17
N ASP A 84 8.42 -2.68 9.01
CA ASP A 84 8.06 -3.93 9.67
C ASP A 84 7.76 -3.69 11.15
N ASP A 85 6.88 -4.52 11.70
CA ASP A 85 6.48 -4.40 13.10
C ASP A 85 7.66 -4.58 14.05
N HIS A 86 8.76 -5.14 13.54
CA HIS A 86 9.94 -5.36 14.38
C HIS A 86 11.21 -5.46 13.53
N ASP A 87 11.17 -4.90 12.33
CA ASP A 87 12.33 -4.94 11.44
C ASP A 87 12.42 -3.66 10.61
N PRO A 88 13.19 -2.66 11.06
CA PRO A 88 13.36 -1.40 10.33
C PRO A 88 14.02 -1.60 8.98
N LYS A 89 14.63 -2.77 8.78
CA LYS A 89 15.29 -3.08 7.52
C LYS A 89 14.36 -3.87 6.61
N THR A 90 13.06 -3.68 6.82
CA THR A 90 12.03 -4.35 6.04
C THR A 90 10.80 -3.46 5.96
N VAL A 91 10.94 -2.37 5.23
CA VAL A 91 9.85 -1.42 5.08
C VAL A 91 8.71 -2.00 4.24
N TYR A 92 7.67 -1.21 4.06
CA TYR A 92 6.51 -1.63 3.27
C TYR A 92 5.81 -0.43 2.68
N VAL A 93 6.19 -0.06 1.46
CA VAL A 93 5.58 1.06 0.79
C VAL A 93 4.40 0.61 -0.06
N CYS A 94 3.24 1.21 0.18
CA CYS A 94 2.03 0.85 -0.55
C CYS A 94 1.46 2.06 -1.31
N PHE A 95 1.26 1.87 -2.60
CA PHE A 95 0.71 2.91 -3.44
C PHE A 95 -0.78 2.66 -3.64
N THR A 96 -1.61 3.58 -3.17
CA THR A 96 -3.06 3.42 -3.30
C THR A 96 -3.68 4.56 -4.10
N LEU A 97 -4.53 4.19 -5.04
CA LEU A 97 -5.21 5.16 -5.89
C LEU A 97 -5.85 6.27 -5.05
N VAL A 98 -5.52 7.52 -5.36
CA VAL A 98 -6.05 8.67 -4.62
C VAL A 98 -7.55 8.52 -4.37
N ASP A 99 -8.24 7.85 -5.28
CA ASP A 99 -9.68 7.64 -5.15
C ASP A 99 -9.99 6.82 -3.91
N ILE A 100 -9.11 5.87 -3.59
CA ILE A 100 -9.28 5.02 -2.42
C ILE A 100 -8.98 5.77 -1.13
N PRO A 101 -9.80 5.58 -0.09
CA PRO A 101 -9.61 6.25 1.21
C PRO A 101 -8.24 5.97 1.80
N LYS A 102 -8.06 6.35 3.07
CA LYS A 102 -6.79 6.15 3.76
C LYS A 102 -6.92 5.06 4.82
N ILE A 103 -7.13 3.83 4.39
CA ILE A 103 -7.28 2.71 5.32
C ILE A 103 -6.86 1.39 4.66
N LEU A 104 -7.20 1.22 3.37
CA LEU A 104 -6.82 -0.01 2.68
C LEU A 104 -5.31 -0.17 2.69
N PRO A 105 -4.56 0.83 2.16
CA PRO A 105 -3.09 0.78 2.14
C PRO A 105 -2.54 0.43 3.50
N ILE A 106 -3.19 0.95 4.54
CA ILE A 106 -2.79 0.69 5.91
C ILE A 106 -3.03 -0.78 6.24
N ARG A 107 -4.06 -1.35 5.63
CA ARG A 107 -4.42 -2.74 5.84
C ARG A 107 -3.54 -3.65 4.97
N ILE A 108 -3.07 -3.11 3.85
CA ILE A 108 -2.22 -3.88 2.95
C ILE A 108 -0.88 -4.19 3.60
N LEU A 109 -0.27 -3.17 4.19
CA LEU A 109 1.00 -3.35 4.87
C LEU A 109 0.78 -4.07 6.19
N SER A 110 -0.04 -3.49 7.05
CA SER A 110 -0.36 -4.10 8.32
C SER A 110 -0.91 -5.49 8.08
N GLY A 111 -1.59 -5.66 6.94
CA GLY A 111 -2.14 -6.94 6.58
C GLY A 111 -1.05 -7.88 6.08
N LEU A 112 -0.16 -7.35 5.25
CA LEU A 112 0.95 -8.14 4.73
C LEU A 112 1.77 -8.67 5.90
N GLN A 113 1.80 -7.90 6.98
CA GLN A 113 2.51 -8.30 8.18
C GLN A 113 1.69 -9.35 8.94
N GLU A 114 0.41 -9.48 8.57
CA GLU A 114 -0.45 -10.45 9.22
C GLU A 114 -0.15 -11.86 8.71
N TYR A 115 0.47 -11.94 7.53
CA TYR A 115 0.80 -13.24 6.95
C TYR A 115 2.18 -13.70 7.43
N GLU A 116 3.21 -13.48 6.59
CA GLU A 116 4.59 -13.87 6.92
C GLU A 116 5.44 -13.98 5.65
N SER A 117 4.78 -14.18 4.51
CA SER A 117 5.47 -14.31 3.22
C SER A 117 5.01 -13.25 2.24
N ASN A 118 5.81 -12.21 2.11
CA ASN A 118 5.52 -11.11 1.20
C ASN A 118 6.84 -10.46 0.78
N ALA A 119 7.80 -11.32 0.44
CA ALA A 119 9.14 -10.87 0.06
C ALA A 119 9.47 -11.06 -1.42
N THR A 120 8.47 -10.93 -2.30
CA THR A 120 8.74 -11.08 -3.73
C THR A 120 7.89 -10.13 -4.55
N ASN A 121 8.34 -9.83 -5.77
CA ASN A 121 7.62 -8.93 -6.66
C ASN A 121 6.39 -9.61 -7.26
N GLU A 122 5.97 -10.70 -6.65
CA GLU A 122 4.80 -11.41 -7.11
C GLU A 122 4.32 -12.36 -6.03
N LEU A 123 4.59 -11.98 -4.78
CA LEU A 123 4.20 -12.79 -3.66
C LEU A 123 3.48 -11.93 -2.62
N LEU A 124 4.06 -10.77 -2.34
CA LEU A 124 3.45 -9.84 -1.42
C LEU A 124 2.08 -9.46 -1.95
N SER A 125 2.04 -9.21 -3.26
CA SER A 125 0.79 -8.85 -3.93
C SER A 125 -0.33 -9.79 -3.51
N SER A 126 0.04 -11.02 -3.13
CA SER A 126 -0.93 -12.00 -2.69
C SER A 126 -1.74 -11.51 -1.51
N HIS A 127 -1.03 -11.16 -0.45
CA HIS A 127 -1.69 -10.68 0.75
C HIS A 127 -2.46 -9.41 0.44
N VAL A 128 -1.92 -8.59 -0.44
CA VAL A 128 -2.60 -7.36 -0.82
C VAL A 128 -4.04 -7.67 -1.24
N GLY A 129 -4.20 -8.73 -2.05
CA GLY A 129 -5.53 -9.10 -2.49
C GLY A 129 -6.32 -9.80 -1.40
N GLN A 130 -5.68 -10.78 -0.74
CA GLN A 130 -6.35 -11.52 0.33
C GLN A 130 -6.66 -10.61 1.52
N ILE A 131 -5.96 -9.50 1.61
CA ILE A 131 -6.17 -8.53 2.67
C ILE A 131 -7.22 -7.51 2.23
N LEU A 132 -7.28 -7.31 0.92
CA LEU A 132 -8.24 -6.38 0.31
C LEU A 132 -9.65 -6.91 0.49
N ASP A 133 -9.80 -8.23 0.43
CA ASP A 133 -11.10 -8.86 0.58
C ASP A 133 -11.61 -8.73 2.01
N SER A 134 -10.69 -8.86 2.96
CA SER A 134 -11.03 -8.74 4.38
C SER A 134 -11.05 -7.28 4.83
N PHE A 135 -10.50 -6.41 3.99
CA PHE A 135 -10.45 -4.98 4.29
C PHE A 135 -11.84 -4.43 4.58
N HIS A 136 -12.77 -4.63 3.65
CA HIS A 136 -14.14 -4.16 3.82
C HIS A 136 -14.77 -4.74 5.08
N GLU A 137 -14.47 -6.00 5.37
CA GLU A 137 -15.01 -6.66 6.56
C GLU A 137 -14.67 -5.85 7.80
N GLU A 138 -13.53 -5.17 7.76
CA GLU A 138 -13.09 -4.34 8.87
C GLU A 138 -13.85 -3.02 8.85
N LEU A 139 -14.14 -2.52 7.65
CA LEU A 139 -14.88 -1.28 7.49
C LEU A 139 -16.30 -1.46 8.00
N VAL A 140 -16.84 -2.65 7.78
CA VAL A 140 -18.18 -2.99 8.24
C VAL A 140 -18.15 -3.18 9.74
N GLU A 141 -17.17 -3.95 10.18
CA GLU A 141 -16.97 -4.23 11.59
C GLU A 141 -16.70 -2.93 12.33
N TYR A 142 -16.03 -2.01 11.66
CA TYR A 142 -15.71 -0.71 12.22
C TYR A 142 -16.99 0.12 12.42
N ARG A 143 -18.07 -0.30 11.75
CA ARG A 143 -19.34 0.40 11.85
C ARG A 143 -20.23 -0.21 12.93
N ASN A 144 -19.60 -0.71 13.99
CA ASN A 144 -20.33 -1.32 15.10
C ASN A 144 -19.60 -1.11 16.41
N GLN A 145 -18.88 0.00 16.51
CA GLN A 145 -18.13 0.32 17.72
C GLN A 145 -17.95 1.82 17.87
N THR A 146 -17.09 2.39 17.04
CA THR A 146 -16.83 3.82 17.06
C THR A 146 -17.64 4.55 15.99
N LEU A 147 -18.96 4.44 16.08
CA LEU A 147 -19.85 5.08 15.12
C LEU A 147 -20.61 6.24 15.77
N ASN A 148 -20.40 7.44 15.25
CA ASN A 148 -21.06 8.63 15.78
C ASN A 148 -22.13 9.13 14.81
N SER A 149 -21.90 8.93 13.51
CA SER A 149 -22.84 9.36 12.49
C SER A 149 -24.20 8.68 12.67
N MET A 1 -22.48 -2.78 -3.58
CA MET A 1 -21.20 -3.55 -3.64
C MET A 1 -20.08 -2.73 -4.28
N LYS A 2 -18.97 -2.63 -3.57
CA LYS A 2 -17.83 -1.86 -4.06
C LYS A 2 -16.54 -2.68 -3.97
N ARG A 3 -15.63 -2.47 -4.91
CA ARG A 3 -14.37 -3.18 -4.94
C ARG A 3 -13.20 -2.23 -4.71
N PHE A 4 -11.99 -2.79 -4.71
CA PHE A 4 -10.79 -1.99 -4.50
C PHE A 4 -9.55 -2.72 -5.03
N ASN A 5 -8.41 -2.02 -5.01
CA ASN A 5 -7.16 -2.61 -5.49
C ASN A 5 -5.99 -1.64 -5.28
N VAL A 6 -4.90 -2.16 -4.74
CA VAL A 6 -3.72 -1.35 -4.49
C VAL A 6 -2.89 -1.22 -5.77
N SER A 7 -2.89 -0.02 -6.34
CA SER A 7 -2.17 0.26 -7.59
C SER A 7 -0.81 -0.44 -7.62
N TYR A 8 0.05 -0.12 -6.66
CA TYR A 8 1.37 -0.72 -6.61
C TYR A 8 1.86 -0.88 -5.18
N VAL A 9 2.00 -2.12 -4.73
CA VAL A 9 2.46 -2.40 -3.37
C VAL A 9 3.89 -2.94 -3.36
N GLU A 10 4.85 -2.06 -3.05
CA GLU A 10 6.25 -2.47 -3.03
C GLU A 10 6.81 -2.47 -1.60
N VAL A 11 7.44 -3.59 -1.23
CA VAL A 11 8.04 -3.74 0.08
C VAL A 11 9.54 -3.46 -0.01
N ILE A 12 10.10 -2.82 1.01
CA ILE A 12 11.52 -2.48 1.02
C ILE A 12 12.28 -3.18 2.14
N LYS A 13 13.26 -4.00 1.78
CA LYS A 13 14.06 -4.69 2.77
C LYS A 13 15.40 -3.99 2.98
N ASN A 14 15.51 -3.24 4.08
CA ASN A 14 16.75 -2.53 4.41
C ASN A 14 17.10 -1.50 3.34
N GLY A 15 16.11 -0.81 2.81
CA GLY A 15 16.36 0.18 1.79
C GLY A 15 16.54 -0.46 0.44
N GLU A 16 15.98 -1.64 0.26
CA GLU A 16 16.08 -2.36 -1.00
C GLU A 16 14.79 -3.14 -1.25
N THR A 17 14.07 -2.73 -2.28
CA THR A 17 12.81 -3.37 -2.63
C THR A 17 12.95 -4.90 -2.71
N ILE A 18 12.09 -5.60 -1.99
CA ILE A 18 12.11 -7.05 -1.99
C ILE A 18 10.95 -7.59 -2.80
N SER A 19 9.76 -7.10 -2.49
CA SER A 19 8.54 -7.52 -3.18
C SER A 19 7.88 -6.34 -3.90
N SER A 20 6.84 -6.65 -4.70
CA SER A 20 6.13 -5.61 -5.44
C SER A 20 4.82 -6.14 -6.04
N CYS A 21 3.75 -5.36 -5.86
CA CYS A 21 2.44 -5.71 -6.42
C CYS A 21 2.02 -4.65 -7.42
N PHE A 22 2.72 -4.62 -8.55
CA PHE A 22 2.45 -3.62 -9.58
C PHE A 22 1.70 -4.23 -10.76
N GLN A 23 0.39 -4.09 -10.75
CA GLN A 23 -0.45 -4.64 -11.82
C GLN A 23 -1.51 -3.63 -12.27
N PRO A 24 -1.60 -3.39 -13.60
CA PRO A 24 -2.58 -2.45 -14.16
C PRO A 24 -3.96 -3.09 -14.30
N PHE A 25 -5.00 -2.26 -14.23
CA PHE A 25 -6.38 -2.77 -14.35
C PHE A 25 -7.21 -1.89 -15.27
N GLN A 26 -6.90 -0.59 -15.34
CA GLN A 26 -7.64 0.34 -16.17
C GLN A 26 -8.96 0.73 -15.52
N LYS A 27 -8.98 0.72 -14.19
CA LYS A 27 -10.18 1.07 -13.43
C LYS A 27 -11.36 0.21 -13.85
N ASN A 28 -12.44 0.29 -13.08
CA ASN A 28 -13.65 -0.48 -13.36
C ASN A 28 -14.81 0.01 -12.50
N GLU A 29 -15.83 -0.84 -12.33
CA GLU A 29 -16.98 -0.48 -11.52
C GLU A 29 -16.62 -0.44 -10.04
N ASN A 30 -15.73 0.49 -9.69
CA ASN A 30 -15.30 0.64 -8.31
C ASN A 30 -14.30 1.79 -8.18
N TYR A 31 -13.64 1.89 -7.03
CA TYR A 31 -12.66 2.94 -6.80
C TYR A 31 -11.36 2.64 -7.52
N GLY A 32 -11.13 3.33 -8.63
CA GLY A 32 -9.91 3.14 -9.40
C GLY A 32 -9.38 4.42 -9.99
N THR A 33 -8.31 4.31 -10.77
CA THR A 33 -7.71 5.48 -11.41
C THR A 33 -6.86 5.09 -12.62
N ILE A 34 -6.08 4.03 -12.46
CA ILE A 34 -5.22 3.55 -13.54
C ILE A 34 -6.01 3.32 -14.83
N THR A 35 -5.39 3.62 -15.97
CA THR A 35 -6.06 3.44 -17.26
C THR A 35 -5.18 3.92 -18.41
N SER A 36 -4.39 4.96 -18.16
CA SER A 36 -3.52 5.51 -19.19
C SER A 36 -2.48 6.46 -18.60
N ALA A 37 -2.91 7.70 -18.35
CA ALA A 37 -2.03 8.71 -17.78
C ALA A 37 -1.31 8.21 -16.53
N ASN A 38 -1.93 7.24 -15.86
CA ASN A 38 -1.34 6.67 -14.65
C ASN A 38 -1.14 5.17 -14.78
N GLU A 39 -0.88 4.72 -16.01
CA GLU A 39 -0.65 3.30 -16.26
C GLU A 39 0.57 3.08 -17.14
N GLN A 40 1.51 4.02 -17.06
CA GLN A 40 2.74 3.95 -17.84
C GLN A 40 3.95 3.87 -16.91
N ILE A 41 3.81 4.47 -15.73
CA ILE A 41 4.86 4.47 -14.73
C ILE A 41 5.31 3.05 -14.39
N THR A 42 6.62 2.79 -14.52
CA THR A 42 7.15 1.46 -14.22
C THR A 42 7.45 1.35 -12.73
N PRO A 43 7.35 0.14 -12.17
CA PRO A 43 7.63 -0.09 -10.75
C PRO A 43 8.91 0.61 -10.31
N VAL A 44 9.77 0.89 -11.29
CA VAL A 44 11.04 1.57 -11.06
C VAL A 44 10.82 3.01 -10.62
N ILE A 45 9.92 3.72 -11.29
CA ILE A 45 9.63 5.11 -10.94
C ILE A 45 9.13 5.16 -9.51
N PHE A 46 8.40 4.12 -9.12
CA PHE A 46 7.89 4.02 -7.77
C PHE A 46 8.99 3.53 -6.85
N HIS A 47 9.75 2.53 -7.33
CA HIS A 47 10.84 1.96 -6.55
C HIS A 47 11.91 3.01 -6.30
N ASN A 48 12.07 3.95 -7.23
CA ASN A 48 13.05 5.00 -7.08
C ASN A 48 12.43 6.18 -6.35
N LEU A 49 11.11 6.30 -6.47
CA LEU A 49 10.38 7.34 -5.77
C LEU A 49 10.53 7.07 -4.30
N ILE A 50 10.04 5.91 -3.92
CA ILE A 50 10.12 5.41 -2.56
C ILE A 50 11.56 5.52 -2.07
N MET A 51 12.42 4.79 -2.76
CA MET A 51 13.84 4.71 -2.48
C MET A 51 14.50 6.09 -2.37
N ASP A 52 14.16 6.99 -3.28
CA ASP A 52 14.75 8.33 -3.30
C ASP A 52 13.98 9.36 -2.47
N MET A 53 12.74 9.05 -2.10
CA MET A 53 11.93 9.99 -1.34
C MET A 53 11.42 9.39 -0.03
N VAL A 54 10.50 8.44 -0.14
CA VAL A 54 9.92 7.79 1.03
C VAL A 54 11.00 7.27 1.97
N LEU A 55 11.94 6.52 1.42
CA LEU A 55 13.03 5.93 2.20
C LEU A 55 13.79 6.99 2.98
N PRO A 56 14.39 7.97 2.30
CA PRO A 56 15.16 9.04 2.96
C PRO A 56 14.31 9.89 3.91
N LYS A 57 13.04 9.52 4.11
CA LYS A 57 12.17 10.27 5.00
C LYS A 57 11.08 9.35 5.56
N VAL A 58 11.39 8.06 5.62
CA VAL A 58 10.46 7.07 6.11
C VAL A 58 10.47 7.02 7.63
N VAL A 59 9.33 6.65 8.21
CA VAL A 59 9.20 6.56 9.66
C VAL A 59 9.37 5.12 10.10
N PRO A 60 10.09 4.89 11.22
CA PRO A 60 10.29 3.55 11.74
C PRO A 60 9.05 3.02 12.45
N ILE A 61 7.89 3.53 12.02
CA ILE A 61 6.59 3.15 12.56
C ILE A 61 6.67 2.53 13.95
N LYS A 62 6.77 3.39 14.96
CA LYS A 62 6.84 2.92 16.35
C LYS A 62 5.44 2.81 16.93
N GLY A 63 4.62 3.81 16.64
CA GLY A 63 3.25 3.81 17.12
C GLY A 63 2.24 3.90 15.98
N ASN A 64 2.67 4.47 14.86
CA ASN A 64 1.81 4.63 13.69
C ASN A 64 1.74 3.32 12.91
N LYS A 65 1.37 3.41 11.64
CA LYS A 65 1.27 2.22 10.79
C LYS A 65 0.76 2.60 9.39
N VAL A 66 1.67 2.66 8.42
CA VAL A 66 1.31 3.00 7.05
C VAL A 66 1.03 4.49 6.91
N THR A 67 2.10 5.29 6.98
CA THR A 67 1.96 6.74 6.88
C THR A 67 2.24 7.23 5.47
N LYS A 68 1.42 8.18 5.02
CA LYS A 68 1.58 8.75 3.68
C LYS A 68 2.65 9.83 3.70
N MET A 69 3.57 9.78 2.74
CA MET A 69 4.64 10.76 2.64
C MET A 69 4.08 12.18 2.63
N SER A 70 2.86 12.33 2.09
CA SER A 70 2.22 13.63 2.01
C SER A 70 3.10 14.63 1.28
N MET A 71 3.93 14.14 0.39
CA MET A 71 4.83 15.00 -0.39
C MET A 71 4.36 15.12 -1.84
N ASN A 72 3.47 14.22 -2.25
CA ASN A 72 2.96 14.23 -3.62
C ASN A 72 4.07 13.92 -4.61
N LEU A 73 4.68 12.75 -4.46
CA LEU A 73 5.76 12.33 -5.33
C LEU A 73 5.28 12.20 -6.77
N ILE A 74 4.13 11.55 -6.91
CA ILE A 74 3.53 11.35 -8.23
C ILE A 74 2.03 11.63 -8.17
N ASP A 75 1.46 11.99 -9.32
CA ASP A 75 0.04 12.27 -9.40
C ASP A 75 -0.71 11.07 -9.96
N GLY A 76 -1.86 10.79 -9.38
CA GLY A 76 -2.66 9.66 -9.83
C GLY A 76 -2.75 8.57 -8.79
N PHE A 77 -1.69 8.41 -8.00
CA PHE A 77 -1.66 7.38 -6.96
C PHE A 77 -1.52 7.98 -5.57
N ASP A 78 -1.24 7.13 -4.59
CA ASP A 78 -1.07 7.56 -3.20
C ASP A 78 0.14 6.86 -2.58
N CYS A 79 1.12 7.66 -2.17
CA CYS A 79 2.36 7.14 -1.58
C CYS A 79 2.24 6.92 -0.06
N PHE A 80 2.19 5.65 0.34
CA PHE A 80 2.12 5.29 1.75
C PHE A 80 3.30 4.40 2.12
N TYR A 81 3.73 4.44 3.39
CA TYR A 81 4.85 3.62 3.82
C TYR A 81 4.67 3.13 5.25
N SER A 82 5.04 1.87 5.49
CA SER A 82 4.94 1.26 6.81
C SER A 82 6.13 0.33 7.06
N THR A 83 6.84 0.57 8.16
CA THR A 83 7.99 -0.27 8.49
C THR A 83 7.56 -1.44 9.37
N ASP A 84 8.31 -2.54 9.30
CA ASP A 84 7.99 -3.74 10.08
C ASP A 84 7.69 -3.38 11.52
N ASP A 85 7.06 -4.30 12.24
CA ASP A 85 6.70 -4.07 13.64
C ASP A 85 7.93 -4.09 14.55
N HIS A 86 9.00 -4.74 14.09
CA HIS A 86 10.22 -4.83 14.87
C HIS A 86 11.45 -5.06 13.99
N ASP A 87 11.34 -4.68 12.71
CA ASP A 87 12.44 -4.85 11.77
C ASP A 87 12.56 -3.63 10.85
N PRO A 88 13.37 -2.64 11.24
CA PRO A 88 13.56 -1.43 10.43
C PRO A 88 14.19 -1.74 9.08
N LYS A 89 14.73 -2.95 8.94
CA LYS A 89 15.34 -3.38 7.70
C LYS A 89 14.32 -4.13 6.83
N THR A 90 13.05 -3.75 7.00
CA THR A 90 11.96 -4.35 6.25
C THR A 90 10.78 -3.39 6.20
N VAL A 91 10.96 -2.34 5.42
CA VAL A 91 9.95 -1.32 5.25
C VAL A 91 8.88 -1.75 4.25
N TYR A 92 7.84 -0.94 4.13
CA TYR A 92 6.75 -1.21 3.21
C TYR A 92 6.25 0.08 2.59
N VAL A 93 5.69 -0.02 1.39
CA VAL A 93 5.19 1.15 0.69
C VAL A 93 4.05 0.78 -0.25
N CYS A 94 2.90 1.41 -0.05
CA CYS A 94 1.74 1.13 -0.88
C CYS A 94 1.36 2.33 -1.74
N PHE A 95 1.50 2.16 -3.05
CA PHE A 95 1.16 3.19 -4.01
C PHE A 95 -0.30 3.00 -4.43
N THR A 96 -1.21 3.33 -3.52
CA THR A 96 -2.63 3.17 -3.78
C THR A 96 -3.14 4.20 -4.76
N LEU A 97 -4.44 4.19 -5.02
CA LEU A 97 -5.05 5.13 -5.94
C LEU A 97 -5.65 6.29 -5.17
N VAL A 98 -5.29 7.52 -5.57
CA VAL A 98 -5.80 8.73 -4.91
C VAL A 98 -7.29 8.63 -4.62
N ASP A 99 -8.01 7.96 -5.51
CA ASP A 99 -9.45 7.79 -5.35
C ASP A 99 -9.76 6.98 -4.09
N ILE A 100 -8.93 5.98 -3.83
CA ILE A 100 -9.09 5.12 -2.66
C ILE A 100 -8.83 5.91 -1.37
N PRO A 101 -9.65 5.69 -0.34
CA PRO A 101 -9.51 6.39 0.95
C PRO A 101 -8.15 6.11 1.60
N LYS A 102 -8.02 6.50 2.87
CA LYS A 102 -6.78 6.31 3.60
C LYS A 102 -6.95 5.21 4.66
N ILE A 103 -7.14 3.97 4.21
CA ILE A 103 -7.32 2.85 5.12
C ILE A 103 -6.90 1.53 4.49
N LEU A 104 -7.21 1.35 3.21
CA LEU A 104 -6.83 0.12 2.52
C LEU A 104 -5.34 -0.10 2.62
N PRO A 105 -4.52 0.79 2.00
CA PRO A 105 -3.06 0.67 2.04
C PRO A 105 -2.56 0.42 3.45
N ILE A 106 -3.29 0.94 4.43
CA ILE A 106 -2.94 0.76 5.83
C ILE A 106 -3.15 -0.69 6.23
N ARG A 107 -4.16 -1.31 5.64
CA ARG A 107 -4.48 -2.71 5.91
C ARG A 107 -3.64 -3.62 5.01
N ILE A 108 -3.17 -3.08 3.89
CA ILE A 108 -2.35 -3.84 2.97
C ILE A 108 -0.98 -4.12 3.58
N LEU A 109 -0.39 -3.08 4.17
CA LEU A 109 0.92 -3.23 4.82
C LEU A 109 0.74 -3.93 6.15
N SER A 110 -0.19 -3.44 6.96
CA SER A 110 -0.46 -4.06 8.24
C SER A 110 -0.94 -5.48 8.02
N GLY A 111 -1.62 -5.69 6.88
CA GLY A 111 -2.10 -7.00 6.53
C GLY A 111 -0.97 -7.88 6.04
N LEU A 112 -0.14 -7.34 5.15
CA LEU A 112 1.01 -8.09 4.64
C LEU A 112 1.88 -8.52 5.81
N GLN A 113 1.86 -7.71 6.87
CA GLN A 113 2.62 -8.02 8.07
C GLN A 113 1.89 -9.06 8.91
N GLU A 114 0.60 -9.24 8.63
CA GLU A 114 -0.20 -10.22 9.36
C GLU A 114 0.13 -11.63 8.89
N TYR A 115 0.61 -11.75 7.65
CA TYR A 115 0.95 -13.05 7.10
C TYR A 115 2.35 -13.48 7.56
N GLU A 116 3.36 -13.15 6.75
CA GLU A 116 4.76 -13.48 7.06
C GLU A 116 5.61 -13.42 5.79
N SER A 117 4.97 -13.66 4.65
CA SER A 117 5.65 -13.65 3.36
C SER A 117 5.19 -12.47 2.50
N ASN A 118 6.16 -11.73 1.99
CA ASN A 118 5.90 -10.58 1.14
C ASN A 118 7.22 -10.08 0.58
N ALA A 119 8.11 -11.02 0.30
CA ALA A 119 9.44 -10.68 -0.21
C ALA A 119 9.64 -11.05 -1.67
N THR A 120 8.59 -10.97 -2.48
CA THR A 120 8.72 -11.29 -3.90
C THR A 120 7.81 -10.41 -4.73
N ASN A 121 8.23 -10.08 -5.95
CA ASN A 121 7.43 -9.24 -6.83
C ASN A 121 6.19 -9.97 -7.32
N GLU A 122 5.76 -10.99 -6.58
CA GLU A 122 4.57 -11.73 -6.93
C GLU A 122 4.10 -12.52 -5.73
N LEU A 123 4.45 -12.03 -4.53
CA LEU A 123 4.05 -12.69 -3.31
C LEU A 123 3.29 -11.73 -2.43
N LEU A 124 3.92 -10.61 -2.11
CA LEU A 124 3.28 -9.58 -1.31
C LEU A 124 1.93 -9.24 -1.95
N SER A 125 1.94 -9.13 -3.27
CA SER A 125 0.72 -8.84 -4.02
C SER A 125 -0.39 -9.82 -3.62
N SER A 126 0.02 -11.03 -3.22
CA SER A 126 -0.93 -12.05 -2.82
C SER A 126 -1.73 -11.61 -1.61
N HIS A 127 -1.04 -11.38 -0.52
CA HIS A 127 -1.70 -10.95 0.70
C HIS A 127 -2.43 -9.64 0.48
N VAL A 128 -1.91 -8.81 -0.41
CA VAL A 128 -2.56 -7.55 -0.72
C VAL A 128 -3.99 -7.81 -1.18
N GLY A 129 -4.16 -8.84 -2.01
CA GLY A 129 -5.48 -9.18 -2.48
C GLY A 129 -6.29 -9.91 -1.43
N GLN A 130 -5.65 -10.88 -0.77
CA GLN A 130 -6.31 -11.66 0.28
C GLN A 130 -6.61 -10.79 1.49
N ILE A 131 -5.91 -9.67 1.61
CA ILE A 131 -6.11 -8.73 2.70
C ILE A 131 -7.16 -7.70 2.28
N LEU A 132 -7.22 -7.47 0.97
CA LEU A 132 -8.18 -6.55 0.38
C LEU A 132 -9.61 -7.03 0.63
N ASP A 133 -9.82 -8.33 0.45
CA ASP A 133 -11.13 -8.92 0.66
C ASP A 133 -11.53 -8.85 2.14
N SER A 134 -10.55 -8.99 3.01
CA SER A 134 -10.78 -8.94 4.45
C SER A 134 -10.81 -7.50 4.95
N PHE A 135 -10.21 -6.59 4.18
CA PHE A 135 -10.16 -5.18 4.55
C PHE A 135 -11.56 -4.66 4.89
N HIS A 136 -12.51 -4.85 3.98
CA HIS A 136 -13.88 -4.39 4.20
C HIS A 136 -14.47 -5.05 5.44
N GLU A 137 -14.25 -6.35 5.60
CA GLU A 137 -14.76 -7.08 6.76
C GLU A 137 -14.40 -6.33 8.04
N GLU A 138 -13.27 -5.64 8.02
CA GLU A 138 -12.82 -4.87 9.17
C GLU A 138 -13.58 -3.56 9.26
N LEU A 139 -13.93 -3.00 8.11
CA LEU A 139 -14.69 -1.75 8.06
C LEU A 139 -16.11 -1.98 8.54
N VAL A 140 -16.60 -3.20 8.33
CA VAL A 140 -17.94 -3.57 8.73
C VAL A 140 -17.96 -3.81 10.23
N GLU A 141 -17.00 -4.61 10.67
CA GLU A 141 -16.86 -4.93 12.07
C GLU A 141 -16.57 -3.66 12.86
N TYR A 142 -15.81 -2.76 12.25
CA TYR A 142 -15.45 -1.50 12.86
C TYR A 142 -16.71 -0.64 13.10
N ARG A 143 -17.74 -0.91 12.30
CA ARG A 143 -19.00 -0.17 12.41
C ARG A 143 -19.97 -0.88 13.36
N ASN A 144 -19.44 -1.31 14.51
CA ASN A 144 -20.26 -2.00 15.50
C ASN A 144 -19.83 -1.62 16.92
N GLN A 145 -19.35 -0.39 17.07
CA GLN A 145 -18.90 0.10 18.37
C GLN A 145 -19.55 1.44 18.69
N THR A 146 -19.18 2.46 17.92
CA THR A 146 -19.72 3.80 18.11
C THR A 146 -20.36 4.32 16.84
N LEU A 147 -21.63 3.99 16.64
CA LEU A 147 -22.36 4.43 15.46
C LEU A 147 -23.38 5.52 15.82
N ASN A 148 -23.87 5.48 17.05
CA ASN A 148 -24.84 6.46 17.51
C ASN A 148 -26.14 6.35 16.73
N SER A 149 -26.53 5.12 16.40
CA SER A 149 -27.76 4.87 15.65
C SER A 149 -28.56 3.75 16.28
#